data_5JM6
#
_entry.id   5JM6
#
_cell.length_a   121.019
_cell.length_b   143.894
_cell.length_c   201.315
_cell.angle_alpha   90.00
_cell.angle_beta   90.00
_cell.angle_gamma   90.00
#
_symmetry.space_group_name_H-M   'P 2 21 21'
#
loop_
_entity.id
_entity.type
_entity.pdbx_description
1 polymer 'Aminopeptidase-like protein'
2 non-polymer 'ZINC ION'
3 water water
#
_entity_poly.entity_id   1
_entity_poly.type   'polypeptide(L)'
_entity_poly.pdbx_seq_one_letter_code
;MTRLTPDVLRMRSSQLSLRSLAMEQPQQRTAAPPTIDEAPTVPLEAKDLRPEHFTQPYLDFMTHNPTVFHVVDYCKQKLL
KAGYVELPARDSWTGKLVPGGKYFTTRNGSSIIAFTVGQAYKPGNGIAMIAGHIDALTARLKPTSVKPTKEGYVQLGVAQ
YAGALNETWWDRDLSVGGRVIVKDPKTGKTTVKLVKVDWPVARIPTLAPHFGIGMTGHGNRETEMVPVIGIDNSDLLGEK
AESEKPVGKPGSFASTQPPKLVKLILSQLGLSDPDSILNWELELFDAQPATVGGLDKEFIFAGRIDDKLCSWAAFMALLH
AKRAPTDGVIKLVALFDDEEIGSLLRQGARGNFLPITIERILESFCSSNSVPFGPGILGQTYARSFLVSSDVTHAAHPNF
TQTNLPGHSPRLNVGVALCVDASAHMTTDSVSMAILDRIAELSGCVNQRHMIRNDSRSGGTVGPMLSAAMGVKAADVGIP
QLSMHSIRAMTGSLDPGLGVKFYKGFLDFWEEVDLEWSH
;
_entity_poly.pdbx_strand_id   A,E,F,B,C,D
#
# COMPACT_ATOMS: atom_id res chain seq x y z
N ARG A 50 -25.58 -62.54 -5.94
CA ARG A 50 -24.38 -62.32 -5.14
C ARG A 50 -24.08 -60.86 -4.73
N PRO A 51 -24.42 -59.86 -5.58
CA PRO A 51 -24.13 -58.48 -5.15
C PRO A 51 -24.73 -58.12 -3.79
N GLU A 52 -25.94 -58.59 -3.50
CA GLU A 52 -26.57 -58.35 -2.21
C GLU A 52 -25.77 -58.96 -1.06
N HIS A 53 -24.95 -59.96 -1.35
CA HIS A 53 -24.18 -60.63 -0.31
C HIS A 53 -23.06 -59.75 0.24
N PHE A 54 -22.81 -58.60 -0.39
CA PHE A 54 -21.82 -57.66 0.13
C PHE A 54 -22.41 -56.48 0.90
N THR A 55 -23.73 -56.39 0.99
CA THR A 55 -24.35 -55.23 1.59
C THR A 55 -24.04 -55.10 3.08
N GLN A 56 -24.34 -56.14 3.86
CA GLN A 56 -24.05 -56.07 5.29
C GLN A 56 -22.54 -56.09 5.62
N PRO A 57 -21.74 -56.91 4.90
CA PRO A 57 -20.30 -56.78 5.18
C PRO A 57 -19.76 -55.37 4.93
N TYR A 58 -20.24 -54.69 3.90
CA TYR A 58 -19.84 -53.30 3.67
C TYR A 58 -20.32 -52.40 4.80
N LEU A 59 -21.57 -52.60 5.22
CA LEU A 59 -22.13 -51.84 6.33
C LEU A 59 -21.25 -51.94 7.57
N ASP A 60 -20.94 -53.17 7.97
CA ASP A 60 -20.12 -53.39 9.15
C ASP A 60 -18.73 -52.80 9.00
N PHE A 61 -18.18 -52.86 7.79
CA PHE A 61 -16.88 -52.27 7.52
C PHE A 61 -16.92 -50.77 7.82
N MET A 62 -17.87 -50.07 7.20
CA MET A 62 -18.00 -48.62 7.37
C MET A 62 -18.22 -48.23 8.82
N THR A 63 -19.05 -48.99 9.52
CA THR A 63 -19.41 -48.67 10.90
C THR A 63 -18.21 -48.75 11.85
N HIS A 64 -17.43 -49.80 11.76
CA HIS A 64 -16.39 -50.08 12.74
C HIS A 64 -14.95 -49.70 12.36
N ASN A 65 -14.78 -49.02 11.22
CA ASN A 65 -13.44 -48.58 10.80
C ASN A 65 -13.43 -47.12 10.35
N PRO A 66 -13.56 -46.19 11.31
CA PRO A 66 -13.81 -44.77 11.05
C PRO A 66 -12.61 -43.98 10.53
N THR A 67 -11.39 -44.49 10.74
CA THR A 67 -10.21 -43.73 10.34
C THR A 67 -9.37 -44.54 9.35
N VAL A 68 -8.49 -43.85 8.65
CA VAL A 68 -7.66 -44.50 7.64
C VAL A 68 -6.79 -45.59 8.29
N PHE A 69 -6.43 -45.41 9.56
CA PHE A 69 -5.62 -46.39 10.26
C PHE A 69 -6.41 -47.65 10.60
N HIS A 70 -7.70 -47.51 10.82
CA HIS A 70 -8.54 -48.68 11.04
C HIS A 70 -8.70 -49.46 9.74
N VAL A 71 -8.77 -48.75 8.62
CA VAL A 71 -8.98 -49.39 7.34
C VAL A 71 -7.82 -50.30 6.95
N VAL A 72 -6.59 -49.82 7.12
CA VAL A 72 -5.43 -50.65 6.82
C VAL A 72 -5.35 -51.83 7.77
N ASP A 73 -5.70 -51.61 9.03
CA ASP A 73 -5.71 -52.69 10.01
C ASP A 73 -6.76 -53.74 9.65
N TYR A 74 -7.90 -53.28 9.11
CA TYR A 74 -8.97 -54.16 8.66
C TYR A 74 -8.51 -55.01 7.49
N CYS A 75 -7.91 -54.36 6.50
CA CYS A 75 -7.41 -55.07 5.32
C CYS A 75 -6.29 -56.03 5.69
N LYS A 76 -5.45 -55.60 6.63
CA LYS A 76 -4.28 -56.39 7.01
C LYS A 76 -4.71 -57.69 7.72
N GLN A 77 -5.77 -57.62 8.52
CA GLN A 77 -6.25 -58.80 9.22
C GLN A 77 -6.95 -59.78 8.28
N LYS A 78 -7.63 -59.27 7.25
CA LYS A 78 -8.29 -60.16 6.31
C LYS A 78 -7.30 -60.76 5.33
N LEU A 79 -6.28 -60.00 4.95
CA LEU A 79 -5.23 -60.52 4.08
C LEU A 79 -4.45 -61.63 4.79
N LEU A 80 -4.19 -61.46 6.08
CA LEU A 80 -3.46 -62.46 6.84
C LEU A 80 -4.30 -63.72 7.05
N LYS A 81 -5.61 -63.55 7.22
CA LYS A 81 -6.50 -64.69 7.43
C LYS A 81 -6.70 -65.47 6.13
N ALA A 82 -6.46 -64.81 4.99
CA ALA A 82 -6.57 -65.45 3.69
C ALA A 82 -5.25 -66.04 3.21
N GLY A 83 -4.21 -65.91 4.03
CA GLY A 83 -2.93 -66.50 3.72
C GLY A 83 -1.95 -65.62 2.98
N TYR A 84 -2.11 -64.30 3.07
CA TYR A 84 -1.16 -63.38 2.47
C TYR A 84 0.06 -63.20 3.37
N VAL A 85 1.22 -63.00 2.74
CA VAL A 85 2.47 -62.80 3.46
C VAL A 85 2.88 -61.33 3.37
N GLU A 86 3.25 -60.75 4.51
CA GLU A 86 3.64 -59.34 4.54
C GLU A 86 5.09 -59.16 4.13
N LEU A 87 5.34 -58.19 3.24
CA LEU A 87 6.70 -57.88 2.85
C LEU A 87 7.16 -56.57 3.47
N PRO A 88 7.97 -56.63 4.53
CA PRO A 88 8.45 -55.43 5.20
C PRO A 88 9.45 -54.69 4.34
N ALA A 89 9.31 -53.37 4.24
CA ALA A 89 10.14 -52.59 3.34
C ALA A 89 11.63 -52.72 3.67
N ARG A 90 11.96 -52.80 4.96
CA ARG A 90 13.36 -52.81 5.37
C ARG A 90 14.08 -54.12 5.06
N ASP A 91 13.31 -55.20 4.89
CA ASP A 91 13.89 -56.49 4.50
C ASP A 91 14.09 -56.62 3.00
N SER A 92 15.02 -57.49 2.60
CA SER A 92 15.22 -57.82 1.20
C SER A 92 14.20 -58.86 0.75
N TRP A 93 13.53 -58.60 -0.38
CA TRP A 93 12.57 -59.55 -0.93
C TRP A 93 13.14 -60.42 -2.03
N THR A 94 14.36 -60.13 -2.47
CA THR A 94 14.84 -60.67 -3.74
C THR A 94 14.91 -62.19 -3.77
N GLY A 95 14.88 -62.82 -2.59
CA GLY A 95 14.68 -64.25 -2.53
C GLY A 95 13.24 -64.74 -2.66
N LYS A 96 12.35 -64.14 -1.85
CA LYS A 96 11.08 -64.77 -1.44
C LYS A 96 9.96 -65.02 -2.43
N LEU A 97 9.90 -64.28 -3.52
CA LEU A 97 8.65 -64.22 -4.24
C LEU A 97 8.55 -65.37 -5.24
N VAL A 98 7.39 -65.98 -5.27
CA VAL A 98 7.19 -67.25 -5.94
C VAL A 98 5.85 -67.20 -6.66
N PRO A 99 5.75 -67.85 -7.84
CA PRO A 99 4.45 -67.91 -8.52
C PRO A 99 3.39 -68.54 -7.63
N GLY A 100 2.16 -68.03 -7.71
CA GLY A 100 1.09 -68.50 -6.87
C GLY A 100 1.09 -67.89 -5.49
N GLY A 101 2.11 -67.08 -5.18
CA GLY A 101 2.22 -66.46 -3.88
C GLY A 101 1.30 -65.27 -3.71
N LYS A 102 1.01 -64.91 -2.47
CA LYS A 102 0.12 -63.79 -2.17
C LYS A 102 0.73 -62.90 -1.09
N TYR A 103 0.83 -61.60 -1.36
CA TYR A 103 1.59 -60.71 -0.52
C TYR A 103 0.92 -59.36 -0.28
N PHE A 104 1.44 -58.60 0.69
CA PHE A 104 1.04 -57.22 0.88
C PHE A 104 2.15 -56.41 1.56
N THR A 105 2.10 -55.09 1.39
CA THR A 105 3.06 -54.21 2.02
C THR A 105 2.34 -52.94 2.51
N THR A 106 2.92 -52.35 3.55
CA THR A 106 2.31 -51.26 4.30
C THR A 106 3.26 -50.05 4.35
N ARG A 107 2.68 -48.85 4.33
CA ARG A 107 3.46 -47.64 4.55
C ARG A 107 2.70 -46.72 5.51
N ASN A 108 3.33 -46.40 6.64
CA ASN A 108 2.78 -45.53 7.68
C ASN A 108 1.47 -46.06 8.29
N GLY A 109 1.20 -47.35 8.07
CA GLY A 109 -0.01 -47.94 8.60
C GLY A 109 -1.28 -47.36 8.00
N SER A 110 -1.13 -46.37 7.12
CA SER A 110 -2.24 -45.81 6.35
C SER A 110 -2.28 -46.11 4.84
N SER A 111 -1.26 -46.79 4.32
CA SER A 111 -1.22 -47.15 2.91
C SER A 111 -0.89 -48.62 2.75
N ILE A 112 -1.58 -49.30 1.84
CA ILE A 112 -1.36 -50.73 1.68
C ILE A 112 -1.48 -51.16 0.22
N ILE A 113 -0.58 -52.06 -0.19
CA ILE A 113 -0.59 -52.65 -1.51
C ILE A 113 -0.61 -54.16 -1.38
N ALA A 114 -1.65 -54.80 -1.90
CA ALA A 114 -1.77 -56.26 -1.85
C ALA A 114 -1.81 -56.83 -3.26
N PHE A 115 -1.17 -57.98 -3.46
CA PHE A 115 -1.13 -58.58 -4.78
C PHE A 115 -0.96 -60.10 -4.75
N THR A 116 -1.42 -60.74 -5.82
CA THR A 116 -1.21 -62.17 -6.01
C THR A 116 -0.43 -62.39 -7.31
N VAL A 117 0.52 -63.32 -7.26
CA VAL A 117 1.34 -63.65 -8.42
C VAL A 117 0.78 -64.89 -9.10
N GLY A 118 0.41 -64.77 -10.37
CA GLY A 118 -0.12 -65.90 -11.10
C GLY A 118 0.87 -67.05 -11.18
N GLN A 119 0.37 -68.28 -11.24
CA GLN A 119 1.23 -69.46 -11.28
C GLN A 119 2.01 -69.56 -12.59
N ALA A 120 1.48 -68.92 -13.63
CA ALA A 120 2.11 -68.90 -14.94
C ALA A 120 2.98 -67.66 -15.13
N TYR A 121 3.16 -66.89 -14.07
CA TYR A 121 3.93 -65.64 -14.17
C TYR A 121 5.39 -65.87 -14.54
N LYS A 122 5.90 -64.97 -15.38
CA LYS A 122 7.32 -64.86 -15.70
C LYS A 122 7.64 -63.37 -15.82
N PRO A 123 8.90 -62.99 -15.55
CA PRO A 123 9.29 -61.58 -15.73
C PRO A 123 8.96 -61.05 -17.13
N GLY A 124 8.32 -59.89 -17.18
CA GLY A 124 7.87 -59.33 -18.44
C GLY A 124 6.36 -59.41 -18.61
N ASN A 125 5.72 -60.23 -17.78
CA ASN A 125 4.26 -60.33 -17.80
C ASN A 125 3.63 -59.11 -17.15
N GLY A 126 2.42 -58.78 -17.58
CA GLY A 126 1.78 -57.55 -17.16
C GLY A 126 1.11 -57.62 -15.81
N ILE A 127 0.72 -56.46 -15.31
CA ILE A 127 0.04 -56.34 -14.04
C ILE A 127 -1.37 -55.79 -14.25
N ALA A 128 -2.35 -56.43 -13.63
CA ALA A 128 -3.70 -55.88 -13.60
C ALA A 128 -3.89 -55.23 -12.24
N MET A 129 -3.94 -53.90 -12.23
CA MET A 129 -3.90 -53.16 -10.96
C MET A 129 -5.05 -52.19 -10.78
N ILE A 130 -5.51 -52.08 -9.53
CA ILE A 130 -6.53 -51.12 -9.14
C ILE A 130 -5.98 -50.21 -8.05
N ALA A 131 -6.20 -48.90 -8.22
CA ALA A 131 -5.76 -47.92 -7.23
C ALA A 131 -6.95 -47.14 -6.69
N GLY A 132 -6.92 -46.83 -5.40
CA GLY A 132 -7.95 -46.04 -4.76
C GLY A 132 -7.38 -45.34 -3.54
N HIS A 133 -8.17 -44.49 -2.90
CA HIS A 133 -7.73 -43.84 -1.67
C HIS A 133 -8.66 -44.17 -0.51
N ILE A 134 -8.07 -44.43 0.66
CA ILE A 134 -8.86 -44.70 1.85
C ILE A 134 -8.93 -43.57 2.89
N ASP A 135 -8.36 -42.41 2.59
CA ASP A 135 -8.59 -41.24 3.44
C ASP A 135 -9.96 -40.66 3.13
N ALA A 136 -10.53 -39.94 4.09
CA ALA A 136 -11.83 -39.31 3.92
C ALA A 136 -11.80 -37.95 4.57
N LEU A 137 -12.71 -37.05 4.18
CA LEU A 137 -12.72 -35.74 4.79
C LEU A 137 -12.99 -35.95 6.26
N THR A 138 -12.21 -35.31 7.11
CA THR A 138 -12.32 -35.49 8.55
C THR A 138 -11.68 -34.31 9.29
N ALA A 139 -11.94 -34.21 10.59
CA ALA A 139 -11.41 -33.10 11.38
C ALA A 139 -10.39 -33.59 12.40
N ARG A 140 -9.13 -33.25 12.20
CA ARG A 140 -8.06 -33.74 13.05
C ARG A 140 -7.84 -32.85 14.27
N LEU A 141 -7.57 -33.49 15.40
CA LEU A 141 -7.21 -32.78 16.61
C LEU A 141 -5.93 -31.98 16.42
N LYS A 142 -5.94 -30.75 16.90
CA LYS A 142 -4.76 -29.89 16.85
C LYS A 142 -3.63 -30.49 17.69
N PRO A 143 -2.37 -30.11 17.39
CA PRO A 143 -1.27 -30.50 18.28
C PRO A 143 -1.56 -30.13 19.74
N THR A 144 -2.07 -28.93 19.99
CA THR A 144 -2.66 -28.62 21.28
C THR A 144 -4.17 -28.56 21.09
N SER A 145 -4.86 -29.57 21.58
CA SER A 145 -6.32 -29.62 21.43
C SER A 145 -7.08 -28.98 22.59
N VAL A 146 -6.37 -28.71 23.68
CA VAL A 146 -7.02 -28.10 24.84
C VAL A 146 -7.45 -26.67 24.53
N LYS A 147 -8.53 -26.24 25.16
CA LYS A 147 -9.10 -24.91 24.98
C LYS A 147 -9.55 -24.38 26.34
N PRO A 148 -9.72 -23.05 26.46
CA PRO A 148 -10.29 -22.51 27.69
C PRO A 148 -11.75 -22.92 27.83
N THR A 149 -12.17 -23.36 29.01
CA THR A 149 -13.59 -23.58 29.24
C THR A 149 -14.29 -22.24 29.14
N LYS A 150 -15.38 -22.22 28.38
CA LYS A 150 -15.98 -20.98 27.93
C LYS A 150 -17.50 -21.05 28.13
N GLU A 151 -18.02 -20.13 28.94
CA GLU A 151 -19.43 -20.14 29.36
C GLU A 151 -19.85 -21.51 29.91
N GLY A 152 -18.94 -22.19 30.60
CA GLY A 152 -19.25 -23.46 31.22
C GLY A 152 -19.03 -24.68 30.36
N TYR A 153 -18.66 -24.47 29.10
CA TYR A 153 -18.41 -25.57 28.17
C TYR A 153 -16.94 -25.90 28.05
N VAL A 154 -16.65 -27.19 27.95
CA VAL A 154 -15.31 -27.65 27.61
C VAL A 154 -15.27 -27.87 26.10
N GLN A 155 -14.29 -27.28 25.43
CA GLN A 155 -14.21 -27.38 23.98
C GLN A 155 -12.92 -28.07 23.52
N LEU A 156 -12.79 -28.27 22.22
CA LEU A 156 -11.70 -29.06 21.65
C LEU A 156 -11.12 -28.40 20.39
N GLY A 157 -9.82 -28.14 20.40
CA GLY A 157 -9.16 -27.61 19.22
C GLY A 157 -9.04 -28.62 18.10
N VAL A 158 -9.62 -28.31 16.94
CA VAL A 158 -9.51 -29.20 15.78
C VAL A 158 -9.21 -28.40 14.53
N ALA A 159 -8.76 -29.09 13.50
CA ALA A 159 -8.44 -28.47 12.23
C ALA A 159 -9.05 -29.29 11.10
N GLN A 160 -9.78 -28.66 10.20
CA GLN A 160 -10.35 -29.41 9.09
C GLN A 160 -9.19 -29.94 8.24
N TYR A 161 -9.16 -31.26 8.08
CA TYR A 161 -8.10 -31.90 7.33
C TYR A 161 -8.29 -31.63 5.85
N ALA A 162 -9.46 -31.97 5.34
CA ALA A 162 -9.64 -32.03 3.91
C ALA A 162 -10.11 -30.72 3.29
N GLY A 163 -10.61 -29.82 4.13
CA GLY A 163 -11.64 -28.89 3.70
C GLY A 163 -12.97 -29.48 4.14
N ALA A 164 -12.91 -30.31 5.17
CA ALA A 164 -14.04 -31.11 5.62
C ALA A 164 -15.19 -30.36 6.30
N LEU A 165 -14.92 -29.34 7.11
CA LEU A 165 -16.01 -28.90 7.96
C LEU A 165 -16.89 -27.99 7.14
N ASN A 166 -17.94 -28.61 6.61
CA ASN A 166 -18.90 -27.93 5.78
C ASN A 166 -20.21 -27.97 6.54
N GLU A 167 -21.25 -27.40 5.96
CA GLU A 167 -22.51 -27.24 6.67
C GLU A 167 -23.07 -28.56 7.22
N THR A 168 -22.80 -29.68 6.56
CA THR A 168 -23.40 -30.94 7.01
C THR A 168 -22.81 -31.44 8.34
N TRP A 169 -21.74 -30.81 8.80
CA TRP A 169 -21.07 -31.23 10.04
C TRP A 169 -21.70 -30.67 11.31
N TRP A 170 -22.59 -29.70 11.18
CA TRP A 170 -23.27 -29.11 12.33
C TRP A 170 -24.29 -30.09 12.94
N ASP A 171 -24.40 -30.05 14.26
CA ASP A 171 -25.38 -30.87 15.00
C ASP A 171 -25.30 -32.35 14.64
N ARG A 172 -24.10 -32.88 14.53
CA ARG A 172 -23.90 -34.31 14.33
C ARG A 172 -23.27 -34.89 15.60
N ASP A 173 -23.53 -36.17 15.86
CA ASP A 173 -22.98 -36.79 17.06
C ASP A 173 -21.59 -37.31 16.70
N LEU A 174 -20.56 -36.67 17.24
CA LEU A 174 -19.20 -36.95 16.82
C LEU A 174 -18.47 -37.78 17.86
N SER A 175 -17.75 -38.78 17.38
CA SER A 175 -16.88 -39.55 18.25
C SER A 175 -15.44 -39.28 17.84
N VAL A 176 -14.49 -39.88 18.54
CA VAL A 176 -13.09 -39.65 18.27
C VAL A 176 -12.37 -40.99 18.13
N GLY A 177 -11.33 -41.01 17.30
CA GLY A 177 -10.56 -42.22 17.08
C GLY A 177 -9.29 -41.92 16.33
N GLY A 178 -8.41 -42.91 16.25
CA GLY A 178 -7.15 -42.72 15.56
C GLY A 178 -6.08 -43.60 16.16
N ARG A 179 -4.84 -43.17 16.01
CA ARG A 179 -3.72 -43.92 16.56
C ARG A 179 -3.02 -43.15 17.67
N VAL A 180 -2.42 -43.89 18.59
CA VAL A 180 -1.68 -43.31 19.69
C VAL A 180 -0.24 -43.81 19.64
N ILE A 181 0.71 -42.91 19.85
CA ILE A 181 2.10 -43.31 19.91
C ILE A 181 2.45 -43.58 21.37
N VAL A 182 2.59 -44.86 21.70
CA VAL A 182 2.72 -45.30 23.09
C VAL A 182 4.15 -45.75 23.37
N LYS A 183 4.60 -45.50 24.59
CA LYS A 183 5.88 -45.99 25.04
C LYS A 183 5.65 -47.24 25.88
N ASP A 184 6.01 -48.40 25.32
CA ASP A 184 5.80 -49.67 26.00
C ASP A 184 6.69 -49.72 27.23
N PRO A 185 6.09 -49.82 28.42
CA PRO A 185 6.92 -49.78 29.63
C PRO A 185 7.84 -51.00 29.73
N LYS A 186 7.34 -52.16 29.30
CA LYS A 186 8.13 -53.38 29.25
C LYS A 186 9.40 -53.19 28.42
N THR A 187 9.20 -53.01 27.12
CA THR A 187 10.32 -53.05 26.17
C THR A 187 11.13 -51.76 26.13
N GLY A 188 10.45 -50.62 26.23
CA GLY A 188 11.12 -49.33 26.08
C GLY A 188 11.18 -48.89 24.63
N LYS A 189 10.50 -49.62 23.75
CA LYS A 189 10.43 -49.28 22.33
C LYS A 189 9.18 -48.46 22.05
N THR A 190 9.28 -47.56 21.07
CA THR A 190 8.14 -46.77 20.64
C THR A 190 7.23 -47.60 19.72
N THR A 191 5.92 -47.51 19.96
CA THR A 191 4.94 -48.32 19.25
C THR A 191 3.72 -47.48 18.86
N VAL A 192 2.78 -48.12 18.17
CA VAL A 192 1.56 -47.45 17.72
C VAL A 192 0.35 -48.33 18.05
N LYS A 193 -0.68 -47.72 18.65
CA LYS A 193 -1.90 -48.46 18.99
C LYS A 193 -3.13 -47.74 18.46
N LEU A 194 -4.18 -48.50 18.15
CA LEU A 194 -5.43 -47.93 17.66
C LEU A 194 -6.41 -47.72 18.81
N VAL A 195 -7.20 -46.66 18.71
CA VAL A 195 -8.15 -46.33 19.76
C VAL A 195 -9.44 -45.79 19.16
N LYS A 196 -10.55 -46.02 19.86
CA LYS A 196 -11.84 -45.50 19.44
C LYS A 196 -12.75 -45.33 20.65
N VAL A 197 -13.51 -44.24 20.71
CA VAL A 197 -14.49 -44.09 21.78
C VAL A 197 -15.85 -44.49 21.20
N ASP A 198 -16.58 -45.29 21.96
CA ASP A 198 -17.77 -45.98 21.44
C ASP A 198 -19.06 -45.18 21.57
N TRP A 199 -18.98 -43.97 22.10
CA TRP A 199 -20.14 -43.09 22.22
C TRP A 199 -19.75 -41.69 21.75
N PRO A 200 -20.73 -40.87 21.35
CA PRO A 200 -20.37 -39.52 20.87
C PRO A 200 -19.77 -38.64 21.97
N VAL A 201 -18.55 -38.15 21.75
CA VAL A 201 -17.93 -37.22 22.70
C VAL A 201 -17.98 -35.75 22.29
N ALA A 202 -18.28 -35.48 21.03
CA ALA A 202 -18.10 -34.13 20.50
C ALA A 202 -19.29 -33.68 19.68
N ARG A 203 -19.48 -32.38 19.63
CA ARG A 203 -20.58 -31.82 18.86
C ARG A 203 -20.30 -30.38 18.46
N ILE A 204 -20.69 -30.01 17.24
CA ILE A 204 -20.60 -28.62 16.82
C ILE A 204 -22.02 -28.07 16.74
N PRO A 205 -22.44 -27.31 17.77
CA PRO A 205 -23.82 -26.83 17.87
C PRO A 205 -24.14 -25.63 17.01
N THR A 206 -25.29 -25.66 16.34
CA THR A 206 -25.77 -24.50 15.61
C THR A 206 -26.35 -23.47 16.57
N LEU A 207 -26.51 -22.26 16.07
CA LEU A 207 -27.20 -21.21 16.80
C LEU A 207 -28.68 -21.20 16.39
N ALA A 208 -29.57 -20.91 17.33
CA ALA A 208 -30.99 -20.79 17.01
C ALA A 208 -31.19 -19.71 15.96
N PRO A 209 -32.19 -19.88 15.07
CA PRO A 209 -32.44 -18.88 14.03
C PRO A 209 -32.93 -17.55 14.60
N HIS A 210 -33.46 -17.59 15.81
CA HIS A 210 -34.10 -16.43 16.44
C HIS A 210 -33.19 -15.21 16.57
N PHE A 211 -31.88 -15.42 16.52
CA PHE A 211 -30.91 -14.35 16.78
C PHE A 211 -30.56 -13.50 15.57
N GLY A 212 -31.21 -13.76 14.44
CA GLY A 212 -31.07 -12.90 13.27
C GLY A 212 -29.95 -13.31 12.32
N ILE A 213 -28.94 -13.99 12.85
CA ILE A 213 -27.92 -14.61 12.00
C ILE A 213 -28.55 -15.86 11.41
N GLY A 214 -27.77 -16.64 10.68
CA GLY A 214 -28.20 -17.98 10.31
C GLY A 214 -27.98 -18.91 11.48
N MET A 215 -28.26 -20.19 11.29
CA MET A 215 -27.97 -21.19 12.30
C MET A 215 -26.50 -21.57 12.25
N THR A 216 -25.93 -21.42 11.05
CA THR A 216 -24.56 -21.77 10.75
C THR A 216 -23.63 -20.56 10.90
N GLY A 217 -24.22 -19.39 11.07
CA GLY A 217 -23.46 -18.16 11.19
C GLY A 217 -22.81 -17.80 9.86
N HIS A 218 -21.65 -17.15 9.94
CA HIS A 218 -20.89 -16.79 8.75
C HIS A 218 -20.11 -18.00 8.23
N GLY A 219 -20.08 -19.06 9.02
CA GLY A 219 -19.50 -20.33 8.60
C GLY A 219 -18.02 -20.47 8.89
N ASN A 220 -17.45 -19.46 9.55
CA ASN A 220 -16.01 -19.43 9.83
C ASN A 220 -15.59 -20.59 10.73
N ARG A 221 -14.61 -21.36 10.26
CA ARG A 221 -14.31 -22.66 10.86
C ARG A 221 -13.50 -22.62 12.15
N GLU A 222 -12.76 -21.54 12.39
CA GLU A 222 -11.91 -21.46 13.58
C GLU A 222 -12.56 -20.80 14.81
N THR A 223 -13.65 -20.08 14.60
CA THR A 223 -14.33 -19.36 15.67
C THR A 223 -15.68 -19.99 15.93
N GLU A 224 -16.47 -20.12 14.86
CA GLU A 224 -17.83 -20.65 14.94
C GLU A 224 -18.02 -22.16 14.93
N MET A 225 -17.06 -22.96 14.45
CA MET A 225 -17.21 -24.38 14.65
C MET A 225 -16.08 -24.92 15.51
N VAL A 226 -16.29 -24.87 16.81
CA VAL A 226 -15.35 -25.40 17.76
C VAL A 226 -16.13 -26.43 18.52
N PRO A 227 -15.77 -27.71 18.38
CA PRO A 227 -16.57 -28.75 19.00
C PRO A 227 -16.72 -28.56 20.51
N VAL A 228 -17.81 -29.09 21.03
CA VAL A 228 -18.11 -29.04 22.46
C VAL A 228 -18.05 -30.46 23.03
N ILE A 229 -17.13 -30.69 23.96
CA ILE A 229 -16.93 -32.03 24.51
C ILE A 229 -17.44 -32.30 25.95
N GLY A 230 -17.96 -31.29 26.63
CA GLY A 230 -18.39 -31.48 28.01
C GLY A 230 -18.74 -30.19 28.72
N ILE A 231 -19.18 -30.31 29.96
CA ILE A 231 -19.60 -29.16 30.76
C ILE A 231 -18.70 -29.00 31.98
N ASP A 232 -18.29 -27.77 32.28
CA ASP A 232 -17.71 -27.47 33.57
C ASP A 232 -18.23 -26.14 34.12
N ASN A 233 -19.06 -26.21 35.15
CA ASN A 233 -19.69 -25.04 35.77
C ASN A 233 -19.06 -24.55 37.06
N SER A 234 -17.88 -25.08 37.39
CA SER A 234 -17.28 -24.87 38.71
C SER A 234 -16.98 -23.41 39.06
N ASP A 235 -17.17 -22.49 38.13
CA ASP A 235 -16.97 -21.06 38.37
C ASP A 235 -18.22 -20.41 38.95
N LEU A 236 -19.19 -21.23 39.38
CA LEU A 236 -20.41 -20.69 39.96
C LEU A 236 -20.53 -20.98 41.45
N PRO A 246 -3.96 -30.72 33.36
CA PRO A 246 -3.88 -31.26 34.72
C PRO A 246 -3.47 -32.72 34.77
N VAL A 247 -3.03 -33.24 33.63
CA VAL A 247 -2.60 -34.62 33.57
C VAL A 247 -1.22 -34.68 32.93
N GLY A 248 -0.22 -35.08 33.73
CA GLY A 248 1.14 -35.22 33.23
C GLY A 248 2.09 -34.08 33.57
N LYS A 249 3.39 -34.41 33.56
CA LYS A 249 4.46 -33.45 33.79
C LYS A 249 4.23 -32.23 32.92
N PRO A 250 4.39 -31.01 33.49
CA PRO A 250 3.89 -29.78 32.87
C PRO A 250 4.32 -29.59 31.41
N GLY A 251 5.41 -30.22 31.00
CA GLY A 251 5.87 -30.07 29.63
C GLY A 251 5.56 -31.23 28.69
N SER A 252 4.81 -32.21 29.17
CA SER A 252 4.57 -33.43 28.38
C SER A 252 3.50 -33.24 27.32
N PHE A 253 3.30 -34.28 26.51
CA PHE A 253 2.26 -34.24 25.48
C PHE A 253 0.88 -34.22 26.10
N ALA A 254 0.69 -35.02 27.16
CA ALA A 254 -0.61 -35.12 27.81
C ALA A 254 -1.13 -33.76 28.26
N SER A 255 -0.21 -32.88 28.67
CA SER A 255 -0.61 -31.56 29.15
C SER A 255 -1.20 -30.67 28.05
N THR A 256 -0.95 -31.00 26.79
CA THR A 256 -1.48 -30.19 25.68
C THR A 256 -2.91 -30.56 25.31
N GLN A 257 -3.44 -31.58 25.96
CA GLN A 257 -4.72 -32.18 25.58
C GLN A 257 -5.76 -32.02 26.68
N PRO A 258 -7.05 -32.19 26.34
CA PRO A 258 -8.07 -32.20 27.40
C PRO A 258 -7.79 -33.33 28.38
N PRO A 259 -7.76 -33.02 29.69
CA PRO A 259 -7.37 -34.00 30.71
C PRO A 259 -8.26 -35.23 30.65
N LYS A 260 -9.53 -34.98 30.37
CA LYS A 260 -10.54 -36.01 30.37
C LYS A 260 -10.47 -36.92 29.15
N LEU A 261 -9.97 -36.39 28.05
CA LEU A 261 -9.76 -37.19 26.85
C LEU A 261 -8.56 -38.12 27.07
N VAL A 262 -7.51 -37.59 27.68
CA VAL A 262 -6.31 -38.36 27.95
C VAL A 262 -6.61 -39.56 28.85
N LYS A 263 -7.35 -39.33 29.93
CA LYS A 263 -7.72 -40.43 30.82
C LYS A 263 -8.61 -41.44 30.11
N LEU A 264 -9.49 -40.94 29.26
CA LEU A 264 -10.39 -41.82 28.51
C LEU A 264 -9.56 -42.69 27.56
N ILE A 265 -8.61 -42.07 26.87
CA ILE A 265 -7.74 -42.80 25.94
C ILE A 265 -6.85 -43.80 26.68
N LEU A 266 -6.35 -43.44 27.86
CA LEU A 266 -5.46 -44.33 28.60
C LEU A 266 -6.17 -45.61 29.06
N SER A 267 -7.44 -45.50 29.44
CA SER A 267 -8.18 -46.67 29.89
C SER A 267 -8.43 -47.63 28.73
N GLN A 268 -8.76 -47.06 27.56
CA GLN A 268 -9.00 -47.85 26.35
C GLN A 268 -7.77 -48.67 25.98
N LEU A 269 -6.59 -48.12 26.26
CA LEU A 269 -5.35 -48.80 25.92
C LEU A 269 -4.76 -49.56 27.11
N GLY A 270 -5.42 -49.48 28.27
CA GLY A 270 -4.95 -50.17 29.45
C GLY A 270 -3.64 -49.63 30.02
N LEU A 271 -3.53 -48.31 30.06
CA LEU A 271 -2.36 -47.62 30.61
C LEU A 271 -2.76 -46.70 31.76
N SER A 272 -1.83 -46.47 32.68
CA SER A 272 -2.08 -45.63 33.84
C SER A 272 -1.37 -44.27 33.73
N ASP A 273 -0.05 -44.32 33.53
CA ASP A 273 0.77 -43.11 33.53
C ASP A 273 0.67 -42.29 32.23
N PRO A 274 0.13 -41.07 32.35
CA PRO A 274 -0.05 -40.13 31.23
C PRO A 274 1.21 -39.88 30.41
N ASP A 275 2.36 -40.13 31.02
CA ASP A 275 3.63 -39.79 30.39
C ASP A 275 4.07 -40.89 29.42
N SER A 276 3.25 -41.94 29.31
CA SER A 276 3.49 -43.02 28.36
C SER A 276 2.98 -42.70 26.95
N ILE A 277 2.23 -41.62 26.82
CA ILE A 277 1.74 -41.19 25.51
C ILE A 277 2.65 -40.09 24.97
N LEU A 278 3.37 -40.41 23.91
CA LEU A 278 4.30 -39.45 23.28
C LEU A 278 3.56 -38.50 22.35
N ASN A 279 2.49 -39.00 21.75
CA ASN A 279 1.68 -38.26 20.79
C ASN A 279 0.49 -39.12 20.39
N TRP A 280 -0.46 -38.53 19.68
CA TRP A 280 -1.50 -39.32 19.04
C TRP A 280 -2.02 -38.61 17.80
N GLU A 281 -2.62 -39.40 16.91
CA GLU A 281 -3.28 -38.84 15.75
C GLU A 281 -4.76 -39.18 15.85
N LEU A 282 -5.57 -38.19 16.19
CA LEU A 282 -6.99 -38.43 16.44
C LEU A 282 -7.84 -37.49 15.61
N GLU A 283 -8.98 -37.99 15.16
CA GLU A 283 -9.90 -37.19 14.36
C GLU A 283 -11.32 -37.38 14.86
N LEU A 284 -12.21 -36.49 14.43
CA LEU A 284 -13.62 -36.61 14.73
C LEU A 284 -14.34 -37.26 13.55
N PHE A 285 -15.24 -38.19 13.85
CA PHE A 285 -16.05 -38.82 12.82
C PHE A 285 -17.48 -38.95 13.30
N ASP A 286 -18.40 -39.16 12.37
CA ASP A 286 -19.81 -39.27 12.73
C ASP A 286 -20.09 -40.62 13.37
N ALA A 287 -20.65 -40.58 14.59
CA ALA A 287 -20.90 -41.77 15.38
C ALA A 287 -22.04 -42.62 14.84
N GLN A 288 -22.85 -42.04 13.95
CA GLN A 288 -24.02 -42.75 13.45
C GLN A 288 -23.60 -43.91 12.55
N PRO A 289 -24.10 -45.11 12.86
CA PRO A 289 -23.75 -46.29 12.06
C PRO A 289 -24.19 -46.16 10.61
N ALA A 290 -23.50 -46.87 9.73
CA ALA A 290 -23.96 -47.05 8.37
C ALA A 290 -25.24 -47.90 8.41
N THR A 291 -26.14 -47.66 7.46
CA THR A 291 -27.41 -48.35 7.45
C THR A 291 -27.96 -48.49 6.04
N VAL A 292 -28.96 -49.35 5.90
CA VAL A 292 -29.71 -49.41 4.67
C VAL A 292 -31.01 -48.63 4.87
N GLY A 293 -31.50 -48.02 3.81
CA GLY A 293 -32.64 -47.12 3.92
C GLY A 293 -33.48 -47.04 2.67
N GLY A 294 -34.57 -46.29 2.76
CA GLY A 294 -35.54 -46.21 1.68
C GLY A 294 -36.66 -47.19 1.94
N LEU A 295 -37.77 -47.02 1.23
CA LEU A 295 -38.95 -47.85 1.43
C LEU A 295 -38.63 -49.33 1.21
N ASP A 296 -37.81 -49.60 0.20
CA ASP A 296 -37.39 -50.97 -0.10
C ASP A 296 -35.98 -51.35 0.37
N LYS A 297 -35.34 -50.45 1.12
CA LYS A 297 -33.97 -50.63 1.58
C LYS A 297 -33.00 -50.78 0.39
N GLU A 298 -33.21 -49.90 -0.59
CA GLU A 298 -32.34 -49.83 -1.77
C GLU A 298 -31.13 -48.95 -1.53
N PHE A 299 -31.17 -48.15 -0.47
CA PHE A 299 -30.16 -47.14 -0.20
C PHE A 299 -29.21 -47.58 0.90
N ILE A 300 -27.97 -47.11 0.83
CA ILE A 300 -27.08 -47.19 1.97
C ILE A 300 -26.74 -45.78 2.44
N PHE A 301 -27.01 -45.50 3.71
CA PHE A 301 -26.67 -44.22 4.31
C PHE A 301 -25.42 -44.36 5.16
N ALA A 302 -24.34 -43.72 4.76
CA ALA A 302 -23.10 -43.78 5.51
C ALA A 302 -22.22 -42.57 5.21
N GLY A 303 -21.34 -42.25 6.14
CA GLY A 303 -20.36 -41.20 5.93
C GLY A 303 -19.02 -41.78 5.55
N ARG A 304 -18.13 -40.92 5.02
CA ARG A 304 -16.80 -41.30 4.56
C ARG A 304 -16.82 -42.21 3.34
N ILE A 305 -17.86 -42.06 2.51
CA ILE A 305 -17.95 -42.88 1.32
C ILE A 305 -16.94 -42.43 0.26
N ASP A 306 -16.45 -41.17 0.31
CA ASP A 306 -15.56 -40.77 -0.76
C ASP A 306 -14.35 -41.68 -0.60
N ASP A 307 -14.39 -42.65 -1.52
CA ASP A 307 -13.54 -43.82 -1.77
C ASP A 307 -13.32 -44.94 -0.76
N LYS A 308 -13.79 -44.87 0.48
CA LYS A 308 -13.80 -46.11 1.25
C LYS A 308 -14.65 -47.14 0.49
N LEU A 309 -15.64 -46.65 -0.26
CA LEU A 309 -16.51 -47.51 -1.08
C LEU A 309 -15.77 -48.19 -2.24
N CYS A 310 -15.12 -47.42 -3.10
CA CYS A 310 -14.41 -48.02 -4.24
C CYS A 310 -13.21 -48.84 -3.76
N SER A 311 -12.56 -48.37 -2.70
CA SER A 311 -11.42 -49.08 -2.14
C SER A 311 -11.84 -50.43 -1.57
N TRP A 312 -12.90 -50.45 -0.78
CA TRP A 312 -13.35 -51.68 -0.16
C TRP A 312 -13.76 -52.71 -1.21
N ALA A 313 -14.45 -52.26 -2.25
CA ALA A 313 -14.89 -53.15 -3.32
C ALA A 313 -13.70 -53.70 -4.10
N ALA A 314 -12.68 -52.86 -4.28
CA ALA A 314 -11.45 -53.28 -4.95
C ALA A 314 -10.74 -54.33 -4.11
N PHE A 315 -10.61 -54.06 -2.82
CA PHE A 315 -10.01 -55.00 -1.87
C PHE A 315 -10.72 -56.34 -1.89
N MET A 316 -12.05 -56.31 -1.83
CA MET A 316 -12.84 -57.54 -1.83
C MET A 316 -12.71 -58.28 -3.17
N ALA A 317 -12.56 -57.54 -4.25
CA ALA A 317 -12.36 -58.15 -5.56
C ALA A 317 -11.08 -58.98 -5.57
N LEU A 318 -10.02 -58.43 -4.99
CA LEU A 318 -8.75 -59.15 -4.89
C LEU A 318 -8.93 -60.43 -4.08
N LEU A 319 -9.57 -60.33 -2.93
CA LEU A 319 -9.82 -61.50 -2.08
C LEU A 319 -10.67 -62.54 -2.79
N HIS A 320 -11.55 -62.11 -3.69
CA HIS A 320 -12.43 -63.03 -4.40
C HIS A 320 -11.98 -63.40 -5.81
N ALA A 321 -10.80 -62.92 -6.22
CA ALA A 321 -10.32 -63.18 -7.58
C ALA A 321 -9.92 -64.64 -7.78
N LYS A 322 -9.96 -65.09 -9.03
CA LYS A 322 -9.46 -66.42 -9.37
C LYS A 322 -7.97 -66.52 -9.12
N ARG A 323 -7.49 -67.70 -8.71
CA ARG A 323 -6.13 -68.07 -9.05
C ARG A 323 -6.18 -69.31 -9.91
N ALA A 324 -6.15 -69.11 -11.23
CA ALA A 324 -6.20 -70.22 -12.16
C ALA A 324 -4.77 -70.64 -12.38
N PRO A 325 -4.55 -71.93 -12.67
CA PRO A 325 -3.16 -72.36 -12.91
C PRO A 325 -2.57 -71.70 -14.15
N THR A 326 -3.43 -71.17 -15.01
CA THR A 326 -3.01 -70.52 -16.25
C THR A 326 -2.91 -68.99 -16.17
N ASP A 327 -3.06 -68.42 -14.97
CA ASP A 327 -2.94 -66.97 -14.81
C ASP A 327 -1.49 -66.53 -14.90
N GLY A 328 -1.20 -65.68 -15.88
CA GLY A 328 0.16 -65.26 -16.12
C GLY A 328 0.47 -63.87 -15.61
N VAL A 329 -0.55 -63.14 -15.17
CA VAL A 329 -0.32 -61.78 -14.70
C VAL A 329 -0.28 -61.68 -13.19
N ILE A 330 0.08 -60.50 -12.69
CA ILE A 330 0.02 -60.18 -11.28
C ILE A 330 -1.25 -59.38 -11.06
N LYS A 331 -2.02 -59.75 -10.04
CA LYS A 331 -3.24 -59.03 -9.71
C LYS A 331 -3.01 -58.21 -8.44
N LEU A 332 -3.19 -56.90 -8.55
CA LEU A 332 -2.73 -55.99 -7.52
C LEU A 332 -3.78 -54.93 -7.17
N VAL A 333 -3.88 -54.60 -5.88
CA VAL A 333 -4.71 -53.50 -5.43
C VAL A 333 -3.86 -52.56 -4.56
N ALA A 334 -3.92 -51.27 -4.86
CA ALA A 334 -3.16 -50.27 -4.13
C ALA A 334 -4.12 -49.26 -3.49
N LEU A 335 -4.14 -49.22 -2.16
CA LEU A 335 -4.96 -48.27 -1.44
C LEU A 335 -4.08 -47.21 -0.79
N PHE A 336 -4.33 -45.94 -1.16
CA PHE A 336 -3.46 -44.85 -0.79
C PHE A 336 -4.12 -43.91 0.21
N ASP A 337 -3.28 -43.16 0.90
CA ASP A 337 -3.72 -42.12 1.83
C ASP A 337 -3.53 -40.75 1.16
N ASP A 338 -4.33 -39.78 1.59
CA ASP A 338 -4.17 -38.36 1.22
C ASP A 338 -4.49 -37.94 -0.21
N GLU A 339 -5.56 -38.48 -0.80
CA GLU A 339 -5.93 -38.07 -2.17
C GLU A 339 -6.68 -36.74 -2.19
N GLU A 340 -7.37 -36.45 -1.10
CA GLU A 340 -8.12 -35.22 -0.95
C GLU A 340 -7.15 -34.02 -0.76
N ILE A 341 -5.88 -34.33 -0.48
CA ILE A 341 -4.78 -33.35 -0.39
C ILE A 341 -3.88 -33.31 -1.65
N GLY A 342 -4.27 -34.00 -2.72
CA GLY A 342 -3.54 -33.91 -3.96
C GLY A 342 -2.62 -35.10 -4.21
N SER A 343 -2.56 -35.98 -3.21
CA SER A 343 -1.88 -37.28 -3.29
C SER A 343 -0.36 -37.31 -3.47
N LEU A 344 0.37 -36.25 -3.17
CA LEU A 344 1.78 -36.55 -2.93
C LEU A 344 2.27 -36.12 -1.56
N LEU A 345 2.43 -37.15 -0.76
CA LEU A 345 3.50 -37.24 0.20
C LEU A 345 3.72 -38.76 0.32
N ARG A 346 4.54 -39.19 1.26
CA ARG A 346 5.12 -40.54 1.25
C ARG A 346 4.13 -41.67 0.92
N GLN A 347 2.92 -41.58 1.46
CA GLN A 347 1.89 -42.60 1.25
C GLN A 347 0.89 -42.26 0.14
N GLY A 348 1.07 -41.09 -0.50
CA GLY A 348 0.16 -40.65 -1.54
C GLY A 348 0.35 -41.34 -2.88
N ALA A 349 -0.55 -41.08 -3.82
CA ALA A 349 -0.59 -41.81 -5.09
C ALA A 349 0.44 -41.34 -6.12
N ARG A 350 0.83 -40.07 -6.08
CA ARG A 350 1.91 -39.61 -6.95
C ARG A 350 3.26 -39.70 -6.20
N GLY A 351 3.28 -40.46 -5.11
CA GLY A 351 4.51 -40.85 -4.44
C GLY A 351 5.13 -42.17 -4.88
N ASN A 352 6.33 -42.45 -4.35
CA ASN A 352 7.15 -43.62 -4.66
C ASN A 352 6.46 -44.97 -4.54
N PHE A 353 5.45 -45.04 -3.68
CA PHE A 353 5.00 -46.30 -3.09
C PHE A 353 4.70 -47.42 -4.09
N LEU A 354 3.79 -47.21 -5.02
CA LEU A 354 3.44 -48.27 -5.97
C LEU A 354 4.53 -48.57 -7.01
N PRO A 355 5.15 -47.53 -7.62
CA PRO A 355 6.21 -47.88 -8.57
C PRO A 355 7.40 -48.64 -7.96
N ILE A 356 7.91 -48.19 -6.81
CA ILE A 356 9.09 -48.85 -6.25
C ILE A 356 8.74 -50.27 -5.78
N THR A 357 7.51 -50.46 -5.32
CA THR A 357 7.05 -51.79 -4.93
C THR A 357 7.01 -52.72 -6.12
N ILE A 358 6.50 -52.24 -7.24
CA ILE A 358 6.44 -53.03 -8.46
C ILE A 358 7.84 -53.39 -8.94
N GLU A 359 8.75 -52.43 -8.92
CA GLU A 359 10.12 -52.68 -9.34
C GLU A 359 10.77 -53.74 -8.46
N ARG A 360 10.55 -53.64 -7.16
CA ARG A 360 11.06 -54.64 -6.22
C ARG A 360 10.56 -56.05 -6.53
N ILE A 361 9.26 -56.17 -6.79
CA ILE A 361 8.68 -57.46 -7.13
C ILE A 361 9.33 -58.03 -8.38
N LEU A 362 9.43 -57.19 -9.41
CA LEU A 362 9.99 -57.63 -10.67
C LEU A 362 11.47 -58.02 -10.54
N GLU A 363 12.25 -57.18 -9.85
CA GLU A 363 13.66 -57.48 -9.62
C GLU A 363 13.83 -58.78 -8.84
N SER A 364 12.88 -59.03 -7.93
CA SER A 364 12.90 -60.27 -7.17
C SER A 364 12.78 -61.48 -8.08
N PHE A 365 11.78 -61.46 -8.97
CA PHE A 365 11.58 -62.57 -9.90
C PHE A 365 12.68 -62.64 -10.95
N CYS A 366 13.35 -61.51 -11.18
CA CYS A 366 14.50 -61.49 -12.08
C CYS A 366 15.67 -62.26 -11.48
N SER A 367 15.84 -62.15 -10.17
CA SER A 367 16.89 -62.92 -9.49
C SER A 367 16.62 -64.41 -9.58
N SER A 368 15.40 -64.81 -9.24
CA SER A 368 15.01 -66.21 -9.23
C SER A 368 15.28 -66.89 -10.57
N ASN A 369 15.02 -66.17 -11.65
CA ASN A 369 15.15 -66.72 -12.99
C ASN A 369 16.47 -66.36 -13.69
N SER A 370 17.40 -65.76 -12.95
CA SER A 370 18.67 -65.27 -13.49
C SER A 370 18.43 -64.51 -14.79
N VAL A 371 17.68 -63.43 -14.67
CA VAL A 371 17.40 -62.52 -15.77
C VAL A 371 17.87 -61.16 -15.28
N PRO A 372 18.49 -60.36 -16.16
CA PRO A 372 18.90 -59.04 -15.67
C PRO A 372 17.69 -58.17 -15.39
N PHE A 373 17.74 -57.41 -14.29
CA PHE A 373 16.71 -56.43 -14.02
C PHE A 373 17.15 -55.08 -14.54
N GLY A 374 16.22 -54.36 -15.16
CA GLY A 374 16.51 -53.03 -15.66
C GLY A 374 15.33 -52.39 -16.37
N PRO A 375 15.55 -51.21 -16.94
CA PRO A 375 14.48 -50.59 -17.73
C PRO A 375 14.27 -51.37 -19.00
N GLY A 376 13.03 -51.73 -19.32
CA GLY A 376 12.82 -52.53 -20.51
C GLY A 376 12.67 -54.01 -20.25
N ILE A 377 12.99 -54.49 -19.05
CA ILE A 377 12.22 -55.61 -18.52
C ILE A 377 11.03 -54.97 -17.80
N LEU A 378 11.32 -53.90 -17.06
CA LEU A 378 10.29 -53.00 -16.59
C LEU A 378 9.92 -52.09 -17.74
N GLY A 379 8.65 -52.07 -18.07
CA GLY A 379 8.15 -51.33 -19.23
C GLY A 379 7.76 -52.26 -20.36
N GLN A 380 8.36 -53.43 -20.44
CA GLN A 380 7.72 -54.54 -21.13
C GLN A 380 6.58 -54.94 -20.22
N THR A 381 6.87 -54.95 -18.93
CA THR A 381 5.87 -55.20 -17.90
C THR A 381 4.77 -54.14 -17.96
N TYR A 382 5.17 -52.87 -17.91
CA TYR A 382 4.22 -51.78 -17.92
C TYR A 382 3.36 -51.79 -19.20
N ALA A 383 3.98 -52.15 -20.33
CA ALA A 383 3.26 -52.17 -21.60
C ALA A 383 2.21 -53.27 -21.66
N ARG A 384 2.35 -54.29 -20.83
CA ARG A 384 1.37 -55.36 -20.76
C ARG A 384 0.37 -55.16 -19.63
N SER A 385 0.46 -54.02 -18.97
CA SER A 385 -0.39 -53.76 -17.80
C SER A 385 -1.60 -52.89 -18.11
N PHE A 386 -2.47 -52.76 -17.11
CA PHE A 386 -3.59 -51.84 -17.16
C PHE A 386 -3.92 -51.40 -15.74
N LEU A 387 -4.21 -50.11 -15.57
CA LEU A 387 -4.50 -49.57 -14.25
C LEU A 387 -5.90 -49.00 -14.18
N VAL A 388 -6.74 -49.59 -13.34
CA VAL A 388 -8.04 -48.99 -13.07
C VAL A 388 -7.92 -48.12 -11.83
N SER A 389 -7.98 -46.81 -12.03
CA SER A 389 -7.92 -45.85 -10.95
C SER A 389 -9.34 -45.51 -10.53
N SER A 390 -9.72 -45.93 -9.34
CA SER A 390 -11.13 -45.87 -8.97
C SER A 390 -11.43 -44.91 -7.83
N ASP A 391 -12.14 -43.84 -8.17
CA ASP A 391 -12.71 -42.92 -7.18
C ASP A 391 -14.21 -42.86 -7.42
N VAL A 392 -14.97 -42.50 -6.39
CA VAL A 392 -16.42 -42.42 -6.52
C VAL A 392 -16.83 -41.34 -7.53
N THR A 393 -18.02 -41.50 -8.11
CA THR A 393 -18.54 -40.58 -9.12
C THR A 393 -19.93 -40.08 -8.71
N HIS A 394 -20.39 -39.03 -9.37
CA HIS A 394 -21.66 -38.41 -9.00
C HIS A 394 -22.85 -39.11 -9.67
N ALA A 395 -23.74 -39.66 -8.85
CA ALA A 395 -24.98 -40.22 -9.35
C ALA A 395 -25.89 -39.08 -9.80
N ALA A 396 -26.87 -39.40 -10.64
CA ALA A 396 -27.85 -38.40 -11.06
C ALA A 396 -28.52 -37.81 -9.82
N HIS A 397 -28.50 -36.49 -9.70
CA HIS A 397 -29.18 -35.85 -8.58
C HIS A 397 -30.56 -35.40 -9.01
N PRO A 398 -31.60 -35.94 -8.36
CA PRO A 398 -32.96 -35.69 -8.84
C PRO A 398 -33.41 -34.24 -8.64
N ASN A 399 -32.81 -33.53 -7.68
CA ASN A 399 -33.21 -32.15 -7.44
C ASN A 399 -32.29 -31.04 -7.94
N PHE A 400 -31.10 -31.38 -8.43
CA PHE A 400 -30.37 -30.38 -9.19
C PHE A 400 -30.11 -30.94 -10.58
N THR A 401 -31.07 -30.73 -11.47
CA THR A 401 -31.07 -31.45 -12.73
C THR A 401 -30.25 -30.65 -13.72
N GLN A 402 -30.01 -29.40 -13.34
CA GLN A 402 -29.08 -28.53 -14.06
C GLN A 402 -27.68 -29.15 -14.12
N THR A 403 -27.34 -29.96 -13.12
CA THR A 403 -26.00 -30.53 -13.02
C THR A 403 -25.92 -31.94 -13.61
N ASN A 404 -27.05 -32.47 -14.06
CA ASN A 404 -27.07 -33.80 -14.66
C ASN A 404 -26.93 -33.71 -16.17
N LEU A 405 -25.80 -34.16 -16.68
CA LEU A 405 -25.56 -34.17 -18.12
C LEU A 405 -26.17 -35.43 -18.71
N PRO A 406 -27.21 -35.25 -19.55
CA PRO A 406 -27.98 -36.41 -20.04
C PRO A 406 -27.15 -37.44 -20.81
N GLY A 407 -27.43 -38.71 -20.53
CA GLY A 407 -26.71 -39.83 -21.12
C GLY A 407 -25.41 -40.13 -20.39
N HIS A 408 -24.94 -39.15 -19.63
CA HIS A 408 -23.75 -39.24 -18.78
C HIS A 408 -23.95 -39.16 -17.27
N SER A 409 -25.18 -39.38 -16.79
CA SER A 409 -25.50 -39.23 -15.36
C SER A 409 -25.99 -40.55 -14.74
N PRO A 410 -25.08 -41.31 -14.12
CA PRO A 410 -25.31 -42.70 -13.71
C PRO A 410 -26.35 -42.89 -12.61
N ARG A 411 -27.00 -44.04 -12.63
CA ARG A 411 -28.03 -44.40 -11.67
C ARG A 411 -27.50 -45.27 -10.54
N LEU A 412 -28.30 -45.42 -9.49
CA LEU A 412 -27.94 -46.26 -8.37
C LEU A 412 -28.39 -47.69 -8.64
N ASN A 413 -27.63 -48.66 -8.14
CA ASN A 413 -27.95 -50.08 -8.27
C ASN A 413 -28.00 -50.53 -9.73
N VAL A 414 -27.01 -50.11 -10.49
CA VAL A 414 -26.91 -50.48 -11.90
C VAL A 414 -25.52 -51.07 -12.15
N GLY A 415 -24.50 -50.28 -11.89
CA GLY A 415 -23.14 -50.73 -12.07
C GLY A 415 -22.18 -49.58 -12.03
N VAL A 416 -20.92 -49.88 -12.32
CA VAL A 416 -19.87 -48.91 -12.23
C VAL A 416 -19.89 -47.94 -13.41
N ALA A 417 -19.52 -46.69 -13.16
CA ALA A 417 -19.47 -45.66 -14.19
C ALA A 417 -18.04 -45.46 -14.69
N LEU A 418 -17.89 -45.42 -16.01
CA LEU A 418 -16.62 -45.01 -16.60
C LEU A 418 -16.62 -43.50 -16.70
N CYS A 419 -15.70 -42.87 -15.98
CA CYS A 419 -15.63 -41.42 -15.90
C CYS A 419 -14.79 -40.86 -17.04
N VAL A 420 -15.37 -39.96 -17.82
CA VAL A 420 -14.69 -39.37 -18.98
C VAL A 420 -14.67 -37.84 -18.86
N ASP A 421 -13.59 -37.22 -19.33
CA ASP A 421 -13.52 -35.77 -19.37
C ASP A 421 -13.13 -35.27 -20.76
N THR A 427 -8.36 -39.54 -17.91
CA THR A 427 -7.59 -40.75 -18.21
C THR A 427 -8.29 -41.66 -19.21
N THR A 428 -9.58 -41.92 -18.98
CA THR A 428 -10.35 -42.82 -19.82
C THR A 428 -10.34 -42.34 -21.27
N ASP A 429 -10.34 -43.30 -22.20
CA ASP A 429 -10.32 -42.97 -23.61
C ASP A 429 -10.94 -44.12 -24.41
N SER A 430 -11.02 -43.98 -25.73
CA SER A 430 -11.72 -44.96 -26.54
C SER A 430 -11.13 -46.36 -26.40
N VAL A 431 -9.82 -46.45 -26.22
CA VAL A 431 -9.17 -47.74 -26.01
C VAL A 431 -9.49 -48.28 -24.61
N SER A 432 -9.33 -47.45 -23.59
CA SER A 432 -9.64 -47.85 -22.22
C SER A 432 -11.09 -48.32 -22.11
N MET A 433 -12.00 -47.59 -22.74
CA MET A 433 -13.42 -47.94 -22.68
C MET A 433 -13.70 -49.25 -23.42
N ALA A 434 -13.01 -49.46 -24.55
CA ALA A 434 -13.18 -50.70 -25.31
C ALA A 434 -12.82 -51.91 -24.47
N ILE A 435 -11.73 -51.79 -23.72
CA ILE A 435 -11.26 -52.88 -22.86
C ILE A 435 -12.23 -53.16 -21.72
N LEU A 436 -12.65 -52.12 -21.00
CA LEU A 436 -13.48 -52.31 -19.82
C LEU A 436 -14.93 -52.63 -20.18
N ASP A 437 -15.40 -52.16 -21.33
CA ASP A 437 -16.71 -52.58 -21.82
C ASP A 437 -16.65 -54.07 -22.17
N ARG A 438 -15.51 -54.50 -22.71
CA ARG A 438 -15.31 -55.90 -23.07
C ARG A 438 -15.23 -56.78 -21.82
N ILE A 439 -14.50 -56.32 -20.81
CA ILE A 439 -14.43 -57.06 -19.56
C ILE A 439 -15.81 -57.12 -18.90
N ALA A 440 -16.53 -56.01 -18.95
CA ALA A 440 -17.88 -55.96 -18.38
C ALA A 440 -18.80 -57.01 -18.99
N GLU A 441 -18.60 -57.30 -20.28
CA GLU A 441 -19.46 -58.27 -20.94
C GLU A 441 -19.12 -59.71 -20.52
N LEU A 442 -17.85 -59.98 -20.29
CA LEU A 442 -17.44 -61.30 -19.82
C LEU A 442 -17.85 -61.51 -18.37
N SER A 443 -18.02 -60.40 -17.64
CA SER A 443 -18.33 -60.44 -16.22
C SER A 443 -19.82 -60.46 -15.89
N GLY A 444 -20.66 -60.18 -16.89
CA GLY A 444 -22.07 -59.99 -16.66
C GLY A 444 -22.36 -58.63 -16.02
N CYS A 445 -21.64 -57.61 -16.45
CA CYS A 445 -21.80 -56.26 -15.90
C CYS A 445 -22.25 -55.27 -16.97
N VAL A 446 -22.88 -54.20 -16.51
CA VAL A 446 -23.28 -53.11 -17.38
C VAL A 446 -22.51 -51.89 -16.90
N ASN A 447 -21.77 -51.24 -17.80
CA ASN A 447 -20.99 -50.07 -17.43
C ASN A 447 -21.74 -48.79 -17.77
N GLN A 448 -21.76 -47.85 -16.83
CA GLN A 448 -22.38 -46.56 -17.07
C GLN A 448 -21.33 -45.56 -17.54
N ARG A 449 -21.77 -44.35 -17.84
CA ARG A 449 -20.85 -43.26 -18.17
C ARG A 449 -21.09 -42.09 -17.23
N HIS A 450 -20.01 -41.45 -16.80
CA HIS A 450 -20.10 -40.25 -15.98
C HIS A 450 -19.29 -39.12 -16.59
N MET A 451 -19.89 -37.93 -16.63
CA MET A 451 -19.20 -36.76 -17.15
C MET A 451 -19.79 -35.48 -16.58
N ILE A 452 -18.97 -34.46 -16.34
CA ILE A 452 -19.47 -33.19 -15.81
C ILE A 452 -19.70 -32.17 -16.92
N GLY A 463 -6.04 -40.88 -7.24
CA GLY A 463 -4.86 -40.46 -7.96
C GLY A 463 -4.77 -41.09 -9.34
N PRO A 464 -5.41 -40.46 -10.33
CA PRO A 464 -5.49 -41.00 -11.70
C PRO A 464 -4.14 -41.17 -12.40
N MET A 465 -3.13 -40.52 -11.85
CA MET A 465 -1.86 -40.29 -12.54
C MET A 465 -0.64 -41.10 -12.10
N LEU A 466 -0.87 -42.19 -11.39
CA LEU A 466 0.07 -43.31 -11.48
C LEU A 466 0.28 -43.69 -12.95
N SER A 467 -0.72 -43.43 -13.78
CA SER A 467 -0.66 -43.72 -15.21
C SER A 467 0.51 -43.03 -15.89
N ALA A 468 0.78 -41.78 -15.51
CA ALA A 468 1.90 -41.05 -16.09
C ALA A 468 3.23 -41.54 -15.53
N ALA A 469 3.24 -41.82 -14.22
CA ALA A 469 4.47 -42.22 -13.54
C ALA A 469 5.00 -43.56 -14.07
N MET A 470 4.08 -44.50 -14.34
CA MET A 470 4.47 -45.79 -14.90
C MET A 470 4.18 -46.00 -16.39
N GLY A 471 3.55 -45.03 -17.05
CA GLY A 471 3.21 -45.16 -18.45
C GLY A 471 2.31 -46.35 -18.75
N VAL A 472 1.44 -46.66 -17.80
CA VAL A 472 0.54 -47.80 -17.91
C VAL A 472 -0.80 -47.36 -18.50
N LYS A 473 -1.36 -48.21 -19.35
CA LYS A 473 -2.66 -47.97 -19.92
C LYS A 473 -3.68 -47.92 -18.77
N ALA A 474 -4.61 -46.98 -18.81
CA ALA A 474 -5.41 -46.68 -17.62
C ALA A 474 -6.80 -46.11 -17.92
N ALA A 475 -7.68 -46.21 -16.93
CA ALA A 475 -9.01 -45.62 -17.00
C ALA A 475 -9.45 -45.14 -15.63
N ASP A 476 -10.30 -44.12 -15.60
CA ASP A 476 -10.93 -43.73 -14.34
C ASP A 476 -12.32 -44.31 -14.24
N VAL A 477 -12.56 -44.95 -13.11
CA VAL A 477 -13.73 -45.79 -12.92
C VAL A 477 -14.34 -45.45 -11.57
N GLY A 478 -15.66 -45.39 -11.48
CA GLY A 478 -16.26 -45.09 -10.21
C GLY A 478 -17.64 -45.64 -9.98
N ILE A 479 -17.93 -45.87 -8.70
CA ILE A 479 -19.24 -46.29 -8.25
C ILE A 479 -20.03 -45.02 -7.95
N PRO A 480 -21.23 -44.91 -8.51
CA PRO A 480 -22.00 -43.67 -8.39
C PRO A 480 -22.44 -43.38 -6.96
N GLN A 481 -22.52 -42.10 -6.62
CA GLN A 481 -22.84 -41.68 -5.26
C GLN A 481 -23.49 -40.30 -5.25
N LEU A 482 -24.37 -40.08 -4.29
CA LEU A 482 -24.95 -38.77 -4.03
C LEU A 482 -24.32 -38.12 -2.81
N SER A 483 -24.28 -36.80 -2.80
CA SER A 483 -23.80 -36.01 -1.66
C SER A 483 -22.35 -36.34 -1.31
N MET A 484 -21.51 -36.38 -2.33
CA MET A 484 -20.08 -36.60 -2.13
C MET A 484 -19.48 -35.51 -1.26
N HIS A 485 -18.60 -35.91 -0.34
CA HIS A 485 -17.93 -35.03 0.63
C HIS A 485 -18.84 -34.57 1.77
N SER A 486 -20.09 -35.03 1.79
CA SER A 486 -20.92 -34.83 2.98
C SER A 486 -20.38 -35.67 4.13
N ILE A 487 -20.72 -35.28 5.36
CA ILE A 487 -20.39 -36.09 6.51
C ILE A 487 -21.20 -37.38 6.48
N ARG A 488 -22.33 -37.36 5.78
CA ARG A 488 -23.10 -38.57 5.53
C ARG A 488 -23.67 -38.60 4.11
N ALA A 489 -23.20 -39.54 3.30
CA ALA A 489 -23.60 -39.65 1.89
C ALA A 489 -24.52 -40.85 1.67
N MET A 490 -24.84 -41.13 0.40
CA MET A 490 -25.67 -42.27 0.06
C MET A 490 -25.32 -42.89 -1.30
N THR A 491 -25.38 -44.21 -1.38
CA THR A 491 -25.41 -44.92 -2.66
C THR A 491 -26.48 -45.99 -2.58
N GLY A 492 -26.63 -46.75 -3.66
CA GLY A 492 -27.55 -47.88 -3.65
C GLY A 492 -27.00 -49.03 -2.82
N SER A 493 -27.90 -49.84 -2.29
CA SER A 493 -27.51 -50.94 -1.42
C SER A 493 -26.76 -52.03 -2.18
N LEU A 494 -26.95 -52.09 -3.50
CA LEU A 494 -26.27 -53.09 -4.31
C LEU A 494 -24.97 -52.57 -4.91
N ASP A 495 -24.69 -51.29 -4.71
CA ASP A 495 -23.53 -50.68 -5.34
C ASP A 495 -22.17 -51.21 -4.85
N PRO A 496 -22.02 -51.51 -3.54
CA PRO A 496 -20.76 -52.17 -3.20
C PRO A 496 -20.56 -53.50 -3.93
N GLY A 497 -21.58 -54.35 -3.91
CA GLY A 497 -21.51 -55.66 -4.55
C GLY A 497 -21.26 -55.55 -6.04
N LEU A 498 -22.01 -54.69 -6.71
CA LEU A 498 -21.81 -54.46 -8.14
C LEU A 498 -20.39 -53.97 -8.40
N GLY A 499 -19.81 -53.25 -7.44
CA GLY A 499 -18.44 -52.81 -7.52
C GLY A 499 -17.44 -53.95 -7.52
N VAL A 500 -17.57 -54.84 -6.55
CA VAL A 500 -16.71 -55.98 -6.39
C VAL A 500 -16.80 -56.85 -7.62
N LYS A 501 -18.02 -56.98 -8.12
CA LYS A 501 -18.28 -57.82 -9.29
C LYS A 501 -17.50 -57.31 -10.50
N PHE A 502 -17.52 -56.00 -10.73
CA PHE A 502 -16.80 -55.43 -11.87
C PHE A 502 -15.28 -55.52 -11.70
N TYR A 503 -14.78 -55.15 -10.53
CA TYR A 503 -13.34 -55.17 -10.28
C TYR A 503 -12.80 -56.60 -10.38
N LYS A 504 -13.52 -57.56 -9.81
CA LYS A 504 -13.11 -58.95 -9.92
C LYS A 504 -13.07 -59.35 -11.39
N GLY A 505 -14.03 -58.87 -12.16
CA GLY A 505 -14.06 -59.13 -13.59
C GLY A 505 -12.81 -58.63 -14.28
N PHE A 506 -12.36 -57.44 -13.88
CA PHE A 506 -11.17 -56.85 -14.47
C PHE A 506 -9.91 -57.66 -14.14
N LEU A 507 -9.67 -57.91 -12.85
CA LEU A 507 -8.49 -58.66 -12.45
C LEU A 507 -8.47 -60.05 -13.07
N ASP A 508 -9.64 -60.68 -13.17
CA ASP A 508 -9.71 -62.03 -13.72
C ASP A 508 -9.58 -62.06 -15.24
N PHE A 509 -10.18 -61.10 -15.93
CA PHE A 509 -10.20 -61.14 -17.39
C PHE A 509 -9.21 -60.26 -18.15
N TRP A 510 -8.42 -59.43 -17.45
CA TRP A 510 -7.56 -58.48 -18.16
C TRP A 510 -6.59 -59.18 -19.13
N GLU A 511 -5.93 -60.23 -18.65
CA GLU A 511 -4.93 -60.94 -19.45
C GLU A 511 -5.55 -61.54 -20.71
N GLU A 512 -6.75 -62.11 -20.56
CA GLU A 512 -7.46 -62.68 -21.70
C GLU A 512 -7.81 -61.61 -22.72
N VAL A 513 -8.31 -60.47 -22.24
CA VAL A 513 -8.72 -59.39 -23.11
C VAL A 513 -7.51 -58.78 -23.83
N ASP A 514 -6.41 -58.63 -23.12
CA ASP A 514 -5.21 -58.04 -23.71
C ASP A 514 -4.72 -58.81 -24.94
N LEU A 515 -5.00 -60.11 -24.97
CA LEU A 515 -4.60 -60.94 -26.11
C LEU A 515 -5.60 -60.89 -27.26
N GLU A 516 -6.72 -60.20 -27.07
CA GLU A 516 -7.67 -59.99 -28.16
C GLU A 516 -7.28 -58.79 -29.01
N TRP A 517 -6.24 -58.09 -28.57
CA TRP A 517 -5.79 -56.86 -29.24
C TRP A 517 -4.55 -57.11 -30.11
N SER A 518 -4.11 -56.06 -30.80
CA SER A 518 -2.84 -56.07 -31.51
C SER A 518 -2.29 -54.65 -31.61
N ARG B 50 33.33 23.35 -7.13
CA ARG B 50 32.87 23.71 -5.79
C ARG B 50 31.60 23.00 -5.28
N PRO B 51 30.58 22.74 -6.15
CA PRO B 51 29.39 22.11 -5.57
C PRO B 51 29.66 20.72 -4.99
N GLU B 52 30.51 19.96 -5.66
CA GLU B 52 30.90 18.64 -5.16
C GLU B 52 31.52 18.70 -3.78
N HIS B 53 32.13 19.83 -3.44
CA HIS B 53 32.80 19.97 -2.15
C HIS B 53 31.82 19.96 -0.98
N PHE B 54 30.53 20.07 -1.27
CA PHE B 54 29.51 20.00 -0.21
C PHE B 54 28.81 18.65 -0.09
N THR B 55 29.15 17.68 -0.94
CA THR B 55 28.45 16.40 -0.92
C THR B 55 28.66 15.64 0.39
N GLN B 56 29.92 15.40 0.75
CA GLN B 56 30.17 14.64 1.97
C GLN B 56 29.81 15.40 3.25
N PRO B 57 30.15 16.71 3.35
CA PRO B 57 29.69 17.42 4.54
C PRO B 57 28.16 17.38 4.71
N TYR B 58 27.42 17.39 3.62
CA TYR B 58 25.97 17.24 3.71
C TYR B 58 25.60 15.82 4.16
N LEU B 59 26.32 14.84 3.63
CA LEU B 59 26.11 13.45 4.02
C LEU B 59 26.35 13.25 5.52
N ASP B 60 27.44 13.82 6.04
CA ASP B 60 27.76 13.67 7.45
C ASP B 60 26.72 14.40 8.32
N PHE B 61 26.26 15.56 7.86
CA PHE B 61 25.25 16.32 8.57
C PHE B 61 23.95 15.51 8.71
N MET B 62 23.47 14.96 7.60
CA MET B 62 22.23 14.19 7.59
C MET B 62 22.29 12.97 8.50
N THR B 63 23.42 12.26 8.47
CA THR B 63 23.54 11.02 9.22
C THR B 63 23.59 11.23 10.73
N HIS B 64 24.33 12.25 11.18
CA HIS B 64 24.60 12.41 12.60
C HIS B 64 23.73 13.42 13.36
N ASN B 65 22.71 13.98 12.71
CA ASN B 65 21.81 14.92 13.39
C ASN B 65 20.34 14.63 13.05
N PRO B 66 19.81 13.52 13.58
CA PRO B 66 18.51 12.97 13.15
C PRO B 66 17.27 13.75 13.60
N THR B 67 17.40 14.62 14.59
CA THR B 67 16.24 15.35 15.12
C THR B 67 16.44 16.85 15.02
N VAL B 68 15.35 17.59 15.17
CA VAL B 68 15.41 19.04 15.04
C VAL B 68 16.29 19.68 16.11
N PHE B 69 16.44 19.00 17.25
CA PHE B 69 17.28 19.51 18.33
C PHE B 69 18.77 19.36 18.00
N HIS B 70 19.11 18.27 17.32
CA HIS B 70 20.50 18.08 16.90
C HIS B 70 20.88 19.09 15.83
N VAL B 71 19.94 19.41 14.95
CA VAL B 71 20.19 20.35 13.86
C VAL B 71 20.57 21.73 14.41
N VAL B 72 19.81 22.24 15.36
CA VAL B 72 20.09 23.53 15.96
C VAL B 72 21.42 23.49 16.72
N ASP B 73 21.68 22.38 17.40
CA ASP B 73 22.94 22.20 18.10
C ASP B 73 24.10 22.14 17.11
N TYR B 74 23.85 21.53 15.95
CA TYR B 74 24.84 21.51 14.88
C TYR B 74 25.13 22.93 14.40
N CYS B 75 24.08 23.66 14.05
CA CYS B 75 24.23 25.03 13.57
C CYS B 75 24.90 25.94 14.60
N LYS B 76 24.51 25.77 15.86
CA LYS B 76 25.02 26.62 16.93
C LYS B 76 26.51 26.43 17.11
N GLN B 77 26.98 25.19 16.98
CA GLN B 77 28.38 24.86 17.16
C GLN B 77 29.25 25.41 16.02
N LYS B 78 28.73 25.35 14.79
CA LYS B 78 29.45 25.91 13.65
C LYS B 78 29.46 27.42 13.68
N LEU B 79 28.34 28.01 14.11
CA LEU B 79 28.25 29.45 14.21
C LEU B 79 29.23 29.97 15.26
N LEU B 80 29.34 29.28 16.39
CA LEU B 80 30.26 29.70 17.43
C LEU B 80 31.72 29.57 16.97
N LYS B 81 32.00 28.54 16.18
CA LYS B 81 33.37 28.36 15.69
C LYS B 81 33.72 29.36 14.60
N ALA B 82 32.70 29.95 13.97
CA ALA B 82 32.94 30.96 12.95
C ALA B 82 33.00 32.36 13.56
N GLY B 83 32.78 32.46 14.85
CA GLY B 83 32.87 33.73 15.55
C GLY B 83 31.55 34.47 15.73
N TYR B 84 30.44 33.76 15.62
CA TYR B 84 29.14 34.36 15.87
C TYR B 84 28.90 34.51 17.36
N VAL B 85 28.17 35.57 17.74
CA VAL B 85 27.86 35.82 19.14
C VAL B 85 26.37 35.61 19.40
N GLU B 86 26.06 34.89 20.47
CA GLU B 86 24.67 34.55 20.76
C GLU B 86 23.93 35.67 21.48
N LEU B 87 22.72 35.97 21.01
CA LEU B 87 21.89 36.98 21.65
C LEU B 87 20.73 36.30 22.39
N PRO B 88 20.83 36.21 23.72
CA PRO B 88 19.76 35.63 24.52
C PRO B 88 18.54 36.54 24.58
N ALA B 89 17.36 35.97 24.43
CA ALA B 89 16.13 36.75 24.35
C ALA B 89 15.80 37.49 25.66
N ARG B 90 16.31 36.98 26.78
CA ARG B 90 16.00 37.60 28.07
C ARG B 90 16.87 38.80 28.37
N ASP B 91 18.01 38.90 27.69
CA ASP B 91 18.90 40.05 27.80
C ASP B 91 18.50 41.23 26.91
N SER B 92 18.97 42.41 27.28
CA SER B 92 18.84 43.59 26.44
C SER B 92 19.94 43.58 25.37
N TRP B 93 19.57 43.76 24.10
CA TRP B 93 20.57 43.84 23.03
C TRP B 93 20.89 45.27 22.63
N THR B 94 20.14 46.24 23.15
CA THR B 94 20.11 47.56 22.53
C THR B 94 21.46 48.26 22.55
N GLY B 95 22.37 47.80 23.41
CA GLY B 95 23.74 48.24 23.33
C GLY B 95 24.59 47.57 22.24
N LYS B 96 24.55 46.25 22.21
CA LYS B 96 25.61 45.40 21.64
C LYS B 96 25.92 45.42 20.16
N LEU B 97 24.94 45.71 19.32
CA LEU B 97 25.10 45.32 17.94
C LEU B 97 25.89 46.36 17.18
N VAL B 98 26.82 45.86 16.37
CA VAL B 98 27.79 46.71 15.69
C VAL B 98 27.88 46.28 14.23
N PRO B 99 28.12 47.24 13.33
CA PRO B 99 28.35 46.89 11.92
C PRO B 99 29.50 45.92 11.77
N GLY B 100 29.36 44.94 10.90
CA GLY B 100 30.38 43.92 10.73
C GLY B 100 30.21 42.76 11.71
N GLY B 101 29.27 42.89 12.64
CA GLY B 101 29.07 41.86 13.65
C GLY B 101 28.30 40.65 13.15
N LYS B 102 28.48 39.52 13.82
CA LYS B 102 27.82 38.27 13.45
C LYS B 102 27.15 37.65 14.67
N TYR B 103 25.86 37.36 14.55
CA TYR B 103 25.06 36.96 15.70
C TYR B 103 24.10 35.82 15.37
N PHE B 104 23.56 35.20 16.42
CA PHE B 104 22.46 34.26 16.28
C PHE B 104 21.63 34.24 17.56
N THR B 105 20.38 33.83 17.43
CA THR B 105 19.50 33.67 18.59
C THR B 105 18.69 32.39 18.43
N THR B 106 18.18 31.89 19.55
CA THR B 106 17.60 30.55 19.61
C THR B 106 16.25 30.57 20.30
N ARG B 107 15.34 29.71 19.87
CA ARG B 107 14.07 29.53 20.57
C ARG B 107 13.75 28.05 20.73
N ASN B 108 13.59 27.63 21.99
CA ASN B 108 13.24 26.26 22.37
C ASN B 108 14.26 25.23 21.90
N GLY B 109 15.46 25.69 21.54
CA GLY B 109 16.50 24.80 21.05
C GLY B 109 16.17 24.13 19.72
N SER B 110 14.97 24.38 19.19
CA SER B 110 14.59 23.89 17.86
C SER B 110 14.45 24.95 16.75
N SER B 111 14.63 26.23 17.08
CA SER B 111 14.56 27.30 16.09
C SER B 111 15.75 28.23 16.22
N ILE B 112 16.32 28.63 15.09
CA ILE B 112 17.50 29.48 15.13
C ILE B 112 17.52 30.49 13.98
N ILE B 113 17.92 31.71 14.32
CA ILE B 113 18.11 32.79 13.37
C ILE B 113 19.55 33.30 13.51
N ALA B 114 20.30 33.25 12.42
CA ALA B 114 21.66 33.78 12.41
C ALA B 114 21.78 34.85 11.34
N PHE B 115 22.58 35.87 11.61
CA PHE B 115 22.72 36.97 10.68
C PHE B 115 24.07 37.68 10.82
N THR B 116 24.49 38.32 9.72
CA THR B 116 25.66 39.19 9.73
C THR B 116 25.25 40.60 9.33
N VAL B 117 25.78 41.59 10.03
CA VAL B 117 25.47 42.99 9.73
C VAL B 117 26.58 43.56 8.87
N GLY B 118 26.23 44.15 7.73
CA GLY B 118 27.23 44.73 6.84
C GLY B 118 27.95 45.88 7.51
N GLN B 119 29.20 46.12 7.15
CA GLN B 119 29.95 47.21 7.78
C GLN B 119 29.47 48.57 7.32
N ALA B 120 28.76 48.62 6.20
CA ALA B 120 28.19 49.86 5.70
C ALA B 120 26.75 50.03 6.15
N TYR B 121 26.30 49.15 7.05
CA TYR B 121 24.92 49.17 7.52
C TYR B 121 24.56 50.39 8.36
N LYS B 122 23.39 50.96 8.05
CA LYS B 122 22.78 52.02 8.84
C LYS B 122 21.28 51.74 8.91
N PRO B 123 20.61 52.15 10.01
CA PRO B 123 19.17 51.94 10.12
C PRO B 123 18.41 52.44 8.89
N GLY B 124 17.49 51.62 8.40
CA GLY B 124 16.78 51.90 7.16
C GLY B 124 17.24 51.02 6.02
N ASN B 125 18.42 50.41 6.16
CA ASN B 125 18.93 49.50 5.14
C ASN B 125 18.21 48.16 5.20
N GLY B 126 18.16 47.50 4.04
CA GLY B 126 17.36 46.29 3.89
C GLY B 126 18.03 45.02 4.33
N ILE B 127 17.23 43.96 4.44
CA ILE B 127 17.71 42.65 4.85
C ILE B 127 17.55 41.66 3.71
N ALA B 128 18.62 40.95 3.38
CA ALA B 128 18.52 39.82 2.47
C ALA B 128 18.36 38.58 3.33
N MET B 129 17.17 37.98 3.33
CA MET B 129 16.85 36.91 4.26
C MET B 129 16.42 35.63 3.58
N ILE B 130 16.80 34.50 4.16
CA ILE B 130 16.34 33.18 3.72
C ILE B 130 15.67 32.46 4.88
N ALA B 131 14.53 31.83 4.61
CA ALA B 131 13.80 31.07 5.61
C ALA B 131 13.61 29.62 5.15
N GLY B 132 13.71 28.69 6.10
CA GLY B 132 13.48 27.29 5.82
C GLY B 132 12.97 26.63 7.08
N HIS B 133 12.59 25.35 6.99
CA HIS B 133 12.21 24.62 8.19
C HIS B 133 13.12 23.43 8.40
N ILE B 134 13.45 23.17 9.66
CA ILE B 134 14.29 22.03 9.99
C ILE B 134 13.57 20.84 10.64
N ASP B 135 12.26 20.93 10.83
CA ASP B 135 11.50 19.78 11.27
C ASP B 135 11.27 18.84 10.09
N ALA B 136 11.10 17.56 10.38
CA ALA B 136 10.87 16.56 9.35
C ALA B 136 9.87 15.53 9.86
N LEU B 137 9.22 14.81 8.96
CA LEU B 137 8.23 13.82 9.37
C LEU B 137 8.89 12.76 10.24
N THR B 138 8.34 12.54 11.42
CA THR B 138 8.94 11.63 12.39
C THR B 138 7.86 11.06 13.30
N ALA B 139 8.22 10.02 14.04
CA ALA B 139 7.27 9.40 14.97
C ALA B 139 7.72 9.59 16.41
N ARG B 140 6.97 10.40 17.16
CA ARG B 140 7.34 10.72 18.53
C ARG B 140 6.76 9.75 19.56
N LEU B 141 7.56 9.48 20.59
CA LEU B 141 7.14 8.65 21.71
C LEU B 141 5.99 9.30 22.45
N LYS B 142 4.97 8.51 22.79
CA LYS B 142 3.85 9.00 23.57
C LYS B 142 4.31 9.40 24.97
N PRO B 143 3.56 10.29 25.63
CA PRO B 143 3.79 10.59 27.04
C PRO B 143 3.91 9.33 27.90
N THR B 144 3.04 8.36 27.67
CA THR B 144 3.29 7.02 28.18
C THR B 144 3.62 6.14 26.99
N SER B 145 4.89 5.80 26.84
CA SER B 145 5.33 5.00 25.71
C SER B 145 5.29 3.51 26.03
N VAL B 146 5.13 3.17 27.31
CA VAL B 146 5.14 1.77 27.72
C VAL B 146 3.89 1.05 27.21
N LYS B 147 4.08 -0.22 26.86
CA LYS B 147 3.01 -1.05 26.32
C LYS B 147 3.03 -2.43 26.98
N PRO B 148 1.91 -3.16 26.93
CA PRO B 148 1.94 -4.52 27.44
C PRO B 148 2.80 -5.43 26.55
N THR B 149 3.58 -6.31 27.17
CA THR B 149 4.29 -7.32 26.40
C THR B 149 3.27 -8.25 25.76
N LYS B 150 3.38 -8.43 24.45
CA LYS B 150 2.32 -9.05 23.67
C LYS B 150 2.90 -10.14 22.77
N GLU B 151 2.46 -11.37 22.99
CA GLU B 151 3.00 -12.55 22.31
C GLU B 151 4.52 -12.63 22.42
N GLY B 152 5.07 -12.12 23.52
CA GLY B 152 6.49 -12.18 23.76
C GLY B 152 7.30 -11.00 23.24
N TYR B 153 6.63 -10.04 22.62
CA TYR B 153 7.32 -8.85 22.11
C TYR B 153 7.15 -7.66 23.04
N VAL B 154 8.21 -6.88 23.16
CA VAL B 154 8.14 -5.60 23.87
C VAL B 154 7.88 -4.49 22.86
N GLN B 155 6.83 -3.71 23.09
CA GLN B 155 6.46 -2.69 22.11
C GLN B 155 6.57 -1.28 22.69
N LEU B 156 6.33 -0.29 21.83
CA LEU B 156 6.56 1.10 22.17
C LEU B 156 5.43 1.99 21.66
N GLY B 157 4.80 2.73 22.56
CA GLY B 157 3.78 3.69 22.15
C GLY B 157 4.35 4.90 21.44
N VAL B 158 3.93 5.11 20.19
CA VAL B 158 4.37 6.28 19.44
C VAL B 158 3.18 6.96 18.78
N ALA B 159 3.38 8.21 18.38
CA ALA B 159 2.34 8.98 17.71
C ALA B 159 2.89 9.62 16.46
N GLN B 160 2.15 9.50 15.37
CA GLN B 160 2.56 10.12 14.13
C GLN B 160 2.62 11.64 14.36
N TYR B 161 3.78 12.22 14.10
CA TYR B 161 3.95 13.66 14.24
C TYR B 161 3.31 14.34 13.05
N ALA B 162 3.87 14.04 11.90
CA ALA B 162 3.65 14.85 10.71
C ALA B 162 2.39 14.56 9.92
N GLY B 163 1.92 13.32 9.99
CA GLY B 163 1.38 12.66 8.80
C GLY B 163 2.46 11.66 8.40
N ALA B 164 3.34 11.38 9.36
CA ALA B 164 4.58 10.64 9.15
C ALA B 164 4.50 9.15 8.82
N LEU B 165 3.67 8.36 9.49
CA LEU B 165 3.86 6.93 9.30
C LEU B 165 3.09 6.49 8.08
N ASN B 166 3.82 6.39 6.98
CA ASN B 166 3.23 6.01 5.72
C ASN B 166 3.83 4.67 5.32
N GLU B 167 3.47 4.20 4.14
CA GLU B 167 3.90 2.90 3.65
C GLU B 167 5.41 2.66 3.75
N THR B 168 6.20 3.72 3.60
CA THR B 168 7.66 3.57 3.54
C THR B 168 8.28 3.29 4.90
N TRP B 169 7.50 3.41 5.97
CA TRP B 169 8.03 3.23 7.32
C TRP B 169 8.09 1.77 7.77
N TRP B 170 7.44 0.88 7.02
CA TRP B 170 7.44 -0.55 7.38
C TRP B 170 8.81 -1.18 7.16
N ASP B 171 9.17 -2.12 8.03
CA ASP B 171 10.41 -2.88 7.94
C ASP B 171 11.65 -2.01 7.70
N ARG B 172 11.79 -0.95 8.49
CA ARG B 172 12.97 -0.11 8.45
C ARG B 172 13.70 -0.23 9.79
N ASP B 173 15.02 -0.10 9.78
CA ASP B 173 15.76 -0.13 11.03
C ASP B 173 15.60 1.23 11.68
N LEU B 174 14.95 1.27 12.84
CA LEU B 174 14.66 2.54 13.49
C LEU B 174 15.47 2.70 14.76
N SER B 175 16.02 3.89 14.92
CA SER B 175 16.73 4.25 16.13
C SER B 175 15.95 5.35 16.84
N VAL B 176 16.42 5.75 18.02
CA VAL B 176 15.70 6.72 18.82
C VAL B 176 16.66 7.83 19.22
N GLY B 177 16.13 9.04 19.36
CA GLY B 177 16.93 10.18 19.73
C GLY B 177 16.05 11.36 20.08
N GLY B 178 16.66 12.42 20.61
CA GLY B 178 15.91 13.58 21.02
C GLY B 178 16.57 14.32 22.16
N ARG B 179 15.75 15.02 22.94
CA ARG B 179 16.24 15.72 24.11
C ARG B 179 15.64 15.15 25.39
N VAL B 180 16.39 15.26 26.48
CA VAL B 180 15.93 14.81 27.78
C VAL B 180 15.96 15.98 28.76
N ILE B 181 14.92 16.10 29.56
CA ILE B 181 14.89 17.11 30.60
C ILE B 181 15.40 16.45 31.87
N VAL B 182 16.60 16.82 32.29
CA VAL B 182 17.18 16.20 33.47
C VAL B 182 17.32 17.22 34.57
N LYS B 183 17.29 16.73 35.81
CA LYS B 183 17.50 17.56 36.98
C LYS B 183 18.94 17.41 37.44
N ASP B 184 19.70 18.50 37.31
CA ASP B 184 21.11 18.50 37.69
C ASP B 184 21.23 18.26 39.19
N PRO B 185 21.83 17.13 39.61
CA PRO B 185 21.93 16.91 41.05
C PRO B 185 22.88 17.90 41.72
N LYS B 186 23.92 18.30 41.00
CA LYS B 186 24.84 19.33 41.48
C LYS B 186 24.11 20.62 41.82
N THR B 187 23.58 21.25 40.77
CA THR B 187 23.01 22.59 40.86
C THR B 187 21.58 22.61 41.38
N GLY B 188 20.79 21.62 41.00
CA GLY B 188 19.37 21.58 41.33
C GLY B 188 18.52 22.33 40.33
N LYS B 189 19.12 22.68 39.19
CA LYS B 189 18.42 23.45 38.18
C LYS B 189 18.03 22.53 37.02
N THR B 190 16.91 22.84 36.38
CA THR B 190 16.40 22.02 35.29
C THR B 190 17.14 22.31 33.98
N THR B 191 17.58 21.25 33.30
CA THR B 191 18.43 21.40 32.13
C THR B 191 17.91 20.51 30.99
N VAL B 192 18.54 20.63 29.83
CA VAL B 192 18.19 19.83 28.66
C VAL B 192 19.45 19.18 28.10
N LYS B 193 19.36 17.91 27.76
CA LYS B 193 20.50 17.22 27.14
C LYS B 193 20.05 16.46 25.90
N LEU B 194 20.95 16.32 24.95
CA LEU B 194 20.68 15.59 23.72
C LEU B 194 21.08 14.14 23.86
N VAL B 195 20.33 13.25 23.21
CA VAL B 195 20.59 11.83 23.33
C VAL B 195 20.32 11.11 22.01
N LYS B 196 21.10 10.06 21.75
CA LYS B 196 20.92 9.25 20.55
C LYS B 196 21.41 7.84 20.82
N VAL B 197 20.69 6.82 20.35
CA VAL B 197 21.18 5.46 20.43
C VAL B 197 21.77 5.10 19.07
N ASP B 198 22.94 4.46 19.07
CA ASP B 198 23.73 4.30 17.86
C ASP B 198 23.42 3.04 17.06
N TRP B 199 22.45 2.25 17.52
CA TRP B 199 22.04 1.05 16.79
C TRP B 199 20.52 1.00 16.74
N PRO B 200 19.95 0.32 15.73
CA PRO B 200 18.49 0.30 15.63
C PRO B 200 17.84 -0.40 16.82
N VAL B 201 16.96 0.31 17.53
CA VAL B 201 16.23 -0.29 18.64
C VAL B 201 14.79 -0.69 18.35
N ALA B 202 14.27 -0.22 17.22
CA ALA B 202 12.83 -0.35 16.96
C ALA B 202 12.56 -0.74 15.53
N ARG B 203 11.42 -1.37 15.31
CA ARG B 203 11.01 -1.79 13.99
C ARG B 203 9.49 -1.95 13.90
N ILE B 204 8.92 -1.59 12.75
CA ILE B 204 7.51 -1.85 12.50
C ILE B 204 7.42 -2.96 11.47
N PRO B 205 7.13 -4.19 11.92
CA PRO B 205 7.16 -5.34 11.04
C PRO B 205 5.93 -5.52 10.16
N THR B 206 6.14 -5.86 8.90
CA THR B 206 5.04 -6.20 8.01
C THR B 206 4.52 -7.60 8.29
N LEU B 207 3.30 -7.88 7.84
CA LEU B 207 2.75 -9.23 7.89
C LEU B 207 3.01 -9.93 6.57
N ALA B 208 3.30 -11.24 6.62
CA ALA B 208 3.54 -12.00 5.40
C ALA B 208 2.32 -11.95 4.48
N PRO B 209 2.55 -11.97 3.16
CA PRO B 209 1.42 -11.90 2.22
C PRO B 209 0.53 -13.13 2.29
N HIS B 210 1.07 -14.24 2.78
CA HIS B 210 0.38 -15.53 2.79
C HIS B 210 -0.96 -15.50 3.52
N PHE B 211 -1.15 -14.52 4.41
CA PHE B 211 -2.33 -14.49 5.27
C PHE B 211 -3.57 -13.87 4.62
N GLY B 212 -3.43 -13.42 3.36
CA GLY B 212 -4.57 -12.97 2.58
C GLY B 212 -4.88 -11.48 2.61
N ILE B 213 -4.50 -10.79 3.69
CA ILE B 213 -4.54 -9.34 3.70
C ILE B 213 -3.26 -8.88 3.00
N GLY B 214 -3.00 -7.58 2.98
CA GLY B 214 -1.74 -7.09 2.46
C GLY B 214 -0.63 -7.30 3.47
N MET B 215 0.57 -6.84 3.13
CA MET B 215 1.69 -6.91 4.07
C MET B 215 1.60 -5.76 5.07
N THR B 216 0.97 -4.68 4.63
CA THR B 216 0.79 -3.48 5.44
C THR B 216 -0.58 -3.40 6.11
N GLY B 217 -1.40 -4.41 5.87
CA GLY B 217 -2.74 -4.46 6.43
C GLY B 217 -3.64 -3.36 5.91
N HIS B 218 -4.56 -2.92 6.76
CA HIS B 218 -5.47 -1.82 6.46
C HIS B 218 -4.75 -0.48 6.62
N GLY B 219 -3.55 -0.52 7.19
CA GLY B 219 -2.68 0.64 7.29
C GLY B 219 -2.85 1.48 8.55
N ASN B 220 -3.70 1.03 9.46
CA ASN B 220 -4.10 1.83 10.61
C ASN B 220 -2.95 2.06 11.60
N ARG B 221 -2.65 3.32 11.87
CA ARG B 221 -1.44 3.72 12.59
C ARG B 221 -1.36 3.30 14.06
N GLU B 222 -2.49 3.21 14.75
CA GLU B 222 -2.48 2.84 16.16
C GLU B 222 -2.54 1.34 16.48
N THR B 223 -3.26 0.56 15.68
CA THR B 223 -3.30 -0.89 15.91
C THR B 223 -2.21 -1.70 15.19
N GLU B 224 -1.95 -1.38 13.93
CA GLU B 224 -1.05 -2.20 13.12
C GLU B 224 0.41 -1.72 12.97
N MET B 225 0.67 -0.47 13.32
CA MET B 225 2.00 0.12 13.19
C MET B 225 2.79 0.34 14.50
N VAL B 226 2.39 -0.33 15.57
CA VAL B 226 3.10 -0.23 16.84
C VAL B 226 4.49 -0.88 16.79
N PRO B 227 5.55 -0.08 16.99
CA PRO B 227 6.94 -0.56 16.90
C PRO B 227 7.29 -1.66 17.90
N VAL B 228 8.22 -2.51 17.50
CA VAL B 228 8.70 -3.62 18.30
C VAL B 228 10.14 -3.33 18.76
N ILE B 229 10.36 -3.23 20.06
CA ILE B 229 11.68 -2.92 20.60
C ILE B 229 12.49 -4.03 21.29
N GLY B 230 11.92 -5.23 21.44
CA GLY B 230 12.61 -6.28 22.17
C GLY B 230 11.76 -7.52 22.39
N ILE B 231 12.35 -8.53 23.04
CA ILE B 231 11.68 -9.80 23.28
C ILE B 231 11.61 -10.10 24.76
N ASP B 232 10.44 -10.54 25.23
CA ASP B 232 10.34 -11.06 26.59
C ASP B 232 9.46 -12.32 26.61
N ASN B 233 10.08 -13.48 26.76
CA ASN B 233 9.40 -14.78 26.72
C ASN B 233 9.13 -15.42 28.08
N SER B 234 9.34 -14.65 29.15
CA SER B 234 9.33 -15.16 30.52
C SER B 234 8.00 -15.75 31.01
N ASP B 235 6.96 -15.67 30.18
CA ASP B 235 5.67 -16.27 30.49
C ASP B 235 5.65 -17.74 30.06
N LEU B 236 6.81 -18.27 29.71
CA LEU B 236 6.92 -19.66 29.28
C LEU B 236 7.67 -20.54 30.29
N PRO B 246 8.40 0.23 36.29
CA PRO B 246 9.35 -0.55 37.06
C PRO B 246 10.61 0.19 37.50
N VAL B 247 11.14 1.10 36.69
CA VAL B 247 12.46 1.66 37.02
C VAL B 247 12.45 2.74 38.12
N GLY B 248 11.33 3.38 38.41
CA GLY B 248 11.37 4.50 39.34
C GLY B 248 10.18 4.64 40.25
N LYS B 249 10.20 5.65 41.13
CA LYS B 249 9.14 5.86 42.12
C LYS B 249 7.81 5.73 41.40
N PRO B 250 6.83 5.07 42.04
CA PRO B 250 5.68 4.55 41.28
C PRO B 250 4.94 5.62 40.48
N GLY B 251 5.10 6.89 40.83
CA GLY B 251 4.46 7.96 40.11
C GLY B 251 5.36 8.78 39.20
N SER B 252 6.63 8.40 39.07
CA SER B 252 7.59 9.22 38.36
C SER B 252 7.43 9.15 36.85
N PHE B 253 8.22 9.95 36.14
CA PHE B 253 8.17 9.93 34.68
C PHE B 253 8.74 8.62 34.16
N ALA B 254 9.84 8.16 34.75
CA ALA B 254 10.52 6.95 34.30
C ALA B 254 9.59 5.74 34.29
N SER B 255 8.66 5.69 35.24
CA SER B 255 7.75 4.56 35.37
C SER B 255 6.78 4.46 34.19
N THR B 256 6.63 5.54 33.43
CA THR B 256 5.73 5.58 32.28
C THR B 256 6.39 5.02 31.01
N GLN B 257 7.67 4.73 31.09
CA GLN B 257 8.47 4.41 29.90
C GLN B 257 8.97 2.98 29.95
N PRO B 258 9.35 2.42 28.78
CA PRO B 258 9.97 1.08 28.78
C PRO B 258 11.20 1.08 29.67
N PRO B 259 11.30 0.09 30.57
CA PRO B 259 12.39 0.09 31.55
C PRO B 259 13.77 0.09 30.92
N LYS B 260 14.04 -0.74 29.91
CA LYS B 260 15.38 -0.73 29.36
C LYS B 260 15.66 0.56 28.57
N LEU B 261 14.63 1.17 27.99
CA LEU B 261 14.87 2.45 27.31
C LEU B 261 15.40 3.46 28.32
N VAL B 262 14.78 3.51 29.49
CA VAL B 262 15.21 4.44 30.54
C VAL B 262 16.67 4.18 30.96
N LYS B 263 17.01 2.92 31.21
CA LYS B 263 18.37 2.60 31.62
C LYS B 263 19.37 2.89 30.51
N LEU B 264 18.95 2.64 29.28
CA LEU B 264 19.81 2.90 28.13
C LEU B 264 20.07 4.40 28.04
N ILE B 265 19.02 5.20 28.20
CA ILE B 265 19.14 6.64 28.14
C ILE B 265 19.98 7.19 29.29
N LEU B 266 19.84 6.63 30.48
CA LEU B 266 20.62 7.09 31.62
C LEU B 266 22.11 6.84 31.44
N SER B 267 22.47 5.73 30.78
CA SER B 267 23.87 5.43 30.51
C SER B 267 24.47 6.43 29.54
N GLN B 268 23.70 6.79 28.52
CA GLN B 268 24.15 7.75 27.52
C GLN B 268 24.41 9.12 28.15
N LEU B 269 23.65 9.46 29.17
CA LEU B 269 23.84 10.73 29.85
C LEU B 269 24.77 10.62 31.05
N GLY B 270 25.13 9.40 31.43
CA GLY B 270 25.97 9.19 32.61
C GLY B 270 25.25 9.54 33.90
N LEU B 271 24.00 9.09 34.01
CA LEU B 271 23.20 9.32 35.22
C LEU B 271 22.79 7.99 35.85
N SER B 272 22.82 7.93 37.17
CA SER B 272 22.38 6.74 37.91
C SER B 272 20.90 6.65 38.28
N ASP B 273 20.32 7.77 38.73
CA ASP B 273 18.99 7.73 39.35
C ASP B 273 17.88 8.02 38.35
N PRO B 274 16.98 7.04 38.13
CA PRO B 274 15.84 7.19 37.21
C PRO B 274 15.00 8.44 37.50
N ASP B 275 15.06 8.93 38.72
CA ASP B 275 14.21 10.02 39.15
C ASP B 275 14.79 11.38 38.74
N SER B 276 15.97 11.34 38.13
CA SER B 276 16.62 12.56 37.62
C SER B 276 16.07 12.98 36.26
N ILE B 277 15.29 12.11 35.62
CA ILE B 277 14.68 12.44 34.33
C ILE B 277 13.26 12.94 34.55
N LEU B 278 13.04 14.23 34.32
CA LEU B 278 11.72 14.82 34.52
C LEU B 278 10.80 14.52 33.36
N ASN B 279 11.39 14.47 32.17
CA ASN B 279 10.67 14.22 30.93
C ASN B 279 11.67 14.12 29.79
N TRP B 280 11.21 13.65 28.63
CA TRP B 280 12.05 13.70 27.44
C TRP B 280 11.19 13.85 26.19
N GLU B 281 11.83 14.28 25.12
CA GLU B 281 11.19 14.33 23.81
C GLU B 281 11.99 13.46 22.86
N LEU B 282 11.46 12.28 22.54
CA LEU B 282 12.21 11.32 21.75
C LEU B 282 11.41 10.89 20.54
N GLU B 283 12.10 10.65 19.43
CA GLU B 283 11.44 10.22 18.21
C GLU B 283 12.18 9.05 17.59
N LEU B 284 11.49 8.37 16.69
CA LEU B 284 12.11 7.31 15.90
C LEU B 284 12.53 7.87 14.56
N PHE B 285 13.74 7.54 14.14
CA PHE B 285 14.24 7.92 12.83
C PHE B 285 14.90 6.72 12.19
N ASP B 286 15.14 6.79 10.89
CA ASP B 286 15.77 5.69 10.18
C ASP B 286 17.26 5.68 10.47
N ALA B 287 17.75 4.54 10.96
CA ALA B 287 19.15 4.41 11.34
C ALA B 287 20.09 4.39 10.14
N GLN B 288 19.55 4.11 8.95
CA GLN B 288 20.37 3.94 7.76
C GLN B 288 21.06 5.24 7.34
N PRO B 289 22.40 5.22 7.26
CA PRO B 289 23.15 6.44 6.94
C PRO B 289 22.82 7.01 5.57
N ALA B 290 22.93 8.33 5.46
CA ALA B 290 22.87 8.99 4.16
C ALA B 290 24.04 8.51 3.32
N THR B 291 23.80 8.35 2.01
CA THR B 291 24.82 7.82 1.12
C THR B 291 24.71 8.40 -0.28
N VAL B 292 25.76 8.23 -1.06
CA VAL B 292 25.71 8.52 -2.48
C VAL B 292 25.45 7.23 -3.24
N GLY B 293 24.71 7.35 -4.34
CA GLY B 293 24.29 6.18 -5.08
C GLY B 293 24.10 6.43 -6.56
N GLY B 294 23.78 5.36 -7.28
CA GLY B 294 23.70 5.40 -8.72
C GLY B 294 24.98 4.85 -9.31
N LEU B 295 24.95 4.52 -10.60
CA LEU B 295 26.12 3.96 -11.26
C LEU B 295 27.32 4.90 -11.19
N ASP B 296 27.05 6.19 -11.36
CA ASP B 296 28.09 7.22 -11.27
C ASP B 296 28.12 7.99 -9.95
N LYS B 297 27.32 7.55 -8.98
CA LYS B 297 27.18 8.24 -7.68
C LYS B 297 26.64 9.65 -7.86
N GLU B 298 25.63 9.77 -8.72
CA GLU B 298 24.95 11.04 -8.97
C GLU B 298 23.84 11.31 -7.96
N PHE B 299 23.49 10.29 -7.17
CA PHE B 299 22.36 10.38 -6.27
C PHE B 299 22.78 10.48 -4.82
N ILE B 300 21.95 11.14 -4.03
CA ILE B 300 22.06 11.05 -2.59
C ILE B 300 20.80 10.38 -2.04
N PHE B 301 20.98 9.25 -1.36
CA PHE B 301 19.89 8.59 -0.67
C PHE B 301 19.96 8.96 0.80
N ALA B 302 18.94 9.65 1.29
CA ALA B 302 18.87 10.05 2.68
C ALA B 302 17.43 10.29 3.11
N GLY B 303 17.16 10.12 4.39
CA GLY B 303 15.86 10.44 4.95
C GLY B 303 15.85 11.80 5.63
N ARG B 304 14.65 12.35 5.83
CA ARG B 304 14.44 13.68 6.41
C ARG B 304 14.96 14.79 5.52
N ILE B 305 14.92 14.56 4.21
CA ILE B 305 15.35 15.59 3.28
C ILE B 305 14.35 16.74 3.25
N ASP B 306 13.06 16.50 3.50
CA ASP B 306 12.13 17.62 3.35
C ASP B 306 12.62 18.69 4.32
N ASP B 307 13.24 19.66 3.64
CA ASP B 307 13.94 20.87 4.10
C ASP B 307 15.15 20.84 5.03
N LYS B 308 15.57 19.71 5.56
CA LYS B 308 16.93 19.73 6.11
C LYS B 308 17.89 20.07 4.97
N LEU B 309 17.52 19.72 3.75
CA LEU B 309 18.33 20.00 2.57
C LEU B 309 18.42 21.50 2.24
N CYS B 310 17.28 22.16 2.05
CA CYS B 310 17.31 23.59 1.75
C CYS B 310 17.83 24.41 2.93
N SER B 311 17.48 23.98 4.14
CA SER B 311 17.94 24.69 5.34
C SER B 311 19.46 24.62 5.47
N TRP B 312 20.02 23.43 5.32
CA TRP B 312 21.46 23.25 5.44
C TRP B 312 22.19 24.08 4.41
N ALA B 313 21.70 24.06 3.17
CA ALA B 313 22.33 24.82 2.10
C ALA B 313 22.26 26.31 2.40
N ALA B 314 21.13 26.76 2.90
CA ALA B 314 20.98 28.17 3.28
C ALA B 314 21.96 28.52 4.40
N PHE B 315 22.04 27.67 5.41
CA PHE B 315 22.96 27.86 6.53
C PHE B 315 24.41 27.95 6.03
N MET B 316 24.81 27.02 5.16
CA MET B 316 26.17 27.02 4.64
C MET B 316 26.45 28.26 3.80
N ALA B 317 25.44 28.73 3.08
CA ALA B 317 25.58 29.94 2.29
C ALA B 317 25.97 31.12 3.18
N LEU B 318 25.25 31.28 4.29
CA LEU B 318 25.53 32.35 5.23
C LEU B 318 26.97 32.26 5.73
N LEU B 319 27.39 31.08 6.15
CA LEU B 319 28.76 30.87 6.62
C LEU B 319 29.78 31.23 5.55
N HIS B 320 29.43 31.00 4.29
CA HIS B 320 30.32 31.24 3.16
C HIS B 320 30.11 32.58 2.46
N ALA B 321 29.23 33.42 3.00
CA ALA B 321 28.91 34.69 2.36
C ALA B 321 30.04 35.70 2.47
N LYS B 322 30.10 36.64 1.53
CA LYS B 322 31.04 37.75 1.61
C LYS B 322 30.78 38.61 2.83
N ARG B 323 31.83 39.13 3.45
CA ARG B 323 31.67 40.36 4.20
C ARG B 323 32.57 41.41 3.56
N ALA B 324 32.00 42.19 2.66
CA ALA B 324 32.76 43.22 1.96
C ALA B 324 32.65 44.47 2.80
N PRO B 325 33.67 45.34 2.75
CA PRO B 325 33.56 46.58 3.51
C PRO B 325 32.44 47.50 3.00
N THR B 326 31.97 47.24 1.78
CA THR B 326 30.89 48.05 1.21
C THR B 326 29.49 47.43 1.35
N ASP B 327 29.37 46.32 2.06
CA ASP B 327 28.07 45.70 2.26
C ASP B 327 27.20 46.54 3.20
N GLY B 328 26.04 46.95 2.70
CA GLY B 328 25.15 47.81 3.47
C GLY B 328 23.93 47.10 4.04
N VAL B 329 23.73 45.85 3.66
CA VAL B 329 22.55 45.13 4.12
C VAL B 329 22.88 44.16 5.25
N ILE B 330 21.82 43.57 5.82
CA ILE B 330 21.94 42.50 6.78
C ILE B 330 21.66 41.20 6.05
N LYS B 331 22.51 40.20 6.26
CA LYS B 331 22.32 38.90 5.63
C LYS B 331 21.85 37.91 6.67
N LEU B 332 20.66 37.35 6.46
CA LEU B 332 19.99 36.60 7.51
C LEU B 332 19.46 35.26 7.04
N VAL B 333 19.60 34.25 7.89
CA VAL B 333 18.98 32.95 7.66
C VAL B 333 18.13 32.59 8.87
N ALA B 334 16.90 32.17 8.61
CA ALA B 334 16.00 31.76 9.67
C ALA B 334 15.54 30.32 9.44
N LEU B 335 15.87 29.45 10.38
CA LEU B 335 15.43 28.07 10.31
C LEU B 335 14.38 27.82 11.38
N PHE B 336 13.21 27.38 10.94
CA PHE B 336 12.04 27.26 11.80
C PHE B 336 11.69 25.80 12.05
N ASP B 337 10.94 25.59 13.12
CA ASP B 337 10.41 24.28 13.46
C ASP B 337 8.91 24.34 13.18
N ASP B 338 8.30 23.17 13.03
CA ASP B 338 6.85 22.98 12.84
C ASP B 338 6.25 23.37 11.49
N GLU B 339 6.92 23.13 10.38
CA GLU B 339 6.34 23.59 9.12
C GLU B 339 5.19 22.73 8.59
N GLU B 340 5.30 21.42 8.71
CA GLU B 340 4.28 20.60 8.09
C GLU B 340 3.07 20.37 9.01
N ILE B 341 3.07 21.02 10.17
CA ILE B 341 1.83 21.26 10.91
C ILE B 341 1.27 22.71 10.74
N GLY B 342 1.81 23.46 9.78
CA GLY B 342 1.22 24.76 9.45
C GLY B 342 1.99 25.96 9.96
N SER B 343 3.08 25.68 10.69
CA SER B 343 4.01 26.67 11.22
C SER B 343 3.44 27.73 12.14
N LEU B 344 2.48 27.35 12.99
CA LEU B 344 1.89 28.33 13.88
C LEU B 344 2.06 27.90 15.31
N LEU B 345 3.25 28.15 15.83
CA LEU B 345 3.59 27.84 17.20
C LEU B 345 4.75 28.75 17.56
N ARG B 346 5.03 28.94 18.84
CA ARG B 346 6.14 29.81 19.24
C ARG B 346 7.39 29.76 18.36
N GLN B 347 7.79 28.56 17.91
CA GLN B 347 8.97 28.42 17.08
C GLN B 347 8.66 28.42 15.58
N GLY B 348 7.38 28.45 15.23
CA GLY B 348 6.95 28.33 13.85
C GLY B 348 7.14 29.59 13.02
N ALA B 349 7.09 29.43 11.70
CA ALA B 349 7.32 30.55 10.79
C ALA B 349 6.18 31.55 10.86
N ARG B 350 5.02 31.09 11.30
CA ARG B 350 3.86 31.95 11.44
C ARG B 350 3.86 32.73 12.73
N GLY B 351 4.94 32.55 13.48
CA GLY B 351 5.03 33.14 14.79
C GLY B 351 5.78 34.44 14.82
N ASN B 352 5.81 34.99 16.04
CA ASN B 352 6.51 36.19 16.38
C ASN B 352 8.01 36.16 16.04
N PHE B 353 8.60 34.97 16.01
CA PHE B 353 10.06 34.80 16.11
C PHE B 353 10.89 35.72 15.20
N LEU B 354 10.76 35.57 13.89
CA LEU B 354 11.60 36.38 13.01
C LEU B 354 11.26 37.88 13.01
N PRO B 355 9.95 38.25 13.00
CA PRO B 355 9.67 39.68 13.06
C PRO B 355 10.22 40.39 14.31
N ILE B 356 10.01 39.85 15.50
CA ILE B 356 10.45 40.53 16.72
C ILE B 356 11.98 40.58 16.77
N THR B 357 12.63 39.54 16.26
CA THR B 357 14.08 39.51 16.22
C THR B 357 14.57 40.66 15.35
N ILE B 358 13.95 40.82 14.19
CA ILE B 358 14.32 41.90 13.28
C ILE B 358 14.07 43.26 13.92
N GLU B 359 12.91 43.43 14.57
CA GLU B 359 12.61 44.70 15.22
C GLU B 359 13.62 45.02 16.31
N ARG B 360 14.00 44.00 17.08
CA ARG B 360 15.00 44.16 18.11
C ARG B 360 16.36 44.61 17.54
N ILE B 361 16.78 43.98 16.44
CA ILE B 361 18.03 44.35 15.80
C ILE B 361 17.99 45.80 15.36
N LEU B 362 16.91 46.19 14.70
CA LEU B 362 16.77 47.55 14.21
C LEU B 362 16.71 48.56 15.35
N GLU B 363 15.95 48.23 16.40
CA GLU B 363 15.86 49.13 17.56
C GLU B 363 17.21 49.27 18.25
N SER B 364 18.03 48.23 18.18
CA SER B 364 19.36 48.31 18.75
C SER B 364 20.18 49.36 18.00
N PHE B 365 20.24 49.24 16.68
CA PHE B 365 21.02 50.19 15.89
C PHE B 365 20.42 51.59 15.92
N CYS B 366 19.14 51.70 16.23
CA CYS B 366 18.53 53.01 16.39
C CYS B 366 19.02 53.69 17.66
N SER B 367 19.35 52.92 18.69
CA SER B 367 19.93 53.48 19.91
C SER B 367 21.33 54.02 19.67
N SER B 368 22.18 53.20 19.04
CA SER B 368 23.57 53.53 18.80
C SER B 368 23.72 54.82 18.00
N ASN B 369 22.78 55.04 17.08
CA ASN B 369 22.79 56.16 16.16
C ASN B 369 21.87 57.33 16.54
N SER B 370 21.26 57.25 17.72
CA SER B 370 20.29 58.24 18.20
C SER B 370 19.31 58.62 17.10
N VAL B 371 18.57 57.62 16.66
CA VAL B 371 17.50 57.77 15.70
C VAL B 371 16.28 57.14 16.36
N PRO B 372 15.10 57.75 16.19
CA PRO B 372 13.92 57.14 16.82
C PRO B 372 13.56 55.81 16.19
N PHE B 373 13.27 54.81 17.01
CA PHE B 373 12.77 53.55 16.49
C PHE B 373 11.26 53.59 16.44
N GLY B 374 10.70 53.08 15.35
CA GLY B 374 9.26 53.02 15.19
C GLY B 374 8.87 52.41 13.86
N PRO B 375 7.57 52.44 13.54
CA PRO B 375 7.13 51.98 12.23
C PRO B 375 7.58 52.98 11.18
N GLY B 376 8.11 52.50 10.06
CA GLY B 376 8.55 53.45 9.06
C GLY B 376 10.00 53.85 9.15
N ILE B 377 10.69 53.49 10.23
CA ILE B 377 12.08 53.11 10.06
C ILE B 377 12.03 51.62 9.73
N LEU B 378 11.21 50.89 10.50
CA LEU B 378 10.81 49.55 10.14
C LEU B 378 9.73 49.69 9.07
N GLY B 379 9.96 49.07 7.93
CA GLY B 379 9.12 49.25 6.77
C GLY B 379 9.81 50.08 5.72
N GLN B 380 10.72 50.97 6.11
CA GLN B 380 11.71 51.44 5.16
C GLN B 380 12.69 50.29 4.97
N THR B 381 13.10 49.64 6.06
CA THR B 381 13.98 48.49 5.95
C THR B 381 13.27 47.34 5.24
N TYR B 382 12.01 47.08 5.61
CA TYR B 382 11.25 46.01 4.97
C TYR B 382 11.12 46.24 3.47
N ALA B 383 10.93 47.50 3.08
CA ALA B 383 10.76 47.85 1.67
C ALA B 383 12.04 47.65 0.86
N ARG B 384 13.18 47.65 1.53
CA ARG B 384 14.46 47.41 0.88
C ARG B 384 14.90 45.97 1.00
N SER B 385 14.03 45.13 1.54
CA SER B 385 14.38 43.74 1.82
C SER B 385 13.85 42.76 0.77
N PHE B 386 14.28 41.51 0.88
CA PHE B 386 13.79 40.42 0.03
C PHE B 386 13.88 39.14 0.82
N LEU B 387 12.88 38.28 0.68
CA LEU B 387 12.83 37.02 1.42
C LEU B 387 12.81 35.84 0.48
N VAL B 388 13.83 34.98 0.55
CA VAL B 388 13.75 33.72 -0.16
C VAL B 388 13.23 32.66 0.81
N SER B 389 12.00 32.22 0.57
CA SER B 389 11.41 31.15 1.36
C SER B 389 11.65 29.83 0.66
N SER B 390 12.48 28.99 1.25
CA SER B 390 12.94 27.81 0.54
C SER B 390 12.47 26.50 1.16
N ASP B 391 11.58 25.82 0.45
CA ASP B 391 11.21 24.45 0.74
C ASP B 391 11.56 23.62 -0.48
N VAL B 392 11.85 22.34 -0.28
CA VAL B 392 12.17 21.46 -1.39
C VAL B 392 11.00 21.35 -2.38
N THR B 393 11.32 21.07 -3.63
CA THR B 393 10.32 20.94 -4.69
C THR B 393 10.42 19.56 -5.34
N HIS B 394 9.38 19.19 -6.09
CA HIS B 394 9.33 17.88 -6.74
C HIS B 394 10.13 17.86 -8.03
N ALA B 395 11.15 17.00 -8.07
CA ALA B 395 11.86 16.75 -9.31
C ALA B 395 10.93 15.98 -10.26
N ALA B 396 11.27 16.00 -11.55
CA ALA B 396 10.53 15.19 -12.52
C ALA B 396 10.56 13.73 -12.10
N HIS B 397 9.39 13.11 -12.04
CA HIS B 397 9.37 11.69 -11.70
C HIS B 397 9.29 10.86 -12.97
N PRO B 398 10.28 9.99 -13.18
CA PRO B 398 10.37 9.29 -14.47
C PRO B 398 9.28 8.25 -14.67
N ASN B 399 8.70 7.74 -13.59
CA ASN B 399 7.64 6.76 -13.70
C ASN B 399 6.20 7.20 -13.39
N PHE B 400 6.02 8.43 -12.91
CA PHE B 400 4.69 9.00 -12.96
C PHE B 400 4.77 10.29 -13.78
N THR B 401 4.58 10.15 -15.09
CA THR B 401 4.85 11.27 -15.97
C THR B 401 3.58 12.07 -16.13
N GLN B 402 2.48 11.47 -15.70
CA GLN B 402 1.20 12.16 -15.61
C GLN B 402 1.30 13.36 -14.69
N THR B 403 2.21 13.29 -13.71
CA THR B 403 2.36 14.35 -12.71
C THR B 403 3.45 15.35 -13.07
N ASN B 404 4.13 15.13 -14.19
CA ASN B 404 5.17 16.04 -14.65
C ASN B 404 4.61 17.06 -15.64
N LEU B 405 4.56 18.30 -15.21
CA LEU B 405 4.09 19.39 -16.07
C LEU B 405 5.25 19.90 -16.93
N PRO B 406 5.16 19.69 -18.26
CA PRO B 406 6.28 20.00 -19.15
C PRO B 406 6.72 21.47 -19.08
N GLY B 407 8.04 21.66 -19.04
CA GLY B 407 8.65 22.96 -18.94
C GLY B 407 8.80 23.40 -17.50
N HIS B 408 7.97 22.81 -16.64
CA HIS B 408 7.92 23.08 -15.20
C HIS B 408 8.34 21.95 -14.25
N SER B 409 9.08 20.95 -14.74
CA SER B 409 9.46 19.78 -13.93
C SER B 409 10.98 19.61 -13.80
N PRO B 410 11.57 20.11 -12.69
CA PRO B 410 13.02 20.25 -12.52
C PRO B 410 13.83 18.95 -12.46
N ARG B 411 15.01 19.02 -13.07
CA ARG B 411 16.00 17.96 -13.11
C ARG B 411 16.92 17.89 -11.88
N LEU B 412 17.50 16.73 -11.63
CA LEU B 412 18.54 16.62 -10.61
C LEU B 412 19.89 17.09 -11.14
N ASN B 413 20.73 17.60 -10.22
CA ASN B 413 22.07 18.08 -10.53
C ASN B 413 22.10 19.17 -11.60
N VAL B 414 21.22 20.16 -11.46
CA VAL B 414 21.18 21.29 -12.38
C VAL B 414 21.19 22.59 -11.59
N GLY B 415 20.21 22.75 -10.72
CA GLY B 415 20.17 23.92 -9.88
C GLY B 415 18.80 24.08 -9.24
N VAL B 416 18.67 25.15 -8.48
CA VAL B 416 17.45 25.40 -7.74
C VAL B 416 16.28 25.74 -8.68
N ALA B 417 15.07 25.34 -8.28
CA ALA B 417 13.88 25.65 -9.04
C ALA B 417 13.10 26.77 -8.38
N LEU B 418 12.63 27.71 -9.20
CA LEU B 418 11.70 28.72 -8.72
C LEU B 418 10.31 28.10 -8.81
N CYS B 419 9.62 28.04 -7.66
CA CYS B 419 8.31 27.44 -7.58
C CYS B 419 7.23 28.50 -7.83
N VAL B 420 6.35 28.24 -8.79
CA VAL B 420 5.30 29.18 -9.13
C VAL B 420 3.94 28.52 -8.97
N ASP B 421 2.92 29.28 -8.58
CA ASP B 421 1.58 28.72 -8.53
C ASP B 421 0.59 29.61 -9.27
N THR B 427 3.91 32.66 -3.86
CA THR B 427 4.69 33.87 -3.60
C THR B 427 5.36 34.42 -4.84
N THR B 428 6.04 33.55 -5.57
CA THR B 428 6.84 33.95 -6.72
C THR B 428 5.99 34.66 -7.75
N ASP B 429 6.58 35.63 -8.43
CA ASP B 429 5.88 36.41 -9.45
C ASP B 429 6.92 37.00 -10.40
N SER B 430 6.44 37.72 -11.41
CA SER B 430 7.32 38.21 -12.46
C SER B 430 8.45 39.08 -11.93
N VAL B 431 8.17 39.87 -10.90
CA VAL B 431 9.22 40.70 -10.31
C VAL B 431 10.21 39.83 -9.52
N SER B 432 9.69 38.97 -8.65
CA SER B 432 10.54 38.05 -7.89
C SER B 432 11.40 37.20 -8.83
N MET B 433 10.83 36.78 -9.95
CA MET B 433 11.57 35.95 -10.90
C MET B 433 12.65 36.73 -11.63
N ALA B 434 12.38 38.00 -11.94
CA ALA B 434 13.38 38.84 -12.60
C ALA B 434 14.57 39.08 -11.68
N ILE B 435 14.30 39.22 -10.39
CA ILE B 435 15.35 39.45 -9.42
C ILE B 435 16.23 38.22 -9.25
N LEU B 436 15.62 37.06 -9.03
CA LEU B 436 16.40 35.85 -8.78
C LEU B 436 17.04 35.29 -10.05
N ASP B 437 16.43 35.53 -11.21
CA ASP B 437 17.08 35.15 -12.46
C ASP B 437 18.33 36.00 -12.66
N ARG B 438 18.26 37.26 -12.26
CA ARG B 438 19.38 38.18 -12.39
C ARG B 438 20.52 37.80 -11.45
N ILE B 439 20.17 37.46 -10.21
CA ILE B 439 21.16 37.02 -9.22
C ILE B 439 21.82 35.73 -9.64
N ALA B 440 21.03 34.80 -10.18
CA ALA B 440 21.55 33.54 -10.67
C ALA B 440 22.64 33.77 -11.71
N GLU B 441 22.46 34.81 -12.52
CA GLU B 441 23.34 35.05 -13.65
C GLU B 441 24.66 35.68 -13.21
N LEU B 442 24.62 36.46 -12.12
CA LEU B 442 25.83 36.99 -11.52
C LEU B 442 26.55 35.91 -10.73
N SER B 443 25.82 34.88 -10.33
CA SER B 443 26.36 33.78 -9.53
C SER B 443 26.86 32.59 -10.34
N GLY B 444 26.55 32.58 -11.64
CA GLY B 444 26.85 31.43 -12.46
C GLY B 444 25.93 30.26 -12.15
N CYS B 445 24.66 30.57 -11.89
CA CYS B 445 23.66 29.56 -11.58
C CYS B 445 22.57 29.54 -12.65
N VAL B 446 22.02 28.36 -12.93
CA VAL B 446 20.85 28.27 -13.78
C VAL B 446 19.65 27.93 -12.90
N ASN B 447 18.58 28.72 -13.05
CA ASN B 447 17.36 28.51 -12.27
C ASN B 447 16.36 27.68 -13.04
N GLN B 448 15.81 26.66 -12.40
CA GLN B 448 14.75 25.88 -13.02
C GLN B 448 13.40 26.45 -12.60
N ARG B 449 12.32 25.88 -13.16
CA ARG B 449 10.96 26.28 -12.78
C ARG B 449 10.20 25.06 -12.27
N HIS B 450 9.37 25.28 -11.26
CA HIS B 450 8.53 24.20 -10.74
C HIS B 450 7.09 24.64 -10.61
N MET B 451 6.17 23.80 -11.08
CA MET B 451 4.75 24.07 -10.95
C MET B 451 3.95 22.76 -10.95
N ILE B 452 2.93 22.68 -10.11
CA ILE B 452 2.08 21.49 -10.09
C ILE B 452 0.94 21.67 -11.09
N GLY B 463 7.44 28.29 5.51
CA GLY B 463 6.45 29.28 5.88
C GLY B 463 6.60 30.40 4.89
N PRO B 464 6.03 30.21 3.69
CA PRO B 464 6.37 31.06 2.55
C PRO B 464 5.97 32.53 2.71
N MET B 465 5.00 32.78 3.58
CA MET B 465 4.39 34.10 3.75
C MET B 465 4.80 34.94 4.98
N LEU B 466 5.96 34.67 5.57
CA LEU B 466 6.60 35.72 6.37
C LEU B 466 6.57 37.03 5.58
N SER B 467 6.52 36.88 4.26
CA SER B 467 6.19 37.92 3.32
C SER B 467 4.96 38.74 3.71
N ALA B 468 3.91 38.09 4.19
CA ALA B 468 2.70 38.81 4.58
C ALA B 468 2.86 39.51 5.93
N ALA B 469 3.48 38.83 6.88
CA ALA B 469 3.67 39.40 8.21
C ALA B 469 4.61 40.61 8.19
N MET B 470 5.62 40.57 7.32
CA MET B 470 6.54 41.70 7.16
C MET B 470 6.35 42.58 5.92
N GLY B 471 5.43 42.21 5.04
CA GLY B 471 5.27 42.96 3.79
C GLY B 471 6.54 43.05 2.98
N VAL B 472 7.31 41.97 2.98
CA VAL B 472 8.58 41.92 2.26
C VAL B 472 8.39 41.19 0.94
N LYS B 473 9.00 41.72 -0.12
CA LYS B 473 9.00 41.02 -1.39
C LYS B 473 9.67 39.67 -1.22
N ALA B 474 9.16 38.68 -1.92
CA ALA B 474 9.55 37.31 -1.63
C ALA B 474 9.37 36.39 -2.82
N ALA B 475 9.99 35.22 -2.74
CA ALA B 475 9.79 34.18 -3.73
C ALA B 475 9.89 32.83 -3.05
N ASP B 476 9.21 31.83 -3.61
CA ASP B 476 9.38 30.47 -3.15
C ASP B 476 10.34 29.73 -4.05
N VAL B 477 11.32 29.11 -3.40
CA VAL B 477 12.49 28.59 -4.06
C VAL B 477 12.73 27.19 -3.51
N GLY B 478 13.18 26.26 -4.34
CA GLY B 478 13.45 24.94 -3.82
C GLY B 478 14.42 24.09 -4.60
N ILE B 479 15.10 23.21 -3.87
CA ILE B 479 16.00 22.24 -4.45
C ILE B 479 15.20 21.00 -4.81
N PRO B 480 15.31 20.54 -6.06
CA PRO B 480 14.44 19.43 -6.48
C PRO B 480 14.76 18.13 -5.76
N GLN B 481 13.71 17.32 -5.59
CA GLN B 481 13.80 16.08 -4.85
C GLN B 481 12.72 15.12 -5.32
N LEU B 482 12.98 13.82 -5.19
CA LEU B 482 11.99 12.79 -5.45
C LEU B 482 11.54 12.18 -4.13
N SER B 483 10.32 11.64 -4.12
CA SER B 483 9.83 10.89 -2.97
C SER B 483 9.82 11.74 -1.70
N MET B 484 9.32 12.96 -1.83
CA MET B 484 9.15 13.85 -0.69
C MET B 484 8.22 13.20 0.35
N HIS B 485 8.59 13.31 1.63
CA HIS B 485 7.87 12.75 2.78
C HIS B 485 8.05 11.25 2.97
N SER B 486 8.83 10.61 2.11
CA SER B 486 9.23 9.23 2.34
C SER B 486 10.20 9.18 3.53
N ILE B 487 10.33 8.02 4.16
CA ILE B 487 11.29 7.87 5.25
C ILE B 487 12.71 7.91 4.69
N ARG B 488 12.85 7.62 3.40
CA ARG B 488 14.12 7.76 2.71
C ARG B 488 13.91 8.33 1.31
N ALA B 489 14.46 9.51 1.04
CA ALA B 489 14.19 10.22 -0.22
C ALA B 489 15.44 10.34 -1.07
N MET B 490 15.33 11.08 -2.16
CA MET B 490 16.40 11.14 -3.15
C MET B 490 16.59 12.54 -3.75
N THR B 491 17.85 12.90 -3.95
CA THR B 491 18.22 14.11 -4.67
C THR B 491 19.50 13.81 -5.44
N GLY B 492 19.98 14.78 -6.23
CA GLY B 492 21.26 14.64 -6.90
C GLY B 492 22.42 14.97 -5.97
N SER B 493 23.57 14.35 -6.20
CA SER B 493 24.70 14.52 -5.31
C SER B 493 25.25 15.95 -5.32
N LEU B 494 25.01 16.69 -6.41
CA LEU B 494 25.48 18.06 -6.50
C LEU B 494 24.44 19.08 -6.06
N ASP B 495 23.24 18.61 -5.75
CA ASP B 495 22.15 19.52 -5.39
C ASP B 495 22.37 20.30 -4.08
N PRO B 496 22.96 19.67 -3.04
CA PRO B 496 23.28 20.52 -1.89
C PRO B 496 24.24 21.66 -2.23
N GLY B 497 25.32 21.37 -2.95
CA GLY B 497 26.29 22.38 -3.32
C GLY B 497 25.68 23.45 -4.21
N LEU B 498 24.96 23.03 -5.24
CA LEU B 498 24.29 23.98 -6.13
C LEU B 498 23.31 24.85 -5.33
N GLY B 499 22.77 24.28 -4.25
CA GLY B 499 21.91 25.02 -3.35
C GLY B 499 22.65 26.15 -2.65
N VAL B 500 23.77 25.82 -2.00
CA VAL B 500 24.52 26.85 -1.28
C VAL B 500 25.04 27.90 -2.27
N LYS B 501 25.34 27.48 -3.50
CA LYS B 501 25.86 28.38 -4.51
C LYS B 501 24.84 29.46 -4.87
N PHE B 502 23.58 29.05 -5.04
CA PHE B 502 22.53 30.00 -5.35
C PHE B 502 22.19 30.90 -4.17
N TYR B 503 22.05 30.30 -2.98
CA TYR B 503 21.73 31.09 -1.80
C TYR B 503 22.83 32.09 -1.50
N LYS B 504 24.08 31.66 -1.58
CA LYS B 504 25.19 32.58 -1.38
C LYS B 504 25.10 33.73 -2.37
N GLY B 505 24.81 33.41 -3.63
CA GLY B 505 24.65 34.43 -4.64
C GLY B 505 23.61 35.47 -4.25
N PHE B 506 22.48 35.00 -3.75
CA PHE B 506 21.41 35.90 -3.32
C PHE B 506 21.86 36.80 -2.16
N LEU B 507 22.48 36.21 -1.15
CA LEU B 507 22.95 36.98 0.00
C LEU B 507 23.97 38.05 -0.44
N ASP B 508 24.90 37.66 -1.31
CA ASP B 508 25.96 38.57 -1.73
C ASP B 508 25.50 39.65 -2.71
N PHE B 509 24.58 39.28 -3.61
CA PHE B 509 24.19 40.20 -4.68
C PHE B 509 22.86 40.95 -4.53
N TRP B 510 22.09 40.69 -3.46
CA TRP B 510 20.75 41.28 -3.38
C TRP B 510 20.79 42.82 -3.38
N GLU B 511 21.70 43.39 -2.59
CA GLU B 511 21.80 44.83 -2.47
C GLU B 511 22.16 45.48 -3.81
N GLU B 512 23.09 44.84 -4.53
CA GLU B 512 23.50 45.34 -5.84
C GLU B 512 22.34 45.32 -6.83
N VAL B 513 21.64 44.20 -6.90
CA VAL B 513 20.54 44.04 -7.85
C VAL B 513 19.38 44.99 -7.53
N ASP B 514 19.11 45.19 -6.24
CA ASP B 514 18.04 46.09 -5.84
C ASP B 514 18.25 47.50 -6.39
N LEU B 515 19.49 47.90 -6.55
CA LEU B 515 19.80 49.24 -7.06
C LEU B 515 19.76 49.28 -8.59
N GLU B 516 19.53 48.15 -9.23
CA GLU B 516 19.33 48.14 -10.67
C GLU B 516 17.86 48.44 -11.01
N TRP B 517 17.04 48.56 -9.96
CA TRP B 517 15.60 48.77 -10.15
C TRP B 517 15.17 50.21 -9.91
N SER B 518 13.89 50.47 -10.13
CA SER B 518 13.27 51.76 -9.80
C SER B 518 11.76 51.59 -9.63
N ARG C 50 -28.73 60.61 -8.65
CA ARG C 50 -27.28 60.45 -8.53
C ARG C 50 -26.72 59.02 -8.74
N PRO C 51 -27.47 57.95 -8.35
CA PRO C 51 -26.83 56.65 -8.54
C PRO C 51 -26.64 56.30 -10.02
N GLU C 52 -27.56 56.75 -10.86
CA GLU C 52 -27.45 56.57 -12.29
C GLU C 52 -26.22 57.27 -12.86
N HIS C 53 -25.75 58.31 -12.17
CA HIS C 53 -24.57 59.03 -12.63
C HIS C 53 -23.30 58.18 -12.60
N PHE C 54 -23.36 57.04 -11.92
CA PHE C 54 -22.19 56.17 -11.87
C PHE C 54 -22.22 54.97 -12.82
N THR C 55 -23.32 54.80 -13.53
CA THR C 55 -23.49 53.62 -14.37
C THR C 55 -22.44 53.53 -15.48
N GLN C 56 -22.36 54.55 -16.33
CA GLN C 56 -21.41 54.50 -17.44
C GLN C 56 -19.94 54.61 -17.00
N PRO C 57 -19.62 55.51 -16.04
CA PRO C 57 -18.24 55.48 -15.55
C PRO C 57 -17.82 54.12 -14.97
N TYR C 58 -18.75 53.39 -14.37
CA TYR C 58 -18.42 52.03 -13.91
C TYR C 58 -18.23 51.11 -15.12
N LEU C 59 -19.09 51.27 -16.11
CA LEU C 59 -18.98 50.48 -17.35
C LEU C 59 -17.65 50.70 -18.04
N ASP C 60 -17.22 51.96 -18.14
CA ASP C 60 -15.95 52.26 -18.77
C ASP C 60 -14.78 51.69 -17.95
N PHE C 61 -14.87 51.80 -16.64
CA PHE C 61 -13.84 51.26 -15.75
C PHE C 61 -13.64 49.77 -15.96
N MET C 62 -14.74 49.02 -15.96
CA MET C 62 -14.68 47.57 -16.14
C MET C 62 -14.10 47.18 -17.49
N THR C 63 -14.53 47.88 -18.53
CA THR C 63 -14.14 47.54 -19.90
C THR C 63 -12.64 47.72 -20.14
N HIS C 64 -12.07 48.82 -19.64
CA HIS C 64 -10.70 49.17 -19.98
C HIS C 64 -9.62 48.84 -18.93
N ASN C 65 -10.00 48.17 -17.84
CA ASN C 65 -9.02 47.77 -16.82
C ASN C 65 -9.15 46.31 -16.42
N PRO C 66 -8.72 45.39 -17.29
CA PRO C 66 -8.99 43.96 -17.13
C PRO C 66 -8.18 43.27 -16.04
N THR C 67 -7.04 43.85 -15.65
CA THR C 67 -6.17 43.19 -14.68
C THR C 67 -6.01 44.05 -13.44
N VAL C 68 -5.57 43.41 -12.35
CA VAL C 68 -5.35 44.11 -11.09
C VAL C 68 -4.35 45.25 -11.28
N PHE C 69 -3.41 45.08 -12.21
CA PHE C 69 -2.39 46.10 -12.45
C PHE C 69 -2.99 47.33 -13.11
N HIS C 70 -3.99 47.13 -13.96
CA HIS C 70 -4.70 48.26 -14.56
C HIS C 70 -5.56 48.98 -13.55
N VAL C 71 -6.13 48.22 -12.61
CA VAL C 71 -7.01 48.82 -11.61
C VAL C 71 -6.24 49.80 -10.74
N VAL C 72 -5.06 49.39 -10.26
CA VAL C 72 -4.23 50.26 -9.44
C VAL C 72 -3.76 51.48 -10.22
N ASP C 73 -3.42 51.28 -11.49
CA ASP C 73 -3.00 52.40 -12.34
C ASP C 73 -4.15 53.37 -12.56
N TYR C 74 -5.36 52.82 -12.72
CA TYR C 74 -6.56 53.66 -12.87
C TYR C 74 -6.79 54.48 -11.61
N CYS C 75 -6.75 53.83 -10.46
CA CYS C 75 -6.95 54.51 -9.19
C CYS C 75 -5.87 55.57 -8.97
N LYS C 76 -4.64 55.24 -9.36
CA LYS C 76 -3.51 56.12 -9.12
C LYS C 76 -3.64 57.43 -9.88
N GLN C 77 -4.06 57.37 -11.14
CA GLN C 77 -4.13 58.59 -11.95
C GLN C 77 -5.32 59.47 -11.53
N LYS C 78 -6.41 58.87 -11.06
CA LYS C 78 -7.53 59.68 -10.57
C LYS C 78 -7.19 60.33 -9.24
N LEU C 79 -6.47 59.62 -8.38
CA LEU C 79 -6.04 60.19 -7.11
C LEU C 79 -5.08 61.35 -7.32
N LEU C 80 -4.19 61.21 -8.30
CA LEU C 80 -3.23 62.27 -8.61
C LEU C 80 -3.93 63.49 -9.20
N LYS C 81 -4.93 63.25 -10.04
CA LYS C 81 -5.68 64.33 -10.66
C LYS C 81 -6.54 65.05 -9.62
N ALA C 82 -6.85 64.34 -8.53
CA ALA C 82 -7.65 64.89 -7.43
C ALA C 82 -6.79 65.55 -6.35
N GLY C 83 -5.48 65.56 -6.55
CA GLY C 83 -4.58 66.25 -5.64
C GLY C 83 -3.98 65.40 -4.53
N TYR C 84 -4.12 64.09 -4.63
CA TYR C 84 -3.53 63.21 -3.63
C TYR C 84 -2.02 63.14 -3.81
N VAL C 85 -1.31 62.92 -2.70
CA VAL C 85 0.15 62.83 -2.73
C VAL C 85 0.61 61.41 -2.43
N GLU C 86 1.49 60.88 -3.27
CA GLU C 86 1.98 59.51 -3.09
C GLU C 86 3.04 59.42 -1.98
N LEU C 87 2.86 58.46 -1.08
CA LEU C 87 3.85 58.20 -0.05
C LEU C 87 4.63 56.93 -0.38
N PRO C 88 5.87 57.09 -0.85
CA PRO C 88 6.69 55.91 -1.15
C PRO C 88 7.13 55.23 0.14
N ALA C 89 7.14 53.89 0.13
CA ALA C 89 7.44 53.13 1.34
C ALA C 89 8.91 53.26 1.76
N ARG C 90 9.79 53.56 0.82
CA ARG C 90 11.22 53.64 1.13
C ARG C 90 11.60 55.01 1.68
N ASP C 91 10.67 55.96 1.66
CA ASP C 91 10.90 57.31 2.18
C ASP C 91 10.32 57.47 3.57
N SER C 92 10.93 58.34 4.37
CA SER C 92 10.37 58.70 5.66
C SER C 92 9.16 59.61 5.50
N TRP C 93 8.07 59.29 6.20
CA TRP C 93 6.89 60.14 6.18
C TRP C 93 6.74 61.06 7.40
N THR C 94 7.56 60.88 8.43
CA THR C 94 7.19 61.40 9.75
C THR C 94 7.19 62.92 9.81
N GLY C 95 7.81 63.55 8.82
CA GLY C 95 7.64 64.99 8.67
C GLY C 95 6.32 65.36 8.03
N LYS C 96 6.00 64.66 6.94
CA LYS C 96 5.25 65.24 5.82
C LYS C 96 3.72 65.18 5.80
N LEU C 97 3.09 64.67 6.85
CA LEU C 97 1.64 64.55 6.84
C LEU C 97 0.97 65.71 7.59
N VAL C 98 -0.17 66.13 7.05
CA VAL C 98 -0.79 67.39 7.44
C VAL C 98 -2.31 67.20 7.56
N PRO C 99 -2.94 67.82 8.57
CA PRO C 99 -4.40 67.78 8.59
C PRO C 99 -4.99 68.45 7.36
N GLY C 100 -5.99 67.82 6.74
CA GLY C 100 -6.53 68.31 5.49
C GLY C 100 -5.82 67.74 4.28
N GLY C 101 -4.74 66.99 4.52
CA GLY C 101 -3.95 66.41 3.45
C GLY C 101 -4.58 65.18 2.82
N LYS C 102 -4.14 64.83 1.63
CA LYS C 102 -4.65 63.65 0.94
C LYS C 102 -3.49 62.85 0.36
N TYR C 103 -3.52 61.54 0.60
CA TYR C 103 -2.39 60.68 0.33
C TYR C 103 -2.79 59.30 -0.14
N PHE C 104 -1.87 58.61 -0.80
CA PHE C 104 -2.06 57.22 -1.13
C PHE C 104 -0.72 56.49 -1.12
N THR C 105 -0.77 55.16 -1.02
CA THR C 105 0.43 54.36 -1.02
C THR C 105 0.21 53.07 -1.82
N THR C 106 1.29 52.50 -2.33
CA THR C 106 1.21 51.40 -3.28
C THR C 106 2.14 50.25 -2.90
N ARG C 107 1.69 49.01 -3.15
CA ARG C 107 2.53 47.84 -2.96
C ARG C 107 2.41 46.86 -4.14
N ASN C 108 3.53 46.63 -4.82
CA ASN C 108 3.64 45.76 -6.00
C ASN C 108 2.76 46.23 -7.16
N GLY C 109 2.32 47.49 -7.11
CA GLY C 109 1.50 48.04 -8.17
C GLY C 109 0.17 47.31 -8.34
N SER C 110 -0.08 46.33 -7.46
CA SER C 110 -1.36 45.63 -7.39
C SER C 110 -2.21 45.91 -6.13
N SER C 111 -1.68 46.69 -5.21
CA SER C 111 -2.40 47.02 -3.98
C SER C 111 -2.25 48.51 -3.69
N ILE C 112 -3.31 49.13 -3.20
CA ILE C 112 -3.28 50.56 -2.95
C ILE C 112 -4.13 50.93 -1.73
N ILE C 113 -3.60 51.86 -0.94
CA ILE C 113 -4.31 52.44 0.19
C ILE C 113 -4.33 53.96 0.01
N ALA C 114 -5.53 54.53 0.00
CA ALA C 114 -5.68 55.98 -0.12
C ALA C 114 -6.47 56.52 1.06
N PHE C 115 -6.14 57.72 1.50
CA PHE C 115 -6.84 58.29 2.64
C PHE C 115 -6.80 59.82 2.65
N THR C 116 -7.74 60.41 3.38
CA THR C 116 -7.76 61.84 3.63
C THR C 116 -7.71 62.08 5.13
N VAL C 117 -6.93 63.07 5.54
CA VAL C 117 -6.84 63.41 6.95
C VAL C 117 -7.74 64.60 7.24
N GLY C 118 -8.68 64.40 8.16
CA GLY C 118 -9.58 65.47 8.54
C GLY C 118 -8.83 66.67 9.06
N GLN C 119 -9.37 67.87 8.83
CA GLN C 119 -8.68 69.09 9.26
C GLN C 119 -8.65 69.20 10.78
N ALA C 120 -9.60 68.55 11.45
CA ALA C 120 -9.69 68.57 12.91
C ALA C 120 -8.97 67.39 13.56
N TYR C 121 -8.24 66.64 12.75
CA TYR C 121 -7.55 65.44 13.24
C TYR C 121 -6.46 65.73 14.28
N LYS C 122 -6.44 64.91 15.32
CA LYS C 122 -5.35 64.84 16.29
C LYS C 122 -5.04 63.37 16.59
N PRO C 123 -3.79 63.07 16.96
CA PRO C 123 -3.44 61.70 17.33
C PRO C 123 -4.37 61.13 18.40
N GLY C 124 -4.86 59.92 18.14
CA GLY C 124 -5.83 59.29 19.02
C GLY C 124 -7.22 59.27 18.42
N ASN C 125 -7.44 60.07 17.37
CA ASN C 125 -8.73 60.08 16.68
C ASN C 125 -8.88 58.84 15.81
N GLY C 126 -10.13 58.46 15.52
CA GLY C 126 -10.42 57.22 14.85
C GLY C 126 -10.37 57.28 13.33
N ILE C 127 -10.38 56.10 12.73
CA ILE C 127 -10.35 55.96 11.28
C ILE C 127 -11.63 55.32 10.78
N ALA C 128 -12.21 55.90 9.73
CA ALA C 128 -13.30 55.23 9.03
C ALA C 128 -12.69 54.60 7.79
N MET C 129 -12.59 53.28 7.79
CA MET C 129 -11.88 52.61 6.71
C MET C 129 -12.74 51.58 6.02
N ILE C 130 -12.54 51.46 4.70
CA ILE C 130 -13.21 50.45 3.90
C ILE C 130 -12.15 49.59 3.24
N ALA C 131 -12.35 48.27 3.26
CA ALA C 131 -11.42 47.36 2.63
C ALA C 131 -12.11 46.48 1.60
N GLY C 132 -11.43 46.25 0.48
CA GLY C 132 -11.92 45.38 -0.57
C GLY C 132 -10.77 44.78 -1.36
N HIS C 133 -11.06 43.83 -2.23
CA HIS C 133 -10.03 43.25 -3.07
C HIS C 133 -10.28 43.57 -4.54
N ILE C 134 -9.21 43.85 -5.27
CA ILE C 134 -9.32 44.11 -6.70
C ILE C 134 -8.81 43.00 -7.62
N ASP C 135 -8.36 41.88 -7.07
CA ASP C 135 -8.04 40.75 -7.92
C ASP C 135 -9.34 40.07 -8.32
N ALA C 136 -9.32 39.37 -9.46
CA ALA C 136 -10.48 38.65 -9.93
C ALA C 136 -10.04 37.30 -10.50
N LEU C 137 -10.95 36.33 -10.51
CA LEU C 137 -10.62 35.00 -11.02
C LEU C 137 -10.16 35.12 -12.47
N THR C 138 -8.99 34.60 -12.77
CA THR C 138 -8.41 34.76 -14.10
C THR C 138 -7.46 33.62 -14.44
N ALA C 139 -6.94 33.63 -15.66
CA ALA C 139 -6.04 32.57 -16.10
C ALA C 139 -4.68 33.16 -16.47
N ARG C 140 -3.66 32.86 -15.66
CA ARG C 140 -2.32 33.39 -15.88
C ARG C 140 -1.56 32.55 -16.91
N LEU C 141 -0.75 33.21 -17.73
CA LEU C 141 0.20 32.52 -18.58
C LEU C 141 1.24 31.81 -17.72
N LYS C 142 1.59 30.58 -18.09
CA LYS C 142 2.62 29.83 -17.39
C LYS C 142 3.96 30.54 -17.61
N PRO C 143 4.95 30.27 -16.73
CA PRO C 143 6.32 30.73 -16.99
C PRO C 143 6.80 30.37 -18.40
N THR C 144 6.53 29.14 -18.83
CA THR C 144 6.70 28.79 -20.24
C THR C 144 5.33 28.55 -20.83
N SER C 145 4.85 29.51 -21.62
CA SER C 145 3.52 29.41 -22.19
C SER C 145 3.52 28.74 -23.56
N VAL C 146 4.70 28.60 -24.15
CA VAL C 146 4.79 28.03 -25.48
C VAL C 146 4.34 26.57 -25.44
N LYS C 147 3.69 26.13 -26.51
CA LYS C 147 3.18 24.77 -26.63
C LYS C 147 3.54 24.24 -28.00
N PRO C 148 3.54 22.90 -28.15
CA PRO C 148 3.73 22.35 -29.50
C PRO C 148 2.52 22.66 -30.37
N THR C 149 2.75 23.09 -31.60
CA THR C 149 1.63 23.23 -32.53
C THR C 149 1.06 21.84 -32.77
N LYS C 150 -0.25 21.72 -32.62
CA LYS C 150 -0.93 20.44 -32.58
C LYS C 150 -2.15 20.47 -33.49
N GLU C 151 -2.20 19.53 -34.44
CA GLU C 151 -3.26 19.49 -35.46
C GLU C 151 -3.43 20.85 -36.15
N GLY C 152 -2.32 21.57 -36.33
CA GLY C 152 -2.35 22.83 -37.02
C GLY C 152 -2.67 24.04 -36.15
N TYR C 153 -2.93 23.80 -34.88
CA TYR C 153 -3.28 24.88 -33.96
C TYR C 153 -2.09 25.30 -33.10
N VAL C 154 -1.93 26.61 -32.94
CA VAL C 154 -0.97 27.14 -31.98
C VAL C 154 -1.70 27.38 -30.67
N GLN C 155 -1.16 26.82 -29.59
CA GLN C 155 -1.84 26.90 -28.30
C GLN C 155 -1.00 27.67 -27.28
N LEU C 156 -1.55 27.83 -26.08
CA LEU C 156 -0.94 28.66 -25.05
C LEU C 156 -1.03 27.98 -23.68
N GLY C 157 0.11 27.81 -23.02
CA GLY C 157 0.11 27.30 -21.67
C GLY C 157 -0.39 28.31 -20.65
N VAL C 158 -1.43 27.95 -19.91
CA VAL C 158 -1.94 28.82 -18.86
C VAL C 158 -2.25 28.01 -17.61
N ALA C 159 -2.41 28.72 -16.50
CA ALA C 159 -2.78 28.10 -15.23
C ALA C 159 -3.93 28.88 -14.63
N GLN C 160 -4.96 28.19 -14.15
CA GLN C 160 -6.06 28.89 -13.50
C GLN C 160 -5.57 29.49 -12.19
N TYR C 161 -5.79 30.78 -12.02
CA TYR C 161 -5.33 31.51 -10.85
C TYR C 161 -6.09 31.12 -9.58
N ALA C 162 -7.41 31.19 -9.56
CA ALA C 162 -8.11 30.53 -8.47
C ALA C 162 -9.33 29.74 -8.91
N GLY C 163 -9.14 28.46 -9.20
CA GLY C 163 -10.23 27.63 -9.70
C GLY C 163 -11.03 28.36 -10.78
N ALA C 164 -10.36 29.24 -11.52
CA ALA C 164 -11.05 30.21 -12.36
C ALA C 164 -11.69 29.57 -13.56
N LEU C 165 -10.93 28.74 -14.29
CA LEU C 165 -11.48 28.20 -15.51
C LEU C 165 -12.59 27.27 -15.07
N ASN C 166 -13.80 27.64 -15.46
CA ASN C 166 -14.96 26.86 -15.12
C ASN C 166 -15.84 26.84 -16.33
N GLU C 167 -17.01 26.24 -16.19
CA GLU C 167 -17.88 26.01 -17.34
C GLU C 167 -18.07 27.26 -18.20
N THR C 168 -18.17 28.43 -17.58
CA THR C 168 -18.46 29.65 -18.33
C THR C 168 -17.27 30.17 -19.16
N TRP C 169 -16.10 29.57 -19.01
CA TRP C 169 -14.90 30.04 -19.73
C TRP C 169 -14.77 29.47 -21.14
N TRP C 170 -15.58 28.46 -21.46
CA TRP C 170 -15.57 27.87 -22.80
C TRP C 170 -16.16 28.84 -23.82
N ASP C 171 -15.67 28.78 -25.05
CA ASP C 171 -16.18 29.55 -26.19
C ASP C 171 -16.41 31.03 -25.89
N ARG C 172 -15.43 31.63 -25.22
CA ARG C 172 -15.45 33.05 -24.94
C ARG C 172 -14.33 33.72 -25.74
N ASP C 173 -14.51 35.00 -26.06
CA ASP C 173 -13.48 35.71 -26.82
C ASP C 173 -12.51 36.28 -25.79
N LEU C 174 -11.32 35.70 -25.73
CA LEU C 174 -10.37 36.05 -24.68
C LEU C 174 -9.23 36.88 -25.22
N SER C 175 -8.91 37.95 -24.50
CA SER C 175 -7.77 38.77 -24.86
C SER C 175 -6.70 38.61 -23.78
N VAL C 176 -5.57 39.29 -23.96
CA VAL C 176 -4.46 39.13 -23.03
C VAL C 176 -3.97 40.50 -22.57
N GLY C 177 -3.54 40.57 -21.31
CA GLY C 177 -3.03 41.80 -20.74
C GLY C 177 -2.30 41.53 -19.45
N GLY C 178 -1.65 42.55 -18.91
CA GLY C 178 -0.89 42.39 -17.69
C GLY C 178 0.25 43.39 -17.65
N ARG C 179 1.31 43.04 -16.94
CA ARG C 179 2.50 43.87 -16.92
C ARG C 179 3.70 43.14 -17.53
N VAL C 180 4.65 43.91 -18.01
CA VAL C 180 5.87 43.38 -18.60
C VAL C 180 7.07 43.96 -17.85
N ILE C 181 8.04 43.12 -17.53
CA ILE C 181 9.25 43.62 -16.92
C ILE C 181 10.26 43.88 -18.03
N VAL C 182 10.47 45.15 -18.34
CA VAL C 182 11.36 45.51 -19.43
C VAL C 182 12.66 46.09 -18.89
N LYS C 183 13.72 45.82 -19.63
CA LYS C 183 15.02 46.37 -19.40
C LYS C 183 15.15 47.64 -20.24
N ASP C 184 15.30 48.76 -19.54
CA ASP C 184 15.28 50.08 -20.14
C ASP C 184 16.57 50.37 -20.92
N PRO C 185 16.49 50.57 -22.26
CA PRO C 185 17.76 50.70 -22.99
C PRO C 185 18.55 51.96 -22.66
N LYS C 186 17.87 53.10 -22.57
CA LYS C 186 18.49 54.35 -22.18
C LYS C 186 19.16 54.25 -20.80
N THR C 187 18.36 54.00 -19.76
CA THR C 187 18.87 54.02 -18.40
C THR C 187 19.65 52.77 -17.99
N GLY C 188 19.16 51.60 -18.39
CA GLY C 188 19.69 50.35 -17.88
C GLY C 188 18.98 49.94 -16.60
N LYS C 189 17.92 50.67 -16.25
CA LYS C 189 17.12 50.33 -15.07
C LYS C 189 16.10 49.26 -15.41
N THR C 190 15.77 48.42 -14.44
CA THR C 190 14.65 47.52 -14.59
C THR C 190 13.37 48.27 -14.27
N THR C 191 12.38 48.14 -15.15
CA THR C 191 11.11 48.88 -15.03
C THR C 191 9.91 47.97 -15.33
N VAL C 192 8.71 48.52 -15.17
CA VAL C 192 7.48 47.77 -15.40
C VAL C 192 6.53 48.56 -16.29
N LYS C 193 5.94 47.88 -17.27
CA LYS C 193 5.04 48.51 -18.24
C LYS C 193 3.73 47.74 -18.33
N LEU C 194 2.63 48.44 -18.56
CA LEU C 194 1.33 47.80 -18.73
C LEU C 194 1.06 47.54 -20.21
N VAL C 195 0.38 46.44 -20.48
CA VAL C 195 0.16 46.02 -21.87
C VAL C 195 -1.21 45.37 -22.01
N LYS C 196 -1.86 45.62 -23.15
CA LYS C 196 -3.16 45.04 -23.42
C LYS C 196 -3.36 44.86 -24.92
N VAL C 197 -3.82 43.69 -25.36
CA VAL C 197 -4.15 43.53 -26.78
C VAL C 197 -5.63 43.83 -26.96
N ASP C 198 -5.95 44.61 -28.00
CA ASP C 198 -7.29 45.19 -28.14
C ASP C 198 -8.30 44.32 -28.89
N TRP C 199 -7.88 43.14 -29.33
CA TRP C 199 -8.77 42.20 -30.01
C TRP C 199 -8.58 40.80 -29.40
N PRO C 200 -9.59 39.93 -29.53
CA PRO C 200 -9.45 38.61 -28.91
C PRO C 200 -8.32 37.79 -29.54
N VAL C 201 -7.36 37.36 -28.73
CA VAL C 201 -6.29 36.50 -29.25
C VAL C 201 -6.43 35.02 -28.91
N ALA C 202 -7.29 34.69 -27.96
CA ALA C 202 -7.31 33.32 -27.42
C ALA C 202 -8.72 32.82 -27.23
N ARG C 203 -8.88 31.50 -27.30
CA ARG C 203 -10.18 30.87 -27.17
C ARG C 203 -10.06 29.43 -26.68
N ILE C 204 -10.96 29.01 -25.80
CA ILE C 204 -10.99 27.62 -25.36
C ILE C 204 -12.22 26.96 -25.99
N PRO C 205 -12.00 26.23 -27.10
CA PRO C 205 -13.15 25.71 -27.86
C PRO C 205 -13.78 24.45 -27.26
N THR C 206 -15.11 24.41 -27.26
CA THR C 206 -15.84 23.20 -26.88
C THR C 206 -15.77 22.15 -27.97
N LEU C 207 -16.09 20.92 -27.59
CA LEU C 207 -16.25 19.83 -28.55
C LEU C 207 -17.73 19.71 -28.92
N ALA C 208 -18.01 19.37 -30.17
CA ALA C 208 -19.38 19.16 -30.61
C ALA C 208 -20.04 18.05 -29.79
N PRO C 209 -21.35 18.16 -29.53
CA PRO C 209 -22.03 17.14 -28.73
C PRO C 209 -22.12 15.80 -29.46
N HIS C 210 -21.95 15.84 -30.78
CA HIS C 210 -22.10 14.66 -31.62
C HIS C 210 -21.17 13.50 -31.24
N PHE C 211 -20.10 13.80 -30.53
CA PHE C 211 -19.05 12.80 -30.28
C PHE C 211 -19.31 11.92 -29.05
N GLY C 212 -20.44 12.13 -28.37
CA GLY C 212 -20.85 11.25 -27.28
C GLY C 212 -20.37 11.68 -25.90
N ILE C 213 -19.29 12.44 -25.85
CA ILE C 213 -18.86 13.10 -24.62
C ILE C 213 -19.77 14.30 -24.44
N GLY C 214 -19.52 15.13 -23.44
CA GLY C 214 -20.17 16.43 -23.36
C GLY C 214 -19.48 17.39 -24.30
N MET C 215 -19.90 18.65 -24.27
CA MET C 215 -19.20 19.69 -25.01
C MET C 215 -17.98 20.12 -24.22
N THR C 216 -18.06 19.95 -22.91
CA THR C 216 -17.01 20.37 -21.99
C THR C 216 -16.06 19.24 -21.62
N GLY C 217 -16.34 18.05 -22.13
CA GLY C 217 -15.53 16.89 -21.80
C GLY C 217 -15.65 16.54 -20.32
N HIS C 218 -14.59 15.95 -19.79
CA HIS C 218 -14.54 15.60 -18.38
C HIS C 218 -14.20 16.84 -17.55
N GLY C 219 -13.85 17.92 -18.24
CA GLY C 219 -13.66 19.22 -17.62
C GLY C 219 -12.24 19.49 -17.16
N ASN C 220 -11.35 18.53 -17.37
CA ASN C 220 -9.98 18.65 -16.88
C ASN C 220 -9.26 19.83 -17.52
N ARG C 221 -8.78 20.74 -16.67
CA ARG C 221 -8.29 22.04 -17.12
C ARG C 221 -6.91 21.97 -17.75
N GLU C 222 -6.18 20.89 -17.49
CA GLU C 222 -4.81 20.80 -17.99
C GLU C 222 -4.71 20.26 -19.42
N THR C 223 -5.47 19.23 -19.76
CA THR C 223 -5.45 18.76 -21.15
C THR C 223 -6.59 19.22 -22.07
N GLU C 224 -7.75 19.55 -21.50
CA GLU C 224 -8.92 19.88 -22.33
C GLU C 224 -9.26 21.36 -22.48
N MET C 225 -8.71 22.18 -21.60
CA MET C 225 -8.96 23.62 -21.60
C MET C 225 -7.82 24.48 -22.11
N VAL C 226 -6.89 23.88 -22.85
CA VAL C 226 -5.76 24.63 -23.42
C VAL C 226 -6.20 25.62 -24.51
N PRO C 227 -6.01 26.93 -24.26
CA PRO C 227 -6.46 27.98 -25.19
C PRO C 227 -5.82 27.86 -26.57
N VAL C 228 -6.55 28.33 -27.57
CA VAL C 228 -6.09 28.32 -28.95
C VAL C 228 -5.83 29.76 -29.41
N ILE C 229 -4.58 30.05 -29.79
CA ILE C 229 -4.19 31.39 -30.21
C ILE C 229 -3.90 31.66 -31.70
N GLY C 230 -3.97 30.64 -32.56
CA GLY C 230 -3.62 30.84 -33.95
C GLY C 230 -3.58 29.57 -34.77
N ILE C 231 -3.24 29.72 -36.05
CA ILE C 231 -3.18 28.60 -36.99
C ILE C 231 -1.78 28.44 -37.58
N ASP C 232 -1.25 27.23 -37.59
CA ASP C 232 -0.09 26.96 -38.42
C ASP C 232 -0.19 25.60 -39.12
N ASN C 233 -0.40 25.62 -40.43
CA ASN C 233 -0.57 24.40 -41.23
C ASN C 233 0.66 23.96 -42.02
N SER C 234 1.82 24.57 -41.74
CA SER C 234 2.99 24.42 -42.60
C SER C 234 3.54 22.99 -42.73
N ASP C 235 2.97 22.05 -41.97
CA ASP C 235 3.36 20.64 -42.05
C ASP C 235 2.60 19.94 -43.18
N LEU C 236 1.97 20.73 -44.05
CA LEU C 236 1.24 20.19 -45.18
C LEU C 236 1.89 20.54 -46.51
N PRO C 246 11.51 30.79 -31.23
CA PRO C 246 12.07 31.37 -32.45
C PRO C 246 12.38 32.86 -32.36
N VAL C 247 12.22 33.43 -31.18
CA VAL C 247 12.57 34.83 -30.98
C VAL C 247 13.40 34.99 -29.70
N GLY C 248 14.56 35.64 -29.82
CA GLY C 248 15.44 35.83 -28.68
C GLY C 248 16.59 34.84 -28.62
N LYS C 249 17.62 35.17 -27.84
CA LYS C 249 18.72 34.26 -27.57
C LYS C 249 18.09 32.97 -27.04
N PRO C 250 18.65 31.81 -27.41
CA PRO C 250 17.94 30.57 -27.06
C PRO C 250 17.72 30.38 -25.55
N GLY C 251 18.45 31.11 -24.71
CA GLY C 251 18.29 30.99 -23.28
C GLY C 251 17.42 32.05 -22.63
N SER C 252 16.95 33.01 -23.42
CA SER C 252 16.25 34.17 -22.88
C SER C 252 14.80 33.89 -22.51
N PHE C 253 14.15 34.88 -21.90
CA PHE C 253 12.76 34.74 -21.51
C PHE C 253 11.86 34.69 -22.74
N ALA C 254 12.16 35.51 -23.74
CA ALA C 254 11.34 35.58 -24.94
C ALA C 254 11.22 34.20 -25.60
N SER C 255 12.26 33.39 -25.51
CA SER C 255 12.26 32.07 -26.13
C SER C 255 11.27 31.11 -25.47
N THR C 256 10.84 31.40 -24.25
CA THR C 256 9.90 30.52 -23.55
C THR C 256 8.44 30.78 -23.94
N GLN C 257 8.23 31.80 -24.77
CA GLN C 257 6.89 32.27 -25.06
C GLN C 257 6.55 32.09 -26.54
N PRO C 258 5.25 32.12 -26.89
CA PRO C 258 4.89 32.09 -28.31
C PRO C 258 5.52 33.25 -29.07
N PRO C 259 6.20 32.95 -30.18
CA PRO C 259 6.95 33.98 -30.91
C PRO C 259 6.08 35.16 -31.35
N LYS C 260 4.87 34.93 -31.86
CA LYS C 260 4.12 36.11 -32.26
C LYS C 260 3.47 36.82 -31.07
N LEU C 261 3.33 36.14 -29.94
CA LEU C 261 2.89 36.87 -28.76
C LEU C 261 3.95 37.89 -28.38
N VAL C 262 5.21 37.46 -28.34
CA VAL C 262 6.30 38.35 -27.97
C VAL C 262 6.38 39.58 -28.89
N LYS C 263 6.34 39.35 -30.20
CA LYS C 263 6.41 40.47 -31.14
C LYS C 263 5.22 41.40 -31.02
N LEU C 264 4.05 40.83 -30.70
CA LEU C 264 2.85 41.64 -30.54
C LEU C 264 3.00 42.53 -29.31
N ILE C 265 3.55 41.97 -28.24
CA ILE C 265 3.75 42.73 -27.01
C ILE C 265 4.82 43.81 -27.19
N LEU C 266 5.88 43.49 -27.93
CA LEU C 266 6.95 44.46 -28.14
C LEU C 266 6.51 45.67 -28.96
N SER C 267 5.61 45.46 -29.92
CA SER C 267 5.15 46.57 -30.74
C SER C 267 4.35 47.55 -29.88
N GLN C 268 3.49 47.02 -29.02
CA GLN C 268 2.68 47.84 -28.12
C GLN C 268 3.53 48.66 -27.16
N LEU C 269 4.69 48.13 -26.78
CA LEU C 269 5.59 48.86 -25.89
C LEU C 269 6.64 49.65 -26.68
N GLY C 270 6.58 49.55 -28.01
CA GLY C 270 7.50 50.26 -28.87
C GLY C 270 8.95 49.83 -28.69
N LEU C 271 9.17 48.52 -28.63
CA LEU C 271 10.50 47.96 -28.43
C LEU C 271 10.86 46.98 -29.53
N SER C 272 12.09 47.06 -30.03
CA SER C 272 12.58 46.13 -31.05
C SER C 272 13.23 44.82 -30.58
N ASP C 273 14.07 44.89 -29.53
CA ASP C 273 14.90 43.75 -29.15
C ASP C 273 14.18 42.82 -28.19
N PRO C 274 13.93 41.57 -28.61
CA PRO C 274 13.25 40.56 -27.79
C PRO C 274 13.87 40.36 -26.41
N ASP C 275 15.15 40.68 -26.29
CA ASP C 275 15.87 40.39 -25.06
C ASP C 275 15.77 41.54 -24.06
N SER C 276 15.03 42.58 -24.44
CA SER C 276 14.70 43.67 -23.52
C SER C 276 13.60 43.26 -22.55
N ILE C 277 12.93 42.16 -22.84
CA ILE C 277 11.89 41.66 -21.95
C ILE C 277 12.48 40.62 -21.01
N LEU C 278 12.58 40.96 -19.72
CA LEU C 278 13.13 40.03 -18.74
C LEU C 278 12.08 39.04 -18.26
N ASN C 279 10.82 39.48 -18.23
CA ASN C 279 9.70 38.66 -17.78
C ASN C 279 8.41 39.42 -17.98
N TRP C 280 7.29 38.73 -17.84
CA TRP C 280 6.02 39.40 -17.81
C TRP C 280 4.99 38.65 -16.97
N GLU C 281 3.95 39.37 -16.57
CA GLU C 281 2.83 38.77 -15.88
C GLU C 281 1.58 39.02 -16.71
N LEU C 282 1.11 37.99 -17.39
CA LEU C 282 0.02 38.15 -18.35
C LEU C 282 -1.11 37.18 -18.06
N GLU C 283 -2.33 37.62 -18.29
CA GLU C 283 -3.50 36.81 -18.05
C GLU C 283 -4.48 36.90 -19.22
N LEU C 284 -5.40 35.95 -19.28
CA LEU C 284 -6.50 36.00 -20.24
C LEU C 284 -7.73 36.56 -19.54
N PHE C 285 -8.44 37.45 -20.24
CA PHE C 285 -9.68 38.01 -19.72
C PHE C 285 -10.70 38.08 -20.85
N ASP C 286 -11.97 38.22 -20.50
CA ASP C 286 -13.02 38.24 -21.49
C ASP C 286 -13.04 39.57 -22.24
N ALA C 287 -12.91 39.52 -23.55
CA ALA C 287 -12.78 40.72 -24.35
C ALA C 287 -14.09 41.48 -24.50
N GLN C 288 -15.20 40.82 -24.18
CA GLN C 288 -16.52 41.44 -24.34
C GLN C 288 -16.70 42.61 -23.39
N PRO C 289 -17.07 43.78 -23.91
CA PRO C 289 -17.23 44.98 -23.09
C PRO C 289 -18.33 44.84 -22.05
N ALA C 290 -18.16 45.52 -20.92
CA ALA C 290 -19.24 45.70 -19.97
C ALA C 290 -20.36 46.47 -20.66
N THR C 291 -21.60 46.16 -20.30
CA THR C 291 -22.74 46.78 -20.96
C THR C 291 -23.95 46.80 -20.03
N VAL C 292 -24.94 47.58 -20.41
CA VAL C 292 -26.23 47.55 -19.73
C VAL C 292 -27.17 46.68 -20.57
N GLY C 293 -28.10 46.01 -19.89
CA GLY C 293 -29.01 45.10 -20.55
C GLY C 293 -30.34 44.96 -19.82
N GLY C 294 -31.23 44.16 -20.37
CA GLY C 294 -32.57 44.02 -19.84
C GLY C 294 -33.51 44.92 -20.63
N LEU C 295 -34.81 44.67 -20.54
CA LEU C 295 -35.76 45.41 -21.37
C LEU C 295 -35.67 46.93 -21.14
N ASP C 296 -35.56 47.36 -19.89
CA ASP C 296 -35.30 48.77 -19.58
C ASP C 296 -33.87 49.09 -19.16
N LYS C 297 -32.93 48.18 -19.40
CA LYS C 297 -31.51 48.42 -19.11
C LYS C 297 -31.28 48.58 -17.61
N GLU C 298 -31.92 47.70 -16.85
CA GLU C 298 -31.75 47.67 -15.40
C GLU C 298 -30.53 46.86 -15.00
N PHE C 299 -29.98 46.10 -15.94
CA PHE C 299 -28.89 45.19 -15.64
C PHE C 299 -27.55 45.71 -16.14
N ILE C 300 -26.49 45.33 -15.44
CA ILE C 300 -25.15 45.47 -15.96
C ILE C 300 -24.58 44.08 -16.19
N PHE C 301 -24.12 43.82 -17.41
CA PHE C 301 -23.44 42.58 -17.74
C PHE C 301 -21.95 42.85 -17.84
N ALA C 302 -21.16 42.26 -16.96
CA ALA C 302 -19.71 42.41 -17.02
C ALA C 302 -19.00 41.28 -16.30
N GLY C 303 -17.75 41.03 -16.69
CA GLY C 303 -16.92 40.04 -16.01
C GLY C 303 -15.98 40.68 -15.02
N ARG C 304 -15.49 39.88 -14.08
CA ARG C 304 -14.63 40.30 -12.97
C ARG C 304 -15.37 41.23 -12.01
N ILE C 305 -16.66 40.98 -11.84
CA ILE C 305 -17.41 41.76 -10.87
C ILE C 305 -17.00 41.38 -9.44
N ASP C 306 -16.49 40.17 -9.20
CA ASP C 306 -16.24 39.87 -7.80
C ASP C 306 -15.15 40.82 -7.35
N ASP C 307 -15.68 41.77 -6.58
CA ASP C 307 -15.10 42.95 -5.93
C ASP C 307 -14.43 44.07 -6.72
N LYS C 308 -14.27 43.98 -8.03
CA LYS C 308 -14.01 45.23 -8.74
C LYS C 308 -15.19 46.16 -8.51
N LEU C 309 -16.38 45.60 -8.34
CA LEU C 309 -17.59 46.38 -8.10
C LEU C 309 -17.55 47.12 -6.75
N CYS C 310 -17.36 46.37 -5.66
CA CYS C 310 -17.34 47.01 -4.34
C CYS C 310 -16.10 47.89 -4.16
N SER C 311 -14.96 47.46 -4.71
CA SER C 311 -13.73 48.24 -4.62
C SER C 311 -13.88 49.58 -5.34
N TRP C 312 -14.42 49.53 -6.56
CA TRP C 312 -14.60 50.76 -7.32
C TRP C 312 -15.55 51.70 -6.60
N ALA C 313 -16.65 51.14 -6.08
CA ALA C 313 -17.63 51.95 -5.37
C ALA C 313 -17.02 52.59 -4.13
N ALA C 314 -16.18 51.84 -3.41
CA ALA C 314 -15.49 52.37 -2.25
C ALA C 314 -14.53 53.47 -2.65
N PHE C 315 -13.80 53.24 -3.73
CA PHE C 315 -12.83 54.21 -4.24
C PHE C 315 -13.52 55.53 -4.59
N MET C 316 -14.60 55.48 -5.37
CA MET C 316 -15.32 56.69 -5.75
C MET C 316 -15.94 57.38 -4.53
N ALA C 317 -16.29 56.59 -3.52
CA ALA C 317 -16.85 57.15 -2.29
C ALA C 317 -15.82 58.04 -1.59
N LEU C 318 -14.57 57.60 -1.56
CA LEU C 318 -13.50 58.40 -1.00
C LEU C 318 -13.35 59.69 -1.78
N LEU C 319 -13.27 59.57 -3.11
CA LEU C 319 -13.13 60.73 -3.98
C LEU C 319 -14.29 61.71 -3.84
N HIS C 320 -15.48 61.20 -3.53
CA HIS C 320 -16.66 62.04 -3.37
C HIS C 320 -16.98 62.41 -1.91
N ALA C 321 -16.11 62.02 -0.98
CA ALA C 321 -16.40 62.27 0.44
C ALA C 321 -16.19 63.72 0.85
N LYS C 322 -16.92 64.15 1.88
CA LYS C 322 -16.77 65.49 2.44
C LYS C 322 -15.37 65.70 2.98
N ARG C 323 -14.83 66.90 2.81
CA ARG C 323 -13.82 67.32 3.77
C ARG C 323 -14.30 68.58 4.48
N ALA C 324 -14.94 68.39 5.62
CA ALA C 324 -15.51 69.49 6.37
C ALA C 324 -14.43 69.98 7.31
N PRO C 325 -14.46 71.28 7.64
CA PRO C 325 -13.42 71.81 8.54
C PRO C 325 -13.47 71.18 9.93
N THR C 326 -14.60 70.56 10.25
CA THR C 326 -14.82 69.92 11.54
C THR C 326 -14.59 68.40 11.54
N ASP C 327 -14.14 67.85 10.42
CA ASP C 327 -13.86 66.41 10.36
C ASP C 327 -12.62 66.06 11.18
N GLY C 328 -12.80 65.16 12.16
CA GLY C 328 -11.73 64.80 13.07
C GLY C 328 -11.13 63.43 12.82
N VAL C 329 -11.65 62.71 11.84
CA VAL C 329 -11.24 61.33 11.59
C VAL C 329 -10.49 61.21 10.28
N ILE C 330 -9.71 60.16 10.14
CA ILE C 330 -9.12 59.81 8.87
C ILE C 330 -10.10 58.94 8.09
N LYS C 331 -10.28 59.25 6.80
CA LYS C 331 -11.15 58.47 5.93
C LYS C 331 -10.28 57.70 4.94
N LEU C 332 -10.40 56.38 4.94
CA LEU C 332 -9.41 55.55 4.25
C LEU C 332 -10.02 54.39 3.48
N VAL C 333 -9.49 54.14 2.29
CA VAL C 333 -9.88 52.98 1.51
C VAL C 333 -8.66 52.14 1.17
N ALA C 334 -8.73 50.85 1.49
CA ALA C 334 -7.65 49.92 1.22
C ALA C 334 -8.12 48.89 0.19
N LEU C 335 -7.42 48.81 -0.93
CA LEU C 335 -7.75 47.84 -1.96
C LEU C 335 -6.63 46.81 -2.06
N PHE C 336 -6.99 45.54 -1.89
CA PHE C 336 -5.99 44.49 -1.76
C PHE C 336 -5.99 43.54 -2.95
N ASP C 337 -4.87 42.85 -3.11
CA ASP C 337 -4.70 41.82 -4.12
C ASP C 337 -4.79 40.45 -3.45
N ASP C 338 -5.22 39.45 -4.23
CA ASP C 338 -5.23 38.03 -3.83
C ASP C 338 -6.19 37.60 -2.72
N GLU C 339 -7.45 38.02 -2.76
CA GLU C 339 -8.39 37.53 -1.75
C GLU C 339 -8.92 36.14 -2.09
N GLU C 340 -8.90 35.80 -3.37
CA GLU C 340 -9.39 34.49 -3.83
C GLU C 340 -8.43 33.36 -3.44
N ILE C 341 -7.21 33.74 -3.04
CA ILE C 341 -6.18 32.83 -2.54
C ILE C 341 -6.10 32.82 -0.99
N GLY C 342 -6.98 33.56 -0.33
CA GLY C 342 -6.98 33.57 1.13
C GLY C 342 -6.23 34.74 1.74
N SER C 343 -5.67 35.58 0.87
CA SER C 343 -5.06 36.86 1.24
C SER C 343 -3.90 36.87 2.23
N LEU C 344 -3.09 35.82 2.29
CA LEU C 344 -1.80 36.09 2.90
C LEU C 344 -0.67 35.94 1.88
N LEU C 345 -0.23 37.11 1.44
CA LEU C 345 1.13 37.40 1.02
C LEU C 345 1.20 38.92 1.00
N ARG C 346 2.35 39.45 0.61
CA ARG C 346 2.75 40.83 0.88
C ARG C 346 1.65 41.87 0.62
N GLN C 347 0.90 41.69 -0.46
CA GLN C 347 -0.16 42.64 -0.83
C GLN C 347 -1.55 42.21 -0.37
N GLY C 348 -1.67 41.05 0.27
CA GLY C 348 -2.97 40.55 0.70
C GLY C 348 -3.51 41.25 1.94
N ALA C 349 -4.76 40.96 2.28
CA ALA C 349 -5.43 41.65 3.39
C ALA C 349 -5.01 41.12 4.76
N ARG C 350 -4.49 39.90 4.80
CA ARG C 350 -3.99 39.31 6.05
C ARG C 350 -2.51 39.64 6.25
N GLY C 351 -1.98 40.52 5.42
CA GLY C 351 -0.60 40.95 5.54
C GLY C 351 -0.45 42.26 6.30
N ASN C 352 0.80 42.71 6.45
CA ASN C 352 1.09 43.90 7.22
C ASN C 352 0.64 45.21 6.58
N PHE C 353 0.26 45.17 5.30
CA PHE C 353 0.10 46.39 4.50
C PHE C 353 -0.71 47.48 5.19
N LEU C 354 -1.98 47.22 5.49
CA LEU C 354 -2.81 48.25 6.11
C LEU C 354 -2.41 48.60 7.55
N PRO C 355 -2.11 47.59 8.40
CA PRO C 355 -1.68 47.98 9.75
C PRO C 355 -0.41 48.82 9.80
N ILE C 356 0.64 48.45 9.06
CA ILE C 356 1.87 49.21 9.17
C ILE C 356 1.71 50.60 8.56
N THR C 357 0.85 50.72 7.56
CA THR C 357 0.58 52.03 6.97
C THR C 357 -0.11 52.93 8.00
N ILE C 358 -1.07 52.39 8.73
CA ILE C 358 -1.76 53.15 9.76
C ILE C 358 -0.80 53.56 10.88
N GLU C 359 0.06 52.64 11.31
CA GLU C 359 1.04 52.95 12.35
C GLU C 359 2.01 54.02 11.89
N ARG C 360 2.38 53.97 10.61
CA ARG C 360 3.26 54.99 10.02
C ARG C 360 2.60 56.37 10.03
N ILE C 361 1.33 56.41 9.62
CA ILE C 361 0.58 57.66 9.63
C ILE C 361 0.50 58.22 11.05
N LEU C 362 0.08 57.37 11.98
CA LEU C 362 -0.08 57.80 13.36
C LEU C 362 1.25 58.26 13.97
N GLU C 363 2.34 57.55 13.68
CA GLU C 363 3.64 57.96 14.20
C GLU C 363 4.05 59.31 13.60
N SER C 364 3.70 59.53 12.34
CA SER C 364 4.04 60.79 11.68
C SER C 364 3.38 61.98 12.38
N PHE C 365 2.09 61.87 12.69
CA PHE C 365 1.40 62.96 13.37
C PHE C 365 1.83 63.07 14.83
N CYS C 366 2.38 62.00 15.38
CA CYS C 366 2.91 62.07 16.74
C CYS C 366 4.20 62.90 16.78
N SER C 367 5.00 62.81 15.72
CA SER C 367 6.18 63.66 15.61
C SER C 367 5.82 65.14 15.56
N SER C 368 4.87 65.47 14.68
CA SER C 368 4.48 66.86 14.47
C SER C 368 3.95 67.52 15.74
N ASN C 369 3.26 66.74 16.55
CA ASN C 369 2.67 67.25 17.78
C ASN C 369 3.47 66.96 19.04
N SER C 370 4.67 66.42 18.86
CA SER C 370 5.55 65.98 19.96
C SER C 370 4.75 65.21 20.99
N VAL C 371 4.22 64.08 20.52
CA VAL C 371 3.50 63.13 21.34
C VAL C 371 4.24 61.81 21.19
N PRO C 372 4.36 61.03 22.26
CA PRO C 372 5.02 59.74 22.08
C PRO C 372 4.15 58.80 21.27
N PHE C 373 4.77 58.11 20.32
CA PHE C 373 4.08 57.06 19.60
C PHE C 373 4.30 55.74 20.32
N GLY C 374 3.26 54.91 20.38
CA GLY C 374 3.37 53.61 20.98
C GLY C 374 2.03 52.90 21.03
N PRO C 375 1.99 51.74 21.68
CA PRO C 375 0.72 51.03 21.81
C PRO C 375 -0.18 51.82 22.75
N GLY C 376 -1.44 52.01 22.40
CA GLY C 376 -2.29 52.76 23.27
C GLY C 376 -2.38 54.25 22.98
N ILE C 377 -1.54 54.78 22.10
CA ILE C 377 -2.01 55.88 21.26
C ILE C 377 -2.61 55.23 20.01
N LEU C 378 -1.92 54.20 19.54
CA LEU C 378 -2.49 53.21 18.65
C LEU C 378 -3.36 52.31 19.50
N GLY C 379 -4.63 52.20 19.14
CA GLY C 379 -5.58 51.44 19.91
C GLY C 379 -6.54 52.32 20.69
N GLN C 380 -6.11 53.52 21.06
CA GLN C 380 -7.08 54.58 21.30
C GLN C 380 -7.63 54.88 19.92
N THR C 381 -6.73 54.94 18.95
CA THR C 381 -7.09 55.10 17.55
C THR C 381 -8.01 53.98 17.10
N TYR C 382 -7.56 52.74 17.28
CA TYR C 382 -8.33 51.58 16.85
C TYR C 382 -9.68 51.48 17.55
N ALA C 383 -9.74 51.90 18.82
CA ALA C 383 -10.98 51.84 19.57
C ALA C 383 -12.01 52.87 19.09
N ARG C 384 -11.54 53.91 18.40
CA ARG C 384 -12.43 54.91 17.85
C ARG C 384 -12.73 54.67 16.37
N SER C 385 -12.22 53.57 15.82
CA SER C 385 -12.34 53.32 14.40
C SER C 385 -13.45 52.33 14.06
N PHE C 386 -13.69 52.17 12.76
CA PHE C 386 -14.64 51.19 12.26
C PHE C 386 -14.13 50.73 10.90
N LEU C 387 -14.25 49.43 10.64
CA LEU C 387 -13.84 48.89 9.36
C LEU C 387 -15.03 48.28 8.64
N VAL C 388 -15.33 48.82 7.47
CA VAL C 388 -16.31 48.19 6.60
C VAL C 388 -15.55 47.31 5.61
N SER C 389 -15.72 46.00 5.76
CA SER C 389 -15.07 45.04 4.86
C SER C 389 -16.05 44.64 3.77
N SER C 390 -15.75 45.03 2.54
CA SER C 390 -16.74 44.93 1.47
C SER C 390 -16.37 43.94 0.37
N ASP C 391 -17.10 42.84 0.31
CA ASP C 391 -17.06 41.90 -0.80
C ASP C 391 -18.48 41.72 -1.32
N VAL C 392 -18.62 41.43 -2.61
CA VAL C 392 -19.95 41.25 -3.20
C VAL C 392 -20.72 40.10 -2.55
N THR C 393 -22.04 40.20 -2.58
CA THR C 393 -22.92 39.19 -2.00
C THR C 393 -23.88 38.62 -3.04
N HIS C 394 -24.51 37.51 -2.71
CA HIS C 394 -25.40 36.83 -3.65
C HIS C 394 -26.80 37.42 -3.64
N ALA C 395 -27.22 37.95 -4.77
CA ALA C 395 -28.59 38.40 -4.94
C ALA C 395 -29.51 37.18 -4.99
N ALA C 396 -30.78 37.38 -4.71
CA ALA C 396 -31.76 36.32 -4.84
C ALA C 396 -31.70 35.78 -6.27
N HIS C 397 -31.58 34.46 -6.40
CA HIS C 397 -31.56 33.84 -7.71
C HIS C 397 -32.95 33.33 -8.05
N PRO C 398 -33.53 33.81 -9.16
CA PRO C 398 -34.93 33.48 -9.46
C PRO C 398 -35.12 32.02 -9.87
N ASN C 399 -34.08 31.36 -10.36
CA ASN C 399 -34.20 29.95 -10.74
C ASN C 399 -33.58 28.91 -9.80
N PHE C 400 -32.83 29.33 -8.79
CA PHE C 400 -32.53 28.39 -7.72
C PHE C 400 -33.05 28.97 -6.42
N THR C 401 -34.31 28.68 -6.12
CA THR C 401 -34.97 29.33 -5.00
C THR C 401 -34.67 28.52 -3.76
N GLN C 402 -34.23 27.29 -3.99
CA GLN C 402 -33.73 26.44 -2.92
C GLN C 402 -32.63 27.15 -2.13
N THR C 403 -31.86 27.99 -2.82
CA THR C 403 -30.71 28.65 -2.21
C THR C 403 -31.01 30.05 -1.65
N ASN C 404 -32.24 30.54 -1.86
CA ASN C 404 -32.62 31.87 -1.37
C ASN C 404 -33.23 31.78 0.02
N LEU C 405 -32.54 32.30 1.03
CA LEU C 405 -33.07 32.32 2.39
C LEU C 405 -34.01 33.50 2.54
N PRO C 406 -35.30 33.23 2.78
CA PRO C 406 -36.30 34.30 2.83
C PRO C 406 -36.02 35.36 3.90
N GLY C 407 -36.17 36.62 3.50
CA GLY C 407 -35.88 37.76 4.36
C GLY C 407 -34.43 38.19 4.30
N HIS C 408 -33.58 37.25 3.90
CA HIS C 408 -32.13 37.45 3.77
C HIS C 408 -31.52 37.37 2.35
N SER C 409 -32.36 37.49 1.33
CA SER C 409 -31.91 37.33 -0.06
C SER C 409 -32.11 38.63 -0.85
N PRO C 410 -31.05 39.44 -0.95
CA PRO C 410 -31.16 40.83 -1.43
C PRO C 410 -31.56 40.97 -2.90
N ARG C 411 -32.08 42.15 -3.23
CA ARG C 411 -32.59 42.48 -4.54
C ARG C 411 -31.64 43.40 -5.30
N LEU C 412 -31.67 43.34 -6.62
CA LEU C 412 -30.93 44.29 -7.45
C LEU C 412 -31.60 45.67 -7.46
N ASN C 413 -30.79 46.71 -7.59
CA ASN C 413 -31.24 48.10 -7.63
C ASN C 413 -32.04 48.53 -6.40
N VAL C 414 -31.54 48.18 -5.23
CA VAL C 414 -32.13 48.59 -3.96
C VAL C 414 -31.07 49.20 -3.06
N GLY C 415 -30.03 48.43 -2.76
CA GLY C 415 -28.92 48.93 -1.98
C GLY C 415 -28.00 47.83 -1.50
N VAL C 416 -27.02 48.23 -0.69
CA VAL C 416 -26.03 47.32 -0.15
C VAL C 416 -26.66 46.37 0.87
N ALA C 417 -26.19 45.13 0.85
CA ALA C 417 -26.63 44.13 1.83
C ALA C 417 -25.62 44.03 2.96
N LEU C 418 -26.13 43.94 4.19
CA LEU C 418 -25.28 43.64 5.33
C LEU C 418 -25.21 42.13 5.48
N CYS C 419 -24.01 41.57 5.33
CA CYS C 419 -23.84 40.12 5.33
C CYS C 419 -23.65 39.61 6.75
N VAL C 420 -24.48 38.64 7.14
CA VAL C 420 -24.44 38.08 8.49
C VAL C 420 -24.26 36.56 8.43
N ASP C 421 -23.49 36.02 9.38
CA ASP C 421 -23.27 34.57 9.43
C ASP C 421 -23.62 34.02 10.81
N THR C 427 -18.48 38.61 10.91
CA THR C 427 -18.03 39.86 11.51
C THR C 427 -19.21 40.75 11.93
N THR C 428 -20.26 40.79 11.12
CA THR C 428 -21.37 41.68 11.38
C THR C 428 -22.10 41.19 12.61
N ASP C 429 -22.58 42.14 13.41
CA ASP C 429 -23.25 41.80 14.64
C ASP C 429 -24.20 42.92 15.00
N SER C 430 -24.94 42.73 16.08
CA SER C 430 -25.98 43.66 16.48
C SER C 430 -25.48 45.10 16.61
N VAL C 431 -24.25 45.26 17.08
CA VAL C 431 -23.67 46.59 17.20
C VAL C 431 -23.29 47.16 15.83
N SER C 432 -22.60 46.37 15.03
CA SER C 432 -22.24 46.80 13.68
C SER C 432 -23.48 47.18 12.87
N MET C 433 -24.52 46.37 12.98
CA MET C 433 -25.74 46.61 12.21
C MET C 433 -26.46 47.87 12.68
N ALA C 434 -26.45 48.13 13.98
CA ALA C 434 -27.07 49.34 14.49
C ALA C 434 -26.34 50.58 13.98
N ILE C 435 -25.02 50.49 13.87
CA ILE C 435 -24.24 51.61 13.37
C ILE C 435 -24.51 51.87 11.89
N LEU C 436 -24.43 50.84 11.06
CA LEU C 436 -24.60 51.06 9.63
C LEU C 436 -26.06 51.27 9.23
N ASP C 437 -27.01 50.73 10.00
CA ASP C 437 -28.41 51.06 9.75
C ASP C 437 -28.64 52.54 10.05
N ARG C 438 -27.96 53.05 11.07
CA ARG C 438 -28.06 54.45 11.43
C ARG C 438 -27.41 55.35 10.38
N ILE C 439 -26.25 54.93 9.88
CA ILE C 439 -25.57 55.67 8.83
C ILE C 439 -26.41 55.69 7.56
N ALA C 440 -27.03 54.55 7.24
CA ALA C 440 -27.90 54.46 6.07
C ALA C 440 -29.07 55.42 6.15
N GLU C 441 -29.57 55.67 7.35
CA GLU C 441 -30.70 56.57 7.51
C GLU C 441 -30.28 58.03 7.32
N LEU C 442 -29.07 58.37 7.74
CA LEU C 442 -28.57 59.73 7.54
C LEU C 442 -28.22 59.96 6.07
N SER C 443 -27.89 58.88 5.37
CA SER C 443 -27.47 58.97 3.97
C SER C 443 -28.62 58.88 2.98
N GLY C 444 -29.79 58.44 3.44
CA GLY C 444 -30.89 58.16 2.55
C GLY C 444 -30.73 56.85 1.80
N CYS C 445 -30.25 55.83 2.49
CA CYS C 445 -30.01 54.51 1.89
C CYS C 445 -30.86 53.41 2.51
N VAL C 446 -31.08 52.37 1.73
CA VAL C 446 -31.75 51.17 2.21
C VAL C 446 -30.73 50.05 2.37
N ASN C 447 -30.63 49.51 3.58
CA ASN C 447 -29.74 48.37 3.82
C ASN C 447 -30.50 47.05 3.76
N GLN C 448 -30.01 46.12 2.96
CA GLN C 448 -30.59 44.79 2.88
C GLN C 448 -29.84 43.85 3.82
N ARG C 449 -30.29 42.61 3.91
CA ARG C 449 -29.59 41.58 4.67
C ARG C 449 -29.26 40.39 3.77
N HIS C 450 -28.08 39.82 3.95
CA HIS C 450 -27.68 38.63 3.20
C HIS C 450 -27.21 37.53 4.14
N MET C 451 -27.67 36.31 3.87
CA MET C 451 -27.27 35.17 4.69
C MET C 451 -27.38 33.88 3.88
N ILE C 452 -26.50 32.92 4.13
CA ILE C 452 -26.58 31.64 3.42
C ILE C 452 -27.31 30.60 4.27
N GLY C 463 -10.77 40.21 2.69
CA GLY C 463 -10.65 39.49 3.94
C GLY C 463 -11.19 40.35 5.06
N PRO C 464 -12.29 39.91 5.68
CA PRO C 464 -12.92 40.65 6.77
C PRO C 464 -12.07 40.74 8.02
N MET C 465 -10.98 39.99 8.04
CA MET C 465 -10.20 39.76 9.25
C MET C 465 -8.98 40.68 9.46
N LEU C 466 -8.92 41.82 8.77
CA LEU C 466 -8.15 42.93 9.32
C LEU C 466 -8.79 43.39 10.64
N SER C 467 -10.05 43.00 10.86
CA SER C 467 -10.75 43.28 12.11
C SER C 467 -10.00 42.68 13.29
N ALA C 468 -9.51 41.45 13.13
CA ALA C 468 -8.77 40.79 14.19
C ALA C 468 -7.37 41.39 14.32
N ALA C 469 -6.72 41.66 13.20
CA ALA C 469 -5.36 42.18 13.22
C ALA C 469 -5.27 43.52 13.95
N MET C 470 -6.26 44.39 13.72
CA MET C 470 -6.31 45.70 14.37
C MET C 470 -7.28 45.87 15.54
N GLY C 471 -8.06 44.85 15.87
CA GLY C 471 -9.06 44.99 16.92
C GLY C 471 -10.02 46.14 16.67
N VAL C 472 -10.39 46.31 15.40
CA VAL C 472 -11.31 47.35 15.00
C VAL C 472 -12.70 46.76 14.89
N LYS C 473 -13.71 47.48 15.36
CA LYS C 473 -15.09 47.03 15.16
C LYS C 473 -15.37 47.04 13.67
N ALA C 474 -16.11 46.05 13.19
CA ALA C 474 -16.20 45.83 11.76
C ALA C 474 -17.50 45.18 11.32
N ALA C 475 -17.81 45.31 10.04
CA ALA C 475 -18.94 44.65 9.42
C ALA C 475 -18.58 44.20 8.01
N ASP C 476 -19.24 43.16 7.52
CA ASP C 476 -19.10 42.75 6.14
C ASP C 476 -20.34 43.18 5.39
N VAL C 477 -20.15 44.00 4.38
CA VAL C 477 -21.24 44.50 3.59
C VAL C 477 -20.94 44.20 2.14
N GLY C 478 -21.97 44.05 1.33
CA GLY C 478 -21.74 43.77 -0.07
C GLY C 478 -22.85 44.22 -0.98
N ILE C 479 -22.47 44.52 -2.22
CA ILE C 479 -23.43 44.86 -3.26
C ILE C 479 -23.88 43.55 -3.88
N PRO C 480 -25.20 43.34 -3.95
CA PRO C 480 -25.70 42.04 -4.42
C PRO C 480 -25.41 41.79 -5.90
N GLN C 481 -25.17 40.52 -6.23
CA GLN C 481 -24.77 40.12 -7.57
C GLN C 481 -25.22 38.69 -7.86
N LEU C 482 -25.51 38.40 -9.12
CA LEU C 482 -25.82 37.05 -9.55
C LEU C 482 -24.64 36.42 -10.26
N SER C 483 -24.54 35.09 -10.17
CA SER C 483 -23.51 34.31 -10.87
C SER C 483 -22.11 34.80 -10.55
N MET C 484 -21.83 34.94 -9.26
CA MET C 484 -20.50 35.29 -8.78
C MET C 484 -19.48 34.25 -9.25
N HIS C 485 -18.30 34.71 -9.65
CA HIS C 485 -17.18 33.88 -10.14
C HIS C 485 -17.38 33.36 -11.57
N SER C 486 -18.49 33.74 -12.20
CA SER C 486 -18.62 33.53 -13.63
C SER C 486 -17.65 34.41 -14.39
N ILE C 487 -17.31 34.02 -15.61
CA ILE C 487 -16.49 34.86 -16.45
C ILE C 487 -17.25 36.12 -16.85
N ARG C 488 -18.58 36.05 -16.81
CA ARG C 488 -19.43 37.23 -16.99
C ARG C 488 -20.62 37.21 -16.04
N ALA C 489 -20.67 38.17 -15.12
CA ALA C 489 -21.68 38.20 -14.06
C ALA C 489 -22.75 39.27 -14.30
N MET C 490 -23.60 39.47 -13.30
CA MET C 490 -24.72 40.40 -13.42
C MET C 490 -24.94 41.21 -12.15
N THR C 491 -25.32 42.47 -12.32
CA THR C 491 -25.81 43.30 -11.22
C THR C 491 -26.92 44.19 -11.76
N GLY C 492 -27.48 45.04 -10.89
CA GLY C 492 -28.38 46.09 -11.33
C GLY C 492 -27.58 47.30 -11.82
N SER C 493 -28.19 48.06 -12.72
CA SER C 493 -27.53 49.20 -13.34
C SER C 493 -27.24 50.32 -12.34
N LEU C 494 -28.04 50.38 -11.28
CA LEU C 494 -27.89 51.41 -10.26
C LEU C 494 -27.09 50.94 -9.06
N ASP C 495 -26.71 49.67 -9.06
CA ASP C 495 -26.00 49.12 -7.91
C ASP C 495 -24.61 49.71 -7.68
N PRO C 496 -23.83 50.00 -8.75
CA PRO C 496 -22.57 50.70 -8.45
C PRO C 496 -22.81 52.02 -7.73
N GLY C 497 -23.75 52.82 -8.25
CA GLY C 497 -24.08 54.10 -7.65
C GLY C 497 -24.60 53.98 -6.23
N LEU C 498 -25.54 53.07 -6.02
CA LEU C 498 -26.09 52.83 -4.69
C LEU C 498 -24.99 52.42 -3.71
N GLY C 499 -23.95 51.79 -4.25
CA GLY C 499 -22.79 51.42 -3.46
C GLY C 499 -21.98 52.62 -3.01
N VAL C 500 -21.60 53.49 -3.94
CA VAL C 500 -20.85 54.69 -3.58
C VAL C 500 -21.66 55.58 -2.63
N LYS C 501 -22.97 55.63 -2.81
CA LYS C 501 -23.83 56.41 -1.93
C LYS C 501 -23.72 55.92 -0.49
N PHE C 502 -23.77 54.61 -0.28
CA PHE C 502 -23.64 54.06 1.06
C PHE C 502 -22.25 54.26 1.64
N TYR C 503 -21.23 53.87 0.87
CA TYR C 503 -19.85 53.98 1.35
C TYR C 503 -19.51 55.44 1.68
N LYS C 504 -19.93 56.36 0.82
CA LYS C 504 -19.74 57.78 1.10
C LYS C 504 -20.43 58.14 2.40
N GLY C 505 -21.63 57.61 2.61
CA GLY C 505 -22.38 57.86 3.82
C GLY C 505 -21.61 57.41 5.05
N PHE C 506 -20.97 56.26 4.96
CA PHE C 506 -20.20 55.72 6.07
C PHE C 506 -18.99 56.60 6.41
N LEU C 507 -18.21 56.96 5.39
CA LEU C 507 -17.05 57.80 5.61
C LEU C 507 -17.44 59.17 6.19
N ASP C 508 -18.52 59.74 5.70
CA ASP C 508 -18.92 61.08 6.12
C ASP C 508 -19.54 61.09 7.53
N PHE C 509 -20.34 60.08 7.84
CA PHE C 509 -21.08 60.08 9.10
C PHE C 509 -20.54 59.23 10.25
N TRP C 510 -19.45 58.49 10.05
CA TRP C 510 -18.98 57.57 11.09
C TRP C 510 -18.66 58.27 12.40
N GLU C 511 -17.95 59.40 12.31
CA GLU C 511 -17.54 60.11 13.51
C GLU C 511 -18.75 60.65 14.28
N GLU C 512 -19.73 61.16 13.55
CA GLU C 512 -20.96 61.66 14.15
C GLU C 512 -21.72 60.54 14.86
N VAL C 513 -21.85 59.41 14.18
CA VAL C 513 -22.58 58.27 14.73
C VAL C 513 -21.88 57.68 15.95
N ASP C 514 -20.56 57.66 15.92
CA ASP C 514 -19.78 57.15 17.05
C ASP C 514 -20.02 57.94 18.33
N LEU C 515 -20.35 59.22 18.21
CA LEU C 515 -20.59 60.06 19.37
C LEU C 515 -22.04 59.94 19.87
N GLU C 516 -22.87 59.19 19.16
CA GLU C 516 -24.21 58.91 19.63
C GLU C 516 -24.21 57.71 20.57
N TRP C 517 -23.05 57.08 20.73
CA TRP C 517 -22.93 55.88 21.56
C TRP C 517 -22.30 56.19 22.92
N SER C 518 -22.26 55.16 23.75
CA SER C 518 -21.51 55.20 25.01
C SER C 518 -21.12 53.78 25.39
N ARG D 50 16.57 -21.59 -48.54
CA ARG D 50 15.76 -22.79 -48.34
C ARG D 50 14.62 -22.76 -47.29
N PRO D 51 14.53 -21.71 -46.44
CA PRO D 51 13.33 -21.67 -45.60
C PRO D 51 12.02 -21.68 -46.38
N GLU D 52 12.02 -21.05 -47.55
CA GLU D 52 10.86 -21.01 -48.42
C GLU D 52 10.42 -22.41 -48.85
N HIS D 53 11.36 -23.34 -48.90
CA HIS D 53 11.05 -24.67 -49.40
C HIS D 53 10.18 -25.49 -48.46
N PHE D 54 10.05 -25.03 -47.22
CA PHE D 54 9.23 -25.76 -46.25
C PHE D 54 7.81 -25.22 -46.15
N THR D 55 7.53 -24.14 -46.87
CA THR D 55 6.22 -23.49 -46.77
C THR D 55 5.09 -24.41 -47.21
N GLN D 56 5.14 -24.90 -48.44
CA GLN D 56 4.06 -25.75 -48.93
C GLN D 56 4.01 -27.13 -48.25
N PRO D 57 5.17 -27.79 -48.04
CA PRO D 57 5.06 -29.02 -47.25
C PRO D 57 4.44 -28.81 -45.87
N TYR D 58 4.67 -27.67 -45.23
CA TYR D 58 4.00 -27.40 -43.96
C TYR D 58 2.50 -27.19 -44.16
N LEU D 59 2.14 -26.48 -45.23
CA LEU D 59 0.74 -26.25 -45.55
C LEU D 59 -0.03 -27.55 -45.72
N ASP D 60 0.52 -28.46 -46.52
CA ASP D 60 -0.14 -29.73 -46.78
C ASP D 60 -0.20 -30.62 -45.54
N PHE D 61 0.86 -30.56 -44.72
CA PHE D 61 0.86 -31.30 -43.46
C PHE D 61 -0.29 -30.86 -42.56
N MET D 62 -0.45 -29.54 -42.41
CA MET D 62 -1.52 -28.98 -41.59
C MET D 62 -2.90 -29.32 -42.14
N THR D 63 -3.05 -29.21 -43.46
CA THR D 63 -4.36 -29.43 -44.09
C THR D 63 -4.84 -30.87 -43.93
N HIS D 64 -3.95 -31.83 -44.14
CA HIS D 64 -4.35 -33.25 -44.19
C HIS D 64 -4.14 -34.10 -42.94
N ASN D 65 -3.71 -33.48 -41.84
CA ASN D 65 -3.55 -34.20 -40.58
C ASN D 65 -4.20 -33.45 -39.41
N PRO D 66 -5.52 -33.42 -39.39
CA PRO D 66 -6.29 -32.64 -38.39
C PRO D 66 -6.31 -33.11 -36.94
N THR D 67 -5.90 -34.34 -36.67
CA THR D 67 -5.91 -34.84 -35.30
C THR D 67 -4.56 -35.40 -34.89
N VAL D 68 -4.34 -35.54 -33.58
CA VAL D 68 -3.06 -36.00 -33.06
C VAL D 68 -2.72 -37.40 -33.56
N PHE D 69 -3.74 -38.18 -33.90
CA PHE D 69 -3.52 -39.53 -34.42
C PHE D 69 -3.01 -39.50 -35.86
N HIS D 70 -3.45 -38.53 -36.64
CA HIS D 70 -2.98 -38.38 -38.01
C HIS D 70 -1.53 -37.91 -38.03
N VAL D 71 -1.16 -37.09 -37.06
CA VAL D 71 0.19 -36.54 -37.00
C VAL D 71 1.22 -37.63 -36.74
N VAL D 72 0.93 -38.51 -35.77
CA VAL D 72 1.83 -39.61 -35.48
C VAL D 72 1.93 -40.52 -36.70
N ASP D 73 0.79 -40.82 -37.32
CA ASP D 73 0.79 -41.64 -38.53
C ASP D 73 1.60 -40.97 -39.65
N TYR D 74 1.51 -39.65 -39.74
CA TYR D 74 2.27 -38.90 -40.72
C TYR D 74 3.77 -39.05 -40.46
N CYS D 75 4.19 -38.78 -39.22
CA CYS D 75 5.59 -38.92 -38.85
C CYS D 75 6.07 -40.35 -39.00
N LYS D 76 5.20 -41.30 -38.69
CA LYS D 76 5.57 -42.71 -38.71
C LYS D 76 5.85 -43.19 -40.14
N GLN D 77 5.08 -42.69 -41.12
CA GLN D 77 5.29 -43.10 -42.50
C GLN D 77 6.54 -42.45 -43.10
N LYS D 78 6.83 -41.22 -42.72
CA LYS D 78 8.05 -40.56 -43.22
C LYS D 78 9.29 -41.15 -42.56
N LEU D 79 9.19 -41.50 -41.28
CA LEU D 79 10.32 -42.11 -40.58
C LEU D 79 10.66 -43.47 -41.19
N LEU D 80 9.66 -44.25 -41.54
CA LEU D 80 9.91 -45.57 -42.11
C LEU D 80 10.50 -45.48 -43.52
N LYS D 81 10.04 -44.52 -44.31
CA LYS D 81 10.56 -44.37 -45.66
C LYS D 81 11.96 -43.75 -45.65
N ALA D 82 12.32 -43.12 -44.54
CA ALA D 82 13.68 -42.60 -44.37
C ALA D 82 14.60 -43.65 -43.74
N GLY D 83 14.06 -44.83 -43.46
CA GLY D 83 14.86 -45.94 -42.99
C GLY D 83 14.95 -46.13 -41.49
N TYR D 84 14.06 -45.50 -40.74
CA TYR D 84 14.03 -45.68 -39.29
C TYR D 84 13.40 -47.01 -38.93
N VAL D 85 13.85 -47.59 -37.82
CA VAL D 85 13.32 -48.87 -37.36
C VAL D 85 12.50 -48.70 -36.09
N GLU D 86 11.31 -49.27 -36.07
CA GLU D 86 10.41 -49.13 -34.93
C GLU D 86 10.78 -50.06 -33.79
N LEU D 87 10.82 -49.51 -32.57
CA LEU D 87 11.05 -50.30 -31.38
C LEU D 87 9.75 -50.41 -30.59
N PRO D 88 9.11 -51.60 -30.65
CA PRO D 88 7.88 -51.81 -29.89
C PRO D 88 8.20 -51.96 -28.40
N ALA D 89 7.36 -51.38 -27.55
CA ALA D 89 7.62 -51.35 -26.11
C ALA D 89 7.56 -52.73 -25.46
N ARG D 90 6.81 -53.66 -26.06
CA ARG D 90 6.67 -54.98 -25.47
C ARG D 90 7.85 -55.90 -25.80
N ASP D 91 8.60 -55.58 -26.85
CA ASP D 91 9.80 -56.32 -27.20
C ASP D 91 11.04 -55.86 -26.41
N SER D 92 12.02 -56.74 -26.29
CA SER D 92 13.33 -56.39 -25.74
C SER D 92 14.16 -55.65 -26.78
N TRP D 93 14.79 -54.54 -26.40
CA TRP D 93 15.70 -53.85 -27.31
C TRP D 93 17.17 -54.13 -27.08
N THR D 94 17.49 -54.85 -26.00
CA THR D 94 18.85 -54.80 -25.45
C THR D 94 19.90 -55.40 -26.38
N GLY D 95 19.47 -56.21 -27.34
CA GLY D 95 20.38 -56.60 -28.40
C GLY D 95 20.55 -55.49 -29.43
N LYS D 96 19.44 -54.91 -29.84
CA LYS D 96 19.25 -54.44 -31.22
C LYS D 96 19.70 -53.04 -31.64
N LEU D 97 20.30 -52.27 -30.75
CA LEU D 97 20.66 -50.91 -31.13
C LEU D 97 22.14 -50.80 -31.52
N VAL D 98 22.38 -49.95 -32.51
CA VAL D 98 23.64 -49.92 -33.25
C VAL D 98 24.06 -48.46 -33.49
N PRO D 99 25.37 -48.15 -33.39
CA PRO D 99 25.79 -46.80 -33.78
C PRO D 99 25.44 -46.51 -35.23
N GLY D 100 25.00 -45.30 -35.53
CA GLY D 100 24.56 -44.98 -36.87
C GLY D 100 23.13 -45.40 -37.14
N GLY D 101 22.52 -46.08 -36.18
CA GLY D 101 21.15 -46.56 -36.34
C GLY D 101 20.10 -45.47 -36.26
N LYS D 102 18.89 -45.78 -36.73
CA LYS D 102 17.79 -44.83 -36.71
C LYS D 102 16.51 -45.52 -36.23
N TYR D 103 15.90 -44.97 -35.18
CA TYR D 103 14.80 -45.65 -34.50
C TYR D 103 13.68 -44.70 -34.06
N PHE D 104 12.51 -45.26 -33.82
CA PHE D 104 11.41 -44.52 -33.22
C PHE D 104 10.51 -45.44 -32.42
N THR D 105 9.84 -44.89 -31.42
CA THR D 105 8.87 -45.63 -30.62
C THR D 105 7.59 -44.80 -30.44
N THR D 106 6.48 -45.50 -30.22
CA THR D 106 5.16 -44.88 -30.14
C THR D 106 4.43 -45.25 -28.86
N ARG D 107 3.52 -44.38 -28.44
CA ARG D 107 2.63 -44.68 -27.32
C ARG D 107 1.22 -44.19 -27.63
N ASN D 108 0.26 -45.12 -27.59
CA ASN D 108 -1.15 -44.84 -27.83
C ASN D 108 -1.40 -44.26 -29.23
N GLY D 109 -0.41 -44.39 -30.10
CA GLY D 109 -0.49 -43.83 -31.43
C GLY D 109 -0.65 -42.32 -31.45
N SER D 110 -0.61 -41.69 -30.28
CA SER D 110 -0.62 -40.24 -30.17
C SER D 110 0.69 -39.58 -29.70
N SER D 111 1.68 -40.39 -29.36
CA SER D 111 2.98 -39.88 -28.93
C SER D 111 4.07 -40.61 -29.72
N ILE D 112 5.15 -39.92 -30.01
CA ILE D 112 6.24 -40.56 -30.75
C ILE D 112 7.59 -39.96 -30.37
N ILE D 113 8.59 -40.82 -30.27
CA ILE D 113 9.97 -40.41 -30.04
C ILE D 113 10.84 -41.01 -31.12
N ALA D 114 11.54 -40.15 -31.85
CA ALA D 114 12.44 -40.61 -32.90
C ALA D 114 13.85 -40.13 -32.59
N PHE D 115 14.84 -40.94 -32.94
CA PHE D 115 16.23 -40.57 -32.64
C PHE D 115 17.22 -41.24 -33.58
N THR D 116 18.39 -40.62 -33.72
CA THR D 116 19.49 -41.22 -34.46
C THR D 116 20.70 -41.34 -33.55
N VAL D 117 21.36 -42.49 -33.60
CA VAL D 117 22.53 -42.74 -32.77
C VAL D 117 23.79 -42.46 -33.58
N GLY D 118 24.63 -41.54 -33.10
CA GLY D 118 25.86 -41.20 -33.80
C GLY D 118 26.78 -42.41 -33.94
N GLN D 119 27.54 -42.44 -35.03
CA GLN D 119 28.44 -43.57 -35.28
C GLN D 119 29.60 -43.59 -34.30
N ALA D 120 29.88 -42.44 -33.69
CA ALA D 120 30.92 -42.33 -32.69
C ALA D 120 30.37 -42.49 -31.28
N TYR D 121 29.08 -42.83 -31.17
CA TYR D 121 28.42 -42.94 -29.88
C TYR D 121 28.99 -44.06 -29.00
N LYS D 122 29.13 -43.74 -27.72
CA LYS D 122 29.43 -44.72 -26.68
C LYS D 122 28.62 -44.36 -25.44
N PRO D 123 28.28 -45.36 -24.61
CA PRO D 123 27.54 -45.09 -23.36
C PRO D 123 28.19 -44.01 -22.52
N GLY D 124 27.39 -43.06 -22.05
CA GLY D 124 27.89 -41.93 -21.30
C GLY D 124 27.95 -40.65 -22.13
N ASN D 125 27.78 -40.78 -23.44
CA ASN D 125 27.74 -39.61 -24.32
C ASN D 125 26.36 -38.94 -24.25
N GLY D 126 26.32 -37.65 -24.57
CA GLY D 126 25.13 -36.86 -24.36
C GLY D 126 24.06 -36.97 -25.43
N ILE D 127 22.89 -36.44 -25.13
CA ILE D 127 21.75 -36.43 -26.04
C ILE D 127 21.32 -35.01 -26.35
N ALA D 128 21.23 -34.67 -27.63
CA ALA D 128 20.61 -33.42 -28.02
C ALA D 128 19.16 -33.70 -28.37
N MET D 129 18.24 -33.24 -27.51
CA MET D 129 16.85 -33.61 -27.64
C MET D 129 15.92 -32.41 -27.74
N ILE D 130 14.88 -32.55 -28.55
CA ILE D 130 13.85 -31.53 -28.72
C ILE D 130 12.49 -32.11 -28.35
N ALA D 131 11.75 -31.39 -27.51
CA ALA D 131 10.42 -31.84 -27.11
C ALA D 131 9.34 -30.84 -27.51
N GLY D 132 8.19 -31.36 -27.92
CA GLY D 132 7.05 -30.55 -28.30
C GLY D 132 5.76 -31.33 -28.16
N HIS D 133 4.63 -30.65 -28.25
CA HIS D 133 3.34 -31.32 -28.18
C HIS D 133 2.56 -31.17 -29.48
N ILE D 134 1.98 -32.28 -29.91
CA ILE D 134 1.18 -32.34 -31.13
C ILE D 134 -0.34 -32.36 -30.91
N ASP D 135 -0.79 -32.25 -29.67
CA ASP D 135 -2.22 -32.07 -29.41
C ASP D 135 -2.60 -30.60 -29.61
N ALA D 136 -3.85 -30.37 -30.00
CA ALA D 136 -4.34 -29.02 -30.21
C ALA D 136 -5.76 -28.88 -29.69
N LEU D 137 -6.14 -27.66 -29.32
CA LEU D 137 -7.46 -27.38 -28.79
C LEU D 137 -8.51 -27.89 -29.77
N THR D 138 -9.41 -28.73 -29.30
CA THR D 138 -10.39 -29.34 -30.18
C THR D 138 -11.64 -29.73 -29.41
N ALA D 139 -12.65 -30.19 -30.13
CA ALA D 139 -13.90 -30.60 -29.52
C ALA D 139 -14.10 -32.08 -29.78
N ARG D 140 -14.22 -32.86 -28.72
CA ARG D 140 -14.34 -34.30 -28.87
C ARG D 140 -15.78 -34.76 -28.65
N LEU D 141 -16.25 -35.61 -29.56
CA LEU D 141 -17.60 -36.18 -29.44
C LEU D 141 -17.75 -36.88 -28.10
N LYS D 142 -18.89 -36.64 -27.45
CA LYS D 142 -19.20 -37.27 -26.18
C LYS D 142 -19.31 -38.79 -26.38
N PRO D 143 -19.13 -39.56 -25.30
CA PRO D 143 -19.39 -41.01 -25.36
C PRO D 143 -20.77 -41.32 -25.96
N THR D 144 -21.78 -40.56 -25.58
CA THR D 144 -23.05 -40.55 -26.31
C THR D 144 -23.15 -39.21 -27.03
N SER D 145 -22.95 -39.22 -28.34
CA SER D 145 -23.02 -37.98 -29.12
C SER D 145 -24.40 -37.72 -29.71
N VAL D 146 -25.27 -38.72 -29.65
CA VAL D 146 -26.60 -38.57 -30.22
C VAL D 146 -27.38 -37.53 -29.39
N LYS D 147 -28.21 -36.75 -30.08
CA LYS D 147 -29.02 -35.72 -29.44
C LYS D 147 -30.45 -35.83 -29.98
N PRO D 148 -31.41 -35.29 -29.23
CA PRO D 148 -32.76 -35.19 -29.81
C PRO D 148 -32.81 -34.20 -30.95
N THR D 149 -33.48 -34.55 -32.04
CA THR D 149 -33.75 -33.57 -33.10
C THR D 149 -34.66 -32.49 -32.53
N LYS D 150 -34.25 -31.24 -32.77
CA LYS D 150 -34.82 -30.09 -32.09
C LYS D 150 -35.10 -28.99 -33.11
N GLU D 151 -36.38 -28.63 -33.25
CA GLU D 151 -36.81 -27.68 -34.28
C GLU D 151 -36.34 -28.09 -35.67
N GLY D 152 -36.28 -29.39 -35.91
CA GLY D 152 -35.91 -29.92 -37.22
C GLY D 152 -34.43 -30.11 -37.46
N TYR D 153 -33.60 -29.73 -36.49
CA TYR D 153 -32.16 -29.86 -36.62
C TYR D 153 -31.62 -31.09 -35.93
N VAL D 154 -30.75 -31.82 -36.61
CA VAL D 154 -30.00 -32.90 -35.99
C VAL D 154 -28.72 -32.32 -35.41
N GLN D 155 -28.49 -32.56 -34.12
CA GLN D 155 -27.34 -31.98 -33.44
C GLN D 155 -26.37 -33.05 -32.94
N LEU D 156 -25.28 -32.60 -32.34
CA LEU D 156 -24.19 -33.49 -31.95
C LEU D 156 -23.67 -33.15 -30.56
N GLY D 157 -23.69 -34.11 -29.65
CA GLY D 157 -23.09 -33.91 -28.34
C GLY D 157 -21.58 -33.88 -28.39
N VAL D 158 -20.98 -32.77 -27.97
CA VAL D 158 -19.52 -32.67 -27.95
C VAL D 158 -19.05 -32.02 -26.65
N ALA D 159 -17.78 -32.20 -26.36
CA ALA D 159 -17.16 -31.66 -25.15
C ALA D 159 -15.88 -30.93 -25.51
N GLN D 160 -15.72 -29.70 -25.05
CA GLN D 160 -14.49 -28.98 -25.36
C GLN D 160 -13.33 -29.71 -24.69
N TYR D 161 -12.35 -30.14 -25.48
CA TYR D 161 -11.25 -30.92 -24.95
C TYR D 161 -10.38 -30.10 -23.99
N ALA D 162 -9.74 -29.04 -24.46
CA ALA D 162 -9.08 -28.18 -23.50
C ALA D 162 -9.46 -26.72 -23.66
N GLY D 163 -10.48 -26.25 -22.95
CA GLY D 163 -10.94 -24.89 -23.15
C GLY D 163 -11.04 -24.53 -24.63
N ALA D 164 -11.47 -25.49 -25.44
CA ALA D 164 -11.36 -25.36 -26.89
C ALA D 164 -12.39 -24.46 -27.54
N LEU D 165 -13.64 -24.48 -27.09
CA LEU D 165 -14.64 -23.74 -27.85
C LEU D 165 -14.71 -22.31 -27.36
N ASN D 166 -14.04 -21.43 -28.08
CA ASN D 166 -14.06 -20.02 -27.77
C ASN D 166 -14.78 -19.32 -28.89
N GLU D 167 -14.86 -18.00 -28.82
CA GLU D 167 -15.65 -17.22 -29.77
C GLU D 167 -15.28 -17.47 -31.22
N THR D 168 -14.03 -17.84 -31.49
CA THR D 168 -13.61 -18.05 -32.87
C THR D 168 -14.20 -19.32 -33.47
N TRP D 169 -14.83 -20.15 -32.64
CA TRP D 169 -15.40 -21.41 -33.13
C TRP D 169 -16.80 -21.26 -33.73
N TRP D 170 -17.42 -20.10 -33.53
CA TRP D 170 -18.76 -19.87 -34.08
C TRP D 170 -18.71 -19.68 -35.60
N ASP D 171 -19.72 -20.23 -36.28
CA ASP D 171 -19.85 -20.11 -37.73
C ASP D 171 -18.58 -20.51 -38.48
N ARG D 172 -18.02 -21.65 -38.11
CA ARG D 172 -16.90 -22.21 -38.84
C ARG D 172 -17.34 -23.52 -39.47
N ASP D 173 -16.81 -23.83 -40.66
CA ASP D 173 -17.14 -25.08 -41.30
C ASP D 173 -16.33 -26.18 -40.62
N LEU D 174 -17.01 -27.09 -39.95
CA LEU D 174 -16.31 -28.10 -39.16
C LEU D 174 -16.48 -29.49 -39.73
N SER D 175 -15.38 -30.23 -39.79
CA SER D 175 -15.41 -31.61 -40.21
C SER D 175 -15.04 -32.51 -39.04
N VAL D 176 -15.10 -33.81 -39.24
CA VAL D 176 -14.90 -34.75 -38.15
C VAL D 176 -13.87 -35.81 -38.52
N GLY D 177 -13.05 -36.20 -37.55
CA GLY D 177 -12.00 -37.17 -37.77
C GLY D 177 -11.43 -37.67 -36.46
N GLY D 178 -10.59 -38.69 -36.54
CA GLY D 178 -10.07 -39.32 -35.35
C GLY D 178 -9.74 -40.78 -35.62
N ARG D 179 -9.81 -41.59 -34.57
CA ARG D 179 -9.59 -43.02 -34.70
C ARG D 179 -10.82 -43.83 -34.26
N VAL D 180 -10.98 -45.00 -34.87
CA VAL D 180 -12.07 -45.90 -34.53
C VAL D 180 -11.52 -47.24 -34.08
N ILE D 181 -12.12 -47.80 -33.03
CA ILE D 181 -11.75 -49.11 -32.56
C ILE D 181 -12.65 -50.12 -33.26
N VAL D 182 -12.08 -50.86 -34.20
CA VAL D 182 -12.84 -51.76 -35.03
C VAL D 182 -12.53 -53.19 -34.63
N LYS D 183 -13.53 -54.06 -34.74
CA LYS D 183 -13.32 -55.48 -34.58
C LYS D 183 -13.02 -56.06 -35.95
N ASP D 184 -11.76 -56.44 -36.13
CA ASP D 184 -11.25 -56.81 -37.43
C ASP D 184 -12.00 -57.99 -38.03
N PRO D 185 -12.51 -57.79 -39.25
CA PRO D 185 -13.20 -58.83 -40.02
C PRO D 185 -12.34 -60.08 -40.16
N LYS D 186 -11.06 -59.90 -40.47
CA LYS D 186 -10.16 -61.02 -40.75
C LYS D 186 -9.78 -61.85 -39.53
N THR D 187 -9.24 -61.18 -38.52
CA THR D 187 -8.60 -61.85 -37.39
C THR D 187 -9.31 -61.97 -36.04
N GLY D 188 -10.48 -61.38 -35.89
CA GLY D 188 -11.12 -61.29 -34.59
C GLY D 188 -10.34 -60.44 -33.59
N LYS D 189 -9.25 -59.81 -34.06
CA LYS D 189 -8.44 -58.94 -33.21
C LYS D 189 -9.03 -57.55 -33.11
N THR D 190 -8.80 -56.90 -31.98
CA THR D 190 -9.16 -55.50 -31.83
C THR D 190 -8.05 -54.64 -32.41
N THR D 191 -8.43 -53.67 -33.24
CA THR D 191 -7.46 -52.84 -33.94
C THR D 191 -7.95 -51.39 -33.92
N VAL D 192 -7.14 -50.50 -34.46
CA VAL D 192 -7.44 -49.08 -34.54
C VAL D 192 -7.30 -48.64 -35.99
N LYS D 193 -8.25 -47.85 -36.48
CA LYS D 193 -8.18 -47.33 -37.84
C LYS D 193 -8.40 -45.83 -37.82
N LEU D 194 -7.81 -45.13 -38.79
CA LEU D 194 -7.94 -43.68 -38.90
C LEU D 194 -9.11 -43.30 -39.79
N VAL D 195 -9.76 -42.19 -39.46
CA VAL D 195 -10.97 -41.77 -40.16
C VAL D 195 -11.01 -40.27 -40.42
N LYS D 196 -11.48 -39.88 -41.59
CA LYS D 196 -11.66 -38.48 -41.92
C LYS D 196 -12.81 -38.26 -42.90
N VAL D 197 -13.68 -37.30 -42.60
CA VAL D 197 -14.72 -36.92 -43.57
C VAL D 197 -14.23 -35.69 -44.32
N ASP D 198 -14.37 -35.71 -45.64
CA ASP D 198 -13.69 -34.74 -46.51
C ASP D 198 -14.47 -33.46 -46.77
N TRP D 199 -15.66 -33.32 -46.19
CA TRP D 199 -16.46 -32.11 -46.34
C TRP D 199 -17.02 -31.69 -44.97
N PRO D 200 -17.38 -30.41 -44.81
CA PRO D 200 -17.88 -29.99 -43.48
C PRO D 200 -19.18 -30.68 -43.09
N VAL D 201 -19.19 -31.36 -41.95
CA VAL D 201 -20.41 -31.99 -41.46
C VAL D 201 -21.08 -31.28 -40.28
N ALA D 202 -20.44 -30.28 -39.69
CA ALA D 202 -20.94 -29.71 -38.45
C ALA D 202 -20.73 -28.21 -38.41
N ARG D 203 -21.56 -27.54 -37.64
CA ARG D 203 -21.48 -26.10 -37.51
C ARG D 203 -22.08 -25.62 -36.20
N ILE D 204 -21.50 -24.58 -35.62
CA ILE D 204 -22.09 -23.97 -34.44
C ILE D 204 -22.59 -22.58 -34.82
N PRO D 205 -23.92 -22.45 -35.07
CA PRO D 205 -24.44 -21.21 -35.62
C PRO D 205 -24.66 -20.10 -34.59
N THR D 206 -24.29 -18.88 -34.95
CA THR D 206 -24.57 -17.71 -34.12
C THR D 206 -26.03 -17.32 -34.23
N LEU D 207 -26.48 -16.53 -33.26
CA LEU D 207 -27.80 -15.93 -33.30
C LEU D 207 -27.72 -14.53 -33.88
N ALA D 208 -28.70 -14.17 -34.70
CA ALA D 208 -28.72 -12.83 -35.30
C ALA D 208 -28.72 -11.76 -34.21
N PRO D 209 -28.06 -10.62 -34.47
CA PRO D 209 -27.97 -9.56 -33.45
C PRO D 209 -29.32 -8.93 -33.15
N HIS D 210 -30.28 -9.11 -34.05
CA HIS D 210 -31.60 -8.48 -33.94
C HIS D 210 -32.33 -8.84 -32.65
N PHE D 211 -31.97 -9.97 -32.03
CA PHE D 211 -32.71 -10.49 -30.90
C PHE D 211 -32.33 -9.89 -29.54
N GLY D 212 -31.39 -8.95 -29.54
CA GLY D 212 -31.08 -8.20 -28.34
C GLY D 212 -30.00 -8.82 -27.46
N ILE D 213 -29.83 -10.13 -27.58
CA ILE D 213 -28.66 -10.79 -27.00
C ILE D 213 -27.50 -10.46 -27.92
N GLY D 214 -26.32 -10.98 -27.63
CA GLY D 214 -25.23 -10.92 -28.59
C GLY D 214 -25.46 -11.97 -29.65
N MET D 215 -24.49 -12.14 -30.53
CA MET D 215 -24.57 -13.20 -31.52
C MET D 215 -24.12 -14.54 -30.90
N THR D 216 -23.21 -14.48 -29.94
CA THR D 216 -22.71 -15.67 -29.25
C THR D 216 -23.43 -15.95 -27.94
N GLY D 217 -24.38 -15.10 -27.59
CA GLY D 217 -25.14 -15.26 -26.36
C GLY D 217 -24.26 -15.15 -25.12
N HIS D 218 -24.65 -15.88 -24.09
CA HIS D 218 -23.94 -15.89 -22.82
C HIS D 218 -22.61 -16.64 -22.93
N GLY D 219 -22.44 -17.37 -24.03
CA GLY D 219 -21.20 -18.08 -24.30
C GLY D 219 -21.16 -19.48 -23.73
N ASN D 220 -22.31 -19.93 -23.22
CA ASN D 220 -22.42 -21.19 -22.51
C ASN D 220 -22.18 -22.36 -23.45
N ARG D 221 -21.18 -23.18 -23.13
CA ARG D 221 -20.68 -24.18 -24.07
C ARG D 221 -21.56 -25.42 -24.21
N GLU D 222 -22.31 -25.73 -23.16
CA GLU D 222 -23.18 -26.91 -23.19
C GLU D 222 -24.57 -26.66 -23.80
N THR D 223 -25.17 -25.51 -23.52
CA THR D 223 -26.47 -25.15 -24.08
C THR D 223 -26.45 -24.40 -25.42
N GLU D 224 -25.56 -23.42 -25.56
CA GLU D 224 -25.58 -22.56 -26.74
C GLU D 224 -24.60 -22.90 -27.87
N MET D 225 -23.64 -23.76 -27.58
CA MET D 225 -22.63 -24.18 -28.56
C MET D 225 -22.79 -25.60 -29.12
N VAL D 226 -23.98 -26.16 -29.05
CA VAL D 226 -24.24 -27.50 -29.61
C VAL D 226 -24.23 -27.51 -31.15
N PRO D 227 -23.28 -28.26 -31.75
CA PRO D 227 -23.13 -28.29 -33.21
C PRO D 227 -24.36 -28.83 -33.94
N VAL D 228 -24.56 -28.33 -35.16
CA VAL D 228 -25.67 -28.75 -36.01
C VAL D 228 -25.13 -29.55 -37.20
N ILE D 229 -25.53 -30.82 -37.28
CA ILE D 229 -25.04 -31.71 -38.34
C ILE D 229 -25.99 -32.07 -39.48
N GLY D 230 -27.25 -31.63 -39.43
CA GLY D 230 -28.20 -32.01 -40.46
C GLY D 230 -29.63 -31.56 -40.20
N ILE D 231 -30.52 -31.88 -41.12
CA ILE D 231 -31.92 -31.49 -41.02
C ILE D 231 -32.85 -32.70 -41.01
N ASP D 232 -33.80 -32.73 -40.08
CA ASP D 232 -34.88 -33.69 -40.18
C ASP D 232 -36.23 -33.05 -39.86
N ASN D 233 -37.04 -32.84 -40.89
CA ASN D 233 -38.33 -32.15 -40.78
C ASN D 233 -39.55 -33.10 -40.73
N SER D 234 -39.30 -34.39 -40.56
CA SER D 234 -40.32 -35.42 -40.71
C SER D 234 -41.51 -35.29 -39.73
N ASP D 235 -41.40 -34.38 -38.76
CA ASP D 235 -42.49 -34.14 -37.82
C ASP D 235 -43.48 -33.12 -38.40
N LEU D 236 -43.39 -32.86 -39.70
CA LEU D 236 -44.36 -31.98 -40.35
C LEU D 236 -45.27 -32.71 -41.33
N PRO D 246 -30.33 -45.74 -33.55
CA PRO D 246 -31.18 -46.41 -34.52
C PRO D 246 -30.40 -47.34 -35.43
N VAL D 247 -29.12 -47.49 -35.14
CA VAL D 247 -28.29 -48.39 -35.93
C VAL D 247 -27.58 -49.33 -34.97
N GLY D 248 -27.73 -50.63 -35.19
CA GLY D 248 -27.08 -51.61 -34.35
C GLY D 248 -27.94 -52.10 -33.21
N LYS D 249 -27.49 -53.18 -32.60
CA LYS D 249 -28.10 -53.82 -31.44
C LYS D 249 -28.41 -52.74 -30.41
N PRO D 250 -29.62 -52.76 -29.81
CA PRO D 250 -30.09 -51.62 -29.01
C PRO D 250 -29.11 -51.13 -27.94
N GLY D 251 -28.21 -52.00 -27.47
CA GLY D 251 -27.24 -51.62 -26.46
C GLY D 251 -25.81 -51.46 -26.94
N SER D 252 -25.61 -51.50 -28.26
CA SER D 252 -24.26 -51.44 -28.82
C SER D 252 -23.67 -50.03 -28.79
N PHE D 253 -22.42 -49.90 -29.22
CA PHE D 253 -21.79 -48.58 -29.27
C PHE D 253 -22.43 -47.71 -30.35
N ALA D 254 -22.73 -48.33 -31.50
CA ALA D 254 -23.30 -47.58 -32.61
C ALA D 254 -24.60 -46.88 -32.23
N SER D 255 -25.37 -47.51 -31.34
CA SER D 255 -26.66 -46.97 -30.93
C SER D 255 -26.54 -45.69 -30.10
N THR D 256 -25.34 -45.39 -29.59
CA THR D 256 -25.14 -44.17 -28.81
C THR D 256 -24.83 -42.96 -29.70
N GLN D 257 -24.70 -43.19 -31.00
CA GLN D 257 -24.18 -42.18 -31.92
C GLN D 257 -25.23 -41.79 -32.96
N PRO D 258 -25.06 -40.62 -33.61
CA PRO D 258 -25.98 -40.27 -34.71
C PRO D 258 -25.92 -41.32 -35.81
N PRO D 259 -27.09 -41.82 -36.25
CA PRO D 259 -27.13 -42.93 -37.20
C PRO D 259 -26.36 -42.69 -38.51
N LYS D 260 -26.47 -41.53 -39.17
CA LYS D 260 -25.71 -41.43 -40.40
C LYS D 260 -24.24 -41.11 -40.15
N LEU D 261 -23.87 -40.63 -38.97
CA LEU D 261 -22.44 -40.51 -38.70
C LEU D 261 -21.85 -41.92 -38.71
N VAL D 262 -22.52 -42.86 -38.04
CA VAL D 262 -22.08 -44.25 -38.04
C VAL D 262 -22.02 -44.82 -39.46
N LYS D 263 -23.05 -44.55 -40.25
CA LYS D 263 -23.09 -45.03 -41.63
C LYS D 263 -21.99 -44.40 -42.47
N LEU D 264 -21.73 -43.12 -42.22
CA LEU D 264 -20.70 -42.41 -42.97
C LEU D 264 -19.32 -42.95 -42.62
N ILE D 265 -19.09 -43.20 -41.32
CA ILE D 265 -17.81 -43.73 -40.86
C ILE D 265 -17.56 -45.14 -41.39
N LEU D 266 -18.59 -45.98 -41.42
CA LEU D 266 -18.43 -47.36 -41.88
C LEU D 266 -18.05 -47.43 -43.35
N SER D 267 -18.57 -46.54 -44.17
CA SER D 267 -18.26 -46.55 -45.59
C SER D 267 -16.80 -46.13 -45.82
N GLN D 268 -16.31 -45.22 -44.98
CA GLN D 268 -14.93 -44.78 -45.05
C GLN D 268 -13.96 -45.90 -44.69
N LEU D 269 -14.40 -46.79 -43.80
CA LEU D 269 -13.60 -47.93 -43.40
C LEU D 269 -13.95 -49.19 -44.20
N GLY D 270 -14.91 -49.07 -45.11
CA GLY D 270 -15.35 -50.21 -45.89
C GLY D 270 -15.88 -51.34 -45.03
N LEU D 271 -16.74 -51.01 -44.08
CA LEU D 271 -17.38 -52.00 -43.23
C LEU D 271 -18.89 -51.87 -43.32
N SER D 272 -19.57 -53.01 -43.33
CA SER D 272 -21.03 -52.99 -43.34
C SER D 272 -21.76 -53.28 -42.01
N ASP D 273 -21.08 -53.86 -41.01
CA ASP D 273 -21.74 -54.21 -39.75
C ASP D 273 -21.52 -53.12 -38.71
N PRO D 274 -22.58 -52.41 -38.31
CA PRO D 274 -22.47 -51.39 -37.25
C PRO D 274 -21.88 -51.96 -35.97
N ASP D 275 -22.04 -53.27 -35.78
CA ASP D 275 -21.62 -53.90 -34.54
C ASP D 275 -20.12 -54.20 -34.54
N SER D 276 -19.46 -53.89 -35.66
CA SER D 276 -18.00 -54.03 -35.77
C SER D 276 -17.26 -52.87 -35.11
N ILE D 277 -17.96 -51.76 -34.85
CA ILE D 277 -17.34 -50.62 -34.21
C ILE D 277 -17.53 -50.71 -32.70
N LEU D 278 -16.44 -50.93 -31.97
CA LEU D 278 -16.49 -51.07 -30.52
C LEU D 278 -16.53 -49.71 -29.84
N ASN D 279 -15.85 -48.74 -30.44
CA ASN D 279 -15.76 -47.38 -29.92
C ASN D 279 -15.01 -46.54 -30.93
N TRP D 280 -15.07 -45.22 -30.75
CA TRP D 280 -14.21 -44.36 -31.54
C TRP D 280 -13.83 -43.11 -30.76
N GLU D 281 -12.77 -42.46 -31.25
CA GLU D 281 -12.35 -41.19 -30.70
C GLU D 281 -12.36 -40.15 -31.82
N LEU D 282 -13.36 -39.29 -31.82
CA LEU D 282 -13.54 -38.36 -32.94
C LEU D 282 -13.68 -36.94 -32.44
N GLU D 283 -13.10 -36.02 -33.19
CA GLU D 283 -13.17 -34.63 -32.82
C GLU D 283 -13.59 -33.77 -34.00
N LEU D 284 -14.03 -32.55 -33.71
CA LEU D 284 -14.34 -31.58 -34.74
C LEU D 284 -13.16 -30.65 -34.98
N PHE D 285 -12.84 -30.43 -36.24
CA PHE D 285 -11.78 -29.51 -36.61
C PHE D 285 -12.26 -28.59 -37.72
N ASP D 286 -11.55 -27.49 -37.95
CA ASP D 286 -11.91 -26.56 -39.01
C ASP D 286 -11.52 -27.15 -40.36
N ALA D 287 -12.50 -27.26 -41.25
CA ALA D 287 -12.30 -27.87 -42.55
C ALA D 287 -11.50 -26.98 -43.50
N GLN D 288 -11.35 -25.71 -43.15
CA GLN D 288 -10.67 -24.77 -44.03
C GLN D 288 -9.20 -25.12 -44.13
N PRO D 289 -8.70 -25.27 -45.37
CA PRO D 289 -7.29 -25.63 -45.58
C PRO D 289 -6.34 -24.58 -45.03
N ALA D 290 -5.13 -25.00 -44.67
CA ALA D 290 -4.06 -24.06 -44.40
C ALA D 290 -3.70 -23.35 -45.69
N THR D 291 -3.29 -22.11 -45.60
CA THR D 291 -3.02 -21.31 -46.80
C THR D 291 -2.02 -20.21 -46.51
N VAL D 292 -1.49 -19.62 -47.58
CA VAL D 292 -0.66 -18.42 -47.46
C VAL D 292 -1.49 -17.19 -47.77
N GLY D 293 -1.17 -16.08 -47.13
CA GLY D 293 -1.97 -14.88 -47.26
C GLY D 293 -1.20 -13.60 -47.08
N GLY D 294 -1.88 -12.48 -47.25
CA GLY D 294 -1.24 -11.18 -47.24
C GLY D 294 -0.91 -10.75 -48.65
N LEU D 295 -0.64 -9.47 -48.83
CA LEU D 295 -0.39 -8.93 -50.17
C LEU D 295 0.77 -9.62 -50.88
N ASP D 296 1.84 -9.89 -50.13
CA ASP D 296 3.02 -10.57 -50.67
C ASP D 296 3.10 -12.05 -50.31
N LYS D 297 2.03 -12.58 -49.70
CA LYS D 297 1.97 -13.96 -49.23
C LYS D 297 3.07 -14.26 -48.20
N GLU D 298 3.19 -13.35 -47.24
CA GLU D 298 4.13 -13.48 -46.14
C GLU D 298 3.54 -14.26 -44.97
N PHE D 299 2.22 -14.45 -45.02
CA PHE D 299 1.51 -15.06 -43.90
C PHE D 299 1.12 -16.49 -44.20
N ILE D 300 1.03 -17.29 -43.14
CA ILE D 300 0.34 -18.56 -43.20
C ILE D 300 -0.90 -18.46 -42.32
N PHE D 301 -2.06 -18.80 -42.88
CA PHE D 301 -3.29 -18.88 -42.11
C PHE D 301 -3.62 -20.35 -41.92
N ALA D 302 -3.67 -20.80 -40.67
CA ALA D 302 -4.02 -22.18 -40.37
C ALA D 302 -4.49 -22.33 -38.94
N GLY D 303 -5.25 -23.39 -38.68
CA GLY D 303 -5.66 -23.73 -37.32
C GLY D 303 -4.80 -24.85 -36.79
N ARG D 304 -4.86 -25.06 -35.47
CA ARG D 304 -4.05 -26.06 -34.76
C ARG D 304 -2.56 -25.74 -34.82
N ILE D 305 -2.24 -24.46 -34.93
CA ILE D 305 -0.83 -24.07 -34.95
C ILE D 305 -0.22 -24.24 -33.57
N ASP D 306 -1.02 -24.24 -32.50
CA ASP D 306 -0.34 -24.30 -31.22
C ASP D 306 0.25 -25.69 -31.17
N ASP D 307 1.55 -25.56 -31.39
CA ASP D 307 2.66 -26.49 -31.59
C ASP D 307 2.57 -27.73 -32.47
N LYS D 308 1.74 -27.68 -33.49
CA LYS D 308 1.98 -28.55 -34.62
C LYS D 308 3.04 -27.87 -35.43
N LEU D 309 3.20 -26.57 -35.20
CA LEU D 309 4.20 -25.78 -35.90
C LEU D 309 5.62 -26.09 -35.45
N CYS D 310 5.92 -25.96 -34.15
CA CYS D 310 7.28 -26.24 -33.71
C CYS D 310 7.54 -27.74 -33.74
N SER D 311 6.52 -28.55 -33.48
CA SER D 311 6.67 -30.00 -33.53
C SER D 311 7.07 -30.45 -34.93
N TRP D 312 6.38 -29.92 -35.94
CA TRP D 312 6.67 -30.31 -37.31
C TRP D 312 8.07 -29.87 -37.74
N ALA D 313 8.45 -28.65 -37.36
CA ALA D 313 9.79 -28.16 -37.68
C ALA D 313 10.86 -29.02 -36.99
N ALA D 314 10.61 -29.37 -35.74
CA ALA D 314 11.54 -30.21 -34.98
C ALA D 314 11.69 -31.58 -35.63
N PHE D 315 10.56 -32.17 -36.05
CA PHE D 315 10.57 -33.44 -36.75
C PHE D 315 11.37 -33.35 -38.04
N MET D 316 11.08 -32.33 -38.83
CA MET D 316 11.78 -32.11 -40.09
C MET D 316 13.28 -31.89 -39.87
N ALA D 317 13.62 -31.23 -38.77
CA ALA D 317 15.02 -30.99 -38.44
C ALA D 317 15.77 -32.30 -38.20
N LEU D 318 15.12 -33.24 -37.54
CA LEU D 318 15.72 -34.56 -37.31
C LEU D 318 15.96 -35.26 -38.65
N LEU D 319 14.94 -35.27 -39.52
CA LEU D 319 15.06 -35.90 -40.83
C LEU D 319 16.19 -35.29 -41.64
N HIS D 320 16.44 -34.00 -41.46
CA HIS D 320 17.47 -33.32 -42.24
C HIS D 320 18.81 -33.17 -41.51
N ALA D 321 18.92 -33.71 -40.30
CA ALA D 321 20.15 -33.54 -39.53
C ALA D 321 21.32 -34.31 -40.15
N LYS D 322 22.53 -33.80 -39.92
CA LYS D 322 23.73 -34.51 -40.35
C LYS D 322 23.83 -35.87 -39.68
N ARG D 323 24.31 -36.86 -40.41
CA ARG D 323 24.94 -37.99 -39.74
C ARG D 323 26.39 -38.04 -40.16
N ALA D 324 27.25 -37.41 -39.38
CA ALA D 324 28.67 -37.35 -39.69
C ALA D 324 29.33 -38.54 -39.02
N PRO D 325 30.42 -39.06 -39.59
CA PRO D 325 31.07 -40.21 -38.97
C PRO D 325 31.65 -39.89 -37.60
N THR D 326 31.79 -38.61 -37.28
CA THR D 326 32.36 -38.17 -36.01
C THR D 326 31.34 -37.77 -34.94
N ASP D 327 30.05 -37.90 -35.23
CA ASP D 327 29.01 -37.53 -34.28
C ASP D 327 28.98 -38.49 -33.10
N GLY D 328 29.13 -37.96 -31.89
CA GLY D 328 29.19 -38.80 -30.71
C GLY D 328 27.90 -38.84 -29.91
N VAL D 329 26.96 -37.95 -30.22
CA VAL D 329 25.74 -37.85 -29.43
C VAL D 329 24.58 -38.61 -30.06
N ILE D 330 23.48 -38.64 -29.32
CA ILE D 330 22.21 -39.11 -29.84
C ILE D 330 21.36 -37.87 -30.15
N LYS D 331 20.74 -37.86 -31.32
CA LYS D 331 19.86 -36.76 -31.71
C LYS D 331 18.42 -37.24 -31.65
N LEU D 332 17.61 -36.59 -30.84
CA LEU D 332 16.29 -37.11 -30.49
C LEU D 332 15.20 -36.04 -30.57
N VAL D 333 14.02 -36.45 -31.03
CA VAL D 333 12.85 -35.59 -31.01
C VAL D 333 11.69 -36.31 -30.33
N ALA D 334 11.12 -35.68 -29.31
CA ALA D 334 9.99 -36.25 -28.59
C ALA D 334 8.74 -35.40 -28.78
N LEU D 335 7.73 -35.98 -29.41
CA LEU D 335 6.46 -35.29 -29.62
C LEU D 335 5.39 -35.91 -28.72
N PHE D 336 4.79 -35.09 -27.87
CA PHE D 336 3.94 -35.57 -26.80
C PHE D 336 2.48 -35.18 -27.05
N ASP D 337 1.61 -35.87 -26.34
CA ASP D 337 0.18 -35.62 -26.38
C ASP D 337 -0.23 -34.97 -25.07
N ASP D 338 -1.33 -34.21 -25.11
CA ASP D 338 -1.99 -33.64 -23.93
C ASP D 338 -1.27 -32.52 -23.17
N GLU D 339 -0.62 -31.59 -23.85
CA GLU D 339 0.10 -30.56 -23.10
C GLU D 339 -0.82 -29.44 -22.61
N GLU D 340 -1.92 -29.20 -23.30
CA GLU D 340 -2.89 -28.19 -22.88
C GLU D 340 -3.69 -28.67 -21.65
N ILE D 341 -3.54 -29.94 -21.32
CA ILE D 341 -4.12 -30.56 -20.12
C ILE D 341 -3.09 -30.69 -18.98
N GLY D 342 -1.91 -30.10 -19.14
CA GLY D 342 -0.93 -30.11 -18.08
C GLY D 342 0.11 -31.21 -18.22
N SER D 343 -0.08 -32.04 -19.23
CA SER D 343 0.86 -33.09 -19.63
C SER D 343 1.13 -34.22 -18.64
N LEU D 344 0.19 -34.48 -17.74
CA LEU D 344 0.34 -35.60 -16.84
C LEU D 344 -0.58 -36.70 -17.32
N LEU D 345 -0.04 -37.61 -18.13
CA LEU D 345 -0.80 -38.74 -18.65
C LEU D 345 0.19 -39.74 -19.21
N ARG D 346 -0.24 -40.98 -19.45
CA ARG D 346 0.72 -41.93 -19.99
C ARG D 346 1.57 -41.43 -21.16
N GLN D 347 0.95 -40.68 -22.07
CA GLN D 347 1.66 -40.15 -23.24
C GLN D 347 2.16 -38.72 -23.05
N GLY D 348 1.86 -38.12 -21.89
CA GLY D 348 2.23 -36.74 -21.64
C GLY D 348 3.70 -36.52 -21.34
N ALA D 349 4.10 -35.27 -21.26
CA ALA D 349 5.50 -34.92 -21.03
C ALA D 349 5.91 -35.05 -19.56
N ARG D 350 4.92 -35.10 -18.67
CA ARG D 350 5.21 -35.31 -17.25
C ARG D 350 5.24 -36.79 -16.98
N GLY D 351 4.99 -37.56 -18.03
CA GLY D 351 4.93 -38.99 -17.93
C GLY D 351 6.26 -39.69 -18.07
N ASN D 352 6.19 -41.00 -17.85
CA ASN D 352 7.29 -41.93 -17.93
C ASN D 352 7.98 -41.91 -19.32
N PHE D 353 7.24 -41.56 -20.36
CA PHE D 353 7.58 -41.91 -21.75
C PHE D 353 9.01 -41.60 -22.19
N LEU D 354 9.44 -40.35 -22.14
CA LEU D 354 10.78 -40.01 -22.61
C LEU D 354 11.91 -40.53 -21.70
N PRO D 355 11.76 -40.39 -20.37
CA PRO D 355 12.83 -40.95 -19.53
C PRO D 355 13.06 -42.46 -19.67
N ILE D 356 12.01 -43.27 -19.67
CA ILE D 356 12.21 -44.72 -19.74
C ILE D 356 12.76 -45.12 -21.10
N THR D 357 12.39 -44.38 -22.14
CA THR D 357 12.90 -44.69 -23.47
C THR D 357 14.39 -44.44 -23.49
N ILE D 358 14.83 -43.33 -22.90
CA ILE D 358 16.24 -43.03 -22.83
C ILE D 358 16.99 -44.09 -22.01
N GLU D 359 16.42 -44.48 -20.88
CA GLU D 359 17.05 -45.50 -20.04
C GLU D 359 17.16 -46.83 -20.77
N ARG D 360 16.15 -47.15 -21.57
CA ARG D 360 16.16 -48.37 -22.38
C ARG D 360 17.27 -48.34 -23.43
N ILE D 361 17.37 -47.21 -24.14
CA ILE D 361 18.41 -47.05 -25.15
C ILE D 361 19.78 -47.19 -24.52
N LEU D 362 19.99 -46.50 -23.41
CA LEU D 362 21.28 -46.53 -22.72
C LEU D 362 21.62 -47.92 -22.21
N GLU D 363 20.63 -48.61 -21.63
CA GLU D 363 20.85 -49.96 -21.14
C GLU D 363 21.16 -50.92 -22.28
N SER D 364 20.59 -50.65 -23.45
CA SER D 364 20.84 -51.49 -24.60
C SER D 364 22.30 -51.41 -25.03
N PHE D 365 22.83 -50.20 -25.16
CA PHE D 365 24.22 -50.04 -25.56
C PHE D 365 25.18 -50.46 -24.46
N CYS D 366 24.70 -50.51 -23.22
CA CYS D 366 25.53 -50.99 -22.12
C CYS D 366 25.73 -52.50 -22.22
N SER D 367 24.72 -53.21 -22.67
CA SER D 367 24.84 -54.64 -22.90
C SER D 367 25.85 -54.93 -24.01
N SER D 368 25.70 -54.22 -25.12
CA SER D 368 26.55 -54.43 -26.29
C SER D 368 28.03 -54.24 -25.99
N ASN D 369 28.35 -53.30 -25.10
CA ASN D 369 29.72 -53.00 -24.74
C ASN D 369 30.19 -53.62 -23.43
N SER D 370 29.33 -54.45 -22.83
CA SER D 370 29.58 -55.05 -21.51
C SER D 370 30.04 -54.00 -20.52
N VAL D 371 29.14 -53.04 -20.29
CA VAL D 371 29.31 -51.97 -19.34
C VAL D 371 28.13 -52.09 -18.39
N PRO D 372 28.33 -51.87 -17.09
CA PRO D 372 27.15 -51.97 -16.21
C PRO D 372 26.20 -50.80 -16.44
N PHE D 373 24.90 -51.09 -16.44
CA PHE D 373 23.91 -50.03 -16.51
C PHE D 373 23.45 -49.66 -15.10
N GLY D 374 23.29 -48.36 -14.86
CA GLY D 374 22.80 -47.89 -13.58
C GLY D 374 22.71 -46.38 -13.51
N PRO D 375 22.45 -45.85 -12.31
CA PRO D 375 22.45 -44.40 -12.14
C PRO D 375 23.87 -43.89 -12.22
N GLY D 376 24.11 -42.83 -12.95
CA GLY D 376 25.47 -42.34 -13.04
C GLY D 376 26.26 -42.87 -14.22
N ILE D 377 25.77 -43.87 -14.93
CA ILE D 377 26.06 -43.92 -16.36
C ILE D 377 24.96 -43.12 -17.04
N LEU D 378 23.74 -43.31 -16.54
CA LEU D 378 22.66 -42.37 -16.71
C LEU D 378 22.89 -41.24 -15.72
N GLY D 379 22.98 -40.03 -16.22
CA GLY D 379 23.36 -38.87 -15.43
C GLY D 379 24.75 -38.39 -15.74
N GLN D 380 25.64 -39.27 -16.18
CA GLN D 380 26.79 -38.82 -16.96
C GLN D 380 26.21 -38.47 -18.32
N THR D 381 25.28 -39.29 -18.77
CA THR D 381 24.54 -39.03 -20.00
C THR D 381 23.78 -37.70 -19.90
N TYR D 382 22.97 -37.58 -18.86
CA TYR D 382 22.13 -36.39 -18.67
C TYR D 382 22.96 -35.11 -18.52
N ALA D 383 24.15 -35.23 -17.92
CA ALA D 383 25.01 -34.07 -17.71
C ALA D 383 25.61 -33.56 -19.02
N ARG D 384 25.72 -34.46 -19.99
CA ARG D 384 26.25 -34.14 -21.31
C ARG D 384 25.15 -33.82 -22.32
N SER D 385 23.93 -33.67 -21.82
CA SER D 385 22.75 -33.52 -22.66
C SER D 385 22.15 -32.11 -22.56
N PHE D 386 21.38 -31.73 -23.58
CA PHE D 386 20.65 -30.47 -23.58
C PHE D 386 19.26 -30.69 -24.19
N LEU D 387 18.26 -30.10 -23.56
CA LEU D 387 16.88 -30.23 -24.02
C LEU D 387 16.31 -28.91 -24.50
N VAL D 388 15.94 -28.85 -25.77
CA VAL D 388 15.19 -27.69 -26.24
C VAL D 388 13.70 -28.04 -26.16
N SER D 389 13.02 -27.39 -25.23
CA SER D 389 11.58 -27.59 -25.06
C SER D 389 10.89 -26.51 -25.89
N SER D 390 10.16 -26.93 -26.91
CA SER D 390 9.64 -25.97 -27.87
C SER D 390 8.12 -25.87 -27.87
N ASP D 391 7.61 -24.74 -27.37
CA ASP D 391 6.21 -24.37 -27.54
C ASP D 391 6.15 -23.02 -28.25
N VAL D 392 5.11 -22.81 -29.04
CA VAL D 392 4.96 -21.56 -29.78
C VAL D 392 4.89 -20.37 -28.83
N THR D 393 5.31 -19.21 -29.33
CA THR D 393 5.32 -17.98 -28.55
C THR D 393 4.50 -16.89 -29.22
N HIS D 394 4.20 -15.83 -28.47
CA HIS D 394 3.38 -14.75 -28.99
C HIS D 394 4.20 -13.74 -29.77
N ALA D 395 3.90 -13.62 -31.06
CA ALA D 395 4.47 -12.55 -31.88
C ALA D 395 3.88 -11.23 -31.41
N ALA D 396 4.58 -10.13 -31.71
CA ALA D 396 4.08 -8.81 -31.39
C ALA D 396 2.71 -8.61 -32.02
N HIS D 397 1.73 -8.17 -31.22
CA HIS D 397 0.40 -7.91 -31.76
C HIS D 397 0.26 -6.43 -32.07
N PRO D 398 -0.01 -6.10 -33.34
CA PRO D 398 -0.01 -4.70 -33.76
C PRO D 398 -1.17 -3.89 -33.19
N ASN D 399 -2.26 -4.56 -32.81
CA ASN D 399 -3.40 -3.84 -32.24
C ASN D 399 -3.61 -3.94 -30.74
N PHE D 400 -2.86 -4.79 -30.04
CA PHE D 400 -2.83 -4.66 -28.59
C PHE D 400 -1.39 -4.44 -28.17
N THR D 401 -0.97 -3.19 -28.15
CA THR D 401 0.44 -2.88 -27.95
C THR D 401 0.68 -2.85 -26.46
N GLN D 402 -0.45 -2.77 -25.75
CA GLN D 402 -0.50 -2.96 -24.31
C GLN D 402 0.26 -4.21 -23.89
N THR D 403 0.16 -5.26 -24.70
CA THR D 403 0.68 -6.57 -24.34
C THR D 403 2.07 -6.86 -24.92
N ASN D 404 2.61 -5.94 -25.72
CA ASN D 404 3.93 -6.11 -26.30
C ASN D 404 4.99 -5.49 -25.40
N LEU D 405 5.82 -6.33 -24.78
CA LEU D 405 6.91 -5.83 -23.94
C LEU D 405 8.12 -5.51 -24.81
N PRO D 406 8.52 -4.23 -24.88
CA PRO D 406 9.55 -3.81 -25.84
C PRO D 406 10.90 -4.52 -25.64
N GLY D 407 11.51 -4.88 -26.77
CA GLY D 407 12.76 -5.61 -26.80
C GLY D 407 12.55 -7.11 -26.66
N HIS D 408 11.38 -7.48 -26.17
CA HIS D 408 10.97 -8.86 -25.97
C HIS D 408 9.76 -9.38 -26.79
N SER D 409 9.38 -8.69 -27.86
CA SER D 409 8.18 -9.05 -28.63
C SER D 409 8.53 -9.43 -30.07
N PRO D 410 8.70 -10.73 -30.33
CA PRO D 410 9.29 -11.22 -31.58
C PRO D 410 8.47 -10.92 -32.82
N ARG D 411 9.17 -10.83 -33.95
CA ARG D 411 8.54 -10.54 -35.23
C ARG D 411 8.27 -11.82 -36.02
N LEU D 412 7.57 -11.68 -37.13
CA LEU D 412 7.30 -12.79 -38.03
C LEU D 412 8.36 -12.82 -39.13
N ASN D 413 8.70 -14.01 -39.59
CA ASN D 413 9.69 -14.20 -40.65
C ASN D 413 11.08 -13.68 -40.26
N VAL D 414 11.47 -13.94 -39.02
CA VAL D 414 12.78 -13.53 -38.54
C VAL D 414 13.54 -14.73 -37.99
N GLY D 415 12.94 -15.39 -37.01
CA GLY D 415 13.53 -16.60 -36.47
C GLY D 415 12.90 -16.97 -35.15
N VAL D 416 13.43 -18.02 -34.56
CA VAL D 416 12.91 -18.54 -33.32
C VAL D 416 13.16 -17.58 -32.16
N ALA D 417 12.22 -17.57 -31.21
CA ALA D 417 12.34 -16.75 -30.01
C ALA D 417 12.75 -17.60 -28.81
N LEU D 418 13.69 -17.07 -28.03
CA LEU D 418 14.03 -17.68 -26.75
C LEU D 418 13.08 -17.13 -25.69
N CYS D 419 12.32 -18.02 -25.08
CA CYS D 419 11.30 -17.61 -24.12
C CYS D 419 11.91 -17.49 -22.72
N VAL D 420 11.78 -16.30 -22.12
CA VAL D 420 12.35 -16.05 -20.81
C VAL D 420 11.26 -15.58 -19.84
N ASP D 421 11.35 -16.04 -18.59
CA ASP D 421 10.43 -15.59 -17.56
C ASP D 421 11.19 -15.12 -16.31
N THR D 427 12.59 -21.75 -17.86
CA THR D 427 13.69 -22.68 -18.03
C THR D 427 14.94 -22.00 -18.55
N THR D 428 14.76 -21.16 -19.56
CA THR D 428 15.85 -20.46 -20.18
C THR D 428 16.57 -19.59 -19.15
N ASP D 429 17.88 -19.47 -19.31
CA ASP D 429 18.70 -18.67 -18.41
C ASP D 429 19.97 -18.28 -19.15
N SER D 430 20.85 -17.55 -18.48
CA SER D 430 22.03 -16.99 -19.14
C SER D 430 22.89 -18.08 -19.82
N VAL D 431 23.00 -19.24 -19.19
CA VAL D 431 23.80 -20.33 -19.76
C VAL D 431 23.12 -20.98 -20.96
N SER D 432 21.83 -21.28 -20.83
CA SER D 432 21.06 -21.80 -21.95
C SER D 432 21.09 -20.82 -23.13
N MET D 433 20.97 -19.53 -22.83
CA MET D 433 20.96 -18.52 -23.88
C MET D 433 22.32 -18.40 -24.56
N ALA D 434 23.40 -18.49 -23.78
CA ALA D 434 24.73 -18.42 -24.35
C ALA D 434 24.97 -19.58 -25.31
N ILE D 435 24.46 -20.76 -24.95
CA ILE D 435 24.61 -21.95 -25.78
C ILE D 435 23.88 -21.81 -27.12
N LEU D 436 22.60 -21.46 -27.07
CA LEU D 436 21.80 -21.43 -28.28
C LEU D 436 22.08 -20.20 -29.14
N ASP D 437 22.48 -19.09 -28.52
CA ASP D 437 22.94 -17.96 -29.30
C ASP D 437 24.19 -18.36 -30.07
N ARG D 438 25.02 -19.18 -29.45
CA ARG D 438 26.22 -19.69 -30.10
C ARG D 438 25.87 -20.64 -31.22
N ILE D 439 24.92 -21.55 -30.96
CA ILE D 439 24.47 -22.47 -32.01
C ILE D 439 23.87 -21.68 -33.17
N ALA D 440 23.10 -20.64 -32.85
CA ALA D 440 22.49 -19.80 -33.88
C ALA D 440 23.55 -19.17 -34.78
N GLU D 441 24.70 -18.82 -34.21
CA GLU D 441 25.78 -18.22 -35.00
C GLU D 441 26.40 -19.20 -35.97
N LEU D 442 26.51 -20.47 -35.56
CA LEU D 442 27.06 -21.48 -36.44
C LEU D 442 26.04 -21.86 -37.51
N SER D 443 24.76 -21.70 -37.20
CA SER D 443 23.67 -22.07 -38.10
C SER D 443 23.26 -20.96 -39.06
N GLY D 444 23.73 -19.74 -38.82
CA GLY D 444 23.27 -18.59 -39.58
C GLY D 444 21.85 -18.19 -39.22
N CYS D 445 21.51 -18.34 -37.94
CA CYS D 445 20.19 -17.98 -37.45
C CYS D 445 20.27 -16.77 -36.54
N VAL D 446 19.20 -15.99 -36.50
CA VAL D 446 19.09 -14.92 -35.52
C VAL D 446 18.02 -15.33 -34.50
N ASN D 447 18.35 -15.21 -33.22
CA ASN D 447 17.42 -15.58 -32.15
C ASN D 447 16.73 -14.35 -31.58
N GLN D 448 15.41 -14.41 -31.50
CA GLN D 448 14.66 -13.33 -30.87
C GLN D 448 14.45 -13.65 -29.40
N ARG D 449 13.87 -12.70 -28.66
CA ARG D 449 13.55 -12.91 -27.27
C ARG D 449 12.06 -12.73 -27.07
N HIS D 450 11.47 -13.54 -26.19
CA HIS D 450 10.05 -13.41 -25.88
C HIS D 450 9.84 -13.38 -24.37
N MET D 451 9.05 -12.43 -23.91
CA MET D 451 8.74 -12.33 -22.50
C MET D 451 7.39 -11.63 -22.27
N ILE D 452 6.63 -12.09 -21.29
CA ILE D 452 5.34 -11.45 -20.99
C ILE D 452 5.51 -10.38 -19.92
N GLY D 463 6.23 -29.57 -22.68
CA GLY D 463 6.37 -29.43 -21.24
C GLY D 463 7.79 -29.12 -20.84
N PRO D 464 8.01 -27.96 -20.18
CA PRO D 464 9.38 -27.63 -19.77
C PRO D 464 9.94 -28.60 -18.74
N MET D 465 9.07 -29.32 -18.06
CA MET D 465 9.43 -30.15 -16.90
C MET D 465 10.23 -31.43 -17.16
N LEU D 466 10.48 -31.81 -18.42
CA LEU D 466 11.39 -32.93 -18.64
C LEU D 466 12.77 -32.57 -18.09
N SER D 467 13.02 -31.25 -18.06
CA SER D 467 14.23 -30.70 -17.47
C SER D 467 14.43 -31.15 -16.02
N ALA D 468 13.37 -31.14 -15.22
CA ALA D 468 13.46 -31.53 -13.82
C ALA D 468 13.50 -33.05 -13.67
N ALA D 469 12.72 -33.75 -14.48
CA ALA D 469 12.64 -35.20 -14.41
C ALA D 469 13.97 -35.86 -14.74
N MET D 470 14.70 -35.30 -15.70
CA MET D 470 16.02 -35.80 -16.08
C MET D 470 17.24 -34.98 -15.62
N GLY D 471 17.03 -33.85 -14.98
CA GLY D 471 18.13 -32.98 -14.59
C GLY D 471 19.00 -32.54 -15.77
N VAL D 472 18.36 -32.36 -16.92
CA VAL D 472 19.06 -31.95 -18.13
C VAL D 472 18.98 -30.44 -18.28
N LYS D 473 20.08 -29.82 -18.69
CA LYS D 473 20.08 -28.40 -18.99
C LYS D 473 19.11 -28.14 -20.13
N ALA D 474 18.40 -27.02 -20.08
CA ALA D 474 17.30 -26.84 -21.01
C ALA D 474 16.97 -25.38 -21.27
N ALA D 475 16.22 -25.16 -22.35
CA ALA D 475 15.70 -23.85 -22.69
C ALA D 475 14.29 -24.00 -23.22
N ASP D 476 13.49 -22.95 -23.09
CA ASP D 476 12.20 -22.92 -23.76
C ASP D 476 12.33 -22.04 -24.98
N VAL D 477 11.86 -22.57 -26.10
CA VAL D 477 12.15 -22.02 -27.40
C VAL D 477 10.84 -22.02 -28.19
N GLY D 478 10.60 -20.98 -28.97
CA GLY D 478 9.37 -20.97 -29.73
C GLY D 478 9.38 -20.17 -31.01
N ILE D 479 8.56 -20.61 -31.94
CA ILE D 479 8.34 -19.90 -33.19
C ILE D 479 7.18 -18.94 -32.96
N PRO D 480 7.38 -17.65 -33.28
CA PRO D 480 6.36 -16.64 -32.95
C PRO D 480 5.07 -16.82 -33.72
N GLN D 481 3.96 -16.50 -33.06
CA GLN D 481 2.63 -16.73 -33.60
C GLN D 481 1.62 -15.71 -33.07
N LEU D 482 0.64 -15.38 -33.91
CA LEU D 482 -0.48 -14.56 -33.50
C LEU D 482 -1.73 -15.40 -33.27
N SER D 483 -2.61 -14.92 -32.40
CA SER D 483 -3.91 -15.54 -32.17
C SER D 483 -3.78 -16.97 -31.71
N MET D 484 -2.90 -17.20 -30.73
CA MET D 484 -2.73 -18.51 -30.15
C MET D 484 -4.07 -18.98 -29.57
N HIS D 485 -4.35 -20.27 -29.77
CA HIS D 485 -5.55 -20.92 -29.26
C HIS D 485 -6.82 -20.57 -30.06
N SER D 486 -6.69 -19.73 -31.08
CA SER D 486 -7.78 -19.54 -32.03
C SER D 486 -7.98 -20.79 -32.87
N ILE D 487 -9.19 -20.96 -33.40
CA ILE D 487 -9.47 -22.07 -34.30
C ILE D 487 -8.73 -21.85 -35.62
N ARG D 488 -8.36 -20.61 -35.89
CA ARG D 488 -7.50 -20.30 -37.02
C ARG D 488 -6.50 -19.20 -36.67
N ALA D 489 -5.21 -19.53 -36.65
CA ALA D 489 -4.19 -18.60 -36.22
C ALA D 489 -3.28 -18.23 -37.39
N MET D 490 -2.24 -17.45 -37.11
CA MET D 490 -1.33 -17.06 -38.17
C MET D 490 0.13 -17.01 -37.72
N THR D 491 1.01 -17.31 -38.67
CA THR D 491 2.44 -17.15 -38.48
C THR D 491 3.01 -16.62 -39.79
N GLY D 492 4.33 -16.43 -39.84
CA GLY D 492 4.98 -16.02 -41.06
C GLY D 492 5.19 -17.19 -41.99
N SER D 493 5.18 -16.94 -43.29
CA SER D 493 5.29 -18.02 -44.28
C SER D 493 6.68 -18.65 -44.27
N LEU D 494 7.67 -17.94 -43.75
CA LEU D 494 9.02 -18.49 -43.62
C LEU D 494 9.29 -19.07 -42.24
N ASP D 495 8.34 -18.92 -41.32
CA ASP D 495 8.59 -19.33 -39.95
C ASP D 495 8.75 -20.85 -39.75
N PRO D 496 7.98 -21.69 -40.47
CA PRO D 496 8.31 -23.12 -40.37
C PRO D 496 9.72 -23.45 -40.83
N GLY D 497 10.14 -22.86 -41.94
CA GLY D 497 11.48 -23.07 -42.47
C GLY D 497 12.55 -22.56 -41.54
N LEU D 498 12.35 -21.36 -41.01
CA LEU D 498 13.28 -20.79 -40.04
C LEU D 498 13.33 -21.65 -38.78
N GLY D 499 12.20 -22.28 -38.46
CA GLY D 499 12.14 -23.22 -37.36
C GLY D 499 13.03 -24.41 -37.62
N VAL D 500 12.84 -25.05 -38.78
CA VAL D 500 13.62 -26.20 -39.18
C VAL D 500 15.11 -25.91 -39.10
N LYS D 501 15.50 -24.75 -39.61
CA LYS D 501 16.89 -24.35 -39.65
C LYS D 501 17.53 -24.30 -38.26
N PHE D 502 16.84 -23.66 -37.31
CA PHE D 502 17.37 -23.53 -35.96
C PHE D 502 17.50 -24.89 -35.27
N TYR D 503 16.42 -25.67 -35.29
CA TYR D 503 16.43 -26.99 -34.67
C TYR D 503 17.50 -27.89 -35.29
N LYS D 504 17.63 -27.82 -36.61
CA LYS D 504 18.66 -28.60 -37.28
C LYS D 504 20.05 -28.17 -36.79
N GLY D 505 20.23 -26.86 -36.63
CA GLY D 505 21.49 -26.34 -36.12
C GLY D 505 21.80 -26.87 -34.73
N PHE D 506 20.78 -26.94 -33.89
CA PHE D 506 20.95 -27.42 -32.52
C PHE D 506 21.38 -28.89 -32.50
N LEU D 507 20.64 -29.74 -33.22
CA LEU D 507 20.96 -31.15 -33.26
C LEU D 507 22.36 -31.37 -33.82
N ASP D 508 22.73 -30.60 -34.83
CA ASP D 508 24.02 -30.77 -35.47
C ASP D 508 25.19 -30.17 -34.67
N PHE D 509 24.98 -29.01 -34.04
CA PHE D 509 26.09 -28.33 -33.37
C PHE D 509 26.21 -28.44 -31.85
N TRP D 510 25.26 -29.09 -31.17
CA TRP D 510 25.29 -29.07 -29.70
C TRP D 510 26.56 -29.69 -29.13
N GLU D 511 26.97 -30.83 -29.68
CA GLU D 511 28.13 -31.55 -29.17
C GLU D 511 29.39 -30.71 -29.29
N GLU D 512 29.55 -30.05 -30.45
CA GLU D 512 30.66 -29.13 -30.67
C GLU D 512 30.65 -27.98 -29.67
N VAL D 513 29.48 -27.39 -29.47
CA VAL D 513 29.36 -26.25 -28.57
C VAL D 513 29.63 -26.64 -27.11
N ASP D 514 29.14 -27.83 -26.73
CA ASP D 514 29.36 -28.34 -25.38
C ASP D 514 30.84 -28.40 -25.03
N LEU D 515 31.67 -28.68 -26.03
CA LEU D 515 33.11 -28.80 -25.83
C LEU D 515 33.82 -27.45 -25.81
N GLU D 516 33.09 -26.37 -26.07
CA GLU D 516 33.66 -25.04 -25.94
C GLU D 516 33.58 -24.57 -24.48
N TRP D 517 32.88 -25.34 -23.64
CA TRP D 517 32.65 -24.96 -22.26
C TRP D 517 33.61 -25.63 -21.28
N SER D 518 33.49 -25.26 -20.01
CA SER D 518 34.15 -25.95 -18.90
C SER D 518 33.37 -25.68 -17.62
N ARG E 50 26.45 -21.64 23.24
CA ARG E 50 26.87 -21.72 21.85
C ARG E 50 25.91 -21.10 20.79
N PRO E 51 24.59 -21.03 21.05
CA PRO E 51 23.76 -20.43 20.01
C PRO E 51 24.14 -19.00 19.61
N GLU E 52 24.53 -18.16 20.56
CA GLU E 52 24.95 -16.81 20.19
C GLU E 52 26.28 -16.82 19.43
N HIS E 53 26.99 -17.94 19.43
CA HIS E 53 28.24 -18.01 18.68
C HIS E 53 27.99 -18.04 17.17
N PHE E 54 26.75 -18.24 16.74
CA PHE E 54 26.42 -18.22 15.32
C PHE E 54 25.79 -16.93 14.81
N THR E 55 25.58 -15.95 15.69
CA THR E 55 24.91 -14.73 15.28
C THR E 55 25.71 -13.95 14.23
N GLN E 56 26.92 -13.54 14.56
CA GLN E 56 27.70 -12.74 13.62
C GLN E 56 28.18 -13.52 12.38
N PRO E 57 28.59 -14.80 12.53
CA PRO E 57 28.85 -15.53 11.28
C PRO E 57 27.62 -15.62 10.36
N TYR E 58 26.43 -15.70 10.91
CA TYR E 58 25.23 -15.63 10.07
C TYR E 58 25.07 -14.24 9.47
N LEU E 59 25.35 -13.22 10.27
CA LEU E 59 25.27 -11.84 9.80
C LEU E 59 26.20 -11.61 8.61
N ASP E 60 27.44 -12.07 8.72
CA ASP E 60 28.41 -11.88 7.65
C ASP E 60 28.01 -12.67 6.40
N PHE E 61 27.44 -13.85 6.60
CA PHE E 61 26.96 -14.66 5.48
C PHE E 61 25.90 -13.91 4.67
N MET E 62 24.89 -13.39 5.36
CA MET E 62 23.80 -12.67 4.70
C MET E 62 24.26 -11.42 3.98
N THR E 63 25.21 -10.70 4.59
CA THR E 63 25.66 -9.44 4.01
C THR E 63 26.45 -9.65 2.72
N HIS E 64 27.34 -10.64 2.71
CA HIS E 64 28.27 -10.81 1.60
C HIS E 64 27.91 -11.87 0.54
N ASN E 65 26.72 -12.45 0.63
CA ASN E 65 26.27 -13.42 -0.36
C ASN E 65 24.83 -13.15 -0.80
N PRO E 66 24.64 -12.10 -1.61
CA PRO E 66 23.31 -11.60 -1.96
C PRO E 66 22.53 -12.48 -2.94
N THR E 67 23.22 -13.28 -3.74
CA THR E 67 22.55 -14.07 -4.77
C THR E 67 22.78 -15.55 -4.55
N VAL E 68 21.90 -16.37 -5.14
CA VAL E 68 21.97 -17.81 -4.97
C VAL E 68 23.32 -18.36 -5.45
N PHE E 69 23.95 -17.69 -6.39
CA PHE E 69 25.24 -18.13 -6.90
C PHE E 69 26.34 -17.88 -5.88
N HIS E 70 26.20 -16.79 -5.12
CA HIS E 70 27.16 -16.52 -4.05
C HIS E 70 27.02 -17.52 -2.91
N VAL E 71 25.79 -17.96 -2.66
CA VAL E 71 25.52 -18.91 -1.58
C VAL E 71 26.21 -20.24 -1.82
N VAL E 72 26.07 -20.77 -3.03
CA VAL E 72 26.71 -22.03 -3.37
C VAL E 72 28.23 -21.87 -3.35
N ASP E 73 28.73 -20.73 -3.81
CA ASP E 73 30.17 -20.47 -3.77
C ASP E 73 30.66 -20.40 -2.34
N TYR E 74 29.84 -19.83 -1.45
CA TYR E 74 30.17 -19.76 -0.04
C TYR E 74 30.27 -21.17 0.54
N CYS E 75 29.23 -21.95 0.35
CA CYS E 75 29.18 -23.32 0.85
C CYS E 75 30.30 -24.18 0.29
N LYS E 76 30.63 -23.95 -0.98
CA LYS E 76 31.62 -24.76 -1.65
C LYS E 76 33.03 -24.51 -1.09
N GLN E 77 33.32 -23.26 -0.75
CA GLN E 77 34.65 -22.96 -0.22
C GLN E 77 34.81 -23.42 1.23
N LYS E 78 33.72 -23.46 1.99
CA LYS E 78 33.83 -23.94 3.36
C LYS E 78 33.90 -25.47 3.40
N LEU E 79 33.19 -26.12 2.48
CA LEU E 79 33.24 -27.58 2.39
C LEU E 79 34.62 -28.03 1.92
N LEU E 80 35.24 -27.28 1.02
CA LEU E 80 36.58 -27.63 0.56
C LEU E 80 37.61 -27.42 1.67
N LYS E 81 37.43 -26.36 2.47
CA LYS E 81 38.37 -26.11 3.55
C LYS E 81 38.16 -27.08 4.71
N ALA E 82 36.99 -27.72 4.76
CA ALA E 82 36.74 -28.72 5.79
C ALA E 82 37.11 -30.13 5.31
N GLY E 83 37.60 -30.25 4.09
CA GLY E 83 38.07 -31.52 3.56
C GLY E 83 37.08 -32.32 2.73
N TYR E 84 36.01 -31.66 2.27
CA TYR E 84 35.05 -32.34 1.42
C TYR E 84 35.59 -32.48 0.00
N VAL E 85 35.17 -33.54 -0.67
CA VAL E 85 35.61 -33.83 -2.04
C VAL E 85 34.46 -33.67 -3.01
N GLU E 86 34.71 -32.95 -4.11
CA GLU E 86 33.65 -32.70 -5.08
C GLU E 86 33.47 -33.89 -6.01
N LEU E 87 32.22 -34.26 -6.25
CA LEU E 87 31.92 -35.32 -7.21
C LEU E 87 31.26 -34.72 -8.45
N PRO E 88 32.02 -34.57 -9.54
CA PRO E 88 31.44 -34.01 -10.76
C PRO E 88 30.48 -34.98 -11.42
N ALA E 89 29.35 -34.46 -11.90
CA ALA E 89 28.29 -35.29 -12.46
C ALA E 89 28.74 -36.05 -13.70
N ARG E 90 29.69 -35.50 -14.45
CA ARG E 90 30.12 -36.14 -15.69
C ARG E 90 31.12 -37.26 -15.44
N ASP E 91 31.65 -37.34 -14.22
CA ASP E 91 32.60 -38.39 -13.85
C ASP E 91 31.93 -39.58 -13.21
N SER E 92 32.50 -40.76 -13.41
CA SER E 92 32.04 -41.96 -12.72
C SER E 92 32.45 -41.94 -11.24
N TRP E 93 31.48 -42.15 -10.36
CA TRP E 93 31.75 -42.22 -8.93
C TRP E 93 31.93 -43.63 -8.39
N THR E 94 31.59 -44.64 -9.18
CA THR E 94 31.35 -45.97 -8.60
C THR E 94 32.58 -46.59 -7.97
N GLY E 95 33.76 -46.09 -8.33
CA GLY E 95 34.94 -46.44 -7.59
C GLY E 95 35.04 -45.78 -6.22
N LYS E 96 34.97 -44.45 -6.20
CA LYS E 96 35.71 -43.65 -5.22
C LYS E 96 35.06 -43.25 -3.89
N LEU E 97 33.86 -43.75 -3.57
CA LEU E 97 33.26 -43.39 -2.28
C LEU E 97 33.61 -44.42 -1.20
N VAL E 98 33.88 -43.91 0.00
CA VAL E 98 34.45 -44.73 1.06
C VAL E 98 33.85 -44.31 2.42
N PRO E 99 33.67 -45.28 3.34
CA PRO E 99 33.18 -44.90 4.67
C PRO E 99 34.10 -43.90 5.36
N GLY E 100 33.51 -42.96 6.09
CA GLY E 100 34.27 -41.88 6.70
C GLY E 100 34.54 -40.74 5.74
N GLY E 101 34.12 -40.89 4.49
CA GLY E 101 34.34 -39.87 3.48
C GLY E 101 33.36 -38.72 3.56
N LYS E 102 33.74 -37.59 2.96
CA LYS E 102 32.86 -36.42 2.91
C LYS E 102 32.89 -35.79 1.52
N TYR E 103 31.71 -35.59 0.96
CA TYR E 103 31.59 -35.22 -0.45
C TYR E 103 30.53 -34.14 -0.67
N PHE E 104 30.55 -33.54 -1.84
CA PHE E 104 29.49 -32.63 -2.26
C PHE E 104 29.41 -32.60 -3.78
N THR E 105 28.24 -32.22 -4.30
CA THR E 105 28.09 -32.07 -5.74
C THR E 105 27.18 -30.89 -6.05
N THR E 106 27.34 -30.37 -7.27
CA THR E 106 26.76 -29.09 -7.67
C THR E 106 25.97 -29.21 -8.97
N ARG E 107 24.91 -28.41 -9.09
CA ARG E 107 24.16 -28.33 -10.33
C ARG E 107 23.85 -26.87 -10.66
N ASN E 108 24.35 -26.41 -11.81
CA ASN E 108 24.18 -25.03 -12.30
C ASN E 108 24.77 -24.00 -11.33
N GLY E 109 25.63 -24.46 -10.42
CA GLY E 109 26.25 -23.56 -9.47
C GLY E 109 25.26 -22.85 -8.56
N SER E 110 23.98 -23.16 -8.69
CA SER E 110 22.94 -22.70 -7.75
C SER E 110 22.31 -23.77 -6.84
N SER E 111 22.70 -25.03 -7.00
CA SER E 111 22.19 -26.12 -6.19
C SER E 111 23.35 -26.96 -5.67
N ILE E 112 23.29 -27.35 -4.41
CA ILE E 112 24.37 -28.14 -3.85
C ILE E 112 23.86 -29.16 -2.84
N ILE E 113 24.44 -30.36 -2.93
CA ILE E 113 24.18 -31.44 -1.99
C ILE E 113 25.50 -31.84 -1.36
N ALA E 114 25.57 -31.82 -0.03
CA ALA E 114 26.76 -32.24 0.69
C ALA E 114 26.40 -33.38 1.62
N PHE E 115 27.30 -34.33 1.80
CA PHE E 115 27.03 -35.44 2.70
C PHE E 115 28.30 -36.07 3.26
N THR E 116 28.15 -36.68 4.44
CA THR E 116 29.22 -37.45 5.05
C THR E 116 28.75 -38.89 5.23
N VAL E 117 29.61 -39.84 4.88
CA VAL E 117 29.29 -41.25 5.02
C VAL E 117 29.89 -41.78 6.32
N GLY E 118 29.05 -42.37 7.17
CA GLY E 118 29.53 -42.89 8.45
C GLY E 118 30.50 -44.04 8.27
N GLN E 119 31.42 -44.21 9.22
CA GLN E 119 32.42 -45.26 9.10
C GLN E 119 31.83 -46.65 9.18
N ALA E 120 30.67 -46.76 9.83
CA ALA E 120 29.98 -48.03 9.98
C ALA E 120 28.96 -48.25 8.87
N TYR E 121 28.96 -47.38 7.87
CA TYR E 121 28.00 -47.47 6.78
C TYR E 121 28.17 -48.72 5.91
N LYS E 122 27.04 -49.34 5.59
CA LYS E 122 26.96 -50.42 4.61
C LYS E 122 25.71 -50.21 3.77
N PRO E 123 25.73 -50.66 2.51
CA PRO E 123 24.54 -50.56 1.65
C PRO E 123 23.28 -51.10 2.31
N GLY E 124 22.22 -50.31 2.25
CA GLY E 124 20.98 -50.63 2.93
C GLY E 124 20.76 -49.78 4.17
N ASN E 125 21.81 -49.14 4.67
CA ASN E 125 21.67 -48.24 5.81
C ASN E 125 20.95 -46.96 5.40
N GLY E 126 20.35 -46.29 6.36
CA GLY E 126 19.51 -45.13 6.09
C GLY E 126 20.25 -43.83 5.96
N ILE E 127 19.55 -42.81 5.48
CA ILE E 127 20.10 -41.47 5.33
C ILE E 127 19.35 -40.49 6.23
N ALA E 128 20.10 -39.67 6.96
CA ALA E 128 19.50 -38.54 7.64
C ALA E 128 19.75 -37.31 6.77
N MET E 129 18.68 -36.78 6.20
CA MET E 129 18.83 -35.70 5.23
C MET E 129 17.97 -34.47 5.57
N ILE E 130 18.52 -33.30 5.26
CA ILE E 130 17.80 -32.04 5.43
C ILE E 130 17.73 -31.33 4.08
N ALA E 131 16.56 -30.82 3.74
CA ALA E 131 16.40 -30.09 2.49
C ALA E 131 15.94 -28.66 2.74
N GLY E 132 16.48 -27.72 1.97
CA GLY E 132 16.09 -26.33 2.06
C GLY E 132 16.28 -25.66 0.71
N HIS E 133 15.82 -24.42 0.58
CA HIS E 133 16.06 -23.68 -0.65
C HIS E 133 16.87 -22.42 -0.37
N ILE E 134 17.79 -22.13 -1.28
CA ILE E 134 18.62 -20.94 -1.18
C ILE E 134 18.28 -19.79 -2.14
N ASP E 135 17.24 -19.95 -2.95
CA ASP E 135 16.75 -18.81 -3.73
C ASP E 135 15.96 -17.89 -2.83
N ALA E 136 15.88 -16.62 -3.19
CA ALA E 136 15.06 -15.66 -2.47
C ALA E 136 14.37 -14.76 -3.48
N LEU E 137 13.25 -14.16 -3.06
CA LEU E 137 12.54 -13.22 -3.91
C LEU E 137 13.48 -12.09 -4.31
N THR E 138 13.58 -11.84 -5.60
CA THR E 138 14.50 -10.83 -6.12
C THR E 138 13.99 -10.30 -7.45
N ALA E 139 14.71 -9.33 -8.00
CA ALA E 139 14.33 -8.75 -9.28
C ALA E 139 15.47 -8.89 -10.28
N ARG E 140 15.24 -9.68 -11.33
CA ARG E 140 16.28 -9.96 -12.29
C ARG E 140 16.26 -9.02 -13.47
N LEU E 141 17.44 -8.66 -13.92
CA LEU E 141 17.61 -7.83 -15.10
C LEU E 141 17.04 -8.55 -16.31
N LYS E 142 16.28 -7.82 -17.13
CA LYS E 142 15.72 -8.36 -18.36
C LYS E 142 16.86 -8.75 -19.31
N PRO E 143 16.58 -9.67 -20.26
CA PRO E 143 17.53 -9.93 -21.34
C PRO E 143 18.01 -8.65 -22.02
N THR E 144 17.11 -7.71 -22.28
CA THR E 144 17.51 -6.36 -22.61
C THR E 144 17.15 -5.46 -21.44
N SER E 145 18.15 -5.01 -20.69
CA SER E 145 17.89 -4.17 -19.53
C SER E 145 17.96 -2.68 -19.85
N VAL E 146 18.45 -2.34 -21.04
CA VAL E 146 18.58 -0.94 -21.41
C VAL E 146 17.18 -0.31 -21.64
N LYS E 147 17.06 0.95 -21.26
CA LYS E 147 15.82 1.71 -21.35
C LYS E 147 16.11 3.08 -21.94
N PRO E 148 15.08 3.76 -22.47
CA PRO E 148 15.31 5.14 -22.92
C PRO E 148 15.52 6.06 -21.72
N THR E 149 16.48 6.97 -21.80
CA THR E 149 16.63 7.97 -20.76
C THR E 149 15.39 8.86 -20.77
N LYS E 150 14.77 9.01 -19.60
CA LYS E 150 13.43 9.58 -19.48
C LYS E 150 13.42 10.67 -18.42
N GLU E 151 13.09 11.90 -18.84
CA GLU E 151 13.15 13.08 -17.98
C GLU E 151 14.51 13.22 -17.31
N GLY E 152 15.57 12.84 -18.03
CA GLY E 152 16.93 13.00 -17.54
C GLY E 152 17.47 11.83 -16.73
N TYR E 153 16.61 10.85 -16.46
CA TYR E 153 17.01 9.68 -15.67
C TYR E 153 17.38 8.50 -16.56
N VAL E 154 18.41 7.78 -16.13
CA VAL E 154 18.78 6.52 -16.75
C VAL E 154 18.12 5.38 -15.97
N GLN E 155 17.37 4.53 -16.65
CA GLN E 155 16.62 3.49 -15.97
C GLN E 155 17.06 2.09 -16.36
N LEU E 156 16.43 1.10 -15.74
CA LEU E 156 16.86 -0.28 -15.88
C LEU E 156 15.66 -1.21 -16.06
N GLY E 157 15.67 -2.01 -17.13
CA GLY E 157 14.67 -3.05 -17.29
C GLY E 157 14.89 -4.23 -16.36
N VAL E 158 13.90 -4.54 -15.53
CA VAL E 158 13.98 -5.71 -14.65
C VAL E 158 12.64 -6.44 -14.64
N ALA E 159 12.66 -7.67 -14.15
CA ALA E 159 11.45 -8.48 -14.03
C ALA E 159 11.38 -9.06 -12.63
N GLN E 160 10.23 -8.96 -11.98
CA GLN E 160 10.15 -9.56 -10.65
C GLN E 160 10.22 -11.07 -10.85
N TYR E 161 11.23 -11.65 -10.22
CA TYR E 161 11.47 -13.08 -10.26
C TYR E 161 10.28 -13.88 -9.72
N ALA E 162 10.10 -13.83 -8.41
CA ALA E 162 9.09 -14.62 -7.70
C ALA E 162 7.85 -13.84 -7.23
N GLY E 163 7.61 -12.64 -7.75
CA GLY E 163 6.51 -11.82 -7.25
C GLY E 163 7.10 -10.92 -6.20
N ALA E 164 8.39 -10.69 -6.35
CA ALA E 164 9.20 -9.99 -5.36
C ALA E 164 8.88 -8.51 -5.20
N LEU E 165 8.53 -7.79 -6.25
CA LEU E 165 8.50 -6.37 -6.02
C LEU E 165 7.16 -6.04 -5.41
N ASN E 166 7.15 -6.02 -4.09
CA ASN E 166 5.99 -5.64 -3.31
C ASN E 166 6.29 -4.28 -2.74
N GLU E 167 5.35 -3.77 -1.94
CA GLU E 167 5.48 -2.42 -1.42
C GLU E 167 6.77 -2.18 -0.61
N THR E 168 7.35 -3.22 -0.04
CA THR E 168 8.56 -3.01 0.76
C THR E 168 9.78 -2.68 -0.09
N TRP E 169 9.66 -2.81 -1.41
CA TRP E 169 10.80 -2.56 -2.29
C TRP E 169 11.00 -1.08 -2.64
N TRP E 170 10.00 -0.24 -2.38
CA TRP E 170 10.10 1.18 -2.71
C TRP E 170 11.11 1.89 -1.80
N ASP E 171 11.87 2.82 -2.39
CA ASP E 171 12.84 3.63 -1.66
C ASP E 171 13.81 2.79 -0.84
N ARG E 172 14.39 1.78 -1.48
CA ARG E 172 15.45 0.99 -0.88
C ARG E 172 16.73 1.20 -1.69
N ASP E 173 17.88 1.14 -1.02
CA ASP E 173 19.13 1.30 -1.75
C ASP E 173 19.45 -0.06 -2.35
N LEU E 174 19.41 -0.14 -3.67
CA LEU E 174 19.57 -1.42 -4.35
C LEU E 174 20.93 -1.54 -4.98
N SER E 175 21.53 -2.72 -4.84
CA SER E 175 22.79 -3.01 -5.50
C SER E 175 22.56 -4.16 -6.47
N VAL E 176 23.59 -4.50 -7.25
CA VAL E 176 23.44 -5.49 -8.30
C VAL E 176 24.52 -6.57 -8.16
N GLY E 177 24.16 -7.79 -8.50
CA GLY E 177 25.09 -8.90 -8.42
C GLY E 177 24.55 -10.11 -9.16
N GLY E 178 25.41 -11.11 -9.32
CA GLY E 178 25.04 -12.31 -10.02
C GLY E 178 26.25 -12.95 -10.67
N ARG E 179 26.02 -13.70 -11.73
CA ARG E 179 27.10 -14.33 -12.48
C ARG E 179 27.17 -13.79 -13.90
N VAL E 180 28.38 -13.75 -14.45
CA VAL E 180 28.59 -13.29 -15.82
C VAL E 180 29.19 -14.43 -16.63
N ILE E 181 28.69 -14.61 -17.85
CA ILE E 181 29.24 -15.62 -18.73
C ILE E 181 30.30 -14.97 -19.59
N VAL E 182 31.55 -15.29 -19.27
CA VAL E 182 32.67 -14.61 -19.88
C VAL E 182 33.41 -15.58 -20.79
N LYS E 183 33.89 -15.07 -21.93
CA LYS E 183 34.77 -15.87 -22.76
C LYS E 183 36.20 -15.51 -22.41
N ASP E 184 36.87 -16.48 -21.79
CA ASP E 184 38.20 -16.29 -21.22
C ASP E 184 39.17 -15.88 -22.32
N PRO E 185 39.97 -14.84 -22.06
CA PRO E 185 40.87 -14.28 -23.06
C PRO E 185 41.93 -15.28 -23.50
N LYS E 186 42.44 -16.05 -22.53
CA LYS E 186 43.54 -16.97 -22.76
C LYS E 186 43.19 -18.32 -23.41
N THR E 187 42.17 -18.99 -22.85
CA THR E 187 41.81 -20.36 -23.25
C THR E 187 40.89 -20.46 -24.47
N GLY E 188 39.94 -19.54 -24.58
CA GLY E 188 38.89 -19.65 -25.56
C GLY E 188 37.72 -20.50 -25.07
N LYS E 189 37.74 -20.86 -23.79
CA LYS E 189 36.66 -21.63 -23.19
C LYS E 189 35.63 -20.69 -22.57
N THR E 190 34.36 -21.11 -22.62
CA THR E 190 33.30 -20.35 -21.97
C THR E 190 33.31 -20.66 -20.48
N THR E 191 33.21 -19.61 -19.67
CA THR E 191 33.31 -19.73 -18.22
C THR E 191 32.24 -18.94 -17.50
N VAL E 192 32.24 -19.04 -16.18
CA VAL E 192 31.29 -18.33 -15.33
C VAL E 192 32.04 -17.63 -14.20
N LYS E 193 31.72 -16.36 -13.97
CA LYS E 193 32.36 -15.62 -12.90
C LYS E 193 31.31 -14.85 -12.10
N LEU E 194 31.60 -14.65 -10.81
CA LEU E 194 30.69 -13.93 -9.92
C LEU E 194 31.05 -12.46 -9.86
N VAL E 195 30.05 -11.61 -9.70
CA VAL E 195 30.25 -10.18 -9.66
C VAL E 195 29.30 -9.52 -8.68
N LYS E 196 29.75 -8.43 -8.06
CA LYS E 196 28.94 -7.67 -7.13
C LYS E 196 29.38 -6.22 -7.10
N VAL E 197 28.42 -5.29 -7.07
CA VAL E 197 28.76 -3.89 -6.90
C VAL E 197 28.60 -3.52 -5.44
N ASP E 198 29.61 -2.83 -4.90
CA ASP E 198 29.73 -2.61 -3.46
C ASP E 198 29.01 -1.36 -2.95
N TRP E 199 28.32 -0.66 -3.84
CA TRP E 199 27.53 0.52 -3.43
C TRP E 199 26.17 0.49 -4.14
N PRO E 200 25.16 1.19 -3.60
CA PRO E 200 23.85 1.16 -4.25
C PRO E 200 23.84 1.81 -5.63
N VAL E 201 23.49 1.04 -6.66
CA VAL E 201 23.37 1.58 -8.01
C VAL E 201 21.94 1.86 -8.49
N ALA E 202 20.97 1.33 -7.75
CA ALA E 202 19.60 1.31 -8.27
C ALA E 202 18.61 1.67 -7.18
N ARG E 203 17.49 2.23 -7.61
CA ARG E 203 16.45 2.61 -6.67
C ARG E 203 15.08 2.69 -7.35
N ILE E 204 14.02 2.33 -6.63
CA ILE E 204 12.67 2.52 -7.15
C ILE E 204 12.00 3.61 -6.32
N PRO E 205 11.94 4.84 -6.87
CA PRO E 205 11.42 5.97 -6.09
C PRO E 205 9.91 6.07 -5.97
N THR E 206 9.44 6.36 -4.77
CA THR E 206 8.03 6.64 -4.56
C THR E 206 7.69 8.02 -5.09
N LEU E 207 6.39 8.24 -5.30
CA LEU E 207 5.88 9.55 -5.65
C LEU E 207 5.40 10.26 -4.38
N ALA E 208 5.58 11.57 -4.31
CA ALA E 208 5.12 12.33 -3.15
C ALA E 208 3.61 12.17 -2.99
N PRO E 209 3.13 12.14 -1.73
CA PRO E 209 1.69 11.99 -1.49
C PRO E 209 0.88 13.18 -1.99
N HIS E 210 1.57 14.31 -2.18
CA HIS E 210 0.93 15.58 -2.53
C HIS E 210 0.12 15.52 -3.84
N PHE E 211 0.41 14.55 -4.69
CA PHE E 211 -0.19 14.50 -6.02
C PHE E 211 -1.55 13.81 -6.06
N GLY E 212 -2.00 13.30 -4.93
CA GLY E 212 -3.34 12.74 -4.82
C GLY E 212 -3.41 11.24 -5.02
N ILE E 213 -2.45 10.68 -5.76
CA ILE E 213 -2.31 9.23 -5.82
C ILE E 213 -1.73 8.81 -4.49
N GLY E 214 -1.43 7.52 -4.33
CA GLY E 214 -0.62 7.09 -3.21
C GLY E 214 0.83 7.44 -3.48
N MET E 215 1.71 6.99 -2.59
CA MET E 215 3.14 7.08 -2.84
C MET E 215 3.59 5.93 -3.72
N THR E 216 2.84 4.84 -3.64
CA THR E 216 3.12 3.61 -4.37
C THR E 216 2.33 3.51 -5.66
N GLY E 217 1.48 4.51 -5.88
CA GLY E 217 0.57 4.47 -7.01
C GLY E 217 -0.36 3.29 -6.91
N HIS E 218 -0.71 2.77 -8.09
CA HIS E 218 -1.57 1.61 -8.22
C HIS E 218 -0.78 0.31 -8.04
N GLY E 219 0.55 0.44 -8.03
CA GLY E 219 1.43 -0.67 -7.73
C GLY E 219 1.90 -1.46 -8.92
N ASN E 220 1.55 -1.01 -10.13
CA ASN E 220 1.86 -1.76 -11.34
C ASN E 220 3.36 -1.80 -11.58
N ARG E 221 3.89 -3.02 -11.64
CA ARG E 221 5.34 -3.24 -11.58
C ARG E 221 6.10 -2.92 -12.86
N GLU E 222 5.44 -2.96 -14.00
CA GLU E 222 6.14 -2.71 -15.26
C GLU E 222 6.25 -1.22 -15.63
N THR E 223 5.20 -0.44 -15.33
CA THR E 223 5.23 1.00 -15.57
C THR E 223 5.78 1.85 -14.41
N GLU E 224 5.36 1.56 -13.18
CA GLU E 224 5.65 2.43 -12.04
C GLU E 224 6.85 2.02 -11.15
N MET E 225 7.30 0.78 -11.29
CA MET E 225 8.40 0.24 -10.49
C MET E 225 9.74 0.09 -11.24
N VAL E 226 9.89 0.80 -12.35
CA VAL E 226 11.15 0.77 -13.11
C VAL E 226 12.29 1.49 -12.38
N PRO E 227 13.34 0.74 -12.00
CA PRO E 227 14.44 1.29 -11.21
C PRO E 227 15.21 2.41 -11.92
N VAL E 228 15.75 3.33 -11.13
CA VAL E 228 16.53 4.45 -11.62
C VAL E 228 18.00 4.26 -11.26
N ILE E 229 18.86 4.15 -12.26
CA ILE E 229 20.29 3.93 -12.05
C ILE E 229 21.24 5.11 -12.27
N GLY E 230 20.73 6.26 -12.71
CA GLY E 230 21.60 7.39 -12.97
C GLY E 230 20.93 8.57 -13.62
N ILE E 231 21.72 9.63 -13.84
CA ILE E 231 21.25 10.88 -14.42
C ILE E 231 21.96 11.13 -15.75
N ASP E 232 21.20 11.52 -16.78
CA ASP E 232 21.80 12.13 -17.96
C ASP E 232 20.93 13.29 -18.43
N ASN E 233 21.44 14.51 -18.26
CA ASN E 233 20.73 15.74 -18.63
C ASN E 233 21.15 16.35 -19.97
N SER E 234 21.91 15.60 -20.76
CA SER E 234 22.59 16.13 -21.94
C SER E 234 21.65 16.67 -23.03
N ASP E 235 20.35 16.53 -22.85
CA ASP E 235 19.36 17.06 -23.79
C ASP E 235 19.00 18.51 -23.47
N LEU E 236 19.79 19.15 -22.61
CA LEU E 236 19.53 20.53 -22.21
C LEU E 236 20.59 21.52 -22.71
N PRO E 246 25.67 1.82 -26.82
CA PRO E 246 26.90 2.45 -27.31
C PRO E 246 28.16 1.66 -26.96
N VAL E 247 28.02 0.44 -26.47
CA VAL E 247 29.17 -0.37 -26.11
C VAL E 247 29.08 -1.75 -26.76
N GLY E 248 30.09 -2.07 -27.56
CA GLY E 248 30.15 -3.35 -28.24
C GLY E 248 29.59 -3.32 -29.65
N LYS E 249 30.05 -4.25 -30.48
CA LYS E 249 29.57 -4.44 -31.85
C LYS E 249 28.04 -4.47 -31.81
N PRO E 250 27.38 -3.74 -32.73
CA PRO E 250 25.94 -3.44 -32.58
C PRO E 250 25.05 -4.66 -32.30
N GLY E 251 25.50 -5.86 -32.64
CA GLY E 251 24.70 -7.05 -32.43
C GLY E 251 25.02 -7.83 -31.16
N SER E 252 25.98 -7.34 -30.38
CA SER E 252 26.47 -8.11 -29.24
C SER E 252 25.53 -8.07 -28.04
N PHE E 253 25.89 -8.83 -27.00
CA PHE E 253 25.11 -8.85 -25.78
C PHE E 253 25.24 -7.51 -25.06
N ALA E 254 26.46 -7.00 -24.98
CA ALA E 254 26.74 -5.76 -24.26
C ALA E 254 25.89 -4.61 -24.75
N SER E 255 25.52 -4.62 -26.03
CA SER E 255 24.73 -3.55 -26.61
C SER E 255 23.29 -3.54 -26.07
N THR E 256 22.84 -4.66 -25.50
CA THR E 256 21.48 -4.74 -24.96
C THR E 256 21.37 -4.19 -23.54
N GLN E 257 22.49 -3.81 -22.96
CA GLN E 257 22.56 -3.43 -21.54
C GLN E 257 22.99 -1.97 -21.38
N PRO E 258 22.70 -1.36 -20.21
CA PRO E 258 23.18 0.00 -19.98
C PRO E 258 24.69 0.10 -20.08
N PRO E 259 25.19 1.09 -20.84
CA PRO E 259 26.63 1.23 -21.06
C PRO E 259 27.46 1.37 -19.78
N LYS E 260 27.02 2.11 -18.77
CA LYS E 260 27.84 2.13 -17.55
C LYS E 260 27.73 0.84 -16.77
N LEU E 261 26.65 0.08 -16.94
CA LEU E 261 26.58 -1.18 -16.22
C LEU E 261 27.65 -2.12 -16.76
N VAL E 262 27.77 -2.19 -18.08
CA VAL E 262 28.78 -3.04 -18.70
C VAL E 262 30.19 -2.64 -18.29
N LYS E 263 30.52 -1.36 -18.39
CA LYS E 263 31.86 -0.89 -18.02
C LYS E 263 32.16 -1.17 -16.56
N LEU E 264 31.15 -1.02 -15.72
CA LEU E 264 31.32 -1.28 -14.30
C LEU E 264 31.59 -2.76 -14.07
N ILE E 265 30.84 -3.61 -14.76
CA ILE E 265 31.02 -5.05 -14.62
C ILE E 265 32.38 -5.51 -15.17
N LEU E 266 32.80 -4.94 -16.30
CA LEU E 266 34.08 -5.34 -16.90
C LEU E 266 35.27 -5.02 -16.00
N SER E 267 35.20 -3.90 -15.29
CA SER E 267 36.30 -3.52 -14.40
C SER E 267 36.42 -4.51 -13.24
N GLN E 268 35.29 -4.87 -12.65
CA GLN E 268 35.29 -5.79 -11.50
C GLN E 268 35.80 -7.18 -11.90
N LEU E 269 35.67 -7.53 -13.17
CA LEU E 269 36.19 -8.79 -13.67
C LEU E 269 37.57 -8.65 -14.31
N GLY E 270 38.10 -7.43 -14.34
CA GLY E 270 39.40 -7.17 -14.94
C GLY E 270 39.44 -7.51 -16.42
N LEU E 271 38.37 -7.13 -17.13
CA LEU E 271 38.26 -7.34 -18.57
C LEU E 271 38.09 -6.00 -19.27
N SER E 272 38.72 -5.80 -20.42
CA SER E 272 38.47 -4.57 -21.17
C SER E 272 37.57 -4.65 -22.41
N ASP E 273 37.38 -5.83 -22.99
CA ASP E 273 36.67 -5.91 -24.27
C ASP E 273 35.23 -6.31 -24.02
N PRO E 274 34.29 -5.38 -24.27
CA PRO E 274 32.87 -5.64 -24.04
C PRO E 274 32.37 -6.91 -24.71
N ASP E 275 33.08 -7.35 -25.74
CA ASP E 275 32.66 -8.49 -26.53
C ASP E 275 33.08 -9.82 -25.89
N SER E 276 33.75 -9.72 -24.75
CA SER E 276 34.10 -10.90 -23.94
C SER E 276 32.93 -11.40 -23.11
N ILE E 277 31.88 -10.59 -23.01
CA ILE E 277 30.71 -10.96 -22.22
C ILE E 277 29.62 -11.56 -23.12
N LEU E 278 29.38 -12.85 -22.96
CA LEU E 278 28.39 -13.56 -23.77
C LEU E 278 26.98 -13.35 -23.22
N ASN E 279 26.90 -13.24 -21.90
CA ASN E 279 25.63 -13.04 -21.19
C ASN E 279 25.91 -12.90 -19.71
N TRP E 280 24.91 -12.47 -18.96
CA TRP E 280 25.01 -12.50 -17.50
C TRP E 280 23.64 -12.74 -16.87
N GLU E 281 23.65 -13.13 -15.60
CA GLU E 281 22.43 -13.23 -14.83
C GLU E 281 22.57 -12.35 -13.59
N LEU E 282 21.91 -11.20 -13.61
CA LEU E 282 22.10 -10.23 -12.53
C LEU E 282 20.77 -9.87 -11.91
N GLU E 283 20.79 -9.60 -10.62
CA GLU E 283 19.59 -9.25 -9.90
C GLU E 283 19.85 -8.05 -9.00
N LEU E 284 18.77 -7.39 -8.59
CA LEU E 284 18.87 -6.31 -7.62
C LEU E 284 18.58 -6.84 -6.23
N PHE E 285 19.38 -6.40 -5.27
CA PHE E 285 19.19 -6.79 -3.88
C PHE E 285 19.38 -5.58 -2.98
N ASP E 286 18.89 -5.66 -1.75
CA ASP E 286 19.02 -4.55 -0.82
C ASP E 286 20.44 -4.45 -0.31
N ALA E 287 21.02 -3.27 -0.45
CA ALA E 287 22.42 -3.02 -0.12
C ALA E 287 22.67 -2.90 1.38
N GLN E 288 21.60 -2.73 2.15
CA GLN E 288 21.73 -2.55 3.60
C GLN E 288 22.21 -3.84 4.25
N PRO E 289 23.30 -3.75 5.02
CA PRO E 289 23.84 -4.95 5.67
C PRO E 289 22.85 -5.58 6.64
N ALA E 290 22.99 -6.88 6.86
CA ALA E 290 22.29 -7.54 7.95
C ALA E 290 22.82 -6.99 9.26
N THR E 291 21.99 -6.94 10.28
CA THR E 291 22.39 -6.35 11.54
C THR E 291 21.58 -6.93 12.69
N VAL E 292 22.05 -6.67 13.90
CA VAL E 292 21.28 -6.96 15.10
C VAL E 292 20.62 -5.70 15.59
N GLY E 293 19.46 -5.84 16.20
CA GLY E 293 18.69 -4.70 16.64
C GLY E 293 17.79 -5.01 17.81
N GLY E 294 17.10 -3.99 18.29
CA GLY E 294 16.32 -4.09 19.51
C GLY E 294 17.11 -3.46 20.64
N LEU E 295 16.43 -3.14 21.72
CA LEU E 295 17.09 -2.51 22.86
C LEU E 295 18.20 -3.39 23.41
N ASP E 296 17.95 -4.69 23.45
CA ASP E 296 18.92 -5.66 23.91
C ASP E 296 19.64 -6.44 22.79
N LYS E 297 19.40 -6.04 21.54
CA LYS E 297 19.98 -6.72 20.38
C LYS E 297 19.54 -8.18 20.29
N GLU E 298 18.24 -8.39 20.54
CA GLU E 298 17.64 -9.72 20.45
C GLU E 298 17.25 -10.07 19.02
N PHE E 299 17.24 -9.05 18.15
CA PHE E 299 16.71 -9.18 16.80
C PHE E 299 17.81 -9.26 15.77
N ILE E 300 17.53 -9.94 14.66
CA ILE E 300 18.35 -9.80 13.46
C ILE E 300 17.49 -9.16 12.36
N PHE E 301 17.97 -8.06 11.81
CA PHE E 301 17.33 -7.43 10.66
C PHE E 301 18.13 -7.76 9.41
N ALA E 302 17.51 -8.46 8.46
CA ALA E 302 18.16 -8.78 7.20
C ALA E 302 17.12 -9.12 6.13
N GLY E 303 17.51 -8.97 4.87
CA GLY E 303 16.68 -9.39 3.76
C GLY E 303 17.14 -10.73 3.21
N ARG E 304 16.27 -11.37 2.44
CA ARG E 304 16.48 -12.71 1.88
C ARG E 304 16.50 -13.81 2.94
N ILE E 305 15.81 -13.57 4.04
CA ILE E 305 15.74 -14.57 5.10
C ILE E 305 14.93 -15.78 4.63
N ASP E 306 14.00 -15.61 3.69
CA ASP E 306 13.18 -16.77 3.39
C ASP E 306 14.15 -17.79 2.80
N ASP E 307 14.39 -18.73 3.71
CA ASP E 307 15.23 -19.93 3.70
C ASP E 307 16.75 -19.84 3.50
N LYS E 308 17.34 -18.68 3.25
CA LYS E 308 18.79 -18.61 3.44
C LYS E 308 19.10 -18.86 4.92
N LEU E 309 18.12 -18.58 5.78
CA LEU E 309 18.27 -18.82 7.22
C LEU E 309 18.28 -20.30 7.57
N CYS E 310 17.25 -21.04 7.17
CA CYS E 310 17.20 -22.47 7.48
C CYS E 310 18.26 -23.24 6.70
N SER E 311 18.55 -22.81 5.48
CA SER E 311 19.57 -23.46 4.68
C SER E 311 20.96 -23.30 5.30
N TRP E 312 21.27 -22.09 5.73
CA TRP E 312 22.56 -21.82 6.36
C TRP E 312 22.70 -22.61 7.65
N ALA E 313 21.61 -22.72 8.41
CA ALA E 313 21.62 -23.46 9.65
C ALA E 313 21.85 -24.95 9.41
N ALA E 314 21.20 -25.50 8.38
CA ALA E 314 21.36 -26.90 8.02
C ALA E 314 22.79 -27.18 7.55
N PHE E 315 23.32 -26.27 6.73
CA PHE E 315 24.68 -26.37 6.24
C PHE E 315 25.68 -26.40 7.40
N MET E 316 25.55 -25.44 8.32
CA MET E 316 26.44 -25.38 9.48
C MET E 316 26.26 -26.59 10.39
N ALA E 317 25.04 -27.14 10.41
CA ALA E 317 24.77 -28.35 11.17
C ALA E 317 25.62 -29.51 10.67
N LEU E 318 25.72 -29.64 9.35
CA LEU E 318 26.50 -30.70 8.73
C LEU E 318 27.99 -30.54 9.04
N LEU E 319 28.49 -29.32 8.91
CA LEU E 319 29.89 -29.05 9.21
C LEU E 319 30.22 -29.38 10.67
N HIS E 320 29.25 -29.15 11.55
CA HIS E 320 29.43 -29.35 12.98
C HIS E 320 28.92 -30.70 13.49
N ALA E 321 28.49 -31.58 12.58
CA ALA E 321 27.94 -32.87 12.98
C ALA E 321 29.02 -33.84 13.46
N LYS E 322 28.60 -34.82 14.26
CA LYS E 322 29.50 -35.89 14.69
C LYS E 322 29.93 -36.73 13.51
N ARG E 323 31.17 -37.21 13.52
CA ARG E 323 31.42 -38.45 12.81
C ARG E 323 31.96 -39.48 13.79
N ALA E 324 31.08 -40.28 14.38
CA ALA E 324 31.49 -41.23 15.38
C ALA E 324 31.91 -42.49 14.65
N PRO E 325 32.84 -43.26 15.22
CA PRO E 325 33.26 -44.48 14.51
C PRO E 325 32.12 -45.48 14.38
N THR E 326 31.06 -45.30 15.18
CA THR E 326 29.91 -46.18 15.14
C THR E 326 28.73 -45.65 14.31
N ASP E 327 28.91 -44.50 13.66
CA ASP E 327 27.83 -43.95 12.83
C ASP E 327 27.64 -44.81 11.58
N GLY E 328 26.42 -45.33 11.40
CA GLY E 328 26.14 -46.22 10.30
C GLY E 328 25.30 -45.62 9.18
N VAL E 329 24.96 -44.34 9.32
CA VAL E 329 24.06 -43.68 8.37
C VAL E 329 24.80 -42.60 7.59
N ILE E 330 24.24 -42.21 6.46
CA ILE E 330 24.75 -41.07 5.72
C ILE E 330 24.05 -39.80 6.20
N LYS E 331 24.82 -38.76 6.46
CA LYS E 331 24.29 -37.47 6.90
C LYS E 331 24.38 -36.48 5.75
N LEU E 332 23.24 -35.96 5.32
CA LEU E 332 23.15 -35.24 4.05
C LEU E 332 22.36 -33.94 4.16
N VAL E 333 22.82 -32.91 3.46
CA VAL E 333 22.08 -31.66 3.36
C VAL E 333 21.92 -31.29 1.88
N ALA E 334 20.69 -31.00 1.48
CA ALA E 334 20.40 -30.62 0.10
C ALA E 334 19.84 -29.21 0.05
N LEU E 335 20.56 -28.31 -0.61
CA LEU E 335 20.11 -26.93 -0.79
C LEU E 335 19.72 -26.71 -2.24
N PHE E 336 18.45 -26.35 -2.46
CA PHE E 336 17.88 -26.29 -3.80
C PHE E 336 17.60 -24.86 -4.23
N ASP E 337 17.51 -24.69 -5.54
CA ASP E 337 17.17 -23.42 -6.15
C ASP E 337 15.72 -23.49 -6.65
N ASP E 338 15.10 -22.32 -6.74
CA ASP E 338 13.76 -22.13 -7.34
C ASP E 338 12.55 -22.65 -6.58
N GLU E 339 12.49 -22.49 -5.26
CA GLU E 339 11.34 -23.00 -4.50
C GLU E 339 10.11 -22.09 -4.59
N GLU E 340 10.34 -20.79 -4.72
CA GLU E 340 9.22 -19.84 -4.78
C GLU E 340 8.47 -19.90 -6.12
N ILE E 341 9.04 -20.59 -7.10
CA ILE E 341 8.37 -20.93 -8.38
C ILE E 341 7.87 -22.38 -8.37
N GLY E 342 7.94 -23.04 -7.23
CA GLY E 342 7.38 -24.37 -7.09
C GLY E 342 8.41 -25.49 -7.05
N SER E 343 9.65 -25.16 -7.38
CA SER E 343 10.77 -26.11 -7.29
C SER E 343 10.99 -27.16 -8.38
N LEU E 344 10.24 -27.09 -9.48
CA LEU E 344 10.48 -28.07 -10.54
C LEU E 344 11.22 -27.42 -11.68
N LEU E 345 12.51 -27.71 -11.75
CA LEU E 345 13.41 -27.23 -12.77
C LEU E 345 14.60 -28.13 -12.55
N ARG E 346 15.56 -28.16 -13.45
CA ARG E 346 16.70 -29.05 -13.21
C ARG E 346 17.30 -29.00 -11.79
N GLN E 347 17.40 -27.80 -11.21
CA GLN E 347 18.00 -27.64 -9.88
C GLN E 347 16.97 -27.58 -8.75
N GLY E 348 15.69 -27.69 -9.08
CA GLY E 348 14.64 -27.60 -8.08
C GLY E 348 14.45 -28.88 -7.29
N ALA E 349 13.61 -28.81 -6.26
CA ALA E 349 13.42 -29.93 -5.33
C ALA E 349 12.51 -31.03 -5.88
N ARG E 350 11.70 -30.69 -6.87
CA ARG E 350 10.83 -31.69 -7.50
C ARG E 350 11.58 -32.34 -8.66
N GLY E 351 12.85 -31.97 -8.81
CA GLY E 351 13.68 -32.48 -9.88
C GLY E 351 14.49 -33.69 -9.45
N ASN E 352 15.16 -34.31 -10.41
CA ASN E 352 15.89 -35.55 -10.17
C ASN E 352 17.09 -35.40 -9.23
N PHE E 353 17.51 -34.16 -8.96
CA PHE E 353 18.82 -33.88 -8.36
C PHE E 353 19.15 -34.74 -7.15
N LEU E 354 18.38 -34.63 -6.08
CA LEU E 354 18.66 -35.41 -4.88
C LEU E 354 18.42 -36.92 -5.05
N PRO E 355 17.30 -37.33 -5.68
CA PRO E 355 17.12 -38.78 -5.86
C PRO E 355 18.24 -39.47 -6.66
N ILE E 356 18.65 -38.90 -7.79
CA ILE E 356 19.67 -39.55 -8.60
C ILE E 356 21.04 -39.46 -7.93
N THR E 357 21.25 -38.45 -7.10
CA THR E 357 22.49 -38.35 -6.34
C THR E 357 22.55 -39.49 -5.33
N ILE E 358 21.43 -39.73 -4.65
CA ILE E 358 21.35 -40.81 -3.67
C ILE E 358 21.55 -42.17 -4.33
N GLU E 359 20.95 -42.36 -5.50
CA GLU E 359 21.08 -43.61 -6.23
C GLU E 359 22.53 -43.84 -6.69
N ARG E 360 23.19 -42.76 -7.09
CA ARG E 360 24.59 -42.85 -7.48
C ARG E 360 25.47 -43.27 -6.32
N ILE E 361 25.26 -42.65 -5.17
CA ILE E 361 26.01 -42.97 -3.96
C ILE E 361 25.84 -44.44 -3.60
N LEU E 362 24.59 -44.90 -3.55
CA LEU E 362 24.31 -46.26 -3.14
C LEU E 362 24.85 -47.28 -4.16
N GLU E 363 24.73 -46.98 -5.45
CA GLU E 363 25.29 -47.85 -6.48
C GLU E 363 26.80 -47.94 -6.34
N SER E 364 27.41 -46.82 -5.98
CA SER E 364 28.85 -46.76 -5.81
C SER E 364 29.30 -47.69 -4.69
N PHE E 365 28.62 -47.65 -3.55
CA PHE E 365 28.99 -48.52 -2.44
C PHE E 365 28.60 -49.98 -2.72
N CYS E 366 27.65 -50.19 -3.62
CA CYS E 366 27.27 -51.55 -3.98
C CYS E 366 28.36 -52.23 -4.80
N SER E 367 29.06 -51.47 -5.64
CA SER E 367 30.14 -52.04 -6.43
C SER E 367 31.33 -52.39 -5.54
N SER E 368 31.64 -51.52 -4.58
CA SER E 368 32.75 -51.73 -3.66
C SER E 368 32.57 -53.00 -2.82
N ASN E 369 31.32 -53.29 -2.48
CA ASN E 369 30.98 -54.45 -1.66
C ASN E 369 30.48 -55.67 -2.45
N SER E 370 30.58 -55.60 -3.78
CA SER E 370 30.05 -56.63 -4.67
C SER E 370 28.64 -57.03 -4.25
N VAL E 371 27.76 -56.04 -4.28
CA VAL E 371 26.36 -56.24 -3.96
C VAL E 371 25.59 -55.74 -5.16
N PRO E 372 24.51 -56.44 -5.54
CA PRO E 372 23.74 -55.93 -6.68
C PRO E 372 23.03 -54.63 -6.31
N PHE E 373 23.09 -53.65 -7.20
CA PHE E 373 22.32 -52.43 -7.01
C PHE E 373 20.99 -52.56 -7.73
N GLY E 374 19.93 -52.07 -7.10
CA GLY E 374 18.62 -52.08 -7.71
C GLY E 374 17.56 -51.55 -6.79
N PRO E 375 16.30 -51.74 -7.18
CA PRO E 375 15.19 -51.34 -6.32
C PRO E 375 15.15 -52.27 -5.13
N GLY E 376 14.94 -51.74 -3.94
CA GLY E 376 14.89 -52.60 -2.79
C GLY E 376 16.21 -52.92 -2.14
N ILE E 377 17.32 -52.52 -2.73
CA ILE E 377 18.45 -52.09 -1.91
C ILE E 377 18.24 -50.60 -1.68
N LEU E 378 17.84 -49.92 -2.74
CA LEU E 378 17.24 -48.60 -2.65
C LEU E 378 15.80 -48.81 -2.24
N GLY E 379 15.43 -48.21 -1.13
CA GLY E 379 14.13 -48.46 -0.53
C GLY E 379 14.20 -49.30 0.74
N GLN E 380 15.23 -50.14 0.87
CA GLN E 380 15.63 -50.57 2.20
C GLN E 380 16.33 -49.36 2.80
N THR E 381 17.09 -48.67 1.94
CA THR E 381 17.73 -47.41 2.30
C THR E 381 16.70 -46.36 2.66
N TYR E 382 15.73 -46.14 1.77
CA TYR E 382 14.70 -45.14 1.99
C TYR E 382 13.85 -45.44 3.22
N ALA E 383 13.62 -46.72 3.50
CA ALA E 383 12.80 -47.12 4.64
C ALA E 383 13.47 -46.79 5.97
N ARG E 384 14.80 -46.71 5.97
CA ARG E 384 15.55 -46.41 7.17
C ARG E 384 15.92 -44.93 7.25
N SER E 385 15.41 -44.14 6.32
CA SER E 385 15.80 -42.73 6.26
C SER E 385 14.76 -41.81 6.87
N PHE E 386 15.12 -40.54 7.03
CA PHE E 386 14.21 -39.51 7.49
C PHE E 386 14.60 -38.18 6.86
N LEU E 387 13.62 -37.44 6.36
CA LEU E 387 13.89 -36.16 5.70
C LEU E 387 13.29 -35.00 6.48
N VAL E 388 14.13 -34.08 6.90
CA VAL E 388 13.63 -32.84 7.47
C VAL E 388 13.59 -31.79 6.36
N SER E 389 12.40 -31.41 5.96
CA SER E 389 12.22 -30.36 4.95
C SER E 389 12.06 -29.03 5.66
N SER E 390 13.04 -28.16 5.50
CA SER E 390 13.08 -26.95 6.32
C SER E 390 12.91 -25.66 5.53
N ASP E 391 11.75 -25.03 5.72
CA ASP E 391 11.49 -23.68 5.25
C ASP E 391 11.11 -22.85 6.46
N VAL E 392 11.37 -21.56 6.41
CA VAL E 392 11.01 -20.67 7.52
C VAL E 392 9.50 -20.67 7.79
N THR E 393 9.14 -20.39 9.04
CA THR E 393 7.74 -20.33 9.46
C THR E 393 7.42 -18.97 10.06
N HIS E 394 6.13 -18.68 10.19
CA HIS E 394 5.69 -17.38 10.69
C HIS E 394 5.72 -17.32 12.21
N ALA E 395 6.52 -16.40 12.75
CA ALA E 395 6.50 -16.12 14.17
C ALA E 395 5.20 -15.42 14.52
N ALA E 396 4.83 -15.45 15.80
CA ALA E 396 3.67 -14.72 16.27
C ALA E 396 3.83 -13.24 15.95
N HIS E 397 2.85 -12.66 15.26
CA HIS E 397 2.92 -11.24 14.95
C HIS E 397 2.14 -10.46 15.99
N PRO E 398 2.81 -9.50 16.65
CA PRO E 398 2.16 -8.79 17.76
C PRO E 398 1.03 -7.86 17.32
N ASN E 399 1.10 -7.36 16.09
CA ASN E 399 0.06 -6.45 15.62
C ASN E 399 -0.97 -7.02 14.66
N PHE E 400 -0.81 -8.27 14.22
CA PHE E 400 -1.96 -8.94 13.63
C PHE E 400 -2.23 -10.21 14.43
N THR E 401 -3.05 -10.09 15.46
CA THR E 401 -3.25 -11.20 16.38
C THR E 401 -4.37 -12.04 15.81
N GLN E 402 -5.08 -11.46 14.86
CA GLN E 402 -6.03 -12.15 14.03
C GLN E 402 -5.42 -13.39 13.40
N THR E 403 -4.15 -13.29 13.05
CA THR E 403 -3.46 -14.34 12.30
C THR E 403 -2.67 -15.31 13.18
N ASN E 404 -2.62 -15.05 14.48
CA ASN E 404 -1.92 -15.95 15.39
C ASN E 404 -2.86 -16.98 15.99
N LEU E 405 -2.72 -18.23 15.56
CA LEU E 405 -3.52 -19.31 16.11
C LEU E 405 -2.92 -19.75 17.44
N PRO E 406 -3.67 -19.54 18.54
CA PRO E 406 -3.09 -19.75 19.88
C PRO E 406 -2.55 -21.17 20.10
N GLY E 407 -1.41 -21.25 20.77
CA GLY E 407 -0.73 -22.50 21.06
C GLY E 407 0.10 -22.99 19.89
N HIS E 408 -0.20 -22.46 18.71
CA HIS E 408 0.49 -22.76 17.46
C HIS E 408 1.27 -21.61 16.78
N SER E 409 1.59 -20.55 17.54
CA SER E 409 2.26 -19.37 16.98
C SER E 409 3.62 -19.12 17.65
N PRO E 410 4.71 -19.58 17.00
CA PRO E 410 6.04 -19.65 17.60
C PRO E 410 6.67 -18.30 17.95
N ARG E 411 7.39 -18.30 19.07
CA ARG E 411 8.18 -17.17 19.56
C ARG E 411 9.57 -17.08 18.93
N LEU E 412 10.15 -15.88 18.95
CA LEU E 412 11.55 -15.71 18.59
C LEU E 412 12.48 -16.06 19.76
N ASN E 413 13.68 -16.54 19.43
CA ASN E 413 14.69 -16.93 20.42
C ASN E 413 14.23 -18.01 21.38
N VAL E 414 13.59 -19.04 20.84
CA VAL E 414 13.12 -20.18 21.63
C VAL E 414 13.62 -21.46 20.99
N GLY E 415 13.24 -21.67 19.74
CA GLY E 415 13.69 -22.82 19.00
C GLY E 415 12.89 -23.02 17.73
N VAL E 416 13.24 -24.08 17.01
CA VAL E 416 12.60 -24.41 15.76
C VAL E 416 11.13 -24.78 15.97
N ALA E 417 10.31 -24.51 14.97
CA ALA E 417 8.90 -24.87 15.01
C ALA E 417 8.63 -26.06 14.08
N LEU E 418 7.84 -27.01 14.56
CA LEU E 418 7.36 -28.08 13.70
C LEU E 418 6.05 -27.62 13.08
N CYS E 419 6.06 -27.49 11.75
CA CYS E 419 4.93 -26.97 11.00
C CYS E 419 3.94 -28.08 10.68
N VAL E 420 2.69 -27.92 11.10
CA VAL E 420 1.66 -28.93 10.85
C VAL E 420 0.51 -28.33 10.05
N ASP E 421 -0.13 -29.12 9.19
CA ASP E 421 -1.30 -28.66 8.46
C ASP E 421 -2.45 -29.63 8.60
N THR E 427 3.17 -32.46 5.75
CA THR E 427 4.08 -33.59 5.88
C THR E 427 4.17 -34.10 7.32
N THR E 428 4.35 -33.19 8.25
CA THR E 428 4.48 -33.55 9.66
C THR E 428 3.24 -34.32 10.12
N ASP E 429 3.46 -35.31 10.98
CA ASP E 429 2.38 -36.13 11.52
C ASP E 429 2.83 -36.65 12.88
N SER E 430 1.96 -37.39 13.56
CA SER E 430 2.22 -37.81 14.93
C SER E 430 3.52 -38.61 15.05
N VAL E 431 3.82 -39.46 14.08
CA VAL E 431 5.06 -40.23 14.13
C VAL E 431 6.26 -39.31 13.93
N SER E 432 6.20 -38.45 12.92
CA SER E 432 7.27 -37.49 12.67
C SER E 432 7.51 -36.60 13.89
N MET E 433 6.43 -36.19 14.56
CA MET E 433 6.57 -35.31 15.72
C MET E 433 7.18 -36.06 16.90
N ALA E 434 6.80 -37.32 17.08
CA ALA E 434 7.37 -38.14 18.14
C ALA E 434 8.87 -38.31 17.95
N ILE E 435 9.30 -38.43 16.70
CA ILE E 435 10.70 -38.60 16.38
C ILE E 435 11.52 -37.33 16.66
N LEU E 436 11.00 -36.19 16.20
CA LEU E 436 11.75 -34.95 16.34
C LEU E 436 11.64 -34.35 17.74
N ASP E 437 10.54 -34.61 18.44
CA ASP E 437 10.46 -34.19 19.84
C ASP E 437 11.49 -34.95 20.66
N ARG E 438 11.64 -36.23 20.35
CA ARG E 438 12.60 -37.06 21.05
C ARG E 438 14.03 -36.62 20.76
N ILE E 439 14.32 -36.34 19.50
CA ILE E 439 15.62 -35.82 19.12
C ILE E 439 15.92 -34.50 19.83
N ALA E 440 14.92 -33.63 19.89
CA ALA E 440 15.07 -32.34 20.55
C ALA E 440 15.49 -32.49 22.01
N GLU E 441 14.98 -33.53 22.66
CA GLU E 441 15.29 -33.76 24.07
C GLU E 441 16.72 -34.27 24.26
N LEU E 442 17.18 -35.11 23.35
CA LEU E 442 18.56 -35.58 23.38
C LEU E 442 19.52 -34.43 23.05
N SER E 443 19.04 -33.47 22.28
CA SER E 443 19.83 -32.32 21.83
C SER E 443 19.86 -31.18 22.84
N GLY E 444 18.90 -31.17 23.77
CA GLY E 444 18.70 -30.03 24.64
C GLY E 444 18.00 -28.89 23.91
N CYS E 445 17.03 -29.24 23.08
CA CYS E 445 16.23 -28.25 22.36
C CYS E 445 14.77 -28.33 22.76
N VAL E 446 14.06 -27.21 22.60
CA VAL E 446 12.62 -27.22 22.74
C VAL E 446 12.02 -26.98 21.34
N ASN E 447 10.99 -27.75 21.01
CA ASN E 447 10.35 -27.63 19.72
C ASN E 447 9.01 -26.92 19.80
N GLN E 448 8.84 -25.88 19.01
CA GLN E 448 7.58 -25.17 18.97
C GLN E 448 6.65 -25.78 17.92
N ARG E 449 5.43 -25.27 17.85
CA ARG E 449 4.46 -25.71 16.86
C ARG E 449 3.99 -24.52 16.04
N HIS E 450 3.82 -24.71 14.74
CA HIS E 450 3.30 -23.67 13.86
C HIS E 450 2.14 -24.20 13.02
N MET E 451 1.08 -23.43 12.93
CA MET E 451 -0.03 -23.76 12.04
C MET E 451 -0.80 -22.51 11.66
N ILE E 452 -1.32 -22.48 10.43
CA ILE E 452 -2.15 -21.35 10.00
C ILE E 452 -3.60 -21.63 10.33
N GLY E 463 10.53 -27.35 -0.83
CA GLY E 463 9.87 -28.48 -1.46
C GLY E 463 9.69 -29.64 -0.51
N PRO E 464 8.58 -29.64 0.24
CA PRO E 464 8.28 -30.69 1.23
C PRO E 464 8.17 -32.10 0.65
N MET E 465 8.04 -32.19 -0.67
CA MET E 465 7.63 -33.41 -1.35
C MET E 465 8.70 -34.23 -2.10
N LEU E 466 9.97 -33.98 -1.78
CA LEU E 466 10.97 -35.05 -1.96
C LEU E 466 10.53 -36.30 -1.22
N SER E 467 9.71 -36.10 -0.18
CA SER E 467 9.12 -37.17 0.59
C SER E 467 8.36 -38.16 -0.28
N ALA E 468 7.55 -37.64 -1.21
CA ALA E 468 6.78 -38.49 -2.10
C ALA E 468 7.67 -39.16 -3.15
N ALA E 469 8.63 -38.40 -3.66
CA ALA E 469 9.52 -38.92 -4.69
C ALA E 469 10.35 -40.11 -4.19
N MET E 470 10.81 -40.02 -2.95
CA MET E 470 11.60 -41.09 -2.35
C MET E 470 10.90 -42.00 -1.33
N GLY E 471 9.65 -41.71 -1.00
CA GLY E 471 8.93 -42.49 0.01
C GLY E 471 9.64 -42.51 1.36
N VAL E 472 10.30 -41.41 1.69
CA VAL E 472 11.02 -41.28 2.95
C VAL E 472 10.12 -40.58 3.97
N LYS E 473 10.09 -41.10 5.19
CA LYS E 473 9.32 -40.45 6.26
C LYS E 473 9.89 -39.05 6.44
N ALA E 474 9.03 -38.08 6.73
CA ALA E 474 9.47 -36.71 6.67
C ALA E 474 8.68 -35.79 7.59
N ALA E 475 9.23 -34.61 7.83
CA ALA E 475 8.55 -33.57 8.59
C ALA E 475 8.87 -32.20 8.02
N ASP E 476 7.95 -31.26 8.17
CA ASP E 476 8.23 -29.87 7.83
C ASP E 476 8.59 -29.11 9.09
N VAL E 477 9.69 -28.38 8.99
CA VAL E 477 10.36 -27.83 10.14
C VAL E 477 10.81 -26.42 9.78
N GLY E 478 10.65 -25.46 10.68
CA GLY E 478 11.08 -24.12 10.36
C GLY E 478 11.51 -23.25 11.52
N ILE E 479 12.40 -22.31 11.20
CA ILE E 479 12.85 -21.30 12.14
C ILE E 479 11.89 -20.13 12.02
N PRO E 480 11.32 -19.69 13.15
CA PRO E 480 10.29 -18.65 13.09
C PRO E 480 10.82 -17.32 12.58
N GLN E 481 9.97 -16.57 11.87
CA GLN E 481 10.37 -15.30 11.26
C GLN E 481 9.16 -14.37 11.10
N LEU E 482 9.41 -13.07 11.18
CA LEU E 482 8.39 -12.05 10.87
C LEU E 482 8.64 -11.41 9.52
N SER E 483 7.56 -10.96 8.88
CA SER E 483 7.64 -10.22 7.63
C SER E 483 8.27 -11.05 6.52
N MET E 484 7.85 -12.30 6.42
CA MET E 484 8.32 -13.17 5.36
C MET E 484 8.01 -12.57 3.99
N HIS E 485 8.97 -12.69 3.07
CA HIS E 485 8.86 -12.20 1.70
C HIS E 485 9.05 -10.68 1.57
N SER E 486 9.29 -10.00 2.67
CA SER E 486 9.71 -8.59 2.62
C SER E 486 11.12 -8.49 2.05
N ILE E 487 11.49 -7.30 1.58
CA ILE E 487 12.87 -7.08 1.13
C ILE E 487 13.80 -7.04 2.34
N ARG E 488 13.23 -6.76 3.51
CA ARG E 488 13.98 -6.84 4.76
C ARG E 488 13.13 -7.42 5.89
N ALA E 489 13.50 -8.59 6.40
CA ALA E 489 12.70 -9.27 7.42
C ALA E 489 13.44 -9.34 8.75
N MET E 490 12.88 -10.05 9.72
CA MET E 490 13.50 -10.17 11.03
C MET E 490 13.30 -11.55 11.67
N THR E 491 14.31 -11.97 12.43
CA THR E 491 14.17 -13.06 13.39
C THR E 491 14.85 -12.65 14.68
N GLY E 492 14.88 -13.57 15.64
CA GLY E 492 15.64 -13.36 16.86
C GLY E 492 17.12 -13.60 16.60
N SER E 493 17.98 -12.95 17.38
CA SER E 493 19.42 -13.04 17.17
C SER E 493 19.97 -14.44 17.48
N LEU E 494 19.24 -15.22 18.26
CA LEU E 494 19.67 -16.58 18.59
C LEU E 494 19.04 -17.66 17.69
N ASP E 495 18.14 -17.27 16.81
CA ASP E 495 17.45 -18.24 15.97
C ASP E 495 18.36 -18.98 14.96
N PRO E 496 19.37 -18.30 14.37
CA PRO E 496 20.29 -19.12 13.56
C PRO E 496 21.01 -20.21 14.36
N GLY E 497 21.52 -19.86 15.53
CA GLY E 497 22.24 -20.80 16.37
C GLY E 497 21.36 -21.92 16.90
N LEU E 498 20.17 -21.56 17.36
CA LEU E 498 19.21 -22.56 17.82
C LEU E 498 18.78 -23.47 16.67
N GLY E 499 18.82 -22.93 15.46
CA GLY E 499 18.57 -23.72 14.27
C GLY E 499 19.67 -24.74 14.07
N VAL E 500 20.91 -24.27 14.06
CA VAL E 500 22.07 -25.15 13.94
C VAL E 500 22.02 -26.25 15.00
N LYS E 501 21.63 -25.89 16.21
CA LYS E 501 21.59 -26.81 17.32
C LYS E 501 20.57 -27.94 17.12
N PHE E 502 19.42 -27.61 16.55
CA PHE E 502 18.41 -28.64 16.31
C PHE E 502 18.77 -29.56 15.15
N TYR E 503 19.21 -28.97 14.04
CA TYR E 503 19.57 -29.76 12.87
C TYR E 503 20.74 -30.69 13.18
N LYS E 504 21.74 -30.19 13.90
CA LYS E 504 22.84 -31.03 14.33
C LYS E 504 22.33 -32.17 15.19
N GLY E 505 21.36 -31.87 16.05
CA GLY E 505 20.73 -32.88 16.89
C GLY E 505 20.05 -33.96 16.07
N PHE E 506 19.46 -33.57 14.94
CA PHE E 506 18.78 -34.53 14.08
C PHE E 506 19.77 -35.44 13.35
N LEU E 507 20.78 -34.85 12.72
CA LEU E 507 21.77 -35.63 11.98
C LEU E 507 22.53 -36.58 12.91
N ASP E 508 22.80 -36.12 14.13
CA ASP E 508 23.59 -36.92 15.06
C ASP E 508 22.79 -38.05 15.72
N PHE E 509 21.52 -37.78 16.07
CA PHE E 509 20.72 -38.76 16.79
C PHE E 509 19.71 -39.58 15.99
N TRP E 510 19.57 -39.34 14.68
CA TRP E 510 18.52 -40.02 13.92
C TRP E 510 18.65 -41.54 14.00
N GLU E 511 19.86 -42.04 13.79
CA GLU E 511 20.09 -43.47 13.76
C GLU E 511 19.79 -44.13 15.10
N GLU E 512 20.16 -43.45 16.18
CA GLU E 512 19.86 -43.93 17.53
C GLU E 512 18.36 -43.98 17.75
N VAL E 513 17.69 -42.88 17.43
CA VAL E 513 16.25 -42.78 17.66
C VAL E 513 15.46 -43.80 16.84
N ASP E 514 15.85 -44.00 15.59
CA ASP E 514 15.19 -44.97 14.72
C ASP E 514 15.17 -46.37 15.33
N LEU E 515 16.18 -46.69 16.12
CA LEU E 515 16.29 -48.01 16.73
C LEU E 515 15.48 -48.11 18.04
N GLU E 516 14.90 -46.99 18.47
CA GLU E 516 14.00 -47.02 19.62
C GLU E 516 12.58 -47.39 19.18
N TRP E 517 12.40 -47.59 17.89
CA TRP E 517 11.08 -47.88 17.33
C TRP E 517 10.90 -49.34 16.95
N SER E 518 9.71 -49.67 16.45
CA SER E 518 9.43 -50.97 15.86
C SER E 518 8.21 -50.90 14.94
N ARG F 50 -11.36 21.71 50.02
CA ARG F 50 -11.99 22.89 49.44
C ARG F 50 -12.46 22.79 47.97
N PRO F 51 -11.94 21.84 47.17
CA PRO F 51 -12.52 21.70 45.83
C PRO F 51 -14.05 21.59 45.81
N GLU F 52 -14.61 20.96 46.84
CA GLU F 52 -16.05 20.84 47.00
C GLU F 52 -16.72 22.22 47.10
N HIS F 53 -15.98 23.20 47.62
CA HIS F 53 -16.56 24.51 47.91
C HIS F 53 -16.85 25.33 46.64
N PHE F 54 -16.39 24.84 45.50
CA PHE F 54 -16.67 25.53 44.24
C PHE F 54 -17.84 24.92 43.46
N THR F 55 -18.37 23.80 43.95
CA THR F 55 -19.41 23.09 43.20
C THR F 55 -20.67 23.93 43.04
N GLN F 56 -21.26 24.40 44.13
CA GLN F 56 -22.49 25.16 44.01
C GLN F 56 -22.28 26.56 43.38
N PRO F 57 -21.20 27.28 43.74
CA PRO F 57 -20.97 28.51 42.99
C PRO F 57 -20.82 28.29 41.48
N TYR F 58 -20.20 27.18 41.06
CA TYR F 58 -20.12 26.90 39.64
C TYR F 58 -21.50 26.63 39.07
N LEU F 59 -22.31 25.85 39.78
CA LEU F 59 -23.67 25.55 39.33
C LEU F 59 -24.50 26.82 39.16
N ASP F 60 -24.43 27.73 40.14
CA ASP F 60 -25.18 28.97 40.06
C ASP F 60 -24.71 29.84 38.90
N PHE F 61 -23.40 29.84 38.65
CA PHE F 61 -22.83 30.60 37.54
C PHE F 61 -23.38 30.11 36.20
N MET F 62 -23.37 28.79 36.00
CA MET F 62 -23.86 28.21 34.75
C MET F 62 -25.36 28.43 34.53
N THR F 63 -26.14 28.29 35.60
CA THR F 63 -27.58 28.43 35.50
C THR F 63 -27.98 29.85 35.09
N HIS F 64 -27.36 30.85 35.71
CA HIS F 64 -27.78 32.24 35.55
C HIS F 64 -27.00 33.11 34.56
N ASN F 65 -26.08 32.52 33.80
CA ASN F 65 -25.34 33.27 32.79
C ASN F 65 -25.27 32.51 31.46
N PRO F 66 -26.39 32.44 30.75
CA PRO F 66 -26.56 31.57 29.59
C PRO F 66 -25.81 32.00 28.34
N THR F 67 -25.46 33.29 28.26
CA THR F 67 -24.82 33.84 27.07
C THR F 67 -23.46 34.43 27.40
N VAL F 68 -22.65 34.60 26.37
CA VAL F 68 -21.30 35.14 26.54
C VAL F 68 -21.34 36.54 27.16
N PHE F 69 -22.42 37.28 26.91
CA PHE F 69 -22.55 38.63 27.43
C PHE F 69 -22.83 38.62 28.93
N HIS F 70 -23.58 37.63 29.40
CA HIS F 70 -23.82 37.48 30.83
C HIS F 70 -22.56 37.07 31.56
N VAL F 71 -21.72 36.29 30.91
CA VAL F 71 -20.48 35.83 31.53
C VAL F 71 -19.55 37.01 31.80
N VAL F 72 -19.39 37.88 30.82
CA VAL F 72 -18.53 39.05 30.99
C VAL F 72 -19.06 39.98 32.08
N ASP F 73 -20.37 40.20 32.09
CA ASP F 73 -21.00 41.00 33.13
C ASP F 73 -20.81 40.35 34.51
N TYR F 74 -20.88 39.03 34.56
CA TYR F 74 -20.67 38.29 35.80
C TYR F 74 -19.25 38.47 36.32
N CYS F 75 -18.27 38.32 35.44
CA CYS F 75 -16.88 38.52 35.83
C CYS F 75 -16.63 39.96 36.25
N LYS F 76 -17.23 40.89 35.50
CA LYS F 76 -16.99 42.30 35.73
C LYS F 76 -17.52 42.76 37.09
N GLN F 77 -18.64 42.20 37.52
CA GLN F 77 -19.20 42.57 38.82
C GLN F 77 -18.41 41.99 39.99
N LYS F 78 -17.85 40.79 39.81
CA LYS F 78 -17.01 40.21 40.86
C LYS F 78 -15.65 40.88 40.89
N LEU F 79 -15.12 41.23 39.72
CA LEU F 79 -13.84 41.94 39.65
C LEU F 79 -13.97 43.30 40.34
N LEU F 80 -15.08 44.00 40.09
CA LEU F 80 -15.29 45.32 40.68
C LEU F 80 -15.48 45.23 42.20
N LYS F 81 -16.16 44.21 42.68
CA LYS F 81 -16.36 44.09 44.13
C LYS F 81 -15.09 43.59 44.82
N ALA F 82 -14.17 43.01 44.05
CA ALA F 82 -12.88 42.59 44.59
C ALA F 82 -11.87 43.74 44.53
N GLY F 83 -12.30 44.88 44.01
CA GLY F 83 -11.45 46.07 44.00
C GLY F 83 -10.63 46.29 42.75
N TYR F 84 -10.97 45.58 41.67
CA TYR F 84 -10.28 45.79 40.39
C TYR F 84 -10.75 47.09 39.76
N VAL F 85 -9.86 47.74 39.02
CA VAL F 85 -10.16 48.98 38.33
C VAL F 85 -10.18 48.76 36.82
N GLU F 86 -11.22 49.26 36.15
CA GLU F 86 -11.37 49.07 34.71
C GLU F 86 -10.51 50.03 33.91
N LEU F 87 -9.89 49.53 32.85
CA LEU F 87 -9.13 50.37 31.95
C LEU F 87 -9.83 50.48 30.61
N PRO F 88 -10.48 51.62 30.35
CA PRO F 88 -11.17 51.80 29.07
C PRO F 88 -10.17 51.94 27.93
N ALA F 89 -10.43 51.26 26.82
CA ALA F 89 -9.50 51.21 25.69
C ALA F 89 -9.25 52.59 25.11
N ARG F 90 -10.22 53.48 25.21
CA ARG F 90 -10.10 54.81 24.61
C ARG F 90 -9.37 55.79 25.51
N ASP F 91 -9.21 55.45 26.79
CA ASP F 91 -8.39 56.26 27.70
C ASP F 91 -6.90 55.94 27.59
N SER F 92 -6.08 56.91 27.97
CA SER F 92 -4.65 56.68 28.11
C SER F 92 -4.36 56.01 29.45
N TRP F 93 -3.61 54.91 29.42
CA TRP F 93 -3.23 54.24 30.67
C TRP F 93 -1.84 54.64 31.17
N THR F 94 -1.07 55.34 30.34
CA THR F 94 0.37 55.40 30.54
C THR F 94 0.79 56.02 31.88
N GLY F 95 -0.11 56.77 32.51
CA GLY F 95 0.14 57.22 33.85
C GLY F 95 -0.11 56.18 34.92
N LYS F 96 -1.26 55.51 34.81
CA LYS F 96 -2.03 55.09 35.99
C LYS F 96 -1.82 53.68 36.53
N LEU F 97 -0.88 52.92 35.99
CA LEU F 97 -0.67 51.57 36.49
C LEU F 97 0.45 51.54 37.53
N VAL F 98 0.24 50.76 38.59
CA VAL F 98 1.10 50.76 39.76
C VAL F 98 1.25 49.33 40.30
N PRO F 99 2.44 48.99 40.85
CA PRO F 99 2.60 47.66 41.44
C PRO F 99 1.59 47.40 42.56
N GLY F 100 1.13 46.16 42.68
CA GLY F 100 0.11 45.83 43.65
C GLY F 100 -1.30 46.13 43.14
N GLY F 101 -1.39 46.75 41.97
CA GLY F 101 -2.67 47.12 41.40
C GLY F 101 -3.38 45.95 40.72
N LYS F 102 -4.68 46.09 40.53
CA LYS F 102 -5.50 45.06 39.89
C LYS F 102 -6.47 45.67 38.89
N TYR F 103 -6.48 45.16 37.67
CA TYR F 103 -7.17 45.80 36.56
C TYR F 103 -7.90 44.81 35.66
N PHE F 104 -8.80 45.34 34.85
CA PHE F 104 -9.38 44.56 33.76
C PHE F 104 -9.76 45.47 32.60
N THR F 105 -9.93 44.88 31.43
CA THR F 105 -10.40 45.61 30.27
C THR F 105 -11.34 44.73 29.45
N THR F 106 -12.19 45.37 28.66
CA THR F 106 -13.32 44.72 28.02
C THR F 106 -13.34 45.04 26.53
N ARG F 107 -13.77 44.07 25.73
CA ARG F 107 -13.99 44.29 24.31
C ARG F 107 -15.33 43.71 23.89
N ASN F 108 -16.19 44.57 23.33
CA ASN F 108 -17.52 44.21 22.83
C ASN F 108 -18.43 43.63 23.92
N GLY F 109 -18.03 43.82 25.17
CA GLY F 109 -18.77 43.26 26.29
C GLY F 109 -18.84 41.74 26.27
N SER F 110 -18.18 41.12 25.29
CA SER F 110 -18.03 39.67 25.23
C SER F 110 -16.62 39.11 25.47
N SER F 111 -15.63 39.97 25.65
CA SER F 111 -14.26 39.53 25.92
C SER F 111 -13.70 40.35 27.07
N ILE F 112 -12.95 39.69 27.95
CA ILE F 112 -12.42 40.37 29.11
C ILE F 112 -11.03 39.83 29.47
N ILE F 113 -10.14 40.74 29.84
CA ILE F 113 -8.82 40.40 30.34
C ILE F 113 -8.66 41.03 31.70
N ALA F 114 -8.27 40.23 32.69
CA ALA F 114 -8.05 40.74 34.03
C ALA F 114 -6.66 40.35 34.51
N PHE F 115 -6.01 41.23 35.25
CA PHE F 115 -4.67 40.96 35.72
C PHE F 115 -4.36 41.69 37.02
N THR F 116 -3.38 41.16 37.75
CA THR F 116 -2.84 41.80 38.93
C THR F 116 -1.34 41.98 38.73
N VAL F 117 -0.84 43.14 39.15
CA VAL F 117 0.58 43.44 39.02
C VAL F 117 1.26 43.23 40.38
N GLY F 118 2.25 42.34 40.42
CA GLY F 118 2.95 42.08 41.67
C GLY F 118 3.63 43.32 42.21
N GLN F 119 3.73 43.45 43.53
CA GLN F 119 4.36 44.63 44.12
C GLN F 119 5.85 44.72 43.80
N ALA F 120 6.46 43.59 43.45
CA ALA F 120 7.87 43.59 43.11
C ALA F 120 8.08 43.75 41.61
N TYR F 121 6.99 44.00 40.89
CA TYR F 121 7.06 44.08 39.44
C TYR F 121 7.98 45.19 38.94
N LYS F 122 8.64 44.85 37.84
CA LYS F 122 9.60 45.68 37.14
C LYS F 122 9.37 45.46 35.65
N PRO F 123 9.51 46.51 34.82
CA PRO F 123 9.43 46.24 33.38
C PRO F 123 10.48 45.22 32.93
N GLY F 124 10.04 44.24 32.15
CA GLY F 124 10.91 43.15 31.74
C GLY F 124 10.60 41.86 32.49
N ASN F 125 9.86 41.98 33.59
CA ASN F 125 9.43 40.81 34.33
C ASN F 125 8.39 40.04 33.54
N GLY F 126 8.23 38.76 33.86
CA GLY F 126 7.38 37.89 33.08
C GLY F 126 5.91 37.97 33.45
N ILE F 127 5.08 37.35 32.63
CA ILE F 127 3.65 37.27 32.88
C ILE F 127 3.24 35.81 33.02
N ALA F 128 2.44 35.51 34.03
CA ALA F 128 1.80 34.19 34.10
C ALA F 128 0.37 34.35 33.63
N MET F 129 0.06 33.82 32.44
CA MET F 129 -1.23 34.07 31.83
C MET F 129 -1.99 32.79 31.49
N ILE F 130 -3.31 32.85 31.65
CA ILE F 130 -4.22 31.77 31.29
C ILE F 130 -5.24 32.30 30.29
N ALA F 131 -5.46 31.55 29.21
CA ALA F 131 -6.43 31.94 28.19
C ALA F 131 -7.50 30.88 28.03
N GLY F 132 -8.74 31.32 27.85
CA GLY F 132 -9.86 30.44 27.60
C GLY F 132 -10.89 31.15 26.76
N HIS F 133 -11.90 30.42 26.30
CA HIS F 133 -13.00 31.05 25.57
C HIS F 133 -14.31 30.89 26.33
N ILE F 134 -15.12 31.95 26.34
CA ILE F 134 -16.42 31.93 26.99
C ILE F 134 -17.64 31.83 26.07
N ASP F 135 -17.42 31.70 24.76
CA ASP F 135 -18.53 31.42 23.86
C ASP F 135 -18.86 29.93 23.93
N ALA F 136 -20.12 29.59 23.65
CA ALA F 136 -20.54 28.20 23.61
C ALA F 136 -21.49 27.99 22.44
N LEU F 137 -21.62 26.75 21.98
CA LEU F 137 -22.47 26.47 20.83
C LEU F 137 -23.90 26.88 21.16
N THR F 138 -24.50 27.66 20.26
CA THR F 138 -25.81 28.22 20.53
C THR F 138 -26.52 28.55 19.22
N ALA F 139 -27.81 28.81 19.31
CA ALA F 139 -28.60 29.14 18.13
C ALA F 139 -29.03 30.60 18.17
N ARG F 140 -28.49 31.40 17.26
CA ARG F 140 -28.77 32.83 17.24
C ARG F 140 -30.01 33.16 16.42
N LEU F 141 -30.79 34.12 16.92
CA LEU F 141 -31.93 34.62 16.16
C LEU F 141 -31.44 35.28 14.88
N LYS F 142 -32.10 34.99 13.78
CA LYS F 142 -31.81 35.62 12.50
C LYS F 142 -32.11 37.11 12.58
N PRO F 143 -31.46 37.91 11.73
CA PRO F 143 -31.81 39.33 11.64
C PRO F 143 -33.32 39.54 11.48
N THR F 144 -33.96 38.78 10.61
CA THR F 144 -35.42 38.72 10.62
C THR F 144 -35.83 37.36 11.18
N SER F 145 -36.32 37.37 12.41
CA SER F 145 -36.70 36.14 13.09
C SER F 145 -38.17 35.79 12.87
N VAL F 146 -38.92 36.72 12.28
CA VAL F 146 -40.33 36.48 12.03
C VAL F 146 -40.49 35.36 11.01
N LYS F 147 -41.56 34.58 11.19
CA LYS F 147 -41.88 33.46 10.31
C LYS F 147 -43.38 33.44 10.09
N PRO F 148 -43.82 32.86 8.97
CA PRO F 148 -45.26 32.70 8.76
C PRO F 148 -45.86 31.72 9.76
N THR F 149 -47.01 32.05 10.32
CA THR F 149 -47.72 31.10 11.17
C THR F 149 -48.09 29.89 10.31
N LYS F 150 -47.73 28.69 10.79
CA LYS F 150 -47.82 27.48 9.98
C LYS F 150 -48.53 26.37 10.74
N GLU F 151 -49.67 25.93 10.19
CA GLU F 151 -50.52 24.93 10.83
C GLU F 151 -50.91 25.35 12.25
N GLY F 152 -51.01 26.66 12.47
CA GLY F 152 -51.42 27.17 13.77
C GLY F 152 -50.28 27.41 14.74
N TYR F 153 -49.05 27.14 14.30
CA TYR F 153 -47.88 27.34 15.13
C TYR F 153 -47.15 28.63 14.77
N VAL F 154 -46.70 29.34 15.80
CA VAL F 154 -45.82 30.49 15.62
C VAL F 154 -44.38 30.00 15.73
N GLN F 155 -43.55 30.31 14.74
CA GLN F 155 -42.19 29.81 14.72
C GLN F 155 -41.15 30.93 14.79
N LEU F 156 -39.88 30.55 14.81
CA LEU F 156 -38.80 31.51 15.02
C LEU F 156 -37.63 31.24 14.08
N GLY F 157 -37.23 32.24 13.31
CA GLY F 157 -36.04 32.11 12.49
C GLY F 157 -34.76 32.13 13.31
N VAL F 158 -33.97 31.06 13.24
CA VAL F 158 -32.69 31.02 13.94
C VAL F 158 -31.60 30.47 13.04
N ALA F 159 -30.36 30.73 13.42
CA ALA F 159 -29.20 30.22 12.70
C ALA F 159 -28.25 29.55 13.67
N GLN F 160 -27.77 28.36 13.34
CA GLN F 160 -26.85 27.71 14.25
C GLN F 160 -25.54 28.49 14.22
N TYR F 161 -25.14 29.00 15.38
CA TYR F 161 -23.93 29.79 15.47
C TYR F 161 -22.72 28.92 15.23
N ALA F 162 -22.58 27.89 16.05
CA ALA F 162 -21.36 27.13 16.09
C ALA F 162 -21.23 26.08 14.98
N GLY F 163 -22.37 25.64 14.47
CA GLY F 163 -22.51 24.24 14.12
C GLY F 163 -23.22 23.59 15.30
N ALA F 164 -23.98 24.42 16.01
CA ALA F 164 -24.63 24.07 17.27
C ALA F 164 -25.82 23.10 17.19
N LEU F 165 -26.75 23.29 16.27
CA LEU F 165 -27.96 22.49 16.37
C LEU F 165 -27.67 21.08 15.90
N ASN F 166 -27.65 20.18 16.88
CA ASN F 166 -27.34 18.79 16.63
C ASN F 166 -28.40 17.99 17.35
N GLU F 167 -28.39 16.69 17.13
CA GLU F 167 -29.45 15.80 17.61
C GLU F 167 -29.83 16.00 19.08
N THR F 168 -28.90 16.48 19.89
CA THR F 168 -29.22 16.69 21.30
C THR F 168 -30.16 17.88 21.49
N TRP F 169 -30.31 18.72 20.46
CA TRP F 169 -31.11 19.93 20.59
C TRP F 169 -32.62 19.71 20.44
N TRP F 170 -33.02 18.53 19.99
CA TRP F 170 -34.44 18.21 19.83
C TRP F 170 -35.15 18.02 21.17
N ASP F 171 -36.41 18.48 21.24
CA ASP F 171 -37.25 18.32 22.43
C ASP F 171 -36.57 18.78 23.72
N ARG F 172 -35.93 19.95 23.66
CA ARG F 172 -35.32 20.56 24.83
C ARG F 172 -36.03 21.87 25.13
N ASP F 173 -36.20 22.19 26.41
CA ASP F 173 -36.92 23.40 26.76
C ASP F 173 -35.97 24.57 26.56
N LEU F 174 -36.29 25.43 25.60
CA LEU F 174 -35.36 26.48 25.22
C LEU F 174 -35.88 27.84 25.63
N SER F 175 -34.98 28.63 26.21
CA SER F 175 -35.29 30.00 26.59
C SER F 175 -34.48 30.94 25.72
N VAL F 176 -34.68 32.25 25.89
CA VAL F 176 -33.99 33.21 25.04
C VAL F 176 -33.32 34.28 25.88
N GLY F 177 -32.16 34.73 25.43
CA GLY F 177 -31.39 35.73 26.13
C GLY F 177 -30.31 36.32 25.26
N GLY F 178 -29.69 37.40 25.74
CA GLY F 178 -28.69 38.09 24.97
C GLY F 178 -28.64 39.56 25.34
N ARG F 179 -28.21 40.38 24.39
CA ARG F 179 -28.18 41.82 24.59
C ARG F 179 -29.08 42.56 23.61
N VAL F 180 -29.57 43.71 24.05
CA VAL F 180 -30.45 44.54 23.23
C VAL F 180 -29.82 45.92 23.06
N ILE F 181 -29.84 46.44 21.84
CA ILE F 181 -29.34 47.78 21.61
C ILE F 181 -30.52 48.73 21.72
N VAL F 182 -30.56 49.49 22.79
CA VAL F 182 -31.73 50.33 23.02
C VAL F 182 -31.32 51.79 22.92
N LYS F 183 -32.31 52.62 22.63
CA LYS F 183 -32.10 54.05 22.49
C LYS F 183 -32.56 54.67 23.80
N ASP F 184 -31.58 55.08 24.62
CA ASP F 184 -31.78 55.39 26.03
C ASP F 184 -32.71 56.57 26.26
N PRO F 185 -33.70 56.42 27.17
CA PRO F 185 -34.63 57.51 27.42
C PRO F 185 -33.97 58.77 27.97
N LYS F 186 -33.13 58.63 28.98
CA LYS F 186 -32.54 59.81 29.61
C LYS F 186 -31.60 60.50 28.66
N THR F 187 -30.59 59.76 28.22
CA THR F 187 -29.49 60.33 27.48
C THR F 187 -29.81 60.57 26.00
N GLY F 188 -30.45 59.62 25.35
CA GLY F 188 -30.66 59.68 23.92
C GLY F 188 -29.48 59.03 23.21
N LYS F 189 -28.46 58.69 24.01
CA LYS F 189 -27.30 57.91 23.56
C LYS F 189 -27.76 56.51 23.18
N THR F 190 -26.96 55.86 22.35
CA THR F 190 -27.13 54.44 22.08
C THR F 190 -26.39 53.63 23.14
N THR F 191 -27.07 52.63 23.71
CA THR F 191 -26.50 51.83 24.80
C THR F 191 -26.82 50.34 24.63
N VAL F 192 -26.37 49.52 25.58
CA VAL F 192 -26.59 48.08 25.53
C VAL F 192 -27.23 47.59 26.83
N LYS F 193 -28.21 46.70 26.72
CA LYS F 193 -28.87 46.13 27.88
C LYS F 193 -28.93 44.61 27.79
N LEU F 194 -28.83 43.95 28.94
CA LEU F 194 -28.92 42.49 29.01
C LEU F 194 -30.37 42.07 29.26
N VAL F 195 -30.75 40.93 28.69
CA VAL F 195 -32.12 40.45 28.85
C VAL F 195 -32.14 38.92 28.90
N LYS F 196 -33.09 38.40 29.66
CA LYS F 196 -33.28 36.96 29.76
C LYS F 196 -34.75 36.65 30.09
N VAL F 197 -35.33 35.66 29.43
CA VAL F 197 -36.67 35.22 29.78
C VAL F 197 -36.55 34.00 30.71
N ASP F 198 -37.30 34.00 31.80
CA ASP F 198 -37.07 33.05 32.89
C ASP F 198 -37.83 31.72 32.74
N TRP F 199 -38.57 31.56 31.65
CA TRP F 199 -39.28 30.31 31.38
C TRP F 199 -39.04 29.89 29.92
N PRO F 200 -39.20 28.59 29.62
CA PRO F 200 -38.94 28.17 28.23
C PRO F 200 -39.93 28.77 27.24
N VAL F 201 -39.43 29.50 26.24
CA VAL F 201 -40.30 30.05 25.19
C VAL F 201 -40.27 29.29 23.86
N ALA F 202 -39.28 28.42 23.68
CA ALA F 202 -39.03 27.85 22.36
C ALA F 202 -38.75 26.36 22.47
N ARG F 203 -39.02 25.65 21.39
CA ARG F 203 -38.80 24.23 21.34
C ARG F 203 -38.63 23.73 19.90
N ILE F 204 -37.77 22.74 19.69
CA ILE F 204 -37.66 22.12 18.38
C ILE F 204 -38.22 20.70 18.49
N PRO F 205 -39.46 20.50 18.06
CA PRO F 205 -40.14 19.22 18.27
C PRO F 205 -39.75 18.12 17.30
N THR F 206 -39.55 16.90 17.81
CA THR F 206 -39.33 15.74 16.95
C THR F 206 -40.62 15.29 16.29
N LEU F 207 -40.47 14.48 15.25
CA LEU F 207 -41.60 13.80 14.63
C LEU F 207 -41.75 12.40 15.22
N ALA F 208 -42.99 11.95 15.40
CA ALA F 208 -43.24 10.60 15.90
C ALA F 208 -42.61 9.54 14.99
N PRO F 209 -42.09 8.45 15.58
CA PRO F 209 -41.41 7.41 14.79
C PRO F 209 -42.38 6.66 13.87
N HIS F 210 -43.68 6.80 14.14
CA HIS F 210 -44.71 6.08 13.41
C HIS F 210 -44.72 6.38 11.92
N PHE F 211 -44.23 7.56 11.54
CA PHE F 211 -44.35 8.03 10.16
C PHE F 211 -43.29 7.48 9.21
N GLY F 212 -42.40 6.62 9.71
CA GLY F 212 -41.47 5.92 8.85
C GLY F 212 -40.14 6.62 8.62
N ILE F 213 -40.13 7.93 8.79
CA ILE F 213 -38.87 8.68 8.85
C ILE F 213 -38.27 8.40 10.23
N GLY F 214 -37.16 9.04 10.56
CA GLY F 214 -36.70 9.04 11.93
C GLY F 214 -37.53 10.03 12.72
N MET F 215 -37.19 10.22 14.00
CA MET F 215 -37.82 11.27 14.78
C MET F 215 -37.14 12.59 14.44
N THR F 216 -35.89 12.49 14.03
CA THR F 216 -35.03 13.64 13.73
C THR F 216 -35.11 14.02 12.25
N GLY F 217 -35.76 13.17 11.46
CA GLY F 217 -35.83 13.40 10.03
C GLY F 217 -34.45 13.19 9.45
N HIS F 218 -34.16 13.85 8.34
CA HIS F 218 -32.86 13.77 7.72
C HIS F 218 -31.90 14.78 8.35
N GLY F 219 -32.43 15.58 9.28
CA GLY F 219 -31.62 16.43 10.13
C GLY F 219 -31.35 17.83 9.62
N ASN F 220 -31.96 18.19 8.50
CA ASN F 220 -31.69 19.48 7.86
C ASN F 220 -32.17 20.64 8.73
N ARG F 221 -31.25 21.53 9.08
CA ARG F 221 -31.49 22.51 10.14
C ARG F 221 -32.36 23.70 9.73
N GLU F 222 -32.44 23.99 8.44
CA GLU F 222 -33.22 25.14 7.99
C GLU F 222 -34.71 24.84 7.78
N THR F 223 -35.04 23.64 7.30
CA THR F 223 -36.43 23.20 7.18
C THR F 223 -37.03 22.48 8.39
N GLU F 224 -36.28 21.54 8.96
CA GLU F 224 -36.83 20.64 9.97
C GLU F 224 -36.57 21.01 11.44
N MET F 225 -35.62 21.91 11.68
CA MET F 225 -35.25 22.33 13.03
C MET F 225 -35.75 23.74 13.45
N VAL F 226 -36.76 24.24 12.76
CA VAL F 226 -37.32 25.56 13.09
C VAL F 226 -38.10 25.58 14.41
N PRO F 227 -37.61 26.35 15.40
CA PRO F 227 -38.22 26.35 16.74
C PRO F 227 -39.69 26.79 16.73
N VAL F 228 -40.42 26.29 17.72
CA VAL F 228 -41.84 26.59 17.90
C VAL F 228 -42.00 27.45 19.15
N ILE F 229 -42.49 28.68 18.99
CA ILE F 229 -42.67 29.57 20.14
C ILE F 229 -44.10 29.86 20.64
N GLY F 230 -45.12 29.34 19.96
CA GLY F 230 -46.48 29.65 20.36
C GLY F 230 -47.56 29.09 19.45
N ILE F 231 -48.81 29.36 19.80
CA ILE F 231 -49.95 28.87 19.04
C ILE F 231 -50.78 30.04 18.53
N ASP F 232 -51.14 30.00 17.25
CA ASP F 232 -52.16 30.93 16.74
C ASP F 232 -53.13 30.20 15.81
N ASN F 233 -54.35 29.99 16.30
CA ASN F 233 -55.37 29.23 15.57
C ASN F 233 -56.44 30.08 14.87
N SER F 234 -56.21 31.39 14.84
CA SER F 234 -57.24 32.36 14.42
C SER F 234 -57.78 32.17 13.01
N ASP F 235 -57.19 31.26 12.24
CA ASP F 235 -57.65 30.95 10.89
C ASP F 235 -58.76 29.90 10.92
N LEU F 236 -59.30 29.63 12.10
CA LEU F 236 -60.39 28.66 12.22
C LEU F 236 -61.72 29.31 12.61
N PRO F 246 -46.90 43.32 13.30
CA PRO F 246 -47.73 44.32 13.97
C PRO F 246 -47.20 45.07 15.18
N VAL F 247 -45.89 45.25 15.36
CA VAL F 247 -45.43 46.09 16.45
C VAL F 247 -44.32 46.97 15.89
N GLY F 248 -44.58 48.27 15.86
CA GLY F 248 -43.63 49.23 15.34
C GLY F 248 -43.84 49.67 13.89
N LYS F 249 -43.21 50.81 13.56
CA LYS F 249 -43.15 51.37 12.22
C LYS F 249 -42.79 50.23 11.29
N PRO F 250 -43.57 50.07 10.21
CA PRO F 250 -43.42 48.94 9.29
C PRO F 250 -42.00 48.81 8.74
N GLY F 251 -41.18 49.84 8.84
CA GLY F 251 -39.78 49.72 8.48
C GLY F 251 -38.81 49.53 9.63
N SER F 252 -39.31 49.47 10.86
CA SER F 252 -38.42 49.46 12.04
C SER F 252 -37.84 48.08 12.33
N PHE F 253 -36.96 48.00 13.32
CA PHE F 253 -36.36 46.72 13.68
C PHE F 253 -37.39 45.81 14.34
N ALA F 254 -38.25 46.39 15.16
CA ALA F 254 -39.26 45.61 15.88
C ALA F 254 -40.14 44.83 14.90
N SER F 255 -40.41 45.42 13.74
CA SER F 255 -41.27 44.81 12.74
C SER F 255 -40.68 43.53 12.13
N THR F 256 -39.36 43.35 12.26
CA THR F 256 -38.72 42.16 11.72
C THR F 256 -38.79 40.96 12.67
N GLN F 257 -39.39 41.17 13.83
CA GLN F 257 -39.35 40.18 14.90
C GLN F 257 -40.74 39.70 15.26
N PRO F 258 -40.85 38.56 15.95
CA PRO F 258 -42.16 38.14 16.45
C PRO F 258 -42.74 39.18 17.40
N PRO F 259 -44.01 39.56 17.20
CA PRO F 259 -44.61 40.65 17.99
C PRO F 259 -44.61 40.42 19.50
N LYS F 260 -44.94 39.23 19.99
CA LYS F 260 -44.92 39.06 21.45
C LYS F 260 -43.49 38.91 21.97
N LEU F 261 -42.55 38.49 21.14
CA LEU F 261 -41.17 38.48 21.61
C LEU F 261 -40.75 39.91 21.90
N VAL F 262 -41.11 40.83 21.02
CA VAL F 262 -40.77 42.24 21.22
C VAL F 262 -41.45 42.81 22.47
N LYS F 263 -42.73 42.53 22.65
CA LYS F 263 -43.43 43.05 23.82
C LYS F 263 -42.87 42.48 25.11
N LEU F 264 -42.48 41.21 25.08
CA LEU F 264 -41.93 40.57 26.27
C LEU F 264 -40.57 41.18 26.59
N ILE F 265 -39.75 41.38 25.56
CA ILE F 265 -38.44 41.98 25.76
C ILE F 265 -38.55 43.42 26.29
N LEU F 266 -39.55 44.15 25.81
CA LEU F 266 -39.73 45.54 26.25
C LEU F 266 -40.11 45.63 27.73
N SER F 267 -40.92 44.68 28.21
CA SER F 267 -41.32 44.70 29.61
C SER F 267 -40.13 44.38 30.53
N GLN F 268 -39.27 43.46 30.08
CA GLN F 268 -38.11 43.08 30.86
C GLN F 268 -37.16 44.26 31.07
N LEU F 269 -37.11 45.15 30.10
CA LEU F 269 -36.26 46.34 30.17
C LEU F 269 -37.02 47.57 30.67
N GLY F 270 -38.32 47.41 30.91
CA GLY F 270 -39.14 48.52 31.34
C GLY F 270 -39.27 49.62 30.30
N LEU F 271 -39.50 49.22 29.05
CA LEU F 271 -39.70 50.15 27.96
C LEU F 271 -41.10 49.97 27.37
N SER F 272 -41.63 51.02 26.76
CA SER F 272 -42.99 50.99 26.21
C SER F 272 -42.95 51.04 24.68
N ASP F 273 -42.26 52.03 24.13
CA ASP F 273 -42.20 52.24 22.68
C ASP F 273 -41.30 51.23 21.95
N PRO F 274 -41.89 50.41 21.06
CA PRO F 274 -41.15 49.42 20.27
C PRO F 274 -39.99 50.02 19.49
N ASP F 275 -40.04 51.34 19.26
CA ASP F 275 -39.08 52.03 18.42
C ASP F 275 -37.78 52.35 19.14
N SER F 276 -37.75 52.10 20.44
CA SER F 276 -36.55 52.32 21.23
C SER F 276 -35.52 51.21 21.00
N ILE F 277 -35.95 50.11 20.41
CA ILE F 277 -35.05 48.99 20.16
C ILE F 277 -34.48 49.08 18.74
N LEU F 278 -33.19 49.38 18.65
CA LEU F 278 -32.52 49.54 17.36
C LEU F 278 -32.11 48.18 16.78
N ASN F 279 -31.82 47.23 17.67
CA ASN F 279 -31.40 45.88 17.30
C ASN F 279 -31.21 45.06 18.57
N TRP F 280 -31.10 43.74 18.42
CA TRP F 280 -30.71 42.92 19.55
C TRP F 280 -29.88 41.72 19.10
N GLU F 281 -29.16 41.14 20.05
CA GLU F 281 -28.44 39.90 19.81
C GLU F 281 -28.96 38.86 20.79
N LEU F 282 -29.76 37.92 20.29
CA LEU F 282 -30.44 36.97 21.13
C LEU F 282 -30.21 35.55 20.65
N GLU F 283 -30.10 34.63 21.60
CA GLU F 283 -29.87 33.24 21.28
C GLU F 283 -30.81 32.35 22.08
N LEU F 284 -30.95 31.11 21.63
CA LEU F 284 -31.68 30.10 22.38
C LEU F 284 -30.70 29.28 23.21
N PHE F 285 -31.04 29.04 24.46
CA PHE F 285 -30.24 28.17 25.32
C PHE F 285 -31.16 27.23 26.08
N ASP F 286 -30.59 26.17 26.65
CA ASP F 286 -31.39 25.19 27.36
C ASP F 286 -31.80 25.72 28.73
N ALA F 287 -33.09 25.74 28.98
CA ALA F 287 -33.65 26.34 30.20
C ALA F 287 -33.35 25.52 31.44
N GLN F 288 -32.95 24.26 31.27
CA GLN F 288 -32.74 23.38 32.40
C GLN F 288 -31.54 23.82 33.25
N PRO F 289 -31.75 23.99 34.56
CA PRO F 289 -30.66 24.42 35.46
C PRO F 289 -29.54 23.40 35.55
N ALA F 290 -28.32 23.88 35.73
CA ALA F 290 -27.19 23.02 36.05
C ALA F 290 -27.47 22.31 37.36
N THR F 291 -26.97 21.08 37.50
CA THR F 291 -27.27 20.29 38.68
C THR F 291 -26.18 19.28 38.98
N VAL F 292 -26.20 18.73 40.18
CA VAL F 292 -25.33 17.61 40.52
C VAL F 292 -26.15 16.34 40.38
N GLY F 293 -25.49 15.26 39.99
CA GLY F 293 -26.19 14.02 39.72
C GLY F 293 -25.34 12.78 39.95
N GLY F 294 -25.98 11.62 39.81
CA GLY F 294 -25.34 10.36 40.13
C GLY F 294 -25.76 9.90 41.51
N LEU F 295 -25.52 8.63 41.80
CA LEU F 295 -25.92 8.04 43.08
C LEU F 295 -25.26 8.75 44.25
N ASP F 296 -23.99 9.13 44.10
CA ASP F 296 -23.27 9.89 45.12
C ASP F 296 -23.12 11.38 44.81
N LYS F 297 -23.81 11.85 43.77
CA LYS F 297 -23.75 13.25 43.33
C LYS F 297 -22.32 13.65 42.96
N GLU F 298 -21.65 12.75 42.26
CA GLU F 298 -20.28 12.97 41.79
C GLU F 298 -20.26 13.74 40.47
N PHE F 299 -21.42 13.83 39.83
CA PHE F 299 -21.53 14.41 38.50
C PHE F 299 -22.12 15.80 38.52
N ILE F 300 -21.70 16.63 37.57
CA ILE F 300 -22.39 17.88 37.26
C ILE F 300 -23.03 17.77 35.89
N PHE F 301 -24.34 17.98 35.81
CA PHE F 301 -25.04 18.02 34.53
C PHE F 301 -25.32 19.47 34.18
N ALA F 302 -24.76 19.93 33.07
CA ALA F 302 -25.00 21.29 32.61
C ALA F 302 -24.70 21.44 31.12
N GLY F 303 -25.30 22.46 30.51
CA GLY F 303 -25.00 22.81 29.14
C GLY F 303 -24.02 23.96 29.06
N ARG F 304 -23.40 24.13 27.88
CA ARG F 304 -22.40 25.16 27.62
C ARG F 304 -21.13 24.96 28.43
N ILE F 305 -20.80 23.70 28.72
CA ILE F 305 -19.58 23.43 29.44
C ILE F 305 -18.37 23.70 28.55
N ASP F 306 -18.51 23.60 27.23
CA ASP F 306 -17.28 23.73 26.44
C ASP F 306 -16.83 25.16 26.68
N ASP F 307 -15.81 25.15 27.54
CA ASP F 307 -14.98 26.19 28.14
C ASP F 307 -15.58 27.27 29.06
N LYS F 308 -16.89 27.32 29.29
CA LYS F 308 -17.35 28.11 30.44
C LYS F 308 -16.78 27.46 31.72
N LEU F 309 -16.47 26.17 31.65
CA LEU F 309 -15.89 25.45 32.79
C LEU F 309 -14.45 25.86 33.08
N CYS F 310 -13.57 25.77 32.08
CA CYS F 310 -12.17 26.13 32.30
C CYS F 310 -12.02 27.64 32.52
N SER F 311 -12.83 28.41 31.80
CA SER F 311 -12.77 29.87 31.92
C SER F 311 -13.16 30.32 33.33
N TRP F 312 -14.25 29.77 33.86
CA TRP F 312 -14.70 30.14 35.19
C TRP F 312 -13.65 29.77 36.24
N ALA F 313 -13.08 28.58 36.10
CA ALA F 313 -12.07 28.12 37.07
C ALA F 313 -10.83 28.98 37.02
N ALA F 314 -10.42 29.38 35.82
CA ALA F 314 -9.28 30.29 35.65
C ALA F 314 -9.60 31.64 36.27
N PHE F 315 -10.84 32.09 36.06
CA PHE F 315 -11.29 33.36 36.65
C PHE F 315 -11.28 33.29 38.18
N MET F 316 -11.77 32.20 38.73
CA MET F 316 -11.77 32.03 40.18
C MET F 316 -10.36 31.94 40.74
N ALA F 317 -9.46 31.32 39.98
CA ALA F 317 -8.07 31.21 40.40
C ALA F 317 -7.45 32.58 40.56
N LEU F 318 -7.70 33.47 39.60
CA LEU F 318 -7.16 34.82 39.67
C LEU F 318 -7.68 35.53 40.92
N LEU F 319 -8.98 35.44 41.16
CA LEU F 319 -9.58 36.04 42.35
C LEU F 319 -9.00 35.48 43.64
N HIS F 320 -8.61 34.21 43.62
CA HIS F 320 -8.06 33.58 44.82
C HIS F 320 -6.54 33.52 44.86
N ALA F 321 -5.87 34.11 43.88
CA ALA F 321 -4.41 34.04 43.83
C ALA F 321 -3.76 34.86 44.94
N LYS F 322 -2.53 34.49 45.30
CA LYS F 322 -1.74 35.26 46.26
C LYS F 322 -1.45 36.65 45.72
N ARG F 323 -1.43 37.65 46.60
CA ARG F 323 -0.62 38.81 46.31
C ARG F 323 0.44 38.93 47.39
N ALA F 324 1.61 38.37 47.11
CA ALA F 324 2.71 38.38 48.06
C ALA F 324 3.50 39.63 47.80
N PRO F 325 4.13 40.19 48.85
CA PRO F 325 4.92 41.40 48.63
C PRO F 325 6.14 41.13 47.74
N THR F 326 6.49 39.85 47.58
CA THR F 326 7.65 39.47 46.77
C THR F 326 7.29 38.99 45.36
N ASP F 327 6.01 39.05 44.98
CA ASP F 327 5.62 38.65 43.63
C ASP F 327 6.12 39.65 42.60
N GLY F 328 6.92 39.18 41.65
CA GLY F 328 7.52 40.06 40.66
C GLY F 328 6.85 39.99 39.30
N VAL F 329 5.93 39.05 39.12
CA VAL F 329 5.30 38.88 37.82
C VAL F 329 3.90 39.47 37.78
N ILE F 330 3.32 39.46 36.58
CA ILE F 330 1.94 39.86 36.38
C ILE F 330 1.11 38.60 36.20
N LYS F 331 0.01 38.50 36.94
CA LYS F 331 -0.87 37.34 36.84
C LYS F 331 -2.12 37.75 36.08
N LEU F 332 -2.38 37.07 34.96
CA LEU F 332 -3.38 37.54 34.01
C LEU F 332 -4.29 36.41 33.53
N VAL F 333 -5.57 36.74 33.34
CA VAL F 333 -6.53 35.82 32.75
C VAL F 333 -7.25 36.48 31.59
N ALA F 334 -7.22 35.84 30.42
CA ALA F 334 -7.86 36.36 29.23
C ALA F 334 -8.96 35.42 28.76
N LEU F 335 -10.19 35.90 28.81
CA LEU F 335 -11.35 35.13 28.35
C LEU F 335 -11.86 35.69 27.04
N PHE F 336 -11.86 34.84 26.01
CA PHE F 336 -12.13 35.29 24.65
C PHE F 336 -13.48 34.78 24.16
N ASP F 337 -13.99 35.47 23.14
CA ASP F 337 -15.23 35.13 22.46
C ASP F 337 -14.87 34.49 21.11
N ASP F 338 -15.77 33.64 20.60
CA ASP F 338 -15.67 33.08 19.23
C ASP F 338 -14.56 32.07 18.93
N GLU F 339 -14.29 31.13 19.84
CA GLU F 339 -13.26 30.14 19.55
C GLU F 339 -13.78 28.97 18.68
N GLU F 340 -15.10 28.76 18.70
CA GLU F 340 -15.70 27.72 17.88
C GLU F 340 -15.77 28.17 16.41
N ILE F 341 -15.50 29.45 16.18
CA ILE F 341 -15.42 30.03 14.84
C ILE F 341 -13.96 30.23 14.37
N GLY F 342 -13.00 29.73 15.15
CA GLY F 342 -11.61 29.79 14.73
C GLY F 342 -10.85 30.95 15.37
N SER F 343 -11.55 31.76 16.15
CA SER F 343 -10.97 32.84 16.94
C SER F 343 -10.29 33.99 16.18
N LEU F 344 -10.62 34.19 14.91
CA LEU F 344 -10.26 35.47 14.30
C LEU F 344 -11.49 36.35 14.17
N LEU F 345 -11.62 37.27 15.12
CA LEU F 345 -12.44 38.47 15.00
C LEU F 345 -11.89 39.36 16.10
N ARG F 346 -12.42 40.57 16.19
CA ARG F 346 -11.91 41.60 17.11
C ARG F 346 -11.76 41.09 18.54
N GLN F 347 -12.69 40.24 18.97
CA GLN F 347 -12.67 39.71 20.33
C GLN F 347 -12.02 38.33 20.43
N GLY F 348 -11.58 37.79 19.30
CA GLY F 348 -11.01 36.45 19.27
C GLY F 348 -9.60 36.35 19.81
N ALA F 349 -9.15 35.12 20.05
CA ALA F 349 -7.82 34.88 20.60
C ALA F 349 -6.73 35.06 19.55
N ARG F 350 -7.12 34.99 18.28
CA ARG F 350 -6.18 35.22 17.20
C ARG F 350 -6.09 36.70 16.85
N GLY F 351 -6.77 37.53 17.64
CA GLY F 351 -6.81 38.95 17.39
C GLY F 351 -5.82 39.72 18.24
N ASN F 352 -5.78 41.03 18.03
CA ASN F 352 -4.85 41.90 18.74
C ASN F 352 -5.11 42.02 20.24
N PHE F 353 -6.28 41.57 20.70
CA PHE F 353 -6.78 41.95 22.02
C PHE F 353 -5.77 41.75 23.15
N LEU F 354 -5.29 40.53 23.33
CA LEU F 354 -4.33 40.28 24.40
C LEU F 354 -2.94 40.88 24.15
N PRO F 355 -2.38 40.73 22.93
CA PRO F 355 -1.06 41.35 22.72
C PRO F 355 -1.05 42.87 22.90
N ILE F 356 -1.99 43.59 22.32
CA ILE F 356 -1.97 45.05 22.42
C ILE F 356 -2.23 45.47 23.87
N THR F 357 -3.01 44.68 24.60
CA THR F 357 -3.25 44.98 26.01
C THR F 357 -1.96 44.85 26.80
N ILE F 358 -1.22 43.78 26.54
CA ILE F 358 0.06 43.57 27.23
C ILE F 358 1.07 44.66 26.89
N GLU F 359 1.13 45.06 25.63
CA GLU F 359 2.07 46.09 25.22
C GLU F 359 1.79 47.43 25.91
N ARG F 360 0.51 47.74 26.09
CA ARG F 360 0.13 49.00 26.73
C ARG F 360 0.44 49.01 28.22
N ILE F 361 0.18 47.89 28.88
CA ILE F 361 0.55 47.74 30.28
C ILE F 361 2.05 47.96 30.42
N LEU F 362 2.83 47.26 29.61
CA LEU F 362 4.28 47.38 29.64
C LEU F 362 4.73 48.81 29.34
N GLU F 363 4.12 49.42 28.32
CA GLU F 363 4.45 50.78 27.95
C GLU F 363 4.11 51.75 29.08
N SER F 364 3.02 51.47 29.79
CA SER F 364 2.64 52.31 30.92
C SER F 364 3.71 52.28 32.01
N PHE F 365 4.15 51.09 32.39
CA PHE F 365 5.16 50.98 33.44
C PHE F 365 6.52 51.50 32.95
N CYS F 366 6.77 51.45 31.65
CA CYS F 366 8.00 52.02 31.10
C CYS F 366 8.05 53.53 31.32
N SER F 367 6.90 54.19 31.20
CA SER F 367 6.81 55.63 31.48
C SER F 367 7.14 55.95 32.93
N SER F 368 6.46 55.27 33.84
CA SER F 368 6.59 55.53 35.27
C SER F 368 8.04 55.39 35.74
N ASN F 369 8.77 54.45 35.15
CA ASN F 369 10.17 54.23 35.48
C ASN F 369 11.16 54.88 34.51
N SER F 370 10.62 55.68 33.58
CA SER F 370 11.40 56.34 32.53
C SER F 370 12.41 55.37 31.93
N VAL F 371 11.85 54.33 31.34
CA VAL F 371 12.60 53.32 30.61
C VAL F 371 12.02 53.38 29.21
N PRO F 372 12.87 53.22 28.18
CA PRO F 372 12.28 53.26 26.84
C PRO F 372 11.41 52.03 26.59
N PHE F 373 10.25 52.24 25.98
CA PHE F 373 9.42 51.12 25.55
C PHE F 373 9.78 50.74 24.13
N GLY F 374 9.81 49.44 23.85
CA GLY F 374 10.09 48.98 22.51
C GLY F 374 10.14 47.48 22.41
N PRO F 375 10.55 46.96 21.24
CA PRO F 375 10.77 45.53 21.12
C PRO F 375 11.99 45.16 21.92
N GLY F 376 11.93 44.09 22.70
CA GLY F 376 13.10 43.73 23.48
C GLY F 376 13.12 44.29 24.88
N ILE F 377 12.22 45.21 25.23
CA ILE F 377 11.73 45.20 26.59
C ILE F 377 10.50 44.29 26.58
N LEU F 378 9.71 44.44 25.53
CA LEU F 378 8.74 43.44 25.12
C LEU F 378 9.52 42.34 24.43
N GLY F 379 9.37 41.13 24.93
CA GLY F 379 10.12 39.99 24.45
C GLY F 379 11.20 39.55 25.42
N GLN F 380 11.73 40.48 26.22
CA GLN F 380 12.36 40.08 27.47
C GLN F 380 11.20 39.67 28.36
N THR F 381 10.12 40.45 28.29
CA THR F 381 8.90 40.16 29.01
C THR F 381 8.34 38.80 28.56
N TYR F 382 8.20 38.62 27.25
CA TYR F 382 7.66 37.37 26.71
C TYR F 382 8.53 36.15 27.01
N ALA F 383 9.85 36.33 27.02
CA ALA F 383 10.77 35.23 27.29
C ALA F 383 10.66 34.75 28.73
N ARG F 384 10.16 35.62 29.60
CA ARG F 384 9.97 35.29 31.01
C ARG F 384 8.52 34.88 31.32
N SER F 385 7.69 34.79 30.29
CA SER F 385 6.28 34.46 30.52
C SER F 385 5.96 33.01 30.23
N PHE F 386 4.73 32.63 30.57
CA PHE F 386 4.22 31.31 30.24
C PHE F 386 2.72 31.43 30.03
N LEU F 387 2.21 30.71 29.04
CA LEU F 387 0.80 30.74 28.72
C LEU F 387 0.18 29.36 28.90
N VAL F 388 -0.80 29.28 29.79
CA VAL F 388 -1.61 28.08 29.88
C VAL F 388 -2.86 28.32 29.04
N SER F 389 -2.97 27.62 27.92
CA SER F 389 -4.15 27.75 27.07
C SER F 389 -5.12 26.65 27.44
N SER F 390 -6.27 27.02 27.97
CA SER F 390 -7.16 26.04 28.56
C SER F 390 -8.49 25.88 27.84
N ASP F 391 -8.67 24.74 27.19
CA ASP F 391 -9.95 24.32 26.67
C ASP F 391 -10.28 22.95 27.26
N VAL F 392 -11.57 22.64 27.38
CA VAL F 392 -11.98 21.36 27.94
C VAL F 392 -11.50 20.19 27.10
N THR F 393 -11.41 19.02 27.73
CA THR F 393 -10.88 17.82 27.09
C THR F 393 -11.84 16.65 27.24
N HIS F 394 -11.60 15.60 26.46
CA HIS F 394 -12.46 14.42 26.49
C HIS F 394 -12.03 13.47 27.59
N ALA F 395 -12.92 13.27 28.56
CA ALA F 395 -12.73 12.25 29.58
C ALA F 395 -12.96 10.90 28.93
N ALA F 396 -12.45 9.85 29.55
CA ALA F 396 -12.67 8.50 29.05
C ALA F 396 -14.17 8.25 28.92
N HIS F 397 -14.58 7.77 27.75
CA HIS F 397 -15.99 7.43 27.54
C HIS F 397 -16.20 5.95 27.74
N PRO F 398 -17.04 5.57 28.71
CA PRO F 398 -17.15 4.16 29.09
C PRO F 398 -17.82 3.30 28.01
N ASN F 399 -18.61 3.92 27.13
CA ASN F 399 -19.27 3.15 26.08
C ASN F 399 -18.71 3.27 24.67
N PHE F 400 -17.75 4.16 24.44
CA PHE F 400 -16.99 4.06 23.20
C PHE F 400 -15.51 3.91 23.57
N THR F 401 -15.08 2.67 23.76
CA THR F 401 -13.76 2.43 24.32
C THR F 401 -12.76 2.43 23.18
N GLN F 402 -13.31 2.31 21.98
CA GLN F 402 -12.54 2.45 20.75
C GLN F 402 -11.88 3.82 20.66
N THR F 403 -12.48 4.83 21.30
CA THR F 403 -11.96 6.19 21.23
C THR F 403 -11.08 6.56 22.42
N ASN F 404 -10.94 5.66 23.38
CA ASN F 404 -10.11 5.92 24.55
C ASN F 404 -8.70 5.38 24.36
N LEU F 405 -7.73 6.28 24.23
CA LEU F 405 -6.34 5.88 24.09
C LEU F 405 -5.76 5.56 25.46
N PRO F 406 -5.37 4.30 25.69
CA PRO F 406 -4.94 3.89 27.03
C PRO F 406 -3.75 4.70 27.55
N GLY F 407 -3.83 5.07 28.83
CA GLY F 407 -2.82 5.87 29.50
C GLY F 407 -2.99 7.36 29.24
N HIS F 408 -3.73 7.68 28.19
CA HIS F 408 -4.06 9.05 27.78
C HIS F 408 -5.55 9.48 27.86
N SER F 409 -6.36 8.77 28.63
CA SER F 409 -7.81 9.04 28.71
C SER F 409 -8.25 9.43 30.12
N PRO F 410 -8.33 10.74 30.39
CA PRO F 410 -8.48 11.25 31.77
C PRO F 410 -9.77 10.80 32.47
N ARG F 411 -9.75 10.92 33.80
CA ARG F 411 -10.86 10.51 34.64
C ARG F 411 -11.52 11.73 35.26
N LEU F 412 -12.77 11.58 35.65
CA LEU F 412 -13.47 12.64 36.37
C LEU F 412 -13.06 12.67 37.84
N ASN F 413 -13.13 13.87 38.43
CA ASN F 413 -12.80 14.08 39.84
C ASN F 413 -11.39 13.64 40.21
N VAL F 414 -10.43 13.99 39.37
CA VAL F 414 -9.04 13.65 39.61
C VAL F 414 -8.20 14.91 39.50
N GLY F 415 -8.24 15.55 38.34
CA GLY F 415 -7.50 16.76 38.13
C GLY F 415 -7.41 17.10 36.66
N VAL F 416 -6.73 18.19 36.36
CA VAL F 416 -6.65 18.68 35.00
C VAL F 416 -5.78 17.78 34.13
N ALA F 417 -6.09 17.74 32.84
CA ALA F 417 -5.34 16.96 31.87
C ALA F 417 -4.46 17.85 31.02
N LEU F 418 -3.22 17.42 30.81
CA LEU F 418 -2.32 18.09 29.88
C LEU F 418 -2.48 17.47 28.50
N CYS F 419 -2.88 18.30 27.53
CA CYS F 419 -3.14 17.82 26.18
C CYS F 419 -1.91 17.86 25.30
N VAL F 420 -1.57 16.70 24.76
CA VAL F 420 -0.45 16.59 23.86
C VAL F 420 -0.91 15.97 22.55
N ASP F 421 -0.42 16.51 21.44
CA ASP F 421 -0.76 15.97 20.13
C ASP F 421 0.50 15.52 19.44
N THR F 427 0.70 22.21 21.32
CA THR F 427 1.53 23.19 22.02
C THR F 427 2.36 22.56 23.13
N THR F 428 1.71 21.71 23.92
CA THR F 428 2.37 21.07 25.06
C THR F 428 3.59 20.31 24.57
N ASP F 429 4.64 20.29 25.38
CA ASP F 429 5.86 19.60 25.00
C ASP F 429 6.64 19.23 26.25
N SER F 430 7.79 18.58 26.05
CA SER F 430 8.59 18.07 27.16
C SER F 430 8.91 19.15 28.19
N VAL F 431 9.17 20.36 27.71
CA VAL F 431 9.49 21.46 28.60
C VAL F 431 8.23 21.96 29.32
N SER F 432 7.16 22.17 28.57
CA SER F 432 5.89 22.60 29.15
C SER F 432 5.40 21.62 30.20
N MET F 433 5.54 20.33 29.93
CA MET F 433 5.08 19.32 30.86
C MET F 433 5.94 19.26 32.12
N ALA F 434 7.24 19.47 31.97
CA ALA F 434 8.14 19.49 33.12
C ALA F 434 7.77 20.63 34.07
N ILE F 435 7.38 21.76 33.50
CA ILE F 435 7.03 22.94 34.29
C ILE F 435 5.72 22.74 35.05
N LEU F 436 4.67 22.31 34.37
CA LEU F 436 3.36 22.19 35.00
C LEU F 436 3.25 20.95 35.88
N ASP F 437 4.04 19.92 35.60
CA ASP F 437 4.12 18.80 36.53
C ASP F 437 4.78 19.27 37.83
N ARG F 438 5.73 20.17 37.70
CA ARG F 438 6.40 20.72 38.88
C ARG F 438 5.47 21.61 39.68
N ILE F 439 4.74 22.47 38.98
CA ILE F 439 3.75 23.33 39.62
C ILE F 439 2.66 22.50 40.30
N ALA F 440 2.25 21.43 39.63
CA ALA F 440 1.24 20.53 40.18
C ALA F 440 1.68 19.95 41.52
N GLU F 441 2.98 19.69 41.65
CA GLU F 441 3.51 19.09 42.87
C GLU F 441 3.59 20.09 44.02
N LEU F 442 3.87 21.35 43.72
CA LEU F 442 3.88 22.40 44.75
C LEU F 442 2.45 22.77 45.14
N SER F 443 1.50 22.51 44.25
CA SER F 443 0.09 22.83 44.47
C SER F 443 -0.70 21.72 45.17
N GLY F 444 -0.14 20.52 45.18
CA GLY F 444 -0.89 19.36 45.64
C GLY F 444 -1.90 18.90 44.59
N CYS F 445 -1.52 18.99 43.33
CA CYS F 445 -2.37 18.58 42.20
C CYS F 445 -1.81 17.35 41.51
N VAL F 446 -2.68 16.56 40.91
CA VAL F 446 -2.22 15.50 40.01
C VAL F 446 -2.65 15.86 38.58
N ASN F 447 -1.70 15.80 37.65
CA ASN F 447 -1.98 16.11 36.26
C ASN F 447 -2.21 14.86 35.44
N GLN F 448 -3.31 14.82 34.71
CA GLN F 448 -3.57 13.69 33.83
C GLN F 448 -3.00 13.97 32.44
N ARG F 449 -3.10 13.01 31.55
CA ARG F 449 -2.67 13.19 30.16
C ARG F 449 -3.85 12.94 29.23
N HIS F 450 -3.98 13.75 28.19
CA HIS F 450 -5.02 13.56 27.20
C HIS F 450 -4.45 13.54 25.80
N MET F 451 -4.89 12.58 24.99
CA MET F 451 -4.46 12.49 23.61
C MET F 451 -5.49 11.74 22.77
N ILE F 452 -5.65 12.14 21.51
CA ILE F 452 -6.56 11.46 20.60
C ILE F 452 -5.81 10.42 19.76
N GLY F 463 -7.94 29.15 22.04
CA GLY F 463 -6.99 29.20 20.95
C GLY F 463 -5.55 29.12 21.43
N PRO F 464 -4.92 27.95 21.26
CA PRO F 464 -3.57 27.68 21.80
C PRO F 464 -2.44 28.53 21.21
N MET F 465 -2.71 29.24 20.13
CA MET F 465 -1.67 29.91 19.37
C MET F 465 -1.54 31.44 19.54
N LEU F 466 -2.08 31.99 20.63
CA LEU F 466 -1.50 33.21 21.17
C LEU F 466 0.00 33.00 21.40
N SER F 467 0.37 31.74 21.62
CA SER F 467 1.76 31.35 21.77
C SER F 467 2.61 31.80 20.57
N ALA F 468 2.07 31.68 19.37
CA ALA F 468 2.79 32.11 18.17
C ALA F 468 2.86 33.62 18.06
N ALA F 469 1.75 34.28 18.39
CA ALA F 469 1.67 35.73 18.26
C ALA F 469 2.63 36.45 19.21
N MET F 470 2.80 35.90 20.41
CA MET F 470 3.73 36.45 21.39
C MET F 470 5.05 35.69 21.62
N GLY F 471 5.22 34.54 20.97
CA GLY F 471 6.41 33.74 21.20
C GLY F 471 6.60 33.29 22.66
N VAL F 472 5.49 33.07 23.35
CA VAL F 472 5.49 32.73 24.76
C VAL F 472 5.46 31.21 24.95
N LYS F 473 6.21 30.70 25.93
CA LYS F 473 6.14 29.29 26.27
C LYS F 473 4.71 28.96 26.65
N ALA F 474 4.23 27.81 26.22
CA ALA F 474 2.81 27.53 26.39
C ALA F 474 2.53 26.04 26.49
N ALA F 475 1.36 25.73 27.04
CA ALA F 475 0.85 24.37 27.10
C ALA F 475 -0.67 24.42 27.00
N ASP F 476 -1.26 23.37 26.44
CA ASP F 476 -2.71 23.26 26.44
C ASP F 476 -3.16 22.31 27.52
N VAL F 477 -4.07 22.83 28.33
CA VAL F 477 -4.49 22.19 29.55
C VAL F 477 -6.00 22.19 29.54
N GLY F 478 -6.62 21.12 30.01
CA GLY F 478 -8.07 21.12 30.07
C GLY F 478 -8.68 20.21 31.11
N ILE F 479 -9.85 20.61 31.58
CA ILE F 479 -10.61 19.87 32.56
C ILE F 479 -11.44 18.84 31.82
N PRO F 480 -11.34 17.56 32.22
CA PRO F 480 -11.98 16.50 31.44
C PRO F 480 -13.51 16.57 31.46
N GLN F 481 -14.11 16.17 30.34
CA GLN F 481 -15.54 16.30 30.14
C GLN F 481 -16.05 15.22 29.19
N LEU F 482 -17.31 14.83 29.37
CA LEU F 482 -17.99 13.92 28.46
C LEU F 482 -19.03 14.69 27.66
N SER F 483 -19.35 14.20 26.48
CA SER F 483 -20.41 14.76 25.64
C SER F 483 -20.14 16.22 25.29
N MET F 484 -18.91 16.51 24.90
CA MET F 484 -18.55 17.86 24.47
C MET F 484 -19.39 18.27 23.27
N HIS F 485 -19.83 19.53 23.27
CA HIS F 485 -20.65 20.13 22.21
C HIS F 485 -22.11 19.69 22.23
N SER F 486 -22.48 18.84 23.19
CA SER F 486 -23.89 18.58 23.44
C SER F 486 -24.53 19.82 24.05
N ILE F 487 -25.85 19.94 23.92
CA ILE F 487 -26.57 21.01 24.57
C ILE F 487 -26.56 20.78 26.08
N ARG F 488 -26.35 19.54 26.49
CA ARG F 488 -26.14 19.25 27.91
C ARG F 488 -25.03 18.22 28.13
N ALA F 489 -23.93 18.68 28.71
CA ALA F 489 -22.76 17.83 28.92
C ALA F 489 -22.61 17.45 30.38
N MET F 490 -21.52 16.76 30.70
CA MET F 490 -21.26 16.38 32.08
C MET F 490 -19.78 16.37 32.40
N THR F 491 -19.47 16.73 33.64
CA THR F 491 -18.16 16.51 34.21
C THR F 491 -18.38 16.07 35.65
N GLY F 492 -17.30 15.87 36.39
CA GLY F 492 -17.41 15.52 37.79
C GLY F 492 -17.62 16.74 38.68
N SER F 493 -18.29 16.55 39.80
CA SER F 493 -18.66 17.65 40.68
C SER F 493 -17.48 18.34 41.36
N LEU F 494 -16.34 17.64 41.43
CA LEU F 494 -15.13 18.25 41.99
C LEU F 494 -14.25 18.87 40.92
N ASP F 495 -14.58 18.65 39.66
CA ASP F 495 -13.73 19.13 38.58
C ASP F 495 -13.61 20.66 38.48
N PRO F 496 -14.71 21.41 38.73
CA PRO F 496 -14.47 22.87 38.76
C PRO F 496 -13.47 23.28 39.84
N GLY F 497 -13.63 22.74 41.04
CA GLY F 497 -12.73 23.06 42.15
C GLY F 497 -11.29 22.65 41.86
N LEU F 498 -11.10 21.42 41.40
CA LEU F 498 -9.77 20.94 41.08
C LEU F 498 -9.12 21.82 40.02
N GLY F 499 -9.95 22.38 39.14
CA GLY F 499 -9.47 23.29 38.10
C GLY F 499 -8.87 24.57 38.66
N VAL F 500 -9.61 25.23 39.54
CA VAL F 500 -9.16 26.45 40.16
C VAL F 500 -7.90 26.16 40.93
N LYS F 501 -7.87 25.00 41.57
CA LYS F 501 -6.73 24.61 42.39
C LYS F 501 -5.44 24.56 41.57
N PHE F 502 -5.52 24.02 40.36
CA PHE F 502 -4.35 23.94 39.49
C PHE F 502 -3.98 25.31 38.92
N TYR F 503 -4.97 26.02 38.39
CA TYR F 503 -4.74 27.34 37.80
C TYR F 503 -4.16 28.31 38.83
N LYS F 504 -4.70 28.28 40.05
CA LYS F 504 -4.17 29.11 41.12
C LYS F 504 -2.72 28.72 41.39
N GLY F 505 -2.45 27.42 41.33
CA GLY F 505 -1.10 26.92 41.51
C GLY F 505 -0.13 27.45 40.47
N PHE F 506 -0.60 27.55 39.23
CA PHE F 506 0.23 28.06 38.15
C PHE F 506 0.53 29.54 38.31
N LEU F 507 -0.49 30.34 38.59
CA LEU F 507 -0.30 31.77 38.77
C LEU F 507 0.59 32.06 39.97
N ASP F 508 0.41 31.30 41.04
CA ASP F 508 1.16 31.56 42.27
C ASP F 508 2.62 31.10 42.17
N PHE F 509 2.85 29.94 41.54
CA PHE F 509 4.20 29.37 41.51
C PHE F 509 5.02 29.56 40.23
N TRP F 510 4.48 30.17 39.18
CA TRP F 510 5.20 30.23 37.90
C TRP F 510 6.56 30.90 38.02
N GLU F 511 6.59 32.04 38.72
CA GLU F 511 7.82 32.79 38.88
C GLU F 511 8.85 31.97 39.67
N GLU F 512 8.37 31.22 40.66
CA GLU F 512 9.23 30.35 41.44
C GLU F 512 9.84 29.24 40.60
N VAL F 513 9.01 28.60 39.78
CA VAL F 513 9.46 27.49 38.96
C VAL F 513 10.42 27.95 37.86
N ASP F 514 10.14 29.09 37.26
CA ASP F 514 10.97 29.62 36.17
C ASP F 514 12.44 29.77 36.58
N LEU F 515 12.67 30.10 37.83
CA LEU F 515 14.04 30.30 38.32
C LEU F 515 14.70 28.99 38.74
N GLU F 516 13.96 27.89 38.68
CA GLU F 516 14.56 26.56 38.86
C GLU F 516 15.20 26.10 37.57
N TRP F 517 15.00 26.86 36.50
CA TRP F 517 15.51 26.49 35.17
C TRP F 517 16.78 27.24 34.80
N SER F 518 17.36 26.88 33.66
CA SER F 518 18.46 27.61 33.06
C SER F 518 18.50 27.36 31.55
#